data_2DEF
#
_entry.id   2DEF
#
_cell.length_a   1.000
_cell.length_b   1.000
_cell.length_c   1.000
_cell.angle_alpha   90.00
_cell.angle_beta   90.00
_cell.angle_gamma   90.00
#
_symmetry.space_group_name_H-M   'P 1'
#
loop_
_entity.id
_entity.type
_entity.pdbx_description
1 polymer 'PEPTIDE DEFORMYLASE'
2 non-polymer 'NICKEL (II) ION'
#
_entity_poly.entity_id   1
_entity_poly.type   'polypeptide(L)'
_entity_poly.pdbx_seq_one_letter_code
;AVLQVLHIPDERLRKVAKPVEEVNAEIQRIVDDMFETMYAEEGIGLAATQVDIHQRIIVIDVSENRDERLVLINPELLEK
SGETGIEEGCLSIPEQRALVPRAEKVKIRALDRDGKPFELEADGLLAICIQHEMDHLVGKLFMDYLS
;
_entity_poly.pdbx_strand_id   A
#
# COMPACT_ATOMS: atom_id res chain seq x y z
N VAL A 2 -17.61 -3.30 0.43
CA VAL A 2 -16.23 -2.74 0.38
C VAL A 2 -16.29 -1.22 0.56
N LEU A 3 -15.16 -0.61 0.32
CA LEU A 3 -15.07 0.87 0.47
C LEU A 3 -15.24 1.66 -0.82
N GLN A 4 -15.24 2.94 -0.59
CA GLN A 4 -15.40 3.94 -1.69
C GLN A 4 -13.98 4.28 -2.17
N VAL A 5 -13.49 3.53 -3.11
CA VAL A 5 -12.12 3.85 -3.59
C VAL A 5 -12.30 4.83 -4.73
N LEU A 6 -11.29 5.63 -4.90
CA LEU A 6 -11.33 6.64 -5.97
C LEU A 6 -10.43 6.24 -7.13
N HIS A 7 -10.59 6.93 -8.22
CA HIS A 7 -9.77 6.65 -9.44
C HIS A 7 -8.92 7.88 -9.68
N ILE A 8 -8.10 7.80 -10.70
CA ILE A 8 -7.23 8.97 -11.00
C ILE A 8 -7.76 9.85 -12.14
N PRO A 9 -7.42 11.11 -12.11
CA PRO A 9 -6.60 11.75 -11.05
C PRO A 9 -7.57 12.11 -9.91
N ASP A 10 -7.07 12.18 -8.70
CA ASP A 10 -7.99 12.51 -7.57
C ASP A 10 -7.27 13.49 -6.64
N GLU A 11 -7.83 13.61 -5.47
CA GLU A 11 -7.23 14.53 -4.47
C GLU A 11 -6.54 13.63 -3.44
N ARG A 12 -7.31 12.81 -2.78
CA ARG A 12 -6.77 11.88 -1.75
C ARG A 12 -5.56 11.12 -2.29
N LEU A 13 -5.82 10.52 -3.42
CA LEU A 13 -4.82 9.70 -4.15
C LEU A 13 -3.46 10.40 -4.28
N ARG A 14 -3.54 11.66 -4.58
CA ARG A 14 -2.29 12.46 -4.75
C ARG A 14 -2.04 13.44 -3.62
N LYS A 15 -2.85 13.34 -2.60
CA LYS A 15 -2.69 14.25 -1.43
C LYS A 15 -1.79 13.49 -0.47
N VAL A 16 -1.41 14.13 0.61
CA VAL A 16 -0.53 13.46 1.59
C VAL A 16 -1.34 12.98 2.80
N ALA A 17 -0.76 12.10 3.56
CA ALA A 17 -1.43 11.53 4.77
C ALA A 17 -0.64 12.01 5.99
N LYS A 18 -1.11 11.61 7.13
CA LYS A 18 -0.42 12.00 8.39
C LYS A 18 -0.01 10.67 9.04
N PRO A 19 1.21 10.58 9.50
CA PRO A 19 1.70 9.35 10.16
C PRO A 19 1.14 9.36 11.58
N VAL A 20 0.97 8.20 12.14
CA VAL A 20 0.42 8.12 13.53
C VAL A 20 1.55 7.52 14.36
N GLU A 21 1.35 7.48 15.64
CA GLU A 21 2.38 6.92 16.56
C GLU A 21 1.82 5.65 17.20
N GLU A 22 0.61 5.76 17.67
CA GLU A 22 -0.05 4.59 18.32
C GLU A 22 -1.23 4.13 17.48
N VAL A 23 -1.58 2.87 17.66
CA VAL A 23 -2.72 2.27 16.91
C VAL A 23 -3.66 1.70 17.95
N ASN A 24 -4.71 1.23 17.35
CA ASN A 24 -5.82 0.60 18.10
C ASN A 24 -6.58 -0.50 17.35
N ALA A 25 -7.84 -0.61 17.67
CA ALA A 25 -8.71 -1.64 17.01
C ALA A 25 -9.65 -0.90 16.05
N GLU A 26 -9.18 0.25 15.65
CA GLU A 26 -9.91 1.16 14.72
C GLU A 26 -9.13 1.17 13.40
N ILE A 27 -7.87 0.91 13.58
CA ILE A 27 -6.93 0.87 12.44
C ILE A 27 -7.13 -0.56 11.96
N GLN A 28 -7.22 -1.46 12.91
CA GLN A 28 -7.44 -2.89 12.56
C GLN A 28 -8.64 -2.88 11.62
N ARG A 29 -9.59 -2.14 12.09
CA ARG A 29 -10.90 -1.92 11.41
C ARG A 29 -10.70 -1.37 10.00
N ILE A 30 -9.86 -0.40 9.86
CA ILE A 30 -9.70 0.11 8.48
C ILE A 30 -9.02 -0.98 7.66
N VAL A 31 -7.91 -1.40 8.18
CA VAL A 31 -7.07 -2.46 7.58
C VAL A 31 -7.93 -3.57 7.00
N ASP A 32 -8.86 -3.99 7.79
CA ASP A 32 -9.70 -5.08 7.26
C ASP A 32 -10.50 -4.55 6.08
N ASP A 33 -11.12 -3.43 6.33
CA ASP A 33 -11.93 -2.80 5.24
C ASP A 33 -11.07 -2.75 3.98
N MET A 34 -9.78 -2.63 4.17
CA MET A 34 -8.86 -2.58 3.00
C MET A 34 -8.84 -3.99 2.40
N PHE A 35 -8.52 -5.01 3.17
CA PHE A 35 -8.51 -6.38 2.58
C PHE A 35 -9.78 -6.59 1.76
N GLU A 36 -10.84 -6.43 2.48
CA GLU A 36 -12.22 -6.56 1.96
C GLU A 36 -12.37 -5.95 0.57
N THR A 37 -11.87 -4.76 0.50
CA THR A 37 -11.92 -3.98 -0.78
C THR A 37 -10.80 -4.43 -1.72
N MET A 38 -9.60 -4.12 -1.33
CA MET A 38 -8.35 -4.45 -2.07
C MET A 38 -8.51 -5.79 -2.80
N TYR A 39 -9.15 -6.68 -2.09
CA TYR A 39 -9.41 -8.05 -2.63
C TYR A 39 -10.40 -7.97 -3.79
N ALA A 40 -11.58 -7.59 -3.37
CA ALA A 40 -12.81 -7.41 -4.20
C ALA A 40 -12.55 -6.87 -5.59
N GLU A 41 -11.60 -5.98 -5.59
CA GLU A 41 -11.24 -5.35 -6.88
C GLU A 41 -10.12 -6.10 -7.61
N GLU A 42 -8.95 -5.54 -7.65
CA GLU A 42 -7.84 -6.24 -8.36
C GLU A 42 -6.44 -5.79 -7.97
N GLY A 43 -6.17 -5.69 -6.70
CA GLY A 43 -4.81 -5.26 -6.28
C GLY A 43 -4.20 -6.23 -5.27
N ILE A 44 -2.90 -6.17 -5.19
CA ILE A 44 -2.18 -7.05 -4.24
C ILE A 44 -2.06 -6.21 -2.97
N GLY A 45 -1.73 -4.96 -3.16
CA GLY A 45 -1.59 -4.06 -1.98
C GLY A 45 -2.38 -2.76 -2.18
N LEU A 46 -3.11 -2.37 -1.16
CA LEU A 46 -3.93 -1.13 -1.20
C LEU A 46 -3.39 -0.14 -0.17
N ALA A 47 -3.54 1.13 -0.43
CA ALA A 47 -3.05 2.16 0.54
C ALA A 47 -4.35 2.75 1.08
N ALA A 48 -4.33 3.41 2.20
CA ALA A 48 -5.62 3.97 2.68
C ALA A 48 -5.76 5.46 2.38
N THR A 49 -5.26 5.77 1.22
CA THR A 49 -5.28 7.15 0.69
C THR A 49 -6.12 6.97 -0.57
N GLN A 50 -6.58 5.77 -0.77
CA GLN A 50 -7.40 5.56 -1.99
C GLN A 50 -8.86 5.38 -1.61
N VAL A 51 -9.16 5.20 -0.36
CA VAL A 51 -10.61 5.05 -0.04
C VAL A 51 -10.69 6.57 0.15
N ASP A 52 -10.62 7.06 1.36
CA ASP A 52 -10.63 8.52 1.57
C ASP A 52 -10.14 8.57 3.02
N ILE A 53 -8.87 8.81 3.19
CA ILE A 53 -8.25 8.89 4.55
C ILE A 53 -6.85 9.51 4.43
N HIS A 54 -6.39 10.11 5.49
CA HIS A 54 -5.02 10.71 5.46
C HIS A 54 -4.28 10.18 6.66
N GLN A 55 -4.21 8.88 6.63
CA GLN A 55 -3.53 8.12 7.70
C GLN A 55 -2.67 7.14 6.93
N ARG A 56 -1.87 6.40 7.64
CA ARG A 56 -0.99 5.40 6.98
C ARG A 56 -1.47 4.00 7.32
N ILE A 57 -2.18 3.43 6.39
CA ILE A 57 -2.68 2.05 6.61
C ILE A 57 -2.62 1.43 5.22
N ILE A 58 -2.00 0.30 5.07
CA ILE A 58 -1.95 -0.30 3.70
C ILE A 58 -1.99 -1.81 3.95
N VAL A 59 -2.46 -2.55 2.99
CA VAL A 59 -2.47 -4.02 3.22
C VAL A 59 -1.87 -4.69 2.00
N ILE A 60 -1.52 -5.94 2.18
CA ILE A 60 -0.91 -6.74 1.09
C ILE A 60 -1.54 -8.13 1.02
N ASP A 61 -1.59 -8.66 -0.17
CA ASP A 61 -2.16 -10.01 -0.41
C ASP A 61 -1.40 -10.60 -1.59
N VAL A 62 -0.19 -11.02 -1.33
CA VAL A 62 0.57 -11.59 -2.49
C VAL A 62 0.46 -13.11 -2.63
N SER A 63 -0.27 -13.74 -1.76
CA SER A 63 -0.39 -15.22 -1.89
C SER A 63 -1.60 -15.54 -2.77
N GLU A 64 -1.89 -16.80 -2.83
CA GLU A 64 -3.03 -17.30 -3.64
C GLU A 64 -4.41 -17.45 -2.98
N ASN A 65 -4.45 -18.07 -1.83
CA ASN A 65 -5.76 -18.27 -1.14
C ASN A 65 -5.97 -17.62 0.22
N ARG A 66 -6.13 -16.33 0.24
CA ARG A 66 -6.35 -15.58 1.51
C ARG A 66 -5.46 -16.29 2.52
N ASP A 67 -4.21 -16.30 2.13
CA ASP A 67 -3.14 -16.94 2.92
C ASP A 67 -2.15 -15.99 3.58
N GLU A 68 -1.68 -15.10 2.76
CA GLU A 68 -0.70 -14.06 3.15
C GLU A 68 -1.40 -12.71 3.18
N ARG A 69 -2.11 -12.48 4.25
CA ARG A 69 -2.85 -11.20 4.40
C ARG A 69 -2.00 -10.25 5.25
N LEU A 70 -1.31 -9.37 4.57
CA LEU A 70 -0.44 -8.39 5.29
C LEU A 70 -1.04 -7.04 5.60
N VAL A 71 -0.42 -6.47 6.60
CA VAL A 71 -0.83 -5.13 7.11
C VAL A 71 0.38 -4.26 7.40
N LEU A 72 0.19 -2.98 7.24
CA LEU A 72 1.28 -1.99 7.50
C LEU A 72 0.63 -0.68 7.93
N ILE A 73 0.85 -0.23 9.14
CA ILE A 73 0.18 1.06 9.49
C ILE A 73 1.19 2.18 9.26
N ASN A 74 2.19 2.27 10.08
CA ASN A 74 3.20 3.35 9.86
C ASN A 74 4.52 2.71 9.48
N PRO A 75 4.55 2.17 8.29
CA PRO A 75 5.75 1.49 7.76
C PRO A 75 6.78 2.51 7.27
N GLU A 76 7.66 2.93 8.13
CA GLU A 76 8.63 3.92 7.61
C GLU A 76 9.56 2.97 6.85
N LEU A 77 10.31 3.54 5.95
CA LEU A 77 11.22 2.65 5.18
C LEU A 77 12.56 2.67 5.92
N LEU A 78 13.24 1.56 5.89
CA LEU A 78 14.57 1.46 6.58
C LEU A 78 15.63 1.10 5.55
N GLU A 79 15.41 -0.03 4.95
CA GLU A 79 16.33 -0.58 3.92
C GLU A 79 15.54 -0.77 2.62
N LYS A 80 16.28 -0.77 1.56
CA LYS A 80 15.74 -0.96 0.20
C LYS A 80 16.80 -1.57 -0.74
N SER A 81 16.93 -2.86 -0.75
CA SER A 81 17.97 -3.46 -1.64
C SER A 81 17.48 -3.93 -3.02
N GLY A 82 18.24 -3.56 -4.00
CA GLY A 82 17.89 -3.95 -5.40
C GLY A 82 16.92 -2.91 -5.98
N GLU A 83 16.77 -2.93 -7.28
CA GLU A 83 15.85 -1.96 -7.94
C GLU A 83 15.00 -2.66 -9.01
N THR A 84 13.88 -3.19 -8.63
CA THR A 84 13.04 -3.89 -9.66
C THR A 84 11.70 -3.17 -9.84
N GLY A 85 10.98 -3.64 -10.82
CA GLY A 85 9.64 -3.06 -11.12
C GLY A 85 8.66 -4.22 -11.28
N ILE A 86 7.43 -3.89 -11.51
CA ILE A 86 6.38 -4.93 -11.68
C ILE A 86 5.56 -4.64 -12.94
N GLU A 87 5.23 -5.64 -13.71
CA GLU A 87 4.43 -5.38 -14.94
C GLU A 87 2.99 -5.51 -14.45
N GLU A 88 2.63 -4.62 -13.55
CA GLU A 88 1.25 -4.68 -12.99
C GLU A 88 0.61 -3.33 -12.71
N GLY A 89 -0.65 -3.41 -12.41
CA GLY A 89 -1.44 -2.18 -12.10
C GLY A 89 -1.94 -2.26 -10.67
N CYS A 90 -2.22 -1.11 -10.13
CA CYS A 90 -2.71 -1.03 -8.73
C CYS A 90 -4.25 -1.05 -8.73
N LEU A 91 -4.87 -0.07 -8.14
CA LEU A 91 -6.37 -0.03 -8.12
C LEU A 91 -6.90 1.23 -8.80
N SER A 92 -6.76 2.31 -8.10
CA SER A 92 -7.22 3.65 -8.58
C SER A 92 -7.09 3.78 -10.09
N ILE A 93 -5.87 3.43 -10.43
CA ILE A 93 -5.28 3.38 -11.79
C ILE A 93 -6.26 3.14 -12.95
N PRO A 94 -5.97 3.66 -14.12
CA PRO A 94 -6.83 3.50 -15.31
C PRO A 94 -6.39 2.34 -16.21
N GLU A 95 -7.07 2.26 -17.32
CA GLU A 95 -6.85 1.23 -18.37
C GLU A 95 -5.42 0.69 -18.51
N GLN A 96 -4.45 1.56 -18.44
CA GLN A 96 -3.06 1.08 -18.58
C GLN A 96 -2.48 0.46 -17.31
N ARG A 97 -1.42 -0.27 -17.51
CA ARG A 97 -0.72 -0.96 -16.39
C ARG A 97 0.70 -0.42 -16.42
N ALA A 98 1.52 -0.72 -15.45
CA ALA A 98 2.90 -0.16 -15.52
C ALA A 98 3.98 -1.18 -15.22
N LEU A 99 5.17 -0.77 -15.58
CA LEU A 99 6.39 -1.59 -15.36
C LEU A 99 7.28 -0.66 -14.53
N VAL A 100 6.59 0.13 -13.76
CA VAL A 100 7.24 1.12 -12.86
C VAL A 100 8.56 0.73 -12.20
N PRO A 101 9.52 1.61 -12.24
CA PRO A 101 10.84 1.33 -11.61
C PRO A 101 10.59 1.71 -10.16
N ARG A 102 10.64 0.64 -9.45
CA ARG A 102 10.42 0.64 -7.97
C ARG A 102 11.70 0.07 -7.36
N ALA A 103 11.61 -0.39 -6.14
CA ALA A 103 12.82 -0.96 -5.50
C ALA A 103 12.58 -2.46 -5.62
N GLU A 104 13.53 -3.24 -5.20
CA GLU A 104 13.35 -4.72 -5.29
C GLU A 104 13.09 -5.37 -3.94
N LYS A 105 13.88 -5.02 -2.98
CA LYS A 105 13.71 -5.61 -1.62
C LYS A 105 13.72 -4.41 -0.68
N VAL A 106 13.00 -4.51 0.40
CA VAL A 106 12.94 -3.39 1.39
C VAL A 106 12.71 -3.87 2.82
N LYS A 107 13.28 -3.19 3.77
CA LYS A 107 13.05 -3.62 5.19
C LYS A 107 12.42 -2.38 5.84
N ILE A 108 11.28 -2.56 6.44
CA ILE A 108 10.56 -1.44 7.11
C ILE A 108 10.26 -1.72 8.58
N ARG A 109 9.69 -0.70 9.17
CA ARG A 109 9.32 -0.82 10.61
C ARG A 109 7.90 -0.24 10.62
N ALA A 110 6.95 -1.06 10.99
CA ALA A 110 5.52 -0.67 11.03
C ALA A 110 4.90 -0.95 12.40
N LEU A 111 3.59 -0.81 12.42
CA LEU A 111 2.75 -1.04 13.62
C LEU A 111 1.67 -1.90 12.95
N ASP A 112 0.94 -2.71 13.67
CA ASP A 112 -0.10 -3.54 12.99
C ASP A 112 -1.52 -3.21 13.41
N ARG A 113 -2.38 -4.02 12.86
CA ARG A 113 -3.85 -3.93 13.09
C ARG A 113 -4.22 -3.39 14.47
N ASP A 114 -3.51 -3.89 15.44
CA ASP A 114 -3.69 -3.51 16.87
C ASP A 114 -2.84 -2.32 17.30
N GLY A 115 -1.62 -2.39 16.85
CA GLY A 115 -0.59 -1.36 17.13
C GLY A 115 0.61 -2.09 17.71
N LYS A 116 0.96 -3.14 17.02
CA LYS A 116 2.11 -3.99 17.42
C LYS A 116 3.18 -3.61 16.40
N PRO A 117 4.32 -3.20 16.88
CA PRO A 117 5.45 -2.81 16.03
C PRO A 117 6.29 -3.97 15.51
N PHE A 118 6.48 -3.95 14.22
CA PHE A 118 7.28 -5.02 13.58
C PHE A 118 8.23 -4.47 12.53
N GLU A 119 9.33 -5.16 12.36
CA GLU A 119 10.31 -4.70 11.35
C GLU A 119 10.29 -5.82 10.34
N LEU A 120 9.56 -5.50 9.31
CA LEU A 120 9.33 -6.41 8.16
C LEU A 120 10.15 -6.22 6.89
N GLU A 121 10.70 -7.29 6.39
CA GLU A 121 11.48 -7.14 5.14
C GLU A 121 10.73 -7.95 4.08
N ALA A 122 10.81 -7.39 2.90
CA ALA A 122 10.15 -7.99 1.72
C ALA A 122 11.14 -8.04 0.56
N ASP A 123 10.80 -8.85 -0.40
CA ASP A 123 11.67 -8.99 -1.58
C ASP A 123 10.85 -8.75 -2.85
N GLY A 124 11.55 -8.78 -3.95
CA GLY A 124 10.96 -8.58 -5.29
C GLY A 124 9.55 -7.95 -5.37
N LEU A 125 8.51 -8.74 -5.43
CA LEU A 125 7.17 -8.10 -5.53
C LEU A 125 6.48 -7.67 -4.23
N LEU A 126 6.42 -8.42 -3.16
CA LEU A 126 5.72 -7.85 -1.97
C LEU A 126 6.41 -6.52 -1.73
N ALA A 127 7.71 -6.61 -1.86
CA ALA A 127 8.56 -5.40 -1.68
C ALA A 127 7.84 -4.35 -2.52
N ILE A 128 7.61 -4.66 -3.76
CA ILE A 128 6.91 -3.64 -4.59
C ILE A 128 5.55 -3.17 -4.05
N CYS A 129 4.74 -4.13 -3.75
CA CYS A 129 3.37 -3.92 -3.23
C CYS A 129 3.34 -2.73 -2.30
N ILE A 130 4.21 -2.82 -1.33
CA ILE A 130 4.29 -1.72 -0.33
C ILE A 130 4.88 -0.44 -0.89
N GLN A 131 6.07 -0.56 -1.43
CA GLN A 131 6.80 0.61 -2.03
C GLN A 131 5.77 1.50 -2.72
N HIS A 132 5.09 0.82 -3.58
CA HIS A 132 4.01 1.39 -4.42
C HIS A 132 2.98 2.15 -3.58
N GLU A 133 2.33 1.40 -2.72
CA GLU A 133 1.31 2.02 -1.85
C GLU A 133 1.88 3.22 -1.09
N MET A 134 3.15 3.19 -0.80
CA MET A 134 3.74 4.33 -0.06
C MET A 134 3.80 5.56 -0.97
N ASP A 135 4.09 5.36 -2.22
CA ASP A 135 4.16 6.54 -3.13
C ASP A 135 2.76 7.15 -2.98
N HIS A 136 1.78 6.30 -2.91
CA HIS A 136 0.39 6.84 -2.77
C HIS A 136 0.20 7.60 -1.45
N LEU A 137 0.63 7.01 -0.37
CA LEU A 137 0.47 7.67 0.96
C LEU A 137 1.10 9.07 0.99
N VAL A 138 2.11 9.28 0.20
CA VAL A 138 2.74 10.63 0.22
C VAL A 138 2.27 11.56 -0.88
N GLY A 139 1.38 11.13 -1.75
CA GLY A 139 0.92 12.07 -2.80
C GLY A 139 1.23 11.73 -4.25
N LYS A 140 1.97 10.71 -4.54
CA LYS A 140 2.21 10.45 -5.98
C LYS A 140 1.49 9.15 -6.34
N LEU A 141 0.89 9.16 -7.49
CA LEU A 141 0.19 7.92 -7.92
C LEU A 141 1.33 7.29 -8.67
N PHE A 142 1.28 6.09 -9.16
CA PHE A 142 2.53 5.72 -9.87
C PHE A 142 2.41 6.21 -11.30
N MET A 143 1.85 7.37 -11.47
CA MET A 143 1.68 7.93 -12.84
C MET A 143 2.78 8.97 -13.10
N ASP A 144 3.82 8.85 -12.33
CA ASP A 144 4.98 9.77 -12.45
C ASP A 144 5.90 9.04 -13.43
N TYR A 145 6.13 7.79 -13.11
CA TYR A 145 6.99 6.94 -13.95
C TYR A 145 6.27 6.40 -15.18
N LEU A 146 5.10 6.92 -15.44
CA LEU A 146 4.34 6.45 -16.64
C LEU A 146 4.25 7.70 -17.50
N SER A 147 3.84 8.75 -16.85
CA SER A 147 3.68 10.07 -17.52
C SER A 147 4.61 11.08 -16.84
N VAL A 2 -17.70 -3.33 0.53
CA VAL A 2 -16.32 -2.77 0.50
C VAL A 2 -16.38 -1.25 0.68
N LEU A 3 -15.25 -0.64 0.46
CA LEU A 3 -15.16 0.84 0.62
C LEU A 3 -15.35 1.65 -0.66
N GLN A 4 -15.32 2.93 -0.41
CA GLN A 4 -15.47 3.93 -1.50
C GLN A 4 -14.09 4.24 -2.06
N VAL A 5 -13.66 3.49 -3.05
CA VAL A 5 -12.32 3.78 -3.60
C VAL A 5 -12.48 4.80 -4.72
N LEU A 6 -11.42 5.54 -4.91
CA LEU A 6 -11.42 6.59 -5.96
C LEU A 6 -10.54 6.18 -7.14
N HIS A 7 -10.67 6.96 -8.19
CA HIS A 7 -9.87 6.71 -9.42
C HIS A 7 -8.97 7.93 -9.63
N ILE A 8 -8.15 7.86 -10.63
CA ILE A 8 -7.22 9.00 -10.88
C ILE A 8 -7.70 9.93 -12.01
N PRO A 9 -7.28 11.17 -11.96
CA PRO A 9 -6.40 11.74 -10.92
C PRO A 9 -7.27 12.03 -9.70
N ASP A 10 -6.70 11.91 -8.53
CA ASP A 10 -7.49 12.18 -7.29
C ASP A 10 -6.68 13.15 -6.43
N GLU A 11 -7.27 13.52 -5.32
CA GLU A 11 -6.60 14.45 -4.39
C GLU A 11 -5.96 13.60 -3.29
N ARG A 12 -6.76 12.80 -2.64
CA ARG A 12 -6.31 11.90 -1.54
C ARG A 12 -5.02 11.20 -1.93
N LEU A 13 -5.15 10.46 -3.00
CA LEU A 13 -4.02 9.69 -3.58
C LEU A 13 -2.77 10.52 -3.86
N ARG A 14 -2.99 11.73 -4.27
CA ARG A 14 -1.84 12.62 -4.59
C ARG A 14 -1.55 13.60 -3.45
N LYS A 15 -2.34 13.48 -2.42
CA LYS A 15 -2.19 14.35 -1.23
C LYS A 15 -1.29 13.52 -0.31
N VAL A 16 -0.89 14.10 0.79
CA VAL A 16 -0.01 13.37 1.73
C VAL A 16 -0.84 12.85 2.92
N ALA A 17 -0.28 11.90 3.62
CA ALA A 17 -0.97 11.32 4.81
C ALA A 17 -0.17 11.75 6.04
N LYS A 18 -0.64 11.32 7.17
CA LYS A 18 0.04 11.66 8.45
C LYS A 18 0.41 10.33 9.11
N PRO A 19 1.64 10.19 9.53
CA PRO A 19 2.07 8.94 10.19
C PRO A 19 1.55 9.03 11.62
N VAL A 20 1.30 7.92 12.25
CA VAL A 20 0.78 7.98 13.64
C VAL A 20 1.78 7.24 14.53
N GLU A 21 1.59 7.32 15.82
CA GLU A 21 2.49 6.62 16.77
C GLU A 21 1.78 5.43 17.38
N GLU A 22 0.54 5.63 17.72
CA GLU A 22 -0.25 4.53 18.33
C GLU A 22 -1.41 4.10 17.42
N VAL A 23 -1.77 2.86 17.57
CA VAL A 23 -2.88 2.25 16.78
C VAL A 23 -3.83 1.72 17.83
N ASN A 24 -4.88 1.23 17.23
CA ASN A 24 -6.00 0.63 17.98
C ASN A 24 -6.74 -0.51 17.29
N ALA A 25 -8.03 -0.53 17.50
CA ALA A 25 -8.90 -1.58 16.90
C ALA A 25 -9.84 -0.88 15.91
N GLU A 26 -9.38 0.28 15.52
CA GLU A 26 -10.10 1.16 14.56
C GLU A 26 -9.30 1.13 13.26
N ILE A 27 -8.05 0.83 13.45
CA ILE A 27 -7.08 0.74 12.34
C ILE A 27 -7.26 -0.71 11.92
N GLN A 28 -7.37 -1.56 12.92
CA GLN A 28 -7.56 -3.00 12.59
C GLN A 28 -8.78 -3.02 11.66
N ARG A 29 -9.71 -2.19 12.05
CA ARG A 29 -11.01 -1.99 11.35
C ARG A 29 -10.72 -1.41 9.98
N ILE A 30 -9.85 -0.44 9.87
CA ILE A 30 -9.63 0.06 8.50
C ILE A 30 -9.02 -1.09 7.70
N VAL A 31 -7.91 -1.55 8.17
CA VAL A 31 -7.14 -2.67 7.58
C VAL A 31 -7.99 -3.79 7.02
N ASP A 32 -8.95 -4.12 7.84
CA ASP A 32 -9.84 -5.22 7.40
C ASP A 32 -10.69 -4.69 6.26
N ASP A 33 -11.25 -3.53 6.47
CA ASP A 33 -12.10 -2.94 5.40
C ASP A 33 -11.25 -2.82 4.13
N MET A 34 -9.97 -2.68 4.34
CA MET A 34 -9.04 -2.54 3.19
C MET A 34 -8.90 -3.90 2.52
N PHE A 35 -8.81 -4.94 3.30
CA PHE A 35 -8.67 -6.26 2.64
C PHE A 35 -9.97 -6.50 1.88
N GLU A 36 -11.03 -6.38 2.64
CA GLU A 36 -12.43 -6.54 2.15
C GLU A 36 -12.54 -5.96 0.74
N THR A 37 -11.99 -4.79 0.63
CA THR A 37 -11.98 -4.05 -0.66
C THR A 37 -10.87 -4.53 -1.60
N MET A 38 -9.65 -4.26 -1.22
CA MET A 38 -8.43 -4.65 -1.99
C MET A 38 -8.71 -5.97 -2.74
N TYR A 39 -9.20 -6.86 -1.93
CA TYR A 39 -9.56 -8.24 -2.40
C TYR A 39 -10.54 -8.19 -3.57
N ALA A 40 -11.67 -7.66 -3.20
CA ALA A 40 -12.88 -7.44 -4.06
C ALA A 40 -12.56 -7.03 -5.48
N GLU A 41 -11.48 -6.31 -5.54
CA GLU A 41 -11.06 -5.81 -6.86
C GLU A 41 -10.05 -6.80 -7.42
N GLU A 42 -8.91 -6.27 -7.77
CA GLU A 42 -7.83 -7.11 -8.35
C GLU A 42 -6.46 -6.56 -7.95
N GLY A 43 -6.29 -6.29 -6.69
CA GLY A 43 -4.98 -5.75 -6.25
C GLY A 43 -4.35 -6.62 -5.16
N ILE A 44 -3.05 -6.63 -5.14
CA ILE A 44 -2.34 -7.43 -4.12
C ILE A 44 -2.17 -6.49 -2.94
N GLY A 45 -1.86 -5.25 -3.23
CA GLY A 45 -1.69 -4.26 -2.14
C GLY A 45 -2.52 -2.98 -2.39
N LEU A 46 -3.20 -2.58 -1.35
CA LEU A 46 -4.06 -1.36 -1.40
C LEU A 46 -3.52 -0.37 -0.37
N ALA A 47 -3.71 0.90 -0.62
CA ALA A 47 -3.25 1.96 0.31
C ALA A 47 -4.54 2.55 0.86
N ALA A 48 -4.49 3.26 1.96
CA ALA A 48 -5.77 3.81 2.47
C ALA A 48 -5.95 5.28 2.11
N THR A 49 -5.38 5.58 0.98
CA THR A 49 -5.44 6.96 0.43
C THR A 49 -6.32 6.78 -0.80
N GLN A 50 -6.68 5.54 -1.02
CA GLN A 50 -7.52 5.20 -2.19
C GLN A 50 -8.96 5.15 -1.69
N VAL A 51 -9.19 4.92 -0.42
CA VAL A 51 -10.62 4.90 -0.03
C VAL A 51 -10.66 6.42 0.23
N ASP A 52 -10.52 6.85 1.45
CA ASP A 52 -10.49 8.30 1.73
C ASP A 52 -9.95 8.33 3.15
N ILE A 53 -8.67 8.56 3.30
CA ILE A 53 -8.01 8.62 4.64
C ILE A 53 -6.62 9.22 4.48
N HIS A 54 -6.08 9.76 5.53
CA HIS A 54 -4.71 10.35 5.45
C HIS A 54 -3.83 9.78 6.54
N GLN A 55 -3.71 8.49 6.49
CA GLN A 55 -2.87 7.77 7.49
C GLN A 55 -2.11 6.82 6.58
N ARG A 56 -1.19 6.07 7.12
CA ARG A 56 -0.42 5.13 6.28
C ARG A 56 -0.89 3.68 6.45
N ILE A 57 -2.13 3.44 6.13
CA ILE A 57 -2.63 2.05 6.32
C ILE A 57 -2.68 1.40 4.95
N ILE A 58 -2.08 0.26 4.81
CA ILE A 58 -2.11 -0.43 3.49
C ILE A 58 -2.20 -1.92 3.82
N VAL A 59 -2.80 -2.69 2.96
CA VAL A 59 -2.88 -4.14 3.24
C VAL A 59 -2.25 -4.87 2.06
N ILE A 60 -1.92 -6.12 2.25
CA ILE A 60 -1.31 -6.90 1.15
C ILE A 60 -1.80 -8.35 1.14
N ASP A 61 -1.85 -8.95 -0.03
CA ASP A 61 -2.30 -10.37 -0.15
C ASP A 61 -1.40 -11.05 -1.18
N VAL A 62 -0.24 -11.50 -0.80
CA VAL A 62 0.58 -12.17 -1.85
C VAL A 62 0.69 -13.68 -1.72
N SER A 63 -0.10 -14.28 -0.87
CA SER A 63 -0.01 -15.76 -0.72
C SER A 63 -1.00 -16.44 -1.67
N GLU A 64 -1.10 -17.72 -1.47
CA GLU A 64 -2.01 -18.56 -2.30
C GLU A 64 -3.50 -18.27 -2.14
N ASN A 65 -4.01 -18.48 -0.96
CA ASN A 65 -5.46 -18.25 -0.69
C ASN A 65 -5.84 -17.24 0.38
N ARG A 66 -5.61 -15.97 0.11
CA ARG A 66 -5.94 -14.89 1.09
C ARG A 66 -5.57 -15.45 2.46
N ASP A 67 -4.36 -15.92 2.42
CA ASP A 67 -3.68 -16.57 3.58
C ASP A 67 -2.71 -15.65 4.32
N GLU A 68 -2.07 -14.86 3.52
CA GLU A 68 -1.06 -13.89 4.02
C GLU A 68 -1.60 -12.48 3.81
N ARG A 69 -2.44 -12.10 4.73
CA ARG A 69 -3.08 -10.75 4.68
C ARG A 69 -2.17 -9.79 5.44
N LEU A 70 -1.30 -9.15 4.72
CA LEU A 70 -0.38 -8.19 5.37
C LEU A 70 -1.02 -6.86 5.71
N VAL A 71 -0.42 -6.27 6.69
CA VAL A 71 -0.92 -4.97 7.16
C VAL A 71 0.25 -4.04 7.47
N LEU A 72 0.04 -2.78 7.19
CA LEU A 72 1.08 -1.75 7.46
C LEU A 72 0.32 -0.50 7.91
N ILE A 73 0.54 -0.02 9.11
CA ILE A 73 -0.21 1.19 9.56
C ILE A 73 0.63 2.46 9.55
N ASN A 74 1.83 2.35 10.03
CA ASN A 74 2.74 3.54 10.04
C ASN A 74 4.14 3.03 9.72
N PRO A 75 4.23 2.39 8.58
CA PRO A 75 5.47 1.80 8.03
C PRO A 75 6.48 2.81 7.52
N GLU A 76 7.49 3.09 8.30
CA GLU A 76 8.47 4.07 7.78
C GLU A 76 9.44 3.11 7.10
N LEU A 77 10.19 3.66 6.18
CA LEU A 77 11.14 2.82 5.44
C LEU A 77 12.47 2.79 6.18
N LEU A 78 13.15 1.68 6.10
CA LEU A 78 14.47 1.54 6.79
C LEU A 78 15.49 1.13 5.73
N GLU A 79 15.18 0.06 5.05
CA GLU A 79 16.08 -0.47 3.99
C GLU A 79 15.30 -0.66 2.70
N LYS A 80 16.06 -0.61 1.64
CA LYS A 80 15.54 -0.77 0.27
C LYS A 80 16.64 -1.32 -0.66
N SER A 81 16.84 -2.61 -0.67
CA SER A 81 17.91 -3.17 -1.55
C SER A 81 17.46 -3.66 -2.92
N GLY A 82 18.19 -3.23 -3.90
CA GLY A 82 17.88 -3.61 -5.31
C GLY A 82 16.87 -2.62 -5.90
N GLU A 83 16.69 -2.66 -7.19
CA GLU A 83 15.72 -1.73 -7.83
C GLU A 83 14.90 -2.40 -8.95
N THR A 84 13.78 -3.00 -8.61
CA THR A 84 12.98 -3.66 -9.68
C THR A 84 11.61 -3.00 -9.82
N GLY A 85 10.88 -3.45 -10.80
CA GLY A 85 9.52 -2.90 -11.09
C GLY A 85 8.56 -4.04 -11.43
N ILE A 86 7.33 -3.67 -11.69
CA ILE A 86 6.30 -4.69 -12.05
C ILE A 86 5.61 -4.27 -13.34
N GLU A 87 5.28 -5.20 -14.20
CA GLU A 87 4.58 -4.82 -15.46
C GLU A 87 3.11 -4.96 -15.07
N GLU A 88 2.73 -4.22 -14.07
CA GLU A 88 1.34 -4.30 -13.59
C GLU A 88 0.73 -2.94 -13.21
N GLY A 89 -0.53 -3.01 -12.85
CA GLY A 89 -1.27 -1.79 -12.44
C GLY A 89 -1.77 -1.96 -11.01
N CYS A 90 -2.10 -0.84 -10.42
CA CYS A 90 -2.60 -0.84 -9.01
C CYS A 90 -4.13 -0.90 -8.98
N LEU A 91 -4.77 0.10 -8.43
CA LEU A 91 -6.26 0.09 -8.38
C LEU A 91 -6.86 1.35 -9.01
N SER A 92 -6.79 2.43 -8.27
CA SER A 92 -7.32 3.74 -8.72
C SER A 92 -7.15 3.92 -10.23
N ILE A 93 -5.92 3.62 -10.55
CA ILE A 93 -5.31 3.63 -11.91
C ILE A 93 -6.29 3.41 -13.07
N PRO A 94 -6.01 3.96 -14.22
CA PRO A 94 -6.87 3.81 -15.42
C PRO A 94 -6.43 2.66 -16.33
N GLU A 95 -7.16 2.56 -17.41
CA GLU A 95 -6.95 1.52 -18.47
C GLU A 95 -5.52 1.03 -18.66
N GLN A 96 -4.57 1.91 -18.55
CA GLN A 96 -3.16 1.48 -18.75
C GLN A 96 -2.56 0.79 -17.52
N ARG A 97 -1.48 0.10 -17.78
CA ARG A 97 -0.74 -0.64 -16.73
C ARG A 97 0.69 -0.08 -16.80
N ALA A 98 1.55 -0.46 -15.90
CA ALA A 98 2.92 0.13 -16.03
C ALA A 98 4.03 -0.81 -15.59
N LEU A 99 5.19 -0.43 -16.04
CA LEU A 99 6.46 -1.14 -15.75
C LEU A 99 7.22 0.00 -15.09
N VAL A 100 6.83 0.22 -13.87
CA VAL A 100 7.43 1.31 -13.07
C VAL A 100 8.61 0.92 -12.17
N PRO A 101 9.61 1.77 -12.17
CA PRO A 101 10.81 1.52 -11.34
C PRO A 101 10.41 1.82 -9.90
N ARG A 102 10.54 0.74 -9.20
CA ARG A 102 10.23 0.70 -7.75
C ARG A 102 11.54 0.18 -7.15
N ALA A 103 11.51 -0.24 -5.91
CA ALA A 103 12.77 -0.76 -5.31
C ALA A 103 12.59 -2.27 -5.50
N GLU A 104 13.54 -3.02 -5.06
CA GLU A 104 13.41 -4.50 -5.24
C GLU A 104 13.11 -5.18 -3.90
N LYS A 105 13.91 -4.87 -2.92
CA LYS A 105 13.73 -5.47 -1.58
C LYS A 105 13.66 -4.28 -0.63
N VAL A 106 12.90 -4.41 0.42
CA VAL A 106 12.78 -3.31 1.41
C VAL A 106 12.55 -3.81 2.83
N LYS A 107 13.07 -3.12 3.80
CA LYS A 107 12.85 -3.56 5.20
C LYS A 107 12.22 -2.37 5.92
N ILE A 108 11.07 -2.54 6.51
CA ILE A 108 10.42 -1.40 7.21
C ILE A 108 10.12 -1.74 8.65
N ARG A 109 9.72 -0.70 9.32
CA ARG A 109 9.35 -0.80 10.74
C ARG A 109 7.98 -0.11 10.76
N ALA A 110 7.00 -0.91 11.08
CA ALA A 110 5.58 -0.48 11.13
C ALA A 110 4.89 -0.83 12.44
N LEU A 111 3.60 -0.65 12.42
CA LEU A 111 2.70 -0.93 13.57
C LEU A 111 1.61 -1.74 12.85
N ASP A 112 0.94 -2.63 13.53
CA ASP A 112 -0.12 -3.46 12.86
C ASP A 112 -1.52 -3.18 13.37
N ARG A 113 -2.41 -3.98 12.85
CA ARG A 113 -3.86 -3.94 13.18
C ARG A 113 -4.11 -3.48 14.61
N ASP A 114 -3.49 -4.18 15.52
CA ASP A 114 -3.63 -3.86 16.97
C ASP A 114 -2.89 -2.58 17.30
N GLY A 115 -1.67 -2.58 16.83
CA GLY A 115 -0.74 -1.46 17.02
C GLY A 115 0.51 -2.02 17.71
N LYS A 116 1.00 -3.08 17.15
CA LYS A 116 2.22 -3.70 17.73
C LYS A 116 3.20 -3.36 16.62
N PRO A 117 4.41 -3.09 17.00
CA PRO A 117 5.49 -2.73 16.06
C PRO A 117 6.28 -3.90 15.48
N PHE A 118 6.39 -3.88 14.18
CA PHE A 118 7.14 -4.96 13.51
C PHE A 118 8.12 -4.46 12.47
N GLU A 119 9.20 -5.19 12.35
CA GLU A 119 10.23 -4.80 11.36
C GLU A 119 10.16 -5.95 10.36
N LEU A 120 9.40 -5.61 9.36
CA LEU A 120 9.09 -6.48 8.21
C LEU A 120 9.86 -6.21 6.93
N GLU A 121 10.46 -7.25 6.41
CA GLU A 121 11.22 -7.09 5.16
C GLU A 121 10.52 -7.88 4.06
N ALA A 122 10.68 -7.35 2.88
CA ALA A 122 10.07 -7.96 1.67
C ALA A 122 11.09 -8.01 0.54
N ASP A 123 10.77 -8.79 -0.44
CA ASP A 123 11.69 -8.91 -1.60
C ASP A 123 10.87 -8.63 -2.87
N GLY A 124 11.61 -8.57 -3.94
CA GLY A 124 11.07 -8.30 -5.29
C GLY A 124 9.59 -7.88 -5.45
N LEU A 125 8.69 -8.82 -5.47
CA LEU A 125 7.26 -8.44 -5.65
C LEU A 125 6.44 -7.91 -4.47
N LEU A 126 6.38 -8.52 -3.32
CA LEU A 126 5.55 -7.89 -2.26
C LEU A 126 6.23 -6.55 -2.08
N ALA A 127 7.53 -6.63 -2.05
CA ALA A 127 8.36 -5.39 -1.88
C ALA A 127 7.70 -4.39 -2.79
N ILE A 128 7.45 -4.76 -4.02
CA ILE A 128 6.81 -3.71 -4.85
C ILE A 128 5.45 -3.25 -4.35
N CYS A 129 4.59 -4.21 -4.16
CA CYS A 129 3.19 -3.99 -3.70
C CYS A 129 3.13 -2.80 -2.76
N ILE A 130 3.96 -2.93 -1.75
CA ILE A 130 4.03 -1.86 -0.73
C ILE A 130 4.65 -0.56 -1.22
N GLN A 131 5.86 -0.66 -1.71
CA GLN A 131 6.61 0.52 -2.24
C GLN A 131 5.63 1.44 -2.94
N HIS A 132 4.97 0.79 -3.85
CA HIS A 132 3.93 1.42 -4.70
C HIS A 132 2.88 2.14 -3.85
N GLU A 133 2.22 1.35 -3.05
CA GLU A 133 1.17 1.92 -2.17
C GLU A 133 1.71 3.08 -1.32
N MET A 134 2.99 3.08 -1.08
CA MET A 134 3.55 4.19 -0.26
C MET A 134 3.76 5.44 -1.12
N ASP A 135 4.07 5.26 -2.38
CA ASP A 135 4.26 6.47 -3.22
C ASP A 135 2.90 7.15 -3.11
N HIS A 136 1.88 6.33 -3.09
CA HIS A 136 0.52 6.92 -2.96
C HIS A 136 0.35 7.66 -1.63
N LEU A 137 0.73 7.01 -0.58
CA LEU A 137 0.61 7.64 0.77
C LEU A 137 1.35 8.97 0.88
N VAL A 138 2.35 9.17 0.06
CA VAL A 138 3.08 10.47 0.17
C VAL A 138 2.63 11.47 -0.88
N GLY A 139 1.76 11.11 -1.78
CA GLY A 139 1.33 12.14 -2.77
C GLY A 139 1.61 11.91 -4.25
N LYS A 140 2.17 10.79 -4.61
CA LYS A 140 2.42 10.57 -6.06
C LYS A 140 1.63 9.33 -6.44
N LEU A 141 1.10 9.33 -7.63
CA LEU A 141 0.34 8.13 -8.05
C LEU A 141 1.45 7.47 -8.81
N PHE A 142 1.37 6.25 -9.29
CA PHE A 142 2.61 5.86 -10.02
C PHE A 142 2.41 6.31 -11.45
N MET A 143 1.77 7.44 -11.61
CA MET A 143 1.51 7.98 -12.98
C MET A 143 2.71 8.82 -13.38
N ASP A 144 3.45 9.20 -12.38
CA ASP A 144 4.66 10.02 -12.60
C ASP A 144 5.56 9.35 -13.65
N TYR A 145 5.87 8.10 -13.41
CA TYR A 145 6.72 7.36 -14.37
C TYR A 145 5.96 6.74 -15.54
N LEU A 146 4.77 7.20 -15.76
CA LEU A 146 3.99 6.62 -16.89
C LEU A 146 3.79 7.74 -17.91
N SER A 147 3.14 8.78 -17.44
CA SER A 147 2.85 9.96 -18.29
C SER A 147 3.52 11.17 -17.64
N VAL A 2 -17.76 -3.39 0.72
CA VAL A 2 -16.34 -2.91 0.67
C VAL A 2 -16.36 -1.39 0.82
N LEU A 3 -15.23 -0.80 0.54
CA LEU A 3 -15.11 0.68 0.66
C LEU A 3 -15.29 1.41 -0.65
N GLN A 4 -15.27 2.70 -0.48
CA GLN A 4 -15.43 3.64 -1.63
C GLN A 4 -14.03 4.01 -2.11
N VAL A 5 -13.51 3.24 -3.03
CA VAL A 5 -12.15 3.59 -3.51
C VAL A 5 -12.33 4.54 -4.68
N LEU A 6 -11.35 5.38 -4.81
CA LEU A 6 -11.41 6.39 -5.90
C LEU A 6 -10.42 6.01 -6.99
N HIS A 7 -10.56 6.66 -8.11
CA HIS A 7 -9.66 6.39 -9.27
C HIS A 7 -9.06 7.72 -9.68
N ILE A 8 -8.17 7.70 -10.63
CA ILE A 8 -7.60 9.02 -11.00
C ILE A 8 -8.48 9.72 -12.04
N PRO A 9 -8.41 11.02 -12.11
CA PRO A 9 -7.59 11.94 -11.28
C PRO A 9 -8.34 12.41 -10.03
N ASP A 10 -7.87 11.99 -8.88
CA ASP A 10 -8.55 12.41 -7.60
C ASP A 10 -7.62 13.21 -6.69
N GLU A 11 -8.12 13.50 -5.51
CA GLU A 11 -7.31 14.28 -4.54
C GLU A 11 -6.75 13.44 -3.40
N ARG A 12 -7.58 12.72 -2.69
CA ARG A 12 -7.09 11.88 -1.57
C ARG A 12 -5.90 11.06 -2.05
N LEU A 13 -6.16 10.45 -3.18
CA LEU A 13 -5.17 9.58 -3.86
C LEU A 13 -3.80 10.25 -3.88
N ARG A 14 -3.82 11.50 -4.27
CA ARG A 14 -2.53 12.26 -4.34
C ARG A 14 -2.30 13.29 -3.25
N LYS A 15 -3.13 13.21 -2.24
CA LYS A 15 -2.97 14.16 -1.13
C LYS A 15 -2.04 13.37 -0.22
N VAL A 16 -1.62 13.98 0.86
CA VAL A 16 -0.70 13.24 1.77
C VAL A 16 -1.52 12.75 2.97
N ALA A 17 -0.92 11.88 3.73
CA ALA A 17 -1.58 11.32 4.94
C ALA A 17 -0.76 11.84 6.11
N LYS A 18 -1.19 11.49 7.30
CA LYS A 18 -0.45 11.94 8.51
C LYS A 18 0.07 10.66 9.19
N PRO A 19 1.32 10.63 9.51
CA PRO A 19 1.91 9.43 10.18
C PRO A 19 1.42 9.44 11.63
N VAL A 20 1.28 8.28 12.19
CA VAL A 20 0.80 8.22 13.60
C VAL A 20 1.88 7.48 14.39
N GLU A 21 1.75 7.49 15.69
CA GLU A 21 2.75 6.80 16.56
C GLU A 21 2.09 5.60 17.23
N GLU A 22 0.87 5.79 17.64
CA GLU A 22 0.13 4.69 18.31
C GLU A 22 -1.07 4.25 17.44
N VAL A 23 -1.44 3.02 17.63
CA VAL A 23 -2.59 2.44 16.88
C VAL A 23 -3.55 1.93 17.93
N ASN A 24 -4.59 1.45 17.35
CA ASN A 24 -5.72 0.88 18.12
C ASN A 24 -6.49 -0.26 17.45
N ALA A 25 -7.76 -0.33 17.76
CA ALA A 25 -8.63 -1.39 17.18
C ALA A 25 -9.58 -0.70 16.20
N GLU A 26 -9.10 0.40 15.70
CA GLU A 26 -9.83 1.26 14.71
C GLU A 26 -9.05 1.19 13.40
N ILE A 27 -7.77 1.06 13.59
CA ILE A 27 -6.84 0.97 12.46
C ILE A 27 -7.06 -0.46 12.02
N GLN A 28 -7.17 -1.31 13.02
CA GLN A 28 -7.41 -2.76 12.73
C GLN A 28 -8.61 -2.78 11.78
N ARG A 29 -9.58 -2.03 12.22
CA ARG A 29 -10.88 -1.86 11.51
C ARG A 29 -10.61 -1.30 10.12
N ILE A 30 -9.75 -0.34 9.98
CA ILE A 30 -9.57 0.15 8.59
C ILE A 30 -8.91 -0.96 7.79
N VAL A 31 -7.79 -1.38 8.27
CA VAL A 31 -6.98 -2.47 7.65
C VAL A 31 -7.85 -3.59 7.11
N ASP A 32 -8.76 -3.96 7.96
CA ASP A 32 -9.65 -5.07 7.54
C ASP A 32 -10.46 -4.60 6.34
N ASP A 33 -11.08 -3.46 6.52
CA ASP A 33 -11.91 -2.89 5.43
C ASP A 33 -11.05 -2.76 4.17
N MET A 34 -9.78 -2.56 4.37
CA MET A 34 -8.86 -2.43 3.21
C MET A 34 -8.74 -3.79 2.55
N PHE A 35 -8.62 -4.82 3.34
CA PHE A 35 -8.52 -6.15 2.68
C PHE A 35 -9.83 -6.37 1.95
N GLU A 36 -10.86 -6.31 2.74
CA GLU A 36 -12.28 -6.48 2.31
C GLU A 36 -12.48 -5.94 0.90
N THR A 37 -11.88 -4.80 0.72
CA THR A 37 -11.95 -4.06 -0.58
C THR A 37 -10.82 -4.48 -1.52
N MET A 38 -9.60 -4.16 -1.15
CA MET A 38 -8.37 -4.51 -1.95
C MET A 38 -8.64 -5.82 -2.70
N TYR A 39 -9.12 -6.72 -1.89
CA TYR A 39 -9.49 -8.10 -2.29
C TYR A 39 -10.46 -8.08 -3.47
N ALA A 40 -11.60 -7.58 -3.09
CA ALA A 40 -12.82 -7.38 -3.92
C ALA A 40 -12.53 -6.94 -5.35
N GLU A 41 -11.49 -6.17 -5.43
CA GLU A 41 -11.10 -5.65 -6.75
C GLU A 41 -10.07 -6.59 -7.36
N GLU A 42 -8.97 -6.01 -7.72
CA GLU A 42 -7.86 -6.78 -8.33
C GLU A 42 -6.50 -6.21 -7.95
N GLY A 43 -6.30 -5.99 -6.69
CA GLY A 43 -4.99 -5.43 -6.25
C GLY A 43 -4.33 -6.33 -5.22
N ILE A 44 -3.02 -6.30 -5.22
CA ILE A 44 -2.28 -7.15 -4.24
C ILE A 44 -2.14 -6.23 -3.02
N GLY A 45 -1.87 -4.99 -3.30
CA GLY A 45 -1.71 -4.01 -2.20
C GLY A 45 -2.59 -2.76 -2.39
N LEU A 46 -3.18 -2.31 -1.33
CA LEU A 46 -4.05 -1.11 -1.36
C LEU A 46 -3.49 -0.14 -0.32
N ALA A 47 -3.65 1.14 -0.56
CA ALA A 47 -3.14 2.15 0.41
C ALA A 47 -4.42 2.74 0.99
N ALA A 48 -4.37 3.38 2.13
CA ALA A 48 -5.64 3.93 2.65
C ALA A 48 -5.79 5.42 2.37
N THR A 49 -5.28 5.74 1.21
CA THR A 49 -5.31 7.11 0.68
C THR A 49 -6.17 6.93 -0.56
N GLN A 50 -6.62 5.71 -0.75
CA GLN A 50 -7.46 5.49 -1.95
C GLN A 50 -8.91 5.23 -1.57
N VAL A 51 -9.21 5.07 -0.31
CA VAL A 51 -10.64 4.84 0.01
C VAL A 51 -10.79 6.36 0.18
N ASP A 52 -10.72 6.86 1.38
CA ASP A 52 -10.79 8.33 1.59
C ASP A 52 -10.26 8.35 3.02
N ILE A 53 -8.99 8.61 3.19
CA ILE A 53 -8.38 8.67 4.57
C ILE A 53 -7.00 9.30 4.49
N HIS A 54 -6.54 9.87 5.58
CA HIS A 54 -5.18 10.47 5.57
C HIS A 54 -4.39 9.98 6.76
N GLN A 55 -4.33 8.68 6.85
CA GLN A 55 -3.60 8.01 7.95
C GLN A 55 -2.79 7.04 7.10
N ARG A 56 -1.82 6.42 7.69
CA ARG A 56 -0.98 5.45 6.92
C ARG A 56 -1.48 4.06 7.28
N ILE A 57 -2.14 3.46 6.32
CA ILE A 57 -2.65 2.09 6.57
C ILE A 57 -2.66 1.44 5.18
N ILE A 58 -2.03 0.31 5.03
CA ILE A 58 -2.04 -0.33 3.68
C ILE A 58 -2.10 -1.83 3.94
N VAL A 59 -2.66 -2.57 3.01
CA VAL A 59 -2.73 -4.03 3.23
C VAL A 59 -2.09 -4.71 2.01
N ILE A 60 -1.72 -5.94 2.17
CA ILE A 60 -1.09 -6.71 1.06
C ILE A 60 -1.59 -8.16 0.99
N ASP A 61 -1.69 -8.71 -0.19
CA ASP A 61 -2.14 -10.12 -0.34
C ASP A 61 -1.27 -10.77 -1.42
N VAL A 62 -0.15 -11.32 -1.05
CA VAL A 62 0.65 -11.93 -2.15
C VAL A 62 0.65 -13.46 -2.13
N SER A 63 -0.24 -14.05 -1.38
CA SER A 63 -0.26 -15.54 -1.36
C SER A 63 -1.22 -16.04 -2.44
N GLU A 64 -1.48 -17.31 -2.37
CA GLU A 64 -2.39 -17.96 -3.35
C GLU A 64 -3.90 -17.80 -3.16
N ASN A 65 -4.40 -18.27 -2.06
CA ASN A 65 -5.87 -18.16 -1.79
C ASN A 65 -6.32 -17.42 -0.53
N ARG A 66 -6.29 -16.11 -0.59
CA ARG A 66 -6.69 -15.24 0.56
C ARG A 66 -6.17 -15.98 1.78
N ASP A 67 -4.92 -16.29 1.62
CA ASP A 67 -4.11 -17.04 2.61
C ASP A 67 -3.23 -16.14 3.47
N GLU A 68 -2.65 -15.18 2.79
CA GLU A 68 -1.73 -14.22 3.45
C GLU A 68 -2.21 -12.78 3.35
N ARG A 69 -2.48 -12.21 4.50
CA ARG A 69 -2.96 -10.80 4.53
C ARG A 69 -1.87 -10.05 5.30
N LEU A 70 -1.32 -9.05 4.68
CA LEU A 70 -0.26 -8.25 5.33
C LEU A 70 -0.84 -6.89 5.70
N VAL A 71 -0.21 -6.33 6.69
CA VAL A 71 -0.68 -5.02 7.17
C VAL A 71 0.48 -4.08 7.45
N LEU A 72 0.25 -2.82 7.20
CA LEU A 72 1.31 -1.80 7.45
C LEU A 72 0.65 -0.50 7.89
N ILE A 73 0.77 -0.11 9.13
CA ILE A 73 0.10 1.17 9.48
C ILE A 73 1.09 2.30 9.24
N ASN A 74 2.05 2.48 10.10
CA ASN A 74 3.01 3.60 9.86
C ASN A 74 4.37 3.00 9.52
N PRO A 75 4.47 2.42 8.35
CA PRO A 75 5.72 1.79 7.88
C PRO A 75 6.71 2.84 7.40
N GLU A 76 7.62 3.19 8.24
CA GLU A 76 8.62 4.20 7.81
C GLU A 76 9.61 3.21 7.22
N LEU A 77 10.50 3.68 6.41
CA LEU A 77 11.44 2.69 5.84
C LEU A 77 12.82 2.62 6.50
N LEU A 78 13.49 1.56 6.13
CA LEU A 78 14.85 1.29 6.64
C LEU A 78 15.81 0.96 5.49
N GLU A 79 15.53 -0.15 4.88
CA GLU A 79 16.37 -0.62 3.74
C GLU A 79 15.57 -0.83 2.46
N LYS A 80 16.32 -0.86 1.40
CA LYS A 80 15.78 -1.06 0.03
C LYS A 80 16.86 -1.73 -0.85
N SER A 81 17.02 -3.02 -0.77
CA SER A 81 18.07 -3.66 -1.61
C SER A 81 17.60 -4.18 -2.96
N GLY A 82 18.33 -3.78 -3.96
CA GLY A 82 18.01 -4.18 -5.35
C GLY A 82 17.05 -3.15 -5.95
N GLU A 83 16.89 -3.18 -7.25
CA GLU A 83 15.98 -2.20 -7.91
C GLU A 83 15.11 -2.86 -8.99
N THR A 84 13.99 -3.41 -8.62
CA THR A 84 13.13 -4.05 -9.66
C THR A 84 11.82 -3.29 -9.83
N GLY A 85 11.08 -3.71 -10.83
CA GLY A 85 9.77 -3.07 -11.13
C GLY A 85 8.73 -4.14 -11.44
N ILE A 86 7.52 -3.68 -11.65
CA ILE A 86 6.41 -4.62 -11.96
C ILE A 86 5.64 -4.22 -13.21
N GLU A 87 5.28 -5.14 -14.05
CA GLU A 87 4.51 -4.76 -15.27
C GLU A 87 3.10 -4.90 -14.69
N GLU A 88 2.78 -4.07 -13.74
CA GLU A 88 1.43 -4.20 -13.14
C GLU A 88 0.58 -2.94 -12.97
N GLY A 89 -0.68 -3.18 -12.72
CA GLY A 89 -1.65 -2.07 -12.51
C GLY A 89 -2.09 -2.11 -11.06
N CYS A 90 -2.35 -0.94 -10.52
CA CYS A 90 -2.80 -0.91 -9.11
C CYS A 90 -4.33 -0.95 -9.04
N LEU A 91 -4.95 0.09 -8.55
CA LEU A 91 -6.43 0.10 -8.46
C LEU A 91 -6.93 1.40 -9.11
N SER A 92 -6.76 2.43 -8.34
CA SER A 92 -7.15 3.81 -8.73
C SER A 92 -6.93 4.08 -10.22
N ILE A 93 -5.73 3.68 -10.53
CA ILE A 93 -5.09 3.75 -11.87
C ILE A 93 -6.03 3.72 -13.08
N PRO A 94 -5.60 4.31 -14.18
CA PRO A 94 -6.39 4.37 -15.44
C PRO A 94 -6.46 2.99 -16.09
N GLU A 95 -6.80 3.00 -17.35
CA GLU A 95 -6.90 1.72 -18.10
C GLU A 95 -5.52 1.44 -18.72
N GLN A 96 -4.52 1.81 -17.97
CA GLN A 96 -3.11 1.62 -18.42
C GLN A 96 -2.37 0.91 -17.28
N ARG A 97 -1.20 0.41 -17.56
CA ARG A 97 -0.44 -0.28 -16.49
C ARG A 97 0.96 0.34 -16.48
N ALA A 98 1.77 -0.02 -15.52
CA ALA A 98 3.15 0.58 -15.48
C ALA A 98 4.22 -0.49 -15.25
N LEU A 99 5.42 -0.14 -15.64
CA LEU A 99 6.57 -1.06 -15.48
C LEU A 99 7.52 -0.32 -14.52
N VAL A 100 6.87 0.50 -13.74
CA VAL A 100 7.59 1.31 -12.73
C VAL A 100 8.87 0.78 -12.10
N PRO A 101 9.91 1.59 -12.10
CA PRO A 101 11.19 1.19 -11.50
C PRO A 101 10.95 1.55 -10.05
N ARG A 102 10.97 0.46 -9.34
CA ARG A 102 10.74 0.49 -7.87
C ARG A 102 11.99 -0.13 -7.23
N ALA A 103 11.88 -0.51 -6.00
CA ALA A 103 13.07 -1.12 -5.35
C ALA A 103 12.80 -2.62 -5.51
N GLU A 104 13.73 -3.43 -5.10
CA GLU A 104 13.51 -4.89 -5.24
C GLU A 104 13.17 -5.50 -3.89
N LYS A 105 14.00 -5.21 -2.93
CA LYS A 105 13.77 -5.76 -1.57
C LYS A 105 13.76 -4.53 -0.66
N VAL A 106 13.00 -4.58 0.39
CA VAL A 106 12.94 -3.40 1.31
C VAL A 106 12.65 -3.78 2.76
N LYS A 107 13.31 -3.13 3.69
CA LYS A 107 13.03 -3.46 5.11
C LYS A 107 12.37 -2.22 5.72
N ILE A 108 11.35 -2.42 6.51
CA ILE A 108 10.61 -1.30 7.18
C ILE A 108 10.29 -1.67 8.62
N ARG A 109 9.80 -0.67 9.28
CA ARG A 109 9.39 -0.80 10.70
C ARG A 109 8.00 -0.16 10.69
N ALA A 110 7.04 -0.94 11.10
CA ALA A 110 5.61 -0.51 11.14
C ALA A 110 4.95 -0.83 12.49
N LEU A 111 3.65 -0.69 12.48
CA LEU A 111 2.77 -0.95 13.65
C LEU A 111 1.68 -1.79 12.97
N ASP A 112 0.94 -2.59 13.70
CA ASP A 112 -0.11 -3.42 13.03
C ASP A 112 -1.53 -3.06 13.45
N ARG A 113 -2.42 -3.85 12.89
CA ARG A 113 -3.88 -3.74 13.14
C ARG A 113 -4.21 -3.21 14.53
N ASP A 114 -3.54 -3.81 15.48
CA ASP A 114 -3.71 -3.46 16.92
C ASP A 114 -2.85 -2.27 17.33
N GLY A 115 -1.63 -2.35 16.87
CA GLY A 115 -0.58 -1.33 17.13
C GLY A 115 0.61 -2.08 17.71
N LYS A 116 0.94 -3.13 17.01
CA LYS A 116 2.09 -3.98 17.43
C LYS A 116 3.17 -3.60 16.42
N PRO A 117 4.31 -3.22 16.93
CA PRO A 117 5.45 -2.80 16.09
C PRO A 117 6.29 -3.96 15.56
N PHE A 118 6.49 -3.91 14.27
CA PHE A 118 7.30 -4.97 13.61
C PHE A 118 8.26 -4.42 12.57
N GLU A 119 9.35 -5.11 12.40
CA GLU A 119 10.34 -4.66 11.40
C GLU A 119 10.29 -5.79 10.38
N LEU A 120 9.53 -5.46 9.38
CA LEU A 120 9.27 -6.36 8.23
C LEU A 120 10.11 -6.12 7.00
N GLU A 121 10.45 -7.15 6.29
CA GLU A 121 11.25 -6.91 5.07
C GLU A 121 10.50 -7.65 3.99
N ALA A 122 10.70 -7.21 2.78
CA ALA A 122 10.01 -7.86 1.65
C ALA A 122 11.03 -8.02 0.53
N ASP A 123 10.66 -8.82 -0.44
CA ASP A 123 11.59 -9.03 -1.58
C ASP A 123 10.81 -8.70 -2.85
N GLY A 124 11.55 -8.72 -3.93
CA GLY A 124 11.01 -8.42 -5.28
C GLY A 124 9.57 -7.91 -5.42
N LEU A 125 8.62 -8.81 -5.36
CA LEU A 125 7.21 -8.34 -5.51
C LEU A 125 6.42 -7.85 -4.30
N LEU A 126 6.44 -8.49 -3.15
CA LEU A 126 5.63 -7.93 -2.04
C LEU A 126 6.29 -6.57 -1.82
N ALA A 127 7.59 -6.60 -1.98
CA ALA A 127 8.41 -5.38 -1.83
C ALA A 127 7.73 -4.37 -2.73
N ILE A 128 7.50 -4.72 -3.96
CA ILE A 128 6.82 -3.67 -4.76
C ILE A 128 5.44 -3.28 -4.24
N CYS A 129 4.67 -4.27 -3.88
CA CYS A 129 3.28 -4.06 -3.37
C CYS A 129 3.25 -2.85 -2.45
N ILE A 130 4.14 -2.90 -1.50
CA ILE A 130 4.21 -1.77 -0.53
C ILE A 130 4.82 -0.50 -1.13
N GLN A 131 6.05 -0.60 -1.55
CA GLN A 131 6.80 0.55 -2.17
C GLN A 131 5.83 1.45 -2.94
N HIS A 132 5.07 0.70 -3.68
CA HIS A 132 4.03 1.31 -4.54
C HIS A 132 2.93 1.99 -3.72
N GLU A 133 2.27 1.24 -2.87
CA GLU A 133 1.20 1.87 -2.05
C GLU A 133 1.75 3.10 -1.34
N MET A 134 3.03 3.06 -1.04
CA MET A 134 3.67 4.20 -0.34
C MET A 134 3.71 5.39 -1.31
N ASP A 135 3.97 5.14 -2.57
CA ASP A 135 4.00 6.28 -3.52
C ASP A 135 2.64 6.95 -3.28
N HIS A 136 1.63 6.14 -3.09
CA HIS A 136 0.30 6.79 -2.86
C HIS A 136 0.13 7.44 -1.49
N LEU A 137 0.63 6.84 -0.45
CA LEU A 137 0.45 7.48 0.90
C LEU A 137 0.96 8.92 0.87
N VAL A 138 2.04 9.16 0.16
CA VAL A 138 2.53 10.56 0.12
C VAL A 138 1.59 11.23 -0.88
N GLY A 139 1.15 10.50 -1.87
CA GLY A 139 0.22 11.13 -2.84
C GLY A 139 0.69 11.28 -4.28
N LYS A 140 1.22 10.21 -4.81
CA LYS A 140 1.70 10.24 -6.21
C LYS A 140 1.12 8.96 -6.80
N LEU A 141 1.09 8.90 -8.10
CA LEU A 141 0.53 7.68 -8.76
C LEU A 141 1.70 7.06 -9.49
N PHE A 142 1.61 5.84 -9.91
CA PHE A 142 2.82 5.38 -10.62
C PHE A 142 2.66 5.59 -12.12
N MET A 143 2.40 6.84 -12.37
CA MET A 143 2.24 7.37 -13.74
C MET A 143 3.20 8.56 -13.74
N ASP A 144 4.02 8.59 -12.73
CA ASP A 144 5.03 9.67 -12.56
C ASP A 144 6.29 9.14 -13.25
N TYR A 145 6.69 7.97 -12.84
CA TYR A 145 7.90 7.34 -13.42
C TYR A 145 7.60 6.69 -14.77
N LEU A 146 6.49 7.08 -15.34
CA LEU A 146 6.06 6.55 -16.66
C LEU A 146 5.95 7.79 -17.54
N SER A 147 5.19 8.72 -17.04
CA SER A 147 4.96 10.01 -17.76
C SER A 147 5.49 11.15 -16.89
N VAL A 2 -17.73 -3.37 0.86
CA VAL A 2 -16.34 -2.86 0.71
C VAL A 2 -16.36 -1.33 0.83
N LEU A 3 -15.23 -0.76 0.50
CA LEU A 3 -15.11 0.72 0.59
C LEU A 3 -15.30 1.48 -0.72
N GLN A 4 -15.24 2.77 -0.52
CA GLN A 4 -15.39 3.73 -1.64
C GLN A 4 -14.02 4.12 -2.16
N VAL A 5 -13.51 3.36 -3.10
CA VAL A 5 -12.17 3.72 -3.62
C VAL A 5 -12.39 4.67 -4.78
N LEU A 6 -11.39 5.49 -4.96
CA LEU A 6 -11.46 6.50 -6.05
C LEU A 6 -10.54 6.13 -7.21
N HIS A 7 -10.70 6.85 -8.28
CA HIS A 7 -9.89 6.62 -9.51
C HIS A 7 -9.03 7.87 -9.70
N ILE A 8 -8.20 7.82 -10.70
CA ILE A 8 -7.33 8.99 -10.96
C ILE A 8 -7.82 9.87 -12.13
N PRO A 9 -7.45 11.12 -12.09
CA PRO A 9 -6.60 11.76 -11.04
C PRO A 9 -7.51 12.03 -9.83
N ASP A 10 -6.94 11.95 -8.66
CA ASP A 10 -7.74 12.21 -7.43
C ASP A 10 -7.00 13.22 -6.58
N GLU A 11 -7.58 13.53 -5.45
CA GLU A 11 -6.98 14.49 -4.51
C GLU A 11 -6.35 13.70 -3.36
N ARG A 12 -7.12 12.87 -2.71
CA ARG A 12 -6.63 12.06 -1.57
C ARG A 12 -5.35 11.32 -1.97
N LEU A 13 -5.48 10.54 -3.01
CA LEU A 13 -4.33 9.75 -3.53
C LEU A 13 -3.07 10.57 -3.81
N ARG A 14 -3.30 11.76 -4.30
CA ARG A 14 -2.13 12.63 -4.61
C ARG A 14 -1.86 13.66 -3.50
N LYS A 15 -2.68 13.59 -2.49
CA LYS A 15 -2.54 14.51 -1.33
C LYS A 15 -1.67 13.71 -0.36
N VAL A 16 -1.30 14.33 0.73
CA VAL A 16 -0.46 13.61 1.72
C VAL A 16 -1.35 13.13 2.86
N ALA A 17 -0.80 12.27 3.67
CA ALA A 17 -1.57 11.73 4.83
C ALA A 17 -0.84 12.21 6.10
N LYS A 18 -1.37 11.83 7.22
CA LYS A 18 -0.73 12.24 8.50
C LYS A 18 -0.15 10.95 9.07
N PRO A 19 1.10 10.94 9.41
CA PRO A 19 1.72 9.71 9.97
C PRO A 19 1.35 9.57 11.43
N VAL A 20 1.07 8.35 11.83
CA VAL A 20 0.70 8.16 13.26
C VAL A 20 1.83 7.43 13.98
N GLU A 21 1.74 7.37 15.28
CA GLU A 21 2.78 6.69 16.09
C GLU A 21 2.21 5.41 16.70
N GLU A 22 1.03 5.52 17.23
CA GLU A 22 0.38 4.33 17.85
C GLU A 22 -0.87 3.96 17.03
N VAL A 23 -1.29 2.73 17.20
CA VAL A 23 -2.49 2.24 16.48
C VAL A 23 -3.50 1.84 17.53
N ASN A 24 -4.58 1.42 16.93
CA ASN A 24 -5.76 0.96 17.71
C ASN A 24 -6.57 -0.17 17.07
N ALA A 25 -7.84 -0.18 17.41
CA ALA A 25 -8.76 -1.22 16.86
C ALA A 25 -9.68 -0.54 15.84
N GLU A 26 -9.26 0.64 15.47
CA GLU A 26 -9.99 1.49 14.48
C GLU A 26 -9.21 1.31 13.18
N ILE A 27 -7.97 0.98 13.43
CA ILE A 27 -7.01 0.75 12.34
C ILE A 27 -7.36 -0.64 11.88
N GLN A 28 -7.20 -1.55 12.80
CA GLN A 28 -7.51 -2.98 12.53
C GLN A 28 -8.75 -3.01 11.64
N ARG A 29 -9.67 -2.18 12.06
CA ARG A 29 -10.99 -1.98 11.40
C ARG A 29 -10.75 -1.46 9.99
N ILE A 30 -9.99 -0.40 9.84
CA ILE A 30 -9.77 0.06 8.45
C ILE A 30 -9.09 -1.08 7.70
N VAL A 31 -7.93 -1.45 8.18
CA VAL A 31 -7.10 -2.54 7.62
C VAL A 31 -7.92 -3.68 7.06
N ASP A 32 -8.87 -4.04 7.86
CA ASP A 32 -9.74 -5.17 7.42
C ASP A 32 -10.55 -4.70 6.21
N ASP A 33 -11.20 -3.58 6.41
CA ASP A 33 -12.02 -2.99 5.33
C ASP A 33 -11.17 -2.86 4.07
N MET A 34 -9.90 -2.64 4.26
CA MET A 34 -8.97 -2.50 3.11
C MET A 34 -8.83 -3.87 2.45
N PHE A 35 -8.75 -4.90 3.24
CA PHE A 35 -8.61 -6.23 2.57
C PHE A 35 -9.91 -6.49 1.81
N GLU A 36 -10.96 -6.39 2.58
CA GLU A 36 -12.35 -6.60 2.10
C GLU A 36 -12.54 -5.96 0.72
N THR A 37 -11.92 -4.82 0.57
CA THR A 37 -11.98 -4.07 -0.71
C THR A 37 -10.85 -4.46 -1.66
N MET A 38 -9.63 -4.17 -1.26
CA MET A 38 -8.41 -4.49 -2.04
C MET A 38 -8.64 -5.79 -2.81
N TYR A 39 -9.14 -6.72 -2.03
CA TYR A 39 -9.45 -8.07 -2.54
C TYR A 39 -10.47 -8.00 -3.69
N ALA A 40 -11.62 -7.54 -3.27
CA ALA A 40 -12.84 -7.33 -4.10
C ALA A 40 -12.57 -6.88 -5.52
N GLU A 41 -11.53 -6.10 -5.59
CA GLU A 41 -11.14 -5.56 -6.91
C GLU A 41 -10.09 -6.49 -7.53
N GLU A 42 -8.98 -5.89 -7.85
CA GLU A 42 -7.87 -6.67 -8.48
C GLU A 42 -6.51 -6.12 -8.06
N GLY A 43 -6.29 -5.96 -6.79
CA GLY A 43 -4.98 -5.43 -6.34
C GLY A 43 -4.31 -6.35 -5.33
N ILE A 44 -3.02 -6.19 -5.24
CA ILE A 44 -2.23 -7.02 -4.28
C ILE A 44 -2.02 -6.13 -3.07
N GLY A 45 -1.74 -4.87 -3.34
CA GLY A 45 -1.53 -3.90 -2.23
C GLY A 45 -2.38 -2.64 -2.41
N LEU A 46 -3.10 -2.33 -1.37
CA LEU A 46 -3.98 -1.12 -1.37
C LEU A 46 -3.46 -0.17 -0.29
N ALA A 47 -3.62 1.10 -0.52
CA ALA A 47 -3.15 2.11 0.48
C ALA A 47 -4.46 2.69 1.02
N ALA A 48 -4.43 3.36 2.13
CA ALA A 48 -5.73 3.91 2.63
C ALA A 48 -5.90 5.38 2.30
N THR A 49 -5.35 5.72 1.18
CA THR A 49 -5.41 7.11 0.67
C THR A 49 -6.25 6.97 -0.60
N GLN A 50 -6.65 5.74 -0.84
CA GLN A 50 -7.44 5.43 -2.05
C GLN A 50 -8.92 5.31 -1.66
N VAL A 51 -9.21 5.10 -0.42
CA VAL A 51 -10.66 5.00 -0.09
C VAL A 51 -10.77 6.53 0.07
N ASP A 52 -10.69 7.03 1.27
CA ASP A 52 -10.74 8.50 1.47
C ASP A 52 -10.22 8.53 2.90
N ILE A 53 -8.96 8.79 3.07
CA ILE A 53 -8.35 8.85 4.44
C ILE A 53 -6.96 9.48 4.34
N HIS A 54 -6.51 10.06 5.42
CA HIS A 54 -5.15 10.67 5.41
C HIS A 54 -4.46 10.14 6.64
N GLN A 55 -4.36 8.83 6.66
CA GLN A 55 -3.69 8.12 7.77
C GLN A 55 -2.74 7.15 7.08
N ARG A 56 -1.99 6.41 7.85
CA ARG A 56 -1.04 5.44 7.28
C ARG A 56 -1.55 4.00 7.38
N ILE A 57 -2.30 3.51 6.44
CA ILE A 57 -2.76 2.10 6.58
C ILE A 57 -2.73 1.47 5.19
N ILE A 58 -2.09 0.35 5.04
CA ILE A 58 -2.05 -0.28 3.69
C ILE A 58 -2.12 -1.79 3.92
N VAL A 59 -2.69 -2.52 3.00
CA VAL A 59 -2.76 -4.00 3.19
C VAL A 59 -2.10 -4.67 1.99
N ILE A 60 -1.73 -5.91 2.15
CA ILE A 60 -1.09 -6.67 1.04
C ILE A 60 -1.59 -8.12 1.01
N ASP A 61 -1.66 -8.70 -0.15
CA ASP A 61 -2.12 -10.11 -0.30
C ASP A 61 -1.26 -10.80 -1.37
N VAL A 62 -0.11 -11.31 -1.03
CA VAL A 62 0.64 -11.95 -2.16
C VAL A 62 0.65 -13.48 -2.11
N SER A 63 -0.14 -14.07 -1.26
CA SER A 63 -0.14 -15.56 -1.23
C SER A 63 -1.17 -16.16 -2.18
N GLU A 64 -1.29 -17.45 -2.07
CA GLU A 64 -2.23 -18.22 -2.91
C GLU A 64 -3.73 -17.97 -2.67
N ASN A 65 -4.17 -18.31 -1.49
CA ASN A 65 -5.61 -18.13 -1.14
C ASN A 65 -5.89 -17.19 0.02
N ARG A 66 -5.64 -15.91 -0.17
CA ARG A 66 -5.87 -14.89 0.88
C ARG A 66 -5.46 -15.53 2.21
N ASP A 67 -4.28 -16.06 2.06
CA ASP A 67 -3.54 -16.79 3.12
C ASP A 67 -2.63 -15.80 3.83
N GLU A 68 -2.24 -14.85 3.02
CA GLU A 68 -1.33 -13.76 3.46
C GLU A 68 -2.12 -12.46 3.39
N ARG A 69 -2.37 -11.88 4.53
CA ARG A 69 -3.12 -10.60 4.57
C ARG A 69 -2.19 -9.69 5.34
N LEU A 70 -1.26 -9.11 4.63
CA LEU A 70 -0.32 -8.22 5.33
C LEU A 70 -0.94 -6.87 5.64
N VAL A 71 -0.40 -6.36 6.70
CA VAL A 71 -0.88 -5.05 7.19
C VAL A 71 0.32 -4.17 7.51
N LEU A 72 0.14 -2.92 7.23
CA LEU A 72 1.23 -1.94 7.49
C LEU A 72 0.62 -0.60 7.91
N ILE A 73 0.72 -0.21 9.14
CA ILE A 73 0.09 1.10 9.46
C ILE A 73 1.16 2.16 9.22
N ASN A 74 2.16 2.20 10.05
CA ASN A 74 3.23 3.22 9.84
C ASN A 74 4.54 2.54 9.44
N PRO A 75 4.55 1.99 8.25
CA PRO A 75 5.73 1.29 7.71
C PRO A 75 6.71 2.32 7.18
N GLU A 76 7.56 2.84 8.02
CA GLU A 76 8.47 3.84 7.43
C GLU A 76 9.44 2.88 6.76
N LEU A 77 10.17 3.43 5.83
CA LEU A 77 11.13 2.55 5.12
C LEU A 77 12.44 2.55 5.90
N LEU A 78 13.14 1.45 5.80
CA LEU A 78 14.44 1.33 6.52
C LEU A 78 15.48 1.01 5.46
N GLU A 79 15.24 -0.06 4.74
CA GLU A 79 16.17 -0.50 3.66
C GLU A 79 15.37 -0.76 2.39
N LYS A 80 16.11 -0.75 1.32
CA LYS A 80 15.55 -1.00 -0.02
C LYS A 80 16.65 -1.60 -0.91
N SER A 81 16.87 -2.88 -0.83
CA SER A 81 17.94 -3.46 -1.68
C SER A 81 17.49 -3.99 -3.04
N GLY A 82 18.18 -3.49 -4.02
CA GLY A 82 17.88 -3.87 -5.43
C GLY A 82 16.90 -2.86 -6.02
N GLU A 83 16.84 -2.84 -7.32
CA GLU A 83 15.91 -1.90 -8.02
C GLU A 83 15.23 -2.64 -9.18
N THR A 84 14.08 -3.19 -8.90
CA THR A 84 13.34 -3.94 -9.96
C THR A 84 12.01 -3.26 -10.29
N GLY A 85 11.31 -3.86 -11.23
CA GLY A 85 9.99 -3.32 -11.65
C GLY A 85 9.04 -4.50 -11.77
N ILE A 86 7.81 -4.17 -12.02
CA ILE A 86 6.76 -5.23 -12.17
C ILE A 86 5.85 -4.85 -13.34
N GLU A 87 5.36 -5.80 -14.08
CA GLU A 87 4.47 -5.43 -15.22
C GLU A 87 3.04 -5.42 -14.66
N GLU A 88 2.81 -4.54 -13.73
CA GLU A 88 1.45 -4.47 -13.12
C GLU A 88 0.93 -3.06 -12.82
N GLY A 89 -0.33 -3.05 -12.47
CA GLY A 89 -1.03 -1.79 -12.14
C GLY A 89 -1.58 -1.94 -10.71
N CYS A 90 -1.93 -0.82 -10.13
CA CYS A 90 -2.49 -0.81 -8.76
C CYS A 90 -4.02 -0.89 -8.78
N LEU A 91 -4.68 0.07 -8.18
CA LEU A 91 -6.18 0.05 -8.18
C LEU A 91 -6.78 1.29 -8.85
N SER A 92 -6.74 2.39 -8.13
CA SER A 92 -7.27 3.68 -8.61
C SER A 92 -7.09 3.82 -10.13
N ILE A 93 -5.86 3.53 -10.42
CA ILE A 93 -5.23 3.52 -11.78
C ILE A 93 -6.21 3.22 -12.92
N PRO A 94 -5.95 3.73 -14.10
CA PRO A 94 -6.81 3.50 -15.28
C PRO A 94 -6.35 2.32 -16.15
N GLU A 95 -7.05 2.19 -17.23
CA GLU A 95 -6.84 1.15 -18.27
C GLU A 95 -5.39 0.63 -18.43
N GLN A 96 -4.44 1.51 -18.33
CA GLN A 96 -3.03 1.05 -18.48
C GLN A 96 -2.43 0.40 -17.23
N ARG A 97 -1.31 -0.25 -17.50
CA ARG A 97 -0.53 -0.97 -16.47
C ARG A 97 0.88 -0.38 -16.55
N ALA A 98 1.75 -0.79 -15.67
CA ALA A 98 3.12 -0.21 -15.75
C ALA A 98 4.24 -1.16 -15.37
N LEU A 99 5.40 -0.67 -15.74
CA LEU A 99 6.70 -1.33 -15.50
C LEU A 99 7.43 -0.13 -14.93
N VAL A 100 7.06 0.08 -13.70
CA VAL A 100 7.60 1.21 -12.89
C VAL A 100 8.76 0.79 -12.00
N PRO A 101 9.74 1.65 -11.91
CA PRO A 101 10.93 1.38 -11.07
C PRO A 101 10.54 1.59 -9.62
N ARG A 102 10.58 0.46 -9.01
CA ARG A 102 10.25 0.31 -7.57
C ARG A 102 11.50 -0.36 -7.02
N ALA A 103 11.66 -0.46 -5.74
CA ALA A 103 12.90 -1.13 -5.26
C ALA A 103 12.64 -2.61 -5.50
N GLU A 104 13.57 -3.41 -5.10
CA GLU A 104 13.39 -4.87 -5.30
C GLU A 104 13.09 -5.49 -3.94
N LYS A 105 13.95 -5.22 -3.00
CA LYS A 105 13.76 -5.77 -1.64
C LYS A 105 13.74 -4.56 -0.71
N VAL A 106 13.08 -4.67 0.39
CA VAL A 106 13.00 -3.53 1.35
C VAL A 106 12.84 -4.00 2.80
N LYS A 107 13.31 -3.22 3.72
CA LYS A 107 13.16 -3.62 5.15
C LYS A 107 12.42 -2.43 5.77
N ILE A 108 11.31 -2.66 6.42
CA ILE A 108 10.54 -1.56 7.05
C ILE A 108 10.25 -1.86 8.51
N ARG A 109 9.76 -0.82 9.12
CA ARG A 109 9.38 -0.94 10.55
C ARG A 109 7.98 -0.33 10.57
N ALA A 110 7.04 -1.17 10.95
CA ALA A 110 5.61 -0.80 11.00
C ALA A 110 4.94 -1.07 12.35
N LEU A 111 3.63 -0.97 12.32
CA LEU A 111 2.74 -1.20 13.49
C LEU A 111 1.66 -2.09 12.85
N ASP A 112 0.93 -2.84 13.61
CA ASP A 112 -0.11 -3.72 12.99
C ASP A 112 -1.53 -3.29 13.35
N ARG A 113 -2.43 -4.06 12.80
CA ARG A 113 -3.90 -3.90 12.97
C ARG A 113 -4.25 -3.27 14.32
N ASP A 114 -3.65 -3.83 15.33
CA ASP A 114 -3.85 -3.39 16.74
C ASP A 114 -2.95 -2.23 17.15
N GLY A 115 -1.72 -2.37 16.75
CA GLY A 115 -0.65 -1.39 17.03
C GLY A 115 0.53 -2.16 17.62
N LYS A 116 0.85 -3.20 16.92
CA LYS A 116 1.98 -4.10 17.30
C LYS A 116 3.08 -3.73 16.32
N PRO A 117 4.17 -3.22 16.83
CA PRO A 117 5.32 -2.81 16.01
C PRO A 117 6.25 -3.93 15.55
N PHE A 118 6.49 -3.92 14.27
CA PHE A 118 7.38 -4.96 13.68
C PHE A 118 8.39 -4.35 12.73
N GLU A 119 9.33 -5.17 12.37
CA GLU A 119 10.40 -4.75 11.43
C GLU A 119 10.33 -5.89 10.43
N LEU A 120 9.58 -5.61 9.41
CA LEU A 120 9.36 -6.58 8.31
C LEU A 120 10.21 -6.37 7.08
N GLU A 121 10.70 -7.43 6.51
CA GLU A 121 11.52 -7.22 5.30
C GLU A 121 10.93 -8.12 4.22
N ALA A 122 10.94 -7.52 3.08
CA ALA A 122 10.40 -8.16 1.84
C ALA A 122 11.38 -8.15 0.68
N ASP A 123 11.03 -8.97 -0.28
CA ASP A 123 11.84 -9.09 -1.51
C ASP A 123 10.85 -8.79 -2.62
N GLY A 124 11.39 -8.70 -3.81
CA GLY A 124 10.61 -8.40 -5.04
C GLY A 124 9.15 -7.95 -4.89
N LEU A 125 8.31 -8.51 -5.74
CA LEU A 125 6.85 -8.21 -5.78
C LEU A 125 6.09 -7.78 -4.51
N LEU A 126 6.36 -8.32 -3.36
CA LEU A 126 5.58 -7.84 -2.18
C LEU A 126 6.18 -6.50 -1.84
N ALA A 127 7.49 -6.46 -1.85
CA ALA A 127 8.17 -5.17 -1.54
C ALA A 127 7.44 -4.17 -2.44
N ILE A 128 7.52 -4.45 -3.72
CA ILE A 128 6.88 -3.60 -4.74
C ILE A 128 5.49 -3.13 -4.31
N CYS A 129 4.78 -4.08 -3.81
CA CYS A 129 3.38 -3.85 -3.35
C CYS A 129 3.36 -2.67 -2.38
N ILE A 130 4.13 -2.80 -1.33
CA ILE A 130 4.16 -1.70 -0.33
C ILE A 130 4.75 -0.41 -0.88
N GLN A 131 5.96 -0.52 -1.37
CA GLN A 131 6.70 0.65 -1.96
C GLN A 131 5.70 1.58 -2.64
N HIS A 132 5.08 0.91 -3.57
CA HIS A 132 4.04 1.54 -4.42
C HIS A 132 3.00 2.28 -3.58
N GLU A 133 2.34 1.50 -2.77
CA GLU A 133 1.29 2.08 -1.89
C GLU A 133 1.82 3.26 -1.07
N MET A 134 3.09 3.26 -0.80
CA MET A 134 3.66 4.37 -0.01
C MET A 134 3.76 5.63 -0.87
N ASP A 135 4.08 5.46 -2.13
CA ASP A 135 4.19 6.65 -3.01
C ASP A 135 2.79 7.27 -2.86
N HIS A 136 1.80 6.42 -2.84
CA HIS A 136 0.42 6.98 -2.69
C HIS A 136 0.23 7.72 -1.37
N LEU A 137 0.65 7.12 -0.29
CA LEU A 137 0.49 7.78 1.04
C LEU A 137 1.12 9.17 1.09
N VAL A 138 2.15 9.38 0.32
CA VAL A 138 2.79 10.73 0.35
C VAL A 138 2.28 11.66 -0.73
N GLY A 139 1.42 11.22 -1.62
CA GLY A 139 0.94 12.18 -2.64
C GLY A 139 1.29 11.93 -4.10
N LYS A 140 1.92 10.84 -4.43
CA LYS A 140 2.22 10.62 -5.87
C LYS A 140 1.52 9.33 -6.24
N LEU A 141 1.01 9.29 -7.44
CA LEU A 141 0.34 8.03 -7.83
C LEU A 141 1.53 7.37 -8.51
N PHE A 142 1.51 6.15 -8.94
CA PHE A 142 2.79 5.75 -9.58
C PHE A 142 2.75 6.32 -10.99
N MET A 143 1.78 7.16 -11.24
CA MET A 143 1.68 7.75 -12.60
C MET A 143 2.56 8.98 -12.74
N ASP A 144 3.68 8.92 -12.07
CA ASP A 144 4.64 10.06 -12.15
C ASP A 144 5.50 9.57 -13.32
N TYR A 145 5.86 8.32 -13.13
CA TYR A 145 6.68 7.56 -14.09
C TYR A 145 5.84 7.05 -15.25
N LEU A 146 4.57 7.30 -15.18
CA LEU A 146 3.69 6.85 -16.31
C LEU A 146 3.07 8.06 -16.98
N SER A 147 2.59 8.98 -16.19
CA SER A 147 1.98 10.21 -16.77
C SER A 147 2.82 11.44 -16.45
N VAL A 2 -17.67 -3.20 0.31
CA VAL A 2 -16.27 -2.68 0.35
C VAL A 2 -16.33 -1.18 0.57
N LEU A 3 -15.20 -0.56 0.41
CA LEU A 3 -15.13 0.92 0.61
C LEU A 3 -15.35 1.74 -0.66
N GLN A 4 -15.28 3.02 -0.42
CA GLN A 4 -15.47 4.01 -1.51
C GLN A 4 -14.07 4.41 -1.99
N VAL A 5 -13.61 3.71 -3.00
CA VAL A 5 -12.26 4.04 -3.53
C VAL A 5 -12.42 5.03 -4.68
N LEU A 6 -11.37 5.77 -4.89
CA LEU A 6 -11.41 6.80 -5.97
C LEU A 6 -10.54 6.34 -7.14
N HIS A 7 -10.78 6.95 -8.28
CA HIS A 7 -9.99 6.58 -9.49
C HIS A 7 -9.31 7.86 -9.95
N ILE A 8 -8.38 7.76 -10.86
CA ILE A 8 -7.72 9.01 -11.29
C ILE A 8 -8.48 9.82 -12.35
N PRO A 9 -8.29 11.11 -12.32
CA PRO A 9 -7.42 11.84 -11.35
C PRO A 9 -8.12 11.80 -9.98
N ASP A 10 -7.33 11.90 -8.93
CA ASP A 10 -7.91 11.86 -7.56
C ASP A 10 -7.53 13.10 -6.75
N GLU A 11 -7.80 13.00 -5.48
CA GLU A 11 -7.50 14.12 -4.53
C GLU A 11 -6.69 13.52 -3.37
N ARG A 12 -7.38 12.69 -2.62
CA ARG A 12 -6.81 11.99 -1.44
C ARG A 12 -5.52 11.27 -1.82
N LEU A 13 -5.64 10.47 -2.84
CA LEU A 13 -4.47 9.69 -3.35
C LEU A 13 -3.24 10.54 -3.54
N ARG A 14 -3.42 11.77 -3.95
CA ARG A 14 -2.20 12.62 -4.16
C ARG A 14 -2.03 13.68 -3.09
N LYS A 15 -2.89 13.62 -2.12
CA LYS A 15 -2.79 14.60 -1.02
C LYS A 15 -1.88 13.79 -0.11
N VAL A 16 -1.42 14.34 0.97
CA VAL A 16 -0.53 13.54 1.86
C VAL A 16 -1.36 13.03 3.03
N ALA A 17 -0.79 12.11 3.77
CA ALA A 17 -1.49 11.53 4.94
C ALA A 17 -0.72 12.00 6.17
N LYS A 18 -1.21 11.62 7.32
CA LYS A 18 -0.54 12.01 8.59
C LYS A 18 -0.12 10.70 9.25
N PRO A 19 1.10 10.62 9.69
CA PRO A 19 1.60 9.39 10.36
C PRO A 19 1.06 9.37 11.79
N VAL A 20 0.95 8.19 12.34
CA VAL A 20 0.44 8.08 13.73
C VAL A 20 1.56 7.44 14.53
N GLU A 21 1.41 7.38 15.83
CA GLU A 21 2.46 6.77 16.68
C GLU A 21 1.95 5.43 17.24
N GLU A 22 0.78 5.48 17.80
CA GLU A 22 0.19 4.23 18.37
C GLU A 22 -1.07 3.89 17.56
N VAL A 23 -1.43 2.64 17.63
CA VAL A 23 -2.63 2.14 16.90
C VAL A 23 -3.57 1.62 17.97
N ASN A 24 -4.64 1.19 17.37
CA ASN A 24 -5.77 0.60 18.12
C ASN A 24 -6.47 -0.57 17.44
N ALA A 25 -7.77 -0.59 17.60
CA ALA A 25 -8.61 -1.66 17.00
C ALA A 25 -9.53 -0.99 15.97
N GLU A 26 -9.18 0.21 15.63
CA GLU A 26 -9.96 1.01 14.63
C GLU A 26 -9.14 1.03 13.34
N ILE A 27 -7.87 0.89 13.57
CA ILE A 27 -6.91 0.89 12.44
C ILE A 27 -7.13 -0.54 11.95
N GLN A 28 -7.27 -1.41 12.91
CA GLN A 28 -7.50 -2.85 12.55
C GLN A 28 -8.72 -2.81 11.63
N ARG A 29 -9.70 -2.10 12.10
CA ARG A 29 -10.98 -1.93 11.36
C ARG A 29 -10.65 -1.37 9.97
N ILE A 30 -9.76 -0.42 9.88
CA ILE A 30 -9.49 0.08 8.51
C ILE A 30 -8.88 -1.07 7.71
N VAL A 31 -7.79 -1.55 8.21
CA VAL A 31 -7.00 -2.67 7.63
C VAL A 31 -7.86 -3.77 7.04
N ASP A 32 -8.84 -4.10 7.82
CA ASP A 32 -9.74 -5.18 7.36
C ASP A 32 -10.58 -4.65 6.21
N ASP A 33 -11.14 -3.49 6.42
CA ASP A 33 -11.98 -2.91 5.34
C ASP A 33 -11.11 -2.77 4.09
N MET A 34 -9.84 -2.61 4.32
CA MET A 34 -8.90 -2.47 3.18
C MET A 34 -8.76 -3.81 2.49
N PHE A 35 -8.71 -4.86 3.27
CA PHE A 35 -8.58 -6.17 2.58
C PHE A 35 -9.88 -6.38 1.82
N GLU A 36 -10.93 -6.31 2.58
CA GLU A 36 -12.33 -6.47 2.09
C GLU A 36 -12.46 -5.88 0.69
N THR A 37 -11.87 -4.72 0.58
CA THR A 37 -11.88 -3.96 -0.71
C THR A 37 -10.76 -4.41 -1.65
N MET A 38 -9.54 -4.15 -1.26
CA MET A 38 -8.32 -4.53 -2.05
C MET A 38 -8.60 -5.83 -2.79
N TYR A 39 -9.08 -6.73 -1.98
CA TYR A 39 -9.46 -8.11 -2.40
C TYR A 39 -10.43 -8.09 -3.58
N ALA A 40 -11.56 -7.55 -3.21
CA ALA A 40 -12.77 -7.35 -4.06
C ALA A 40 -12.48 -6.92 -5.48
N GLU A 41 -11.43 -6.17 -5.57
CA GLU A 41 -11.04 -5.66 -6.89
C GLU A 41 -9.99 -6.59 -7.49
N GLU A 42 -8.89 -5.99 -7.86
CA GLU A 42 -7.78 -6.76 -8.47
C GLU A 42 -6.43 -6.17 -8.08
N GLY A 43 -6.24 -5.97 -6.80
CA GLY A 43 -4.93 -5.38 -6.37
C GLY A 43 -4.26 -6.31 -5.36
N ILE A 44 -2.96 -6.17 -5.30
CA ILE A 44 -2.17 -7.01 -4.36
C ILE A 44 -1.97 -6.12 -3.13
N GLY A 45 -1.69 -4.88 -3.39
CA GLY A 45 -1.48 -3.90 -2.28
C GLY A 45 -2.36 -2.65 -2.45
N LEU A 46 -3.05 -2.34 -1.40
CA LEU A 46 -3.95 -1.16 -1.39
C LEU A 46 -3.42 -0.19 -0.32
N ALA A 47 -3.62 1.08 -0.55
CA ALA A 47 -3.16 2.11 0.43
C ALA A 47 -4.47 2.67 0.97
N ALA A 48 -4.44 3.31 2.10
CA ALA A 48 -5.74 3.85 2.60
C ALA A 48 -5.91 5.33 2.29
N THR A 49 -5.33 5.67 1.18
CA THR A 49 -5.38 7.06 0.67
C THR A 49 -6.26 6.92 -0.57
N GLN A 50 -6.62 5.70 -0.83
CA GLN A 50 -7.45 5.38 -2.02
C GLN A 50 -8.92 5.34 -1.61
N VAL A 51 -9.20 5.06 -0.36
CA VAL A 51 -10.66 5.05 -0.04
C VAL A 51 -10.69 6.58 0.13
N ASP A 52 -10.61 7.09 1.33
CA ASP A 52 -10.60 8.55 1.51
C ASP A 52 -10.14 8.66 2.96
N ILE A 53 -8.87 8.86 3.20
CA ILE A 53 -8.36 8.98 4.60
C ILE A 53 -6.96 9.58 4.49
N HIS A 54 -6.49 10.20 5.54
CA HIS A 54 -5.11 10.77 5.48
C HIS A 54 -4.38 10.25 6.69
N GLN A 55 -4.31 8.95 6.69
CA GLN A 55 -3.64 8.20 7.77
C GLN A 55 -2.78 7.20 6.99
N ARG A 56 -2.00 6.44 7.70
CA ARG A 56 -1.13 5.43 7.05
C ARG A 56 -1.61 4.01 7.34
N ILE A 57 -2.29 3.43 6.38
CA ILE A 57 -2.77 2.04 6.60
C ILE A 57 -2.72 1.42 5.19
N ILE A 58 -2.08 0.31 5.02
CA ILE A 58 -2.05 -0.29 3.65
C ILE A 58 -2.11 -1.79 3.89
N VAL A 59 -2.68 -2.53 2.97
CA VAL A 59 -2.74 -4.00 3.16
C VAL A 59 -2.10 -4.68 1.95
N ILE A 60 -1.76 -5.93 2.11
CA ILE A 60 -1.13 -6.69 1.00
C ILE A 60 -1.62 -8.14 0.97
N ASP A 61 -1.67 -8.72 -0.19
CA ASP A 61 -2.11 -10.13 -0.36
C ASP A 61 -1.26 -10.80 -1.42
N VAL A 62 -0.11 -11.31 -1.09
CA VAL A 62 0.65 -11.94 -2.22
C VAL A 62 0.61 -13.47 -2.19
N SER A 63 -0.20 -14.06 -1.35
CA SER A 63 -0.24 -15.54 -1.33
C SER A 63 -1.30 -16.05 -2.31
N GLU A 64 -1.53 -17.32 -2.21
CA GLU A 64 -2.53 -18.00 -3.08
C GLU A 64 -3.99 -17.96 -2.63
N ASN A 65 -4.24 -18.42 -1.44
CA ASN A 65 -5.65 -18.44 -0.92
C ASN A 65 -5.93 -17.58 0.30
N ARG A 66 -5.80 -16.30 0.12
CA ARG A 66 -6.04 -15.31 1.21
C ARG A 66 -5.45 -15.95 2.46
N ASP A 67 -4.22 -16.30 2.22
CA ASP A 67 -3.34 -16.97 3.20
C ASP A 67 -2.45 -15.90 3.84
N GLU A 68 -2.22 -14.93 3.01
CA GLU A 68 -1.38 -13.77 3.40
C GLU A 68 -2.17 -12.47 3.33
N ARG A 69 -2.42 -11.89 4.47
CA ARG A 69 -3.17 -10.61 4.51
C ARG A 69 -2.22 -9.69 5.28
N LEU A 70 -1.29 -9.10 4.57
CA LEU A 70 -0.34 -8.21 5.27
C LEU A 70 -0.93 -6.85 5.59
N VAL A 71 -0.35 -6.33 6.64
CA VAL A 71 -0.80 -5.01 7.12
C VAL A 71 0.38 -4.12 7.45
N LEU A 72 0.18 -2.85 7.18
CA LEU A 72 1.25 -1.85 7.45
C LEU A 72 0.60 -0.54 7.89
N ILE A 73 0.74 -0.16 9.13
CA ILE A 73 0.09 1.12 9.50
C ILE A 73 1.09 2.25 9.30
N ASN A 74 2.10 2.31 10.12
CA ASN A 74 3.10 3.40 9.95
C ASN A 74 4.44 2.79 9.59
N PRO A 75 4.50 2.27 8.39
CA PRO A 75 5.72 1.62 7.85
C PRO A 75 6.77 2.62 7.39
N GLU A 76 7.69 2.97 8.24
CA GLU A 76 8.71 3.93 7.75
C GLU A 76 9.60 3.00 6.94
N LEU A 77 10.27 3.58 5.98
CA LEU A 77 11.15 2.77 5.12
C LEU A 77 12.61 2.88 5.58
N LEU A 78 13.23 1.77 5.80
CA LEU A 78 14.65 1.80 6.26
C LEU A 78 15.59 1.34 5.14
N GLU A 79 15.33 0.14 4.69
CA GLU A 79 16.16 -0.44 3.61
C GLU A 79 15.36 -0.74 2.34
N LYS A 80 16.11 -0.81 1.30
CA LYS A 80 15.58 -1.11 -0.05
C LYS A 80 16.69 -1.77 -0.87
N SER A 81 16.85 -3.06 -0.74
CA SER A 81 17.93 -3.73 -1.51
C SER A 81 17.52 -4.27 -2.87
N GLY A 82 18.33 -3.92 -3.84
CA GLY A 82 18.06 -4.36 -5.23
C GLY A 82 17.10 -3.33 -5.83
N GLU A 83 17.01 -3.27 -7.12
CA GLU A 83 16.08 -2.28 -7.75
C GLU A 83 15.31 -2.91 -8.92
N THR A 84 14.16 -3.48 -8.63
CA THR A 84 13.39 -4.09 -9.75
C THR A 84 12.08 -3.34 -9.95
N GLY A 85 11.40 -3.72 -11.00
CA GLY A 85 10.10 -3.10 -11.34
C GLY A 85 9.10 -4.22 -11.67
N ILE A 86 7.89 -3.81 -11.88
CA ILE A 86 6.83 -4.80 -12.22
C ILE A 86 5.96 -4.37 -13.40
N GLU A 87 5.51 -5.31 -14.17
CA GLU A 87 4.64 -4.93 -15.34
C GLU A 87 3.26 -5.04 -14.70
N GLU A 88 3.03 -4.21 -13.71
CA GLU A 88 1.71 -4.26 -13.02
C GLU A 88 0.98 -2.92 -12.86
N GLY A 89 -0.27 -3.05 -12.50
CA GLY A 89 -1.13 -1.87 -12.29
C GLY A 89 -1.70 -1.95 -10.89
N CYS A 90 -2.02 -0.79 -10.36
CA CYS A 90 -2.58 -0.72 -8.98
C CYS A 90 -4.11 -0.73 -9.00
N LEU A 91 -4.74 0.24 -8.40
CA LEU A 91 -6.24 0.27 -8.40
C LEU A 91 -6.80 1.53 -9.06
N SER A 92 -6.77 2.60 -8.31
CA SER A 92 -7.26 3.94 -8.78
C SER A 92 -7.06 4.12 -10.28
N ILE A 93 -5.83 3.78 -10.58
CA ILE A 93 -5.21 3.80 -11.93
C ILE A 93 -6.17 3.53 -13.09
N PRO A 94 -5.87 4.05 -14.26
CA PRO A 94 -6.74 3.84 -15.45
C PRO A 94 -6.38 2.55 -16.18
N GLU A 95 -7.17 2.30 -17.19
CA GLU A 95 -7.05 1.11 -18.09
C GLU A 95 -5.64 0.55 -18.30
N GLN A 96 -4.65 1.40 -18.31
CA GLN A 96 -3.27 0.90 -18.53
C GLN A 96 -2.59 0.29 -17.30
N ARG A 97 -1.46 -0.30 -17.61
CA ARG A 97 -0.60 -0.98 -16.59
C ARG A 97 0.78 -0.35 -16.77
N ALA A 98 1.71 -0.69 -15.91
CA ALA A 98 3.06 -0.07 -16.11
C ALA A 98 4.21 -0.98 -15.70
N LEU A 99 5.33 -0.65 -16.26
CA LEU A 99 6.60 -1.39 -16.00
C LEU A 99 7.37 -0.28 -15.29
N VAL A 100 6.95 -0.10 -14.07
CA VAL A 100 7.55 0.95 -13.21
C VAL A 100 8.71 0.52 -12.31
N PRO A 101 9.70 1.35 -12.25
CA PRO A 101 10.90 1.07 -11.42
C PRO A 101 10.51 1.39 -9.98
N ARG A 102 10.61 0.31 -9.27
CA ARG A 102 10.29 0.28 -7.82
C ARG A 102 11.62 -0.24 -7.26
N ALA A 103 11.58 -0.81 -6.09
CA ALA A 103 12.84 -1.35 -5.49
C ALA A 103 12.64 -2.85 -5.63
N GLU A 104 13.59 -3.60 -5.16
CA GLU A 104 13.43 -5.08 -5.26
C GLU A 104 13.09 -5.66 -3.90
N LYS A 105 13.92 -5.36 -2.94
CA LYS A 105 13.71 -5.86 -1.56
C LYS A 105 13.74 -4.63 -0.67
N VAL A 106 13.10 -4.71 0.48
CA VAL A 106 13.08 -3.57 1.42
C VAL A 106 12.98 -4.01 2.88
N LYS A 107 13.32 -3.14 3.78
CA LYS A 107 13.22 -3.49 5.22
C LYS A 107 12.50 -2.31 5.89
N ILE A 108 11.34 -2.53 6.47
CA ILE A 108 10.59 -1.43 7.13
C ILE A 108 10.26 -1.73 8.59
N ARG A 109 9.70 -0.72 9.19
CA ARG A 109 9.29 -0.87 10.61
C ARG A 109 7.88 -0.28 10.61
N ALA A 110 6.93 -1.06 11.04
CA ALA A 110 5.50 -0.63 11.07
C ALA A 110 4.88 -0.93 12.43
N LEU A 111 3.57 -0.83 12.42
CA LEU A 111 2.70 -1.08 13.60
C LEU A 111 1.62 -1.92 12.93
N ASP A 112 0.91 -2.74 13.65
CA ASP A 112 -0.12 -3.58 12.98
C ASP A 112 -1.54 -3.24 13.42
N ARG A 113 -2.42 -4.04 12.88
CA ARG A 113 -3.88 -3.97 13.13
C ARG A 113 -4.21 -3.44 14.52
N ASP A 114 -3.50 -3.99 15.47
CA ASP A 114 -3.67 -3.62 16.91
C ASP A 114 -2.83 -2.42 17.34
N GLY A 115 -1.61 -2.45 16.86
CA GLY A 115 -0.60 -1.40 17.12
C GLY A 115 0.60 -2.10 17.75
N LYS A 116 0.96 -3.16 17.08
CA LYS A 116 2.12 -3.97 17.53
C LYS A 116 3.16 -3.63 16.48
N PRO A 117 4.30 -3.19 16.94
CA PRO A 117 5.43 -2.80 16.06
C PRO A 117 6.29 -3.94 15.57
N PHE A 118 6.44 -3.95 14.28
CA PHE A 118 7.26 -5.01 13.63
C PHE A 118 8.22 -4.44 12.62
N GLU A 119 9.30 -5.14 12.43
CA GLU A 119 10.30 -4.66 11.43
C GLU A 119 10.25 -5.82 10.45
N LEU A 120 9.54 -5.50 9.41
CA LEU A 120 9.29 -6.43 8.30
C LEU A 120 10.13 -6.18 7.06
N GLU A 121 10.66 -7.21 6.46
CA GLU A 121 11.44 -6.90 5.24
C GLU A 121 10.75 -7.76 4.20
N ALA A 122 10.84 -7.29 2.99
CA ALA A 122 10.22 -7.99 1.85
C ALA A 122 11.19 -8.09 0.69
N ASP A 123 10.83 -8.92 -0.24
CA ASP A 123 11.67 -9.11 -1.43
C ASP A 123 10.71 -8.87 -2.59
N GLY A 124 11.27 -8.83 -3.77
CA GLY A 124 10.50 -8.61 -5.04
C GLY A 124 9.06 -8.08 -4.91
N LEU A 125 8.22 -8.61 -5.75
CA LEU A 125 6.77 -8.22 -5.77
C LEU A 125 6.03 -7.81 -4.49
N LEU A 126 6.32 -8.35 -3.34
CA LEU A 126 5.55 -7.89 -2.15
C LEU A 126 6.19 -6.55 -1.81
N ALA A 127 7.49 -6.55 -1.77
CA ALA A 127 8.20 -5.27 -1.46
C ALA A 127 7.50 -4.27 -2.39
N ILE A 128 7.59 -4.57 -3.64
CA ILE A 128 6.98 -3.73 -4.70
C ILE A 128 5.59 -3.21 -4.32
N CYS A 129 4.84 -4.15 -3.83
CA CYS A 129 3.44 -3.89 -3.39
C CYS A 129 3.39 -2.69 -2.47
N ILE A 130 4.14 -2.80 -1.40
CA ILE A 130 4.16 -1.68 -0.43
C ILE A 130 4.76 -0.40 -1.00
N GLN A 131 5.94 -0.55 -1.52
CA GLN A 131 6.69 0.60 -2.13
C GLN A 131 5.70 1.52 -2.83
N HIS A 132 5.07 0.84 -3.75
CA HIS A 132 4.04 1.47 -4.61
C HIS A 132 3.01 2.24 -3.78
N GLU A 133 2.35 1.47 -2.94
CA GLU A 133 1.31 2.07 -2.06
C GLU A 133 1.83 3.27 -1.27
N MET A 134 3.11 3.26 -0.98
CA MET A 134 3.68 4.40 -0.20
C MET A 134 3.79 5.62 -1.09
N ASP A 135 4.09 5.41 -2.35
CA ASP A 135 4.21 6.57 -3.26
C ASP A 135 2.82 7.20 -3.09
N HIS A 136 1.82 6.36 -3.01
CA HIS A 136 0.46 6.95 -2.85
C HIS A 136 0.24 7.66 -1.50
N LEU A 137 0.71 7.08 -0.42
CA LEU A 137 0.51 7.75 0.89
C LEU A 137 1.05 9.19 0.92
N VAL A 138 2.14 9.41 0.23
CA VAL A 138 2.69 10.80 0.23
C VAL A 138 1.84 11.53 -0.81
N GLY A 139 1.48 10.83 -1.86
CA GLY A 139 0.65 11.47 -2.90
C GLY A 139 1.12 11.58 -4.34
N LYS A 140 1.83 10.58 -4.77
CA LYS A 140 2.33 10.55 -6.17
C LYS A 140 1.66 9.26 -6.60
N LEU A 141 1.31 9.15 -7.84
CA LEU A 141 0.68 7.86 -8.25
C LEU A 141 1.88 7.21 -8.88
N PHE A 142 1.77 6.03 -9.40
CA PHE A 142 3.05 5.57 -9.98
C PHE A 142 3.08 6.16 -11.38
N MET A 143 2.24 7.12 -11.62
CA MET A 143 2.23 7.73 -12.97
C MET A 143 3.10 8.98 -13.07
N ASP A 144 4.19 8.91 -12.35
CA ASP A 144 5.16 10.04 -12.36
C ASP A 144 6.04 9.50 -13.49
N TYR A 145 6.26 8.23 -13.33
CA TYR A 145 7.07 7.39 -14.26
C TYR A 145 6.22 6.95 -15.44
N LEU A 146 4.98 7.36 -15.44
CA LEU A 146 4.09 6.98 -16.56
C LEU A 146 3.50 8.23 -17.22
N SER A 147 2.95 9.09 -16.41
CA SER A 147 2.35 10.34 -16.93
C SER A 147 3.19 11.53 -16.43
N VAL A 2 -17.76 -3.27 0.48
CA VAL A 2 -16.34 -2.78 0.46
C VAL A 2 -16.36 -1.27 0.67
N LEU A 3 -15.22 -0.68 0.44
CA LEU A 3 -15.10 0.80 0.60
C LEU A 3 -15.24 1.58 -0.69
N GLN A 4 -15.23 2.86 -0.48
CA GLN A 4 -15.35 3.83 -1.59
C GLN A 4 -13.96 4.23 -2.07
N VAL A 5 -13.44 3.50 -3.01
CA VAL A 5 -12.09 3.86 -3.50
C VAL A 5 -12.30 4.83 -4.64
N LEU A 6 -11.29 5.63 -4.85
CA LEU A 6 -11.38 6.65 -5.92
C LEU A 6 -10.50 6.22 -7.09
N HIS A 7 -10.67 6.90 -8.18
CA HIS A 7 -9.88 6.60 -9.41
C HIS A 7 -8.98 7.81 -9.65
N ILE A 8 -8.19 7.72 -10.69
CA ILE A 8 -7.29 8.85 -10.98
C ILE A 8 -7.78 9.74 -12.14
N PRO A 9 -7.41 11.00 -12.11
CA PRO A 9 -6.59 11.62 -11.04
C PRO A 9 -7.55 12.00 -9.92
N ASP A 10 -7.06 12.13 -8.71
CA ASP A 10 -7.98 12.49 -7.59
C ASP A 10 -7.29 13.49 -6.66
N GLU A 11 -7.81 13.59 -5.47
CA GLU A 11 -7.23 14.53 -4.47
C GLU A 11 -6.55 13.69 -3.39
N ARG A 12 -7.30 12.78 -2.82
CA ARG A 12 -6.76 11.91 -1.75
C ARG A 12 -5.63 11.05 -2.33
N LEU A 13 -5.89 10.49 -3.48
CA LEU A 13 -4.90 9.64 -4.18
C LEU A 13 -3.55 10.34 -4.30
N ARG A 14 -3.58 11.63 -4.50
CA ARG A 14 -2.31 12.38 -4.65
C ARG A 14 -1.91 13.24 -3.44
N LYS A 15 -2.66 13.06 -2.39
CA LYS A 15 -2.41 13.82 -1.13
C LYS A 15 -1.47 13.07 -0.19
N VAL A 16 -1.04 13.80 0.79
CA VAL A 16 -0.12 13.25 1.82
C VAL A 16 -0.98 12.96 3.04
N ALA A 17 -0.72 11.88 3.73
CA ALA A 17 -1.54 11.54 4.93
C ALA A 17 -0.75 11.96 6.16
N LYS A 18 -1.33 11.68 7.29
CA LYS A 18 -0.63 12.03 8.57
C LYS A 18 -0.25 10.71 9.22
N PRO A 19 1.00 10.58 9.61
CA PRO A 19 1.49 9.35 10.26
C PRO A 19 1.04 9.38 11.72
N VAL A 20 0.94 8.23 12.32
CA VAL A 20 0.53 8.16 13.74
C VAL A 20 1.68 7.50 14.49
N GLU A 21 1.61 7.49 15.78
CA GLU A 21 2.69 6.86 16.60
C GLU A 21 2.16 5.55 17.16
N GLU A 22 0.95 5.60 17.63
CA GLU A 22 0.31 4.38 18.20
C GLU A 22 -0.88 3.99 17.33
N VAL A 23 -1.34 2.78 17.49
CA VAL A 23 -2.50 2.30 16.69
C VAL A 23 -3.55 1.86 17.69
N ASN A 24 -4.59 1.44 17.05
CA ASN A 24 -5.78 0.95 17.77
C ASN A 24 -6.59 -0.17 17.10
N ALA A 25 -7.85 -0.20 17.42
CA ALA A 25 -8.78 -1.22 16.85
C ALA A 25 -9.67 -0.54 15.79
N GLU A 26 -9.26 0.65 15.46
CA GLU A 26 -9.96 1.49 14.45
C GLU A 26 -9.14 1.29 13.19
N ILE A 27 -7.90 1.03 13.48
CA ILE A 27 -6.91 0.79 12.41
C ILE A 27 -7.21 -0.60 11.93
N GLN A 28 -7.08 -1.50 12.86
CA GLN A 28 -7.36 -2.95 12.58
C GLN A 28 -8.57 -2.96 11.63
N ARG A 29 -9.53 -2.18 12.06
CA ARG A 29 -10.81 -1.98 11.35
C ARG A 29 -10.57 -1.49 9.94
N ILE A 30 -9.80 -0.44 9.82
CA ILE A 30 -9.53 0.06 8.45
C ILE A 30 -8.89 -1.08 7.67
N VAL A 31 -7.79 -1.53 8.18
CA VAL A 31 -6.98 -2.64 7.61
C VAL A 31 -7.83 -3.74 7.03
N ASP A 32 -8.80 -4.10 7.82
CA ASP A 32 -9.66 -5.18 7.33
C ASP A 32 -10.49 -4.67 6.16
N ASP A 33 -11.08 -3.54 6.37
CA ASP A 33 -11.91 -2.93 5.30
C ASP A 33 -11.04 -2.76 4.04
N MET A 34 -9.77 -2.60 4.26
CA MET A 34 -8.84 -2.42 3.13
C MET A 34 -8.69 -3.75 2.42
N PHE A 35 -8.65 -4.81 3.16
CA PHE A 35 -8.52 -6.11 2.47
C PHE A 35 -9.83 -6.33 1.71
N GLU A 36 -10.87 -6.26 2.48
CA GLU A 36 -12.28 -6.41 2.05
C GLU A 36 -12.47 -5.81 0.65
N THR A 37 -11.86 -4.66 0.53
CA THR A 37 -11.91 -3.89 -0.75
C THR A 37 -10.76 -4.25 -1.70
N MET A 38 -9.56 -3.97 -1.29
CA MET A 38 -8.32 -4.27 -2.09
C MET A 38 -8.56 -5.56 -2.89
N TYR A 39 -9.07 -6.49 -2.12
CA TYR A 39 -9.41 -7.86 -2.63
C TYR A 39 -10.40 -7.77 -3.80
N ALA A 40 -11.54 -7.31 -3.39
CA ALA A 40 -12.78 -7.09 -4.20
C ALA A 40 -12.51 -6.65 -5.63
N GLU A 41 -11.47 -5.87 -5.70
CA GLU A 41 -11.08 -5.32 -7.01
C GLU A 41 -10.02 -6.21 -7.65
N GLU A 42 -8.92 -5.59 -7.96
CA GLU A 42 -7.79 -6.33 -8.60
C GLU A 42 -6.43 -5.79 -8.17
N GLY A 43 -6.22 -5.66 -6.89
CA GLY A 43 -4.91 -5.14 -6.44
C GLY A 43 -4.27 -6.06 -5.41
N ILE A 44 -2.96 -6.01 -5.37
CA ILE A 44 -2.22 -6.86 -4.40
C ILE A 44 -2.03 -5.99 -3.18
N GLY A 45 -1.76 -4.73 -3.43
CA GLY A 45 -1.55 -3.76 -2.31
C GLY A 45 -2.41 -2.50 -2.48
N LEU A 46 -3.07 -2.14 -1.41
CA LEU A 46 -3.94 -0.93 -1.39
C LEU A 46 -3.41 -0.01 -0.30
N ALA A 47 -3.54 1.28 -0.50
CA ALA A 47 -3.04 2.24 0.53
C ALA A 47 -4.34 2.84 1.07
N ALA A 48 -4.34 3.45 2.23
CA ALA A 48 -5.63 4.01 2.68
C ALA A 48 -5.74 5.51 2.42
N THR A 49 -5.21 5.84 1.27
CA THR A 49 -5.20 7.23 0.76
C THR A 49 -6.06 7.08 -0.48
N GLN A 50 -6.55 5.89 -0.67
CA GLN A 50 -7.39 5.66 -1.87
C GLN A 50 -8.84 5.43 -1.50
N VAL A 51 -9.14 5.16 -0.26
CA VAL A 51 -10.59 4.98 0.03
C VAL A 51 -10.73 6.49 0.29
N ASP A 52 -10.72 6.89 1.53
CA ASP A 52 -10.79 8.33 1.87
C ASP A 52 -10.40 8.30 3.35
N ILE A 53 -9.16 8.57 3.64
CA ILE A 53 -8.67 8.58 5.05
C ILE A 53 -7.34 9.33 5.00
N HIS A 54 -6.96 10.02 6.03
CA HIS A 54 -5.66 10.74 5.98
C HIS A 54 -4.75 10.17 7.05
N GLN A 55 -4.69 8.86 7.02
CA GLN A 55 -3.85 8.13 8.00
C GLN A 55 -3.02 7.14 7.19
N ARG A 56 -2.18 6.42 7.87
CA ARG A 56 -1.31 5.42 7.19
C ARG A 56 -1.74 3.99 7.49
N ILE A 57 -2.35 3.37 6.53
CA ILE A 57 -2.81 1.97 6.70
C ILE A 57 -2.77 1.40 5.29
N ILE A 58 -2.11 0.29 5.09
CA ILE A 58 -2.09 -0.29 3.71
C ILE A 58 -2.13 -1.80 3.92
N VAL A 59 -2.68 -2.51 2.98
CA VAL A 59 -2.74 -3.99 3.13
C VAL A 59 -2.10 -4.63 1.90
N ILE A 60 -1.71 -5.87 2.04
CA ILE A 60 -1.09 -6.60 0.91
C ILE A 60 -1.59 -8.05 0.86
N ASP A 61 -1.68 -8.60 -0.32
CA ASP A 61 -2.14 -10.02 -0.52
C ASP A 61 -1.29 -10.68 -1.60
N VAL A 62 -0.16 -11.21 -1.24
CA VAL A 62 0.63 -11.84 -2.33
C VAL A 62 0.66 -13.37 -2.30
N SER A 63 -0.12 -13.99 -1.46
CA SER A 63 -0.07 -15.48 -1.45
C SER A 63 -1.10 -16.07 -2.41
N GLU A 64 -1.17 -17.38 -2.36
CA GLU A 64 -2.11 -18.13 -3.23
C GLU A 64 -3.61 -17.84 -3.03
N ASN A 65 -4.09 -18.15 -1.86
CA ASN A 65 -5.54 -17.92 -1.56
C ASN A 65 -5.87 -16.99 -0.39
N ARG A 66 -5.60 -15.72 -0.56
CA ARG A 66 -5.87 -14.71 0.50
C ARG A 66 -5.51 -15.40 1.82
N ASP A 67 -4.30 -15.88 1.73
CA ASP A 67 -3.64 -16.63 2.81
C ASP A 67 -2.64 -15.77 3.59
N GLU A 68 -2.08 -14.86 2.85
CA GLU A 68 -1.07 -13.92 3.40
C GLU A 68 -1.60 -12.48 3.33
N ARG A 69 -2.37 -12.15 4.32
CA ARG A 69 -2.97 -10.78 4.37
C ARG A 69 -2.02 -9.85 5.14
N LEU A 70 -1.18 -9.17 4.42
CA LEU A 70 -0.25 -8.25 5.12
C LEU A 70 -0.88 -6.92 5.50
N VAL A 71 -0.31 -6.40 6.54
CA VAL A 71 -0.80 -5.12 7.08
C VAL A 71 0.37 -4.20 7.40
N LEU A 72 0.17 -2.94 7.17
CA LEU A 72 1.23 -1.93 7.46
C LEU A 72 0.55 -0.65 7.91
N ILE A 73 0.75 -0.22 9.13
CA ILE A 73 0.07 1.04 9.52
C ILE A 73 1.03 2.20 9.30
N ASN A 74 2.05 2.29 10.09
CA ASN A 74 3.01 3.40 9.90
C ASN A 74 4.35 2.79 9.49
N PRO A 75 4.37 2.25 8.29
CA PRO A 75 5.58 1.61 7.75
C PRO A 75 6.55 2.66 7.22
N GLU A 76 7.55 2.96 8.00
CA GLU A 76 8.47 4.00 7.47
C GLU A 76 9.46 3.06 6.78
N LEU A 77 10.11 3.64 5.81
CA LEU A 77 11.09 2.85 5.02
C LEU A 77 12.48 2.97 5.66
N LEU A 78 13.05 1.84 5.93
CA LEU A 78 14.40 1.80 6.56
C LEU A 78 15.41 1.34 5.52
N GLU A 79 15.11 0.23 4.90
CA GLU A 79 16.01 -0.35 3.87
C GLU A 79 15.23 -0.69 2.60
N LYS A 80 15.98 -0.69 1.54
CA LYS A 80 15.47 -0.99 0.19
C LYS A 80 16.60 -1.58 -0.66
N SER A 81 16.77 -2.88 -0.62
CA SER A 81 17.87 -3.49 -1.42
C SER A 81 17.49 -4.01 -2.79
N GLY A 82 18.27 -3.61 -3.75
CA GLY A 82 18.03 -4.03 -5.15
C GLY A 82 17.05 -3.03 -5.78
N GLU A 83 16.97 -3.01 -7.08
CA GLU A 83 16.04 -2.06 -7.75
C GLU A 83 15.29 -2.71 -8.90
N THR A 84 14.15 -3.30 -8.63
CA THR A 84 13.40 -3.94 -9.75
C THR A 84 12.07 -3.23 -9.98
N GLY A 85 11.40 -3.64 -11.02
CA GLY A 85 10.08 -3.05 -11.38
C GLY A 85 9.11 -4.19 -11.66
N ILE A 86 7.88 -3.82 -11.87
CA ILE A 86 6.84 -4.84 -12.15
C ILE A 86 5.90 -4.47 -13.30
N GLU A 87 5.45 -5.44 -14.04
CA GLU A 87 4.50 -5.12 -15.15
C GLU A 87 3.19 -5.29 -14.42
N GLU A 88 2.95 -4.41 -13.48
CA GLU A 88 1.70 -4.49 -12.69
C GLU A 88 0.91 -3.20 -12.55
N GLY A 89 -0.30 -3.36 -12.10
CA GLY A 89 -1.21 -2.20 -11.90
C GLY A 89 -1.72 -2.25 -10.46
N CYS A 90 -2.06 -1.09 -9.98
CA CYS A 90 -2.58 -0.95 -8.60
C CYS A 90 -4.10 -1.03 -8.61
N LEU A 91 -4.77 -0.04 -8.06
CA LEU A 91 -6.26 -0.06 -8.04
C LEU A 91 -6.84 1.17 -8.74
N SER A 92 -6.76 2.27 -8.04
CA SER A 92 -7.26 3.59 -8.52
C SER A 92 -7.15 3.70 -10.05
N ILE A 93 -5.95 3.35 -10.39
CA ILE A 93 -5.37 3.30 -11.77
C ILE A 93 -6.39 2.98 -12.87
N PRO A 94 -6.15 3.45 -14.07
CA PRO A 94 -7.06 3.22 -15.22
C PRO A 94 -6.64 2.03 -16.09
N GLU A 95 -7.36 1.93 -17.18
CA GLU A 95 -7.21 0.88 -18.22
C GLU A 95 -5.81 0.28 -18.40
N GLN A 96 -4.79 1.08 -18.30
CA GLN A 96 -3.41 0.52 -18.49
C GLN A 96 -2.72 0.07 -17.20
N ARG A 97 -1.68 -0.68 -17.42
CA ARG A 97 -0.85 -1.23 -16.32
C ARG A 97 0.54 -0.62 -16.53
N ALA A 98 1.46 -0.83 -15.62
CA ALA A 98 2.79 -0.20 -15.88
C ALA A 98 3.97 -1.08 -15.52
N LEU A 99 5.08 -0.70 -16.09
CA LEU A 99 6.37 -1.40 -15.87
C LEU A 99 7.15 -0.28 -15.20
N VAL A 100 6.74 -0.07 -13.97
CA VAL A 100 7.35 0.98 -13.13
C VAL A 100 8.52 0.56 -12.26
N PRO A 101 9.51 1.41 -12.23
CA PRO A 101 10.73 1.14 -11.43
C PRO A 101 10.36 1.44 -9.98
N ARG A 102 10.51 0.37 -9.26
CA ARG A 102 10.22 0.33 -7.81
C ARG A 102 11.56 -0.15 -7.26
N ALA A 103 11.54 -0.71 -6.08
CA ALA A 103 12.81 -1.23 -5.49
C ALA A 103 12.64 -2.73 -5.62
N GLU A 104 13.60 -3.48 -5.15
CA GLU A 104 13.46 -4.95 -5.25
C GLU A 104 13.12 -5.54 -3.89
N LYS A 105 13.94 -5.22 -2.92
CA LYS A 105 13.72 -5.74 -1.55
C LYS A 105 13.72 -4.54 -0.62
N VAL A 106 13.12 -4.70 0.53
CA VAL A 106 13.04 -3.60 1.53
C VAL A 106 12.99 -4.16 2.95
N LYS A 107 13.33 -3.32 3.89
CA LYS A 107 13.27 -3.74 5.32
C LYS A 107 12.63 -2.52 6.01
N ILE A 108 11.37 -2.61 6.37
CA ILE A 108 10.67 -1.47 7.04
C ILE A 108 10.34 -1.77 8.48
N ARG A 109 9.80 -0.74 9.07
CA ARG A 109 9.38 -0.84 10.49
C ARG A 109 7.96 -0.23 10.52
N ALA A 110 7.02 -1.04 10.95
CA ALA A 110 5.59 -0.62 11.02
C ALA A 110 4.94 -0.95 12.37
N LEU A 111 3.64 -0.82 12.36
CA LEU A 111 2.75 -1.10 13.53
C LEU A 111 1.68 -1.96 12.87
N ASP A 112 0.94 -2.74 13.61
CA ASP A 112 -0.09 -3.60 12.95
C ASP A 112 -1.51 -3.20 13.34
N ARG A 113 -2.41 -3.96 12.77
CA ARG A 113 -3.87 -3.82 12.96
C ARG A 113 -4.23 -3.23 14.34
N ASP A 114 -3.65 -3.86 15.33
CA ASP A 114 -3.84 -3.48 16.74
C ASP A 114 -2.96 -2.31 17.17
N GLY A 115 -1.73 -2.43 16.78
CA GLY A 115 -0.66 -1.44 17.07
C GLY A 115 0.51 -2.21 17.65
N LYS A 116 0.87 -3.22 16.92
CA LYS A 116 2.01 -4.11 17.29
C LYS A 116 3.10 -3.69 16.32
N PRO A 117 4.18 -3.20 16.86
CA PRO A 117 5.34 -2.74 16.05
C PRO A 117 6.26 -3.85 15.56
N PHE A 118 6.49 -3.81 14.28
CA PHE A 118 7.38 -4.81 13.65
C PHE A 118 8.37 -4.18 12.71
N GLU A 119 9.26 -5.02 12.26
CA GLU A 119 10.32 -4.59 11.31
C GLU A 119 10.24 -5.75 10.31
N LEU A 120 9.54 -5.42 9.27
CA LEU A 120 9.29 -6.38 8.16
C LEU A 120 10.16 -6.22 6.93
N GLU A 121 10.73 -7.30 6.50
CA GLU A 121 11.57 -7.18 5.29
C GLU A 121 10.93 -8.10 4.26
N ALA A 122 10.93 -7.53 3.09
CA ALA A 122 10.34 -8.18 1.90
C ALA A 122 11.30 -8.17 0.71
N ASP A 123 10.97 -9.00 -0.24
CA ASP A 123 11.80 -9.10 -1.46
C ASP A 123 10.81 -8.84 -2.59
N GLY A 124 11.35 -8.75 -3.76
CA GLY A 124 10.57 -8.50 -5.01
C GLY A 124 9.12 -8.01 -4.86
N LEU A 125 8.27 -8.54 -5.71
CA LEU A 125 6.81 -8.19 -5.72
C LEU A 125 6.07 -7.78 -4.44
N LEU A 126 6.37 -8.33 -3.29
CA LEU A 126 5.59 -7.86 -2.11
C LEU A 126 6.21 -6.52 -1.76
N ALA A 127 7.52 -6.51 -1.71
CA ALA A 127 8.22 -5.23 -1.39
C ALA A 127 7.52 -4.24 -2.32
N ILE A 128 7.61 -4.56 -3.59
CA ILE A 128 6.99 -3.72 -4.65
C ILE A 128 5.59 -3.23 -4.28
N CYS A 129 4.85 -4.18 -3.78
CA CYS A 129 3.43 -3.93 -3.37
C CYS A 129 3.37 -2.72 -2.44
N ILE A 130 4.11 -2.82 -1.38
CA ILE A 130 4.11 -1.69 -0.41
C ILE A 130 4.70 -0.42 -1.01
N GLN A 131 5.90 -0.54 -1.50
CA GLN A 131 6.63 0.60 -2.13
C GLN A 131 5.65 1.52 -2.84
N HIS A 132 5.01 0.83 -3.74
CA HIS A 132 3.98 1.45 -4.61
C HIS A 132 2.94 2.20 -3.76
N GLU A 133 2.32 1.43 -2.92
CA GLU A 133 1.28 2.00 -2.01
C GLU A 133 1.83 3.16 -1.18
N MET A 134 3.13 3.22 -1.02
CA MET A 134 3.71 4.33 -0.22
C MET A 134 3.88 5.56 -1.10
N ASP A 135 4.11 5.37 -2.38
CA ASP A 135 4.27 6.57 -3.24
C ASP A 135 2.90 7.22 -3.03
N HIS A 136 1.91 6.37 -2.96
CA HIS A 136 0.53 6.91 -2.75
C HIS A 136 0.38 7.62 -1.40
N LEU A 137 0.81 6.96 -0.35
CA LEU A 137 0.69 7.59 0.99
C LEU A 137 1.41 8.94 1.07
N VAL A 138 2.37 9.16 0.22
CA VAL A 138 3.09 10.47 0.29
C VAL A 138 2.63 11.44 -0.80
N GLY A 139 1.69 11.07 -1.62
CA GLY A 139 1.24 12.03 -2.66
C GLY A 139 1.42 11.69 -4.13
N LYS A 140 2.29 10.79 -4.51
CA LYS A 140 2.37 10.54 -5.98
C LYS A 140 1.66 9.23 -6.30
N LEU A 141 1.21 9.16 -7.52
CA LEU A 141 0.51 7.92 -7.93
C LEU A 141 1.67 7.25 -8.63
N PHE A 142 1.57 6.04 -9.13
CA PHE A 142 2.82 5.60 -9.77
C PHE A 142 2.81 6.14 -11.20
N MET A 143 2.06 7.19 -11.43
CA MET A 143 2.04 7.73 -12.82
C MET A 143 2.94 8.95 -12.96
N ASP A 144 4.06 8.86 -12.33
CA ASP A 144 5.04 9.98 -12.43
C ASP A 144 5.83 9.44 -13.60
N TYR A 145 6.09 8.17 -13.42
CA TYR A 145 6.83 7.31 -14.36
C TYR A 145 5.93 6.86 -15.50
N LEU A 146 4.69 7.28 -15.42
CA LEU A 146 3.72 6.89 -16.50
C LEU A 146 3.15 8.13 -17.16
N SER A 147 2.77 9.09 -16.36
CA SER A 147 2.20 10.35 -16.91
C SER A 147 3.17 11.50 -16.63
N VAL A 2 -17.82 -3.18 0.79
CA VAL A 2 -16.40 -2.73 0.74
C VAL A 2 -16.38 -1.20 0.87
N LEU A 3 -15.22 -0.65 0.62
CA LEU A 3 -15.06 0.82 0.74
C LEU A 3 -15.24 1.55 -0.59
N GLN A 4 -15.15 2.84 -0.43
CA GLN A 4 -15.30 3.76 -1.58
C GLN A 4 -13.92 4.12 -2.16
N VAL A 5 -13.45 3.32 -3.07
CA VAL A 5 -12.12 3.65 -3.64
C VAL A 5 -12.37 4.56 -4.83
N LEU A 6 -11.39 5.39 -5.07
CA LEU A 6 -11.50 6.35 -6.19
C LEU A 6 -10.60 5.95 -7.35
N HIS A 7 -10.92 6.44 -8.52
CA HIS A 7 -10.10 6.11 -9.72
C HIS A 7 -9.49 7.44 -10.10
N ILE A 8 -8.41 7.40 -10.83
CA ILE A 8 -7.79 8.70 -11.20
C ILE A 8 -8.52 9.46 -12.30
N PRO A 9 -8.36 10.76 -12.31
CA PRO A 9 -7.53 11.54 -11.34
C PRO A 9 -8.30 11.79 -10.03
N ASP A 10 -7.56 12.00 -8.98
CA ASP A 10 -8.19 12.25 -7.65
C ASP A 10 -7.39 13.32 -6.90
N GLU A 11 -7.69 13.42 -5.64
CA GLU A 11 -7.01 14.40 -4.75
C GLU A 11 -6.31 13.60 -3.65
N ARG A 12 -7.08 12.78 -2.98
CA ARG A 12 -6.57 11.92 -1.88
C ARG A 12 -5.33 11.13 -2.30
N LEU A 13 -5.47 10.48 -3.43
CA LEU A 13 -4.37 9.66 -4.00
C LEU A 13 -3.06 10.43 -4.05
N ARG A 14 -3.18 11.68 -4.43
CA ARG A 14 -1.97 12.54 -4.53
C ARG A 14 -1.80 13.51 -3.37
N LYS A 15 -2.67 13.38 -2.40
CA LYS A 15 -2.58 14.27 -1.22
C LYS A 15 -1.71 13.47 -0.26
N VAL A 16 -1.35 14.07 0.85
CA VAL A 16 -0.50 13.34 1.82
C VAL A 16 -1.39 12.83 2.97
N ALA A 17 -0.81 11.99 3.78
CA ALA A 17 -1.53 11.42 4.95
C ALA A 17 -0.77 11.90 6.20
N LYS A 18 -1.24 11.46 7.32
CA LYS A 18 -0.59 11.85 8.60
C LYS A 18 -0.16 10.53 9.25
N PRO A 19 1.06 10.46 9.70
CA PRO A 19 1.57 9.22 10.34
C PRO A 19 1.03 9.22 11.77
N VAL A 20 0.85 8.05 12.32
CA VAL A 20 0.33 7.97 13.71
C VAL A 20 1.44 7.28 14.51
N GLU A 21 1.28 7.27 15.80
CA GLU A 21 2.31 6.63 16.67
C GLU A 21 1.65 5.46 17.40
N GLU A 22 0.47 5.70 17.89
CA GLU A 22 -0.27 4.64 18.62
C GLU A 22 -1.45 4.17 17.76
N VAL A 23 -1.65 2.88 17.77
CA VAL A 23 -2.76 2.26 16.98
C VAL A 23 -3.67 1.67 18.03
N ASN A 24 -4.71 1.18 17.42
CA ASN A 24 -5.82 0.52 18.16
C ASN A 24 -6.57 -0.58 17.42
N ALA A 25 -7.84 -0.69 17.71
CA ALA A 25 -8.69 -1.72 17.07
C ALA A 25 -9.64 -0.98 16.10
N GLU A 26 -9.17 0.17 15.72
CA GLU A 26 -9.89 1.08 14.77
C GLU A 26 -9.10 1.11 13.46
N ILE A 27 -7.84 0.81 13.64
CA ILE A 27 -6.89 0.79 12.51
C ILE A 27 -7.05 -0.67 12.07
N GLN A 28 -7.17 -1.53 13.05
CA GLN A 28 -7.34 -2.98 12.71
C GLN A 28 -8.54 -2.98 11.76
N ARG A 29 -9.47 -2.16 12.17
CA ARG A 29 -10.76 -1.93 11.46
C ARG A 29 -10.49 -1.32 10.09
N ILE A 30 -9.57 -0.40 10.00
CA ILE A 30 -9.36 0.15 8.63
C ILE A 30 -8.77 -1.00 7.81
N VAL A 31 -7.66 -1.48 8.28
CA VAL A 31 -6.91 -2.61 7.67
C VAL A 31 -7.82 -3.68 7.10
N ASP A 32 -8.73 -4.03 7.98
CA ASP A 32 -9.68 -5.09 7.57
C ASP A 32 -10.52 -4.59 6.41
N ASP A 33 -11.06 -3.43 6.59
CA ASP A 33 -11.89 -2.84 5.51
C ASP A 33 -11.05 -2.74 4.23
N MET A 34 -9.77 -2.56 4.43
CA MET A 34 -8.86 -2.43 3.27
C MET A 34 -8.73 -3.80 2.61
N PHE A 35 -8.72 -4.84 3.39
CA PHE A 35 -8.60 -6.15 2.73
C PHE A 35 -9.92 -6.38 2.00
N GLU A 36 -10.95 -6.31 2.79
CA GLU A 36 -12.36 -6.47 2.36
C GLU A 36 -12.56 -5.90 0.95
N THR A 37 -11.95 -4.75 0.80
CA THR A 37 -12.00 -4.01 -0.49
C THR A 37 -10.86 -4.41 -1.44
N MET A 38 -9.65 -4.12 -1.07
CA MET A 38 -8.43 -4.47 -1.88
C MET A 38 -8.72 -5.77 -2.64
N TYR A 39 -9.20 -6.68 -1.83
CA TYR A 39 -9.58 -8.05 -2.26
C TYR A 39 -10.56 -7.98 -3.44
N ALA A 40 -11.70 -7.47 -3.05
CA ALA A 40 -12.90 -7.23 -3.89
C ALA A 40 -12.60 -6.75 -5.30
N GLU A 41 -11.59 -5.93 -5.33
CA GLU A 41 -11.20 -5.36 -6.64
C GLU A 41 -10.22 -6.29 -7.33
N GLU A 42 -9.03 -5.81 -7.52
CA GLU A 42 -8.00 -6.65 -8.20
C GLU A 42 -6.59 -6.15 -7.90
N GLY A 43 -6.37 -5.84 -6.65
CA GLY A 43 -5.01 -5.34 -6.28
C GLY A 43 -4.38 -6.26 -5.24
N ILE A 44 -3.08 -6.24 -5.23
CA ILE A 44 -2.34 -7.10 -4.27
C ILE A 44 -2.13 -6.21 -3.06
N GLY A 45 -1.83 -4.96 -3.33
CA GLY A 45 -1.60 -3.97 -2.25
C GLY A 45 -2.46 -2.71 -2.42
N LEU A 46 -3.14 -2.35 -1.36
CA LEU A 46 -4.00 -1.14 -1.36
C LEU A 46 -3.44 -0.19 -0.31
N ALA A 47 -3.60 1.09 -0.53
CA ALA A 47 -3.09 2.09 0.44
C ALA A 47 -4.39 2.71 0.98
N ALA A 48 -4.37 3.32 2.13
CA ALA A 48 -5.67 3.89 2.60
C ALA A 48 -5.79 5.37 2.28
N THR A 49 -5.26 5.65 1.13
CA THR A 49 -5.27 7.04 0.59
C THR A 49 -6.12 6.87 -0.67
N GLN A 50 -6.56 5.66 -0.91
CA GLN A 50 -7.36 5.44 -2.13
C GLN A 50 -8.83 5.28 -1.76
N VAL A 51 -9.13 5.14 -0.50
CA VAL A 51 -10.59 5.01 -0.18
C VAL A 51 -10.66 6.53 -0.05
N ASP A 52 -10.57 7.06 1.14
CA ASP A 52 -10.58 8.53 1.32
C ASP A 52 -10.08 8.59 2.76
N ILE A 53 -8.81 8.84 2.95
CA ILE A 53 -8.23 8.92 4.33
C ILE A 53 -6.83 9.54 4.27
N HIS A 54 -6.42 10.12 5.36
CA HIS A 54 -5.05 10.74 5.40
C HIS A 54 -4.36 10.19 6.63
N GLN A 55 -4.27 8.89 6.60
CA GLN A 55 -3.61 8.13 7.69
C GLN A 55 -2.78 7.11 6.92
N ARG A 56 -1.99 6.37 7.63
CA ARG A 56 -1.14 5.34 6.96
C ARG A 56 -1.63 3.95 7.28
N ILE A 57 -2.28 3.33 6.33
CA ILE A 57 -2.77 1.94 6.58
C ILE A 57 -2.72 1.31 5.18
N ILE A 58 -2.06 0.21 5.02
CA ILE A 58 -2.03 -0.40 3.65
C ILE A 58 -2.10 -1.90 3.91
N VAL A 59 -2.67 -2.63 2.99
CA VAL A 59 -2.74 -4.10 3.20
C VAL A 59 -2.13 -4.78 1.97
N ILE A 60 -1.77 -6.02 2.12
CA ILE A 60 -1.17 -6.78 1.00
C ILE A 60 -1.70 -8.22 0.98
N ASP A 61 -1.78 -8.80 -0.18
CA ASP A 61 -2.27 -10.21 -0.33
C ASP A 61 -1.44 -10.92 -1.40
N VAL A 62 -0.32 -11.48 -1.05
CA VAL A 62 0.44 -12.14 -2.15
C VAL A 62 0.48 -13.67 -2.07
N SER A 63 -0.32 -14.27 -1.22
CA SER A 63 -0.26 -15.76 -1.18
C SER A 63 -1.28 -16.36 -2.14
N GLU A 64 -1.34 -17.66 -2.11
CA GLU A 64 -2.28 -18.41 -2.99
C GLU A 64 -3.78 -18.15 -2.79
N ASN A 65 -4.26 -18.43 -1.61
CA ASN A 65 -5.70 -18.22 -1.31
C ASN A 65 -6.03 -17.23 -0.20
N ARG A 66 -5.74 -15.97 -0.42
CA ARG A 66 -6.01 -14.91 0.59
C ARG A 66 -5.69 -15.53 1.95
N ASP A 67 -4.48 -16.05 1.91
CA ASP A 67 -3.85 -16.74 3.06
C ASP A 67 -2.86 -15.87 3.83
N GLU A 68 -2.29 -14.97 3.09
CA GLU A 68 -1.28 -14.04 3.65
C GLU A 68 -1.77 -12.59 3.55
N ARG A 69 -2.55 -12.23 4.53
CA ARG A 69 -3.10 -10.85 4.57
C ARG A 69 -2.11 -9.94 5.31
N LEU A 70 -1.30 -9.24 4.58
CA LEU A 70 -0.33 -8.34 5.25
C LEU A 70 -0.91 -6.99 5.62
N VAL A 71 -0.30 -6.47 6.65
CA VAL A 71 -0.73 -5.17 7.18
C VAL A 71 0.43 -4.24 7.47
N LEU A 72 0.21 -2.98 7.21
CA LEU A 72 1.26 -1.96 7.47
C LEU A 72 0.58 -0.67 7.90
N ILE A 73 0.74 -0.25 9.13
CA ILE A 73 0.05 1.01 9.49
C ILE A 73 1.02 2.17 9.31
N ASN A 74 2.01 2.28 10.16
CA ASN A 74 2.96 3.41 9.99
C ASN A 74 4.33 2.85 9.63
N PRO A 75 4.42 2.31 8.44
CA PRO A 75 5.68 1.71 7.94
C PRO A 75 6.66 2.78 7.46
N GLU A 76 7.55 3.19 8.32
CA GLU A 76 8.49 4.22 7.82
C GLU A 76 9.48 3.26 7.17
N LEU A 77 10.30 3.76 6.31
CA LEU A 77 11.24 2.80 5.68
C LEU A 77 12.64 2.81 6.27
N LEU A 78 13.32 1.76 5.93
CA LEU A 78 14.73 1.56 6.40
C LEU A 78 15.65 1.22 5.23
N GLU A 79 15.39 0.07 4.67
CA GLU A 79 16.20 -0.44 3.53
C GLU A 79 15.37 -0.72 2.29
N LYS A 80 16.12 -0.79 1.22
CA LYS A 80 15.59 -1.07 -0.13
C LYS A 80 16.69 -1.76 -0.95
N SER A 81 16.83 -3.05 -0.84
CA SER A 81 17.92 -3.71 -1.63
C SER A 81 17.45 -4.25 -2.98
N GLY A 82 18.19 -3.85 -3.97
CA GLY A 82 17.89 -4.28 -5.37
C GLY A 82 17.00 -3.19 -5.97
N GLU A 83 16.95 -3.13 -7.27
CA GLU A 83 16.11 -2.08 -7.93
C GLU A 83 15.29 -2.72 -9.06
N THR A 84 14.20 -3.34 -8.73
CA THR A 84 13.38 -3.97 -9.81
C THR A 84 12.09 -3.18 -10.03
N GLY A 85 11.38 -3.56 -11.05
CA GLY A 85 10.09 -2.90 -11.38
C GLY A 85 9.08 -3.98 -11.73
N ILE A 86 7.88 -3.53 -11.97
CA ILE A 86 6.80 -4.50 -12.31
C ILE A 86 5.93 -3.98 -13.47
N GLU A 87 5.57 -4.85 -14.37
CA GLU A 87 4.72 -4.43 -15.52
C GLU A 87 3.29 -4.66 -15.03
N GLU A 88 2.92 -3.95 -14.00
CA GLU A 88 1.55 -4.14 -13.47
C GLU A 88 0.78 -2.89 -13.06
N GLY A 89 -0.46 -3.13 -12.69
CA GLY A 89 -1.37 -2.04 -12.27
C GLY A 89 -1.81 -2.20 -10.81
N CYS A 90 -2.11 -1.08 -10.23
CA CYS A 90 -2.57 -1.04 -8.81
C CYS A 90 -4.10 -1.10 -8.75
N LEU A 91 -4.71 -0.03 -8.33
CA LEU A 91 -6.21 -0.01 -8.25
C LEU A 91 -6.76 1.23 -8.94
N SER A 92 -6.65 2.31 -8.23
CA SER A 92 -7.12 3.66 -8.67
C SER A 92 -6.98 3.82 -10.19
N ILE A 93 -5.73 3.59 -10.48
CA ILE A 93 -5.08 3.62 -11.82
C ILE A 93 -5.99 3.45 -13.06
N PRO A 94 -5.61 4.03 -14.17
CA PRO A 94 -6.40 3.94 -15.43
C PRO A 94 -6.43 2.54 -16.02
N GLU A 95 -6.91 2.49 -17.24
CA GLU A 95 -7.01 1.20 -17.97
C GLU A 95 -5.62 0.69 -18.35
N GLN A 96 -4.68 1.59 -18.38
CA GLN A 96 -3.29 1.15 -18.73
C GLN A 96 -2.61 0.55 -17.52
N ARG A 97 -1.48 -0.07 -17.79
CA ARG A 97 -0.69 -0.71 -16.71
C ARG A 97 0.68 -0.04 -16.77
N ALA A 98 1.55 -0.28 -15.83
CA ALA A 98 2.86 0.40 -15.94
C ALA A 98 4.04 -0.50 -15.56
N LEU A 99 5.16 -0.14 -16.13
CA LEU A 99 6.43 -0.87 -15.90
C LEU A 99 7.21 0.22 -15.16
N VAL A 100 6.91 0.26 -13.89
CA VAL A 100 7.54 1.26 -13.01
C VAL A 100 8.71 0.80 -12.14
N PRO A 101 9.71 1.63 -12.07
CA PRO A 101 10.91 1.32 -11.25
C PRO A 101 10.55 1.58 -9.81
N ARG A 102 10.65 0.47 -9.14
CA ARG A 102 10.35 0.39 -7.69
C ARG A 102 11.66 -0.21 -7.18
N ALA A 103 11.63 -0.78 -6.00
CA ALA A 103 12.88 -1.39 -5.47
C ALA A 103 12.62 -2.87 -5.61
N GLU A 104 13.56 -3.68 -5.21
CA GLU A 104 13.35 -5.13 -5.34
C GLU A 104 13.00 -5.66 -3.95
N LYS A 105 13.82 -5.32 -3.00
CA LYS A 105 13.57 -5.76 -1.61
C LYS A 105 13.57 -4.51 -0.74
N VAL A 106 12.87 -4.55 0.35
CA VAL A 106 12.82 -3.37 1.27
C VAL A 106 12.60 -3.74 2.74
N LYS A 107 13.23 -3.02 3.63
CA LYS A 107 13.01 -3.34 5.07
C LYS A 107 12.34 -2.10 5.68
N ILE A 108 11.32 -2.31 6.48
CA ILE A 108 10.56 -1.22 7.15
C ILE A 108 10.28 -1.58 8.61
N ARG A 109 9.76 -0.59 9.26
CA ARG A 109 9.39 -0.75 10.69
C ARG A 109 7.99 -0.13 10.70
N ALA A 110 7.04 -0.93 11.11
CA ALA A 110 5.61 -0.54 11.16
C ALA A 110 4.96 -0.84 12.52
N LEU A 111 3.67 -0.72 12.51
CA LEU A 111 2.78 -0.97 13.68
C LEU A 111 1.72 -1.82 12.99
N ASP A 112 0.97 -2.62 13.70
CA ASP A 112 -0.07 -3.45 13.02
C ASP A 112 -1.49 -3.11 13.44
N ARG A 113 -2.36 -3.91 12.88
CA ARG A 113 -3.82 -3.81 13.11
C ARG A 113 -4.15 -3.27 14.50
N ASP A 114 -3.52 -3.90 15.45
CA ASP A 114 -3.67 -3.55 16.90
C ASP A 114 -2.80 -2.37 17.32
N GLY A 115 -1.59 -2.42 16.84
CA GLY A 115 -0.56 -1.39 17.10
C GLY A 115 0.64 -2.13 17.69
N LYS A 116 0.98 -3.18 16.99
CA LYS A 116 2.14 -4.01 17.42
C LYS A 116 3.21 -3.62 16.42
N PRO A 117 4.34 -3.25 16.92
CA PRO A 117 5.49 -2.83 16.08
C PRO A 117 6.34 -3.98 15.55
N PHE A 118 6.53 -3.93 14.26
CA PHE A 118 7.34 -4.97 13.58
C PHE A 118 8.30 -4.40 12.55
N GLU A 119 9.42 -5.05 12.42
CA GLU A 119 10.40 -4.57 11.42
C GLU A 119 10.38 -5.69 10.40
N LEU A 120 9.62 -5.37 9.39
CA LEU A 120 9.39 -6.27 8.24
C LEU A 120 10.23 -6.04 7.00
N GLU A 121 10.66 -7.10 6.38
CA GLU A 121 11.44 -6.89 5.15
C GLU A 121 10.70 -7.71 4.10
N ALA A 122 10.85 -7.24 2.89
CA ALA A 122 10.18 -7.91 1.76
C ALA A 122 11.12 -8.00 0.58
N ASP A 123 10.79 -8.87 -0.34
CA ASP A 123 11.63 -9.02 -1.54
C ASP A 123 10.68 -8.85 -2.71
N GLY A 124 11.26 -8.80 -3.88
CA GLY A 124 10.51 -8.63 -5.16
C GLY A 124 9.07 -8.12 -5.07
N LEU A 125 8.22 -8.67 -5.89
CA LEU A 125 6.77 -8.29 -5.93
C LEU A 125 6.05 -7.86 -4.65
N LEU A 126 6.24 -8.47 -3.52
CA LEU A 126 5.48 -7.98 -2.33
C LEU A 126 6.12 -6.64 -1.98
N ALA A 127 7.43 -6.65 -1.99
CA ALA A 127 8.15 -5.39 -1.67
C ALA A 127 7.46 -4.34 -2.53
N ILE A 128 7.47 -4.60 -3.81
CA ILE A 128 6.85 -3.67 -4.78
C ILE A 128 5.47 -3.21 -4.32
N CYS A 129 4.72 -4.18 -3.89
CA CYS A 129 3.33 -3.94 -3.40
C CYS A 129 3.35 -2.78 -2.41
N ILE A 130 4.16 -2.93 -1.40
CA ILE A 130 4.22 -1.83 -0.39
C ILE A 130 4.83 -0.55 -0.94
N GLN A 131 6.04 -0.66 -1.42
CA GLN A 131 6.78 0.51 -1.99
C GLN A 131 5.80 1.43 -2.68
N HIS A 132 5.13 0.76 -3.58
CA HIS A 132 4.10 1.38 -4.43
C HIS A 132 3.05 2.14 -3.61
N GLU A 133 2.37 1.38 -2.79
CA GLU A 133 1.33 1.99 -1.93
C GLU A 133 1.87 3.19 -1.15
N MET A 134 3.10 3.09 -0.73
CA MET A 134 3.73 4.21 0.03
C MET A 134 3.82 5.46 -0.83
N ASP A 135 4.16 5.29 -2.08
CA ASP A 135 4.25 6.48 -2.96
C ASP A 135 2.86 7.10 -2.88
N HIS A 136 1.86 6.26 -2.85
CA HIS A 136 0.49 6.84 -2.77
C HIS A 136 0.26 7.57 -1.43
N LEU A 137 0.68 6.97 -0.36
CA LEU A 137 0.49 7.60 0.97
C LEU A 137 1.12 8.99 1.06
N VAL A 138 2.18 9.21 0.32
CA VAL A 138 2.81 10.56 0.39
C VAL A 138 2.29 11.51 -0.69
N GLY A 139 1.50 11.04 -1.61
CA GLY A 139 0.98 11.98 -2.63
C GLY A 139 1.39 11.78 -4.09
N LYS A 140 1.96 10.65 -4.43
CA LYS A 140 2.33 10.48 -5.86
C LYS A 140 1.60 9.23 -6.35
N LEU A 141 1.35 9.20 -7.62
CA LEU A 141 0.64 8.03 -8.20
C LEU A 141 1.72 7.34 -9.02
N PHE A 142 1.49 6.16 -9.52
CA PHE A 142 2.66 5.67 -10.30
C PHE A 142 2.38 5.96 -11.76
N MET A 143 2.16 7.24 -11.91
CA MET A 143 1.90 7.81 -13.25
C MET A 143 2.94 8.93 -13.37
N ASP A 144 3.90 8.90 -12.49
CA ASP A 144 4.99 9.93 -12.47
C ASP A 144 6.11 9.35 -13.34
N TYR A 145 6.45 8.13 -13.08
CA TYR A 145 7.51 7.43 -13.84
C TYR A 145 6.98 6.97 -15.19
N LEU A 146 5.80 7.46 -15.47
CA LEU A 146 5.09 7.12 -16.73
C LEU A 146 4.85 8.43 -17.49
N SER A 147 4.45 9.44 -16.76
CA SER A 147 4.18 10.75 -17.41
C SER A 147 5.25 11.74 -16.95
N VAL A 2 -17.68 -3.37 0.66
CA VAL A 2 -16.32 -2.77 0.59
C VAL A 2 -16.40 -1.26 0.75
N LEU A 3 -15.29 -0.63 0.49
CA LEU A 3 -15.22 0.85 0.62
C LEU A 3 -15.47 1.61 -0.68
N GLN A 4 -15.42 2.90 -0.50
CA GLN A 4 -15.64 3.84 -1.63
C GLN A 4 -14.25 4.23 -2.12
N VAL A 5 -13.78 3.54 -3.12
CA VAL A 5 -12.43 3.86 -3.65
C VAL A 5 -12.59 4.85 -4.80
N LEU A 6 -11.52 5.56 -5.01
CA LEU A 6 -11.51 6.59 -6.08
C LEU A 6 -10.66 6.14 -7.27
N HIS A 7 -10.76 6.91 -8.32
CA HIS A 7 -9.98 6.61 -9.56
C HIS A 7 -9.13 7.83 -9.86
N ILE A 8 -8.30 7.74 -10.86
CA ILE A 8 -7.44 8.92 -11.17
C ILE A 8 -7.99 9.78 -12.32
N PRO A 9 -7.63 11.03 -12.33
CA PRO A 9 -6.74 11.68 -11.34
C PRO A 9 -7.56 11.96 -10.07
N ASP A 10 -6.95 11.80 -8.93
CA ASP A 10 -7.70 12.06 -7.66
C ASP A 10 -6.89 13.06 -6.84
N GLU A 11 -7.43 13.40 -5.69
CA GLU A 11 -6.76 14.35 -4.78
C GLU A 11 -6.13 13.55 -3.64
N ARG A 12 -6.91 12.74 -2.98
CA ARG A 12 -6.47 11.89 -1.84
C ARG A 12 -5.15 11.21 -2.18
N LEU A 13 -5.24 10.46 -3.24
CA LEU A 13 -4.08 9.69 -3.76
C LEU A 13 -2.83 10.54 -4.01
N ARG A 14 -3.07 11.74 -4.46
CA ARG A 14 -1.92 12.65 -4.75
C ARG A 14 -1.71 13.68 -3.65
N LYS A 15 -2.54 13.57 -2.65
CA LYS A 15 -2.47 14.50 -1.49
C LYS A 15 -1.59 13.74 -0.49
N VAL A 16 -1.22 14.42 0.55
CA VAL A 16 -0.35 13.78 1.57
C VAL A 16 -1.24 13.40 2.76
N ALA A 17 -0.74 12.51 3.59
CA ALA A 17 -1.50 12.06 4.78
C ALA A 17 -0.72 12.40 6.05
N LYS A 18 -1.33 12.13 7.18
CA LYS A 18 -0.68 12.40 8.48
C LYS A 18 -0.16 11.11 9.12
N PRO A 19 1.14 10.94 9.16
CA PRO A 19 1.74 9.72 9.76
C PRO A 19 1.34 9.57 11.22
N VAL A 20 1.11 8.36 11.65
CA VAL A 20 0.72 8.20 13.09
C VAL A 20 1.82 7.47 13.85
N GLU A 21 1.69 7.42 15.14
CA GLU A 21 2.71 6.74 15.99
C GLU A 21 2.11 5.50 16.66
N GLU A 22 0.91 5.63 17.15
CA GLU A 22 0.25 4.47 17.80
C GLU A 22 -0.97 4.01 17.03
N VAL A 23 -1.37 2.79 17.29
CA VAL A 23 -2.55 2.19 16.61
C VAL A 23 -3.49 1.76 17.71
N ASN A 24 -4.57 1.29 17.18
CA ASN A 24 -5.70 0.79 17.98
C ASN A 24 -6.49 -0.35 17.34
N ALA A 25 -7.76 -0.38 17.64
CA ALA A 25 -8.66 -1.43 17.08
C ALA A 25 -9.61 -0.75 16.10
N GLU A 26 -9.16 0.40 15.65
CA GLU A 26 -9.90 1.26 14.68
C GLU A 26 -9.14 1.15 13.36
N ILE A 27 -7.89 0.83 13.53
CA ILE A 27 -6.98 0.68 12.38
C ILE A 27 -7.26 -0.75 11.98
N GLN A 28 -7.37 -1.59 12.97
CA GLN A 28 -7.66 -3.03 12.66
C GLN A 28 -8.85 -2.97 11.70
N ARG A 29 -9.74 -2.11 12.10
CA ARG A 29 -11.00 -1.83 11.36
C ARG A 29 -10.66 -1.25 10.00
N ILE A 30 -9.76 -0.31 9.91
CA ILE A 30 -9.49 0.20 8.54
C ILE A 30 -8.91 -0.95 7.73
N VAL A 31 -7.81 -1.43 8.21
CA VAL A 31 -7.03 -2.55 7.64
C VAL A 31 -7.90 -3.66 7.07
N ASP A 32 -8.87 -3.96 7.87
CA ASP A 32 -9.78 -5.05 7.42
C ASP A 32 -10.63 -4.52 6.28
N ASP A 33 -11.17 -3.35 6.49
CA ASP A 33 -12.01 -2.77 5.41
C ASP A 33 -11.16 -2.68 4.14
N MET A 34 -9.88 -2.51 4.35
CA MET A 34 -8.95 -2.41 3.20
C MET A 34 -8.84 -3.77 2.53
N PHE A 35 -8.77 -4.80 3.33
CA PHE A 35 -8.68 -6.14 2.70
C PHE A 35 -9.99 -6.36 1.95
N GLU A 36 -11.03 -6.25 2.71
CA GLU A 36 -12.44 -6.41 2.23
C GLU A 36 -12.57 -5.87 0.81
N THR A 37 -12.00 -4.71 0.67
CA THR A 37 -12.00 -3.99 -0.63
C THR A 37 -10.91 -4.52 -1.58
N MET A 38 -9.68 -4.31 -1.21
CA MET A 38 -8.48 -4.77 -1.99
C MET A 38 -8.84 -6.06 -2.72
N TYR A 39 -9.29 -6.94 -1.88
CA TYR A 39 -9.73 -8.31 -2.24
C TYR A 39 -10.72 -8.32 -3.41
N ALA A 40 -11.82 -7.74 -3.04
CA ALA A 40 -13.04 -7.55 -3.87
C ALA A 40 -12.77 -7.22 -5.33
N GLU A 41 -11.68 -6.50 -5.47
CA GLU A 41 -11.29 -6.08 -6.82
C GLU A 41 -10.23 -7.03 -7.34
N GLU A 42 -9.12 -6.45 -7.73
CA GLU A 42 -7.99 -7.23 -8.27
C GLU A 42 -6.65 -6.61 -7.86
N GLY A 43 -6.49 -6.41 -6.58
CA GLY A 43 -5.22 -5.81 -6.11
C GLY A 43 -4.53 -6.69 -5.08
N ILE A 44 -3.25 -6.55 -5.01
CA ILE A 44 -2.45 -7.36 -4.03
C ILE A 44 -2.26 -6.39 -2.87
N GLY A 45 -1.91 -5.18 -3.17
CA GLY A 45 -1.70 -4.18 -2.09
C GLY A 45 -2.51 -2.91 -2.34
N LEU A 46 -3.15 -2.46 -1.29
CA LEU A 46 -3.98 -1.23 -1.35
C LEU A 46 -3.48 -0.25 -0.29
N ALA A 47 -3.65 1.02 -0.54
CA ALA A 47 -3.20 2.05 0.43
C ALA A 47 -4.50 2.67 0.96
N ALA A 48 -4.47 3.34 2.07
CA ALA A 48 -5.76 3.92 2.55
C ALA A 48 -5.87 5.40 2.23
N THR A 49 -5.40 5.67 1.04
CA THR A 49 -5.41 7.03 0.46
C THR A 49 -6.25 6.87 -0.80
N GLN A 50 -6.74 5.67 -0.96
CA GLN A 50 -7.57 5.36 -2.16
C GLN A 50 -9.03 5.26 -1.75
N VAL A 51 -9.32 5.09 -0.48
CA VAL A 51 -10.77 5.02 -0.15
C VAL A 51 -10.89 6.54 0.02
N ASP A 52 -10.84 7.03 1.21
CA ASP A 52 -10.90 8.49 1.43
C ASP A 52 -10.42 8.53 2.87
N ILE A 53 -9.15 8.76 3.05
CA ILE A 53 -8.54 8.81 4.41
C ILE A 53 -7.16 9.46 4.25
N HIS A 54 -6.64 10.02 5.30
CA HIS A 54 -5.29 10.65 5.20
C HIS A 54 -4.47 10.17 6.38
N GLN A 55 -4.31 8.89 6.46
CA GLN A 55 -3.51 8.29 7.57
C GLN A 55 -2.59 7.29 6.89
N ARG A 56 -1.99 6.47 7.70
CA ARG A 56 -1.06 5.41 7.24
C ARG A 56 -1.60 3.99 7.33
N ILE A 57 -2.33 3.48 6.37
CA ILE A 57 -2.80 2.08 6.53
C ILE A 57 -2.74 1.43 5.16
N ILE A 58 -2.08 0.32 5.02
CA ILE A 58 -2.04 -0.31 3.67
C ILE A 58 -2.10 -1.81 3.94
N VAL A 59 -2.71 -2.55 3.07
CA VAL A 59 -2.79 -4.03 3.27
C VAL A 59 -2.16 -4.74 2.07
N ILE A 60 -1.86 -6.00 2.23
CA ILE A 60 -1.25 -6.79 1.13
C ILE A 60 -1.80 -8.22 1.14
N ASP A 61 -1.89 -8.81 -0.02
CA ASP A 61 -2.40 -10.20 -0.18
C ASP A 61 -1.56 -10.88 -1.26
N VAL A 62 -0.37 -11.31 -0.91
CA VAL A 62 0.42 -11.96 -1.99
C VAL A 62 0.50 -13.49 -1.91
N SER A 63 -0.17 -14.12 -0.97
CA SER A 63 -0.06 -15.60 -0.93
C SER A 63 -1.18 -16.24 -1.75
N GLU A 64 -1.07 -17.54 -1.83
CA GLU A 64 -2.05 -18.38 -2.57
C GLU A 64 -3.52 -18.02 -2.42
N ASN A 65 -4.03 -18.27 -1.24
CA ASN A 65 -5.46 -18.00 -0.91
C ASN A 65 -5.73 -17.11 0.29
N ARG A 66 -5.47 -15.84 0.14
CA ARG A 66 -5.70 -14.87 1.26
C ARG A 66 -5.27 -15.57 2.53
N ASP A 67 -4.07 -16.07 2.38
CA ASP A 67 -3.35 -16.82 3.42
C ASP A 67 -2.35 -15.91 4.12
N GLU A 68 -1.99 -14.90 3.38
CA GLU A 68 -1.01 -13.89 3.86
C GLU A 68 -1.60 -12.48 3.75
N ARG A 69 -2.44 -12.15 4.69
CA ARG A 69 -3.08 -10.80 4.67
C ARG A 69 -2.16 -9.83 5.39
N LEU A 70 -1.28 -9.19 4.65
CA LEU A 70 -0.39 -8.24 5.34
C LEU A 70 -1.05 -6.94 5.70
N VAL A 71 -0.52 -6.44 6.77
CA VAL A 71 -1.03 -5.17 7.31
C VAL A 71 0.16 -4.26 7.57
N LEU A 72 -0.05 -3.00 7.34
CA LEU A 72 1.05 -2.02 7.57
C LEU A 72 0.47 -0.67 7.99
N ILE A 73 0.56 -0.28 9.24
CA ILE A 73 -0.05 1.04 9.52
C ILE A 73 1.06 2.06 9.28
N ASN A 74 2.06 2.09 10.12
CA ASN A 74 3.17 3.07 9.93
C ASN A 74 4.47 2.37 9.56
N PRO A 75 4.49 1.84 8.36
CA PRO A 75 5.67 1.11 7.82
C PRO A 75 6.68 2.12 7.31
N GLU A 76 7.53 2.59 8.18
CA GLU A 76 8.49 3.58 7.64
C GLU A 76 9.48 2.64 6.98
N LEU A 77 10.22 3.21 6.08
CA LEU A 77 11.20 2.37 5.35
C LEU A 77 12.52 2.39 6.14
N LEU A 78 13.24 1.30 6.08
CA LEU A 78 14.54 1.23 6.81
C LEU A 78 15.61 0.89 5.77
N GLU A 79 15.34 -0.17 5.06
CA GLU A 79 16.29 -0.64 4.00
C GLU A 79 15.55 -0.88 2.71
N LYS A 80 16.32 -0.85 1.65
CA LYS A 80 15.79 -1.07 0.29
C LYS A 80 16.88 -1.63 -0.64
N SER A 81 17.05 -2.92 -0.69
CA SER A 81 18.13 -3.44 -1.59
C SER A 81 17.66 -3.90 -2.97
N GLY A 82 18.35 -3.39 -3.95
CA GLY A 82 18.04 -3.71 -5.37
C GLY A 82 17.04 -2.68 -5.90
N GLU A 83 16.88 -2.65 -7.20
CA GLU A 83 15.93 -1.68 -7.80
C GLU A 83 15.10 -2.30 -8.93
N THR A 84 14.00 -2.91 -8.61
CA THR A 84 13.18 -3.54 -9.70
C THR A 84 11.81 -2.87 -9.80
N GLY A 85 11.10 -3.27 -10.81
CA GLY A 85 9.73 -2.73 -11.06
C GLY A 85 8.78 -3.87 -11.41
N ILE A 86 7.54 -3.50 -11.60
CA ILE A 86 6.51 -4.52 -11.95
C ILE A 86 5.74 -4.13 -13.21
N GLU A 87 5.31 -5.07 -14.00
CA GLU A 87 4.55 -4.67 -15.21
C GLU A 87 3.12 -4.75 -14.68
N GLU A 88 2.87 -3.95 -13.67
CA GLU A 88 1.52 -3.94 -13.04
C GLU A 88 0.91 -2.56 -12.86
N GLY A 89 -0.33 -2.59 -12.46
CA GLY A 89 -1.10 -1.33 -12.22
C GLY A 89 -1.73 -1.45 -10.83
N CYS A 90 -2.14 -0.34 -10.28
CA CYS A 90 -2.76 -0.42 -8.94
C CYS A 90 -4.28 -0.56 -9.03
N LEU A 91 -5.01 0.30 -8.36
CA LEU A 91 -6.51 0.19 -8.43
C LEU A 91 -7.08 1.46 -9.07
N SER A 92 -6.98 2.54 -8.35
CA SER A 92 -7.48 3.86 -8.82
C SER A 92 -7.26 3.99 -10.32
N ILE A 93 -6.03 3.66 -10.61
CA ILE A 93 -5.40 3.63 -11.96
C ILE A 93 -6.38 3.30 -13.10
N PRO A 94 -6.11 3.75 -14.29
CA PRO A 94 -6.99 3.48 -15.47
C PRO A 94 -6.54 2.26 -16.27
N GLU A 95 -7.29 2.03 -17.31
CA GLU A 95 -7.07 0.91 -18.27
C GLU A 95 -5.63 0.43 -18.46
N GLN A 96 -4.70 1.35 -18.44
CA GLN A 96 -3.28 0.94 -18.63
C GLN A 96 -2.62 0.38 -17.38
N ARG A 97 -1.48 -0.21 -17.64
CA ARG A 97 -0.65 -0.85 -16.58
C ARG A 97 0.72 -0.19 -16.69
N ALA A 98 1.62 -0.48 -15.79
CA ALA A 98 2.96 0.17 -15.94
C ALA A 98 4.10 -0.73 -15.52
N LEU A 99 5.25 -0.36 -16.03
CA LEU A 99 6.51 -1.09 -15.74
C LEU A 99 7.27 0.03 -15.03
N VAL A 100 6.78 0.26 -13.84
CA VAL A 100 7.36 1.32 -12.98
C VAL A 100 8.55 0.93 -12.12
N PRO A 101 9.53 1.79 -12.12
CA PRO A 101 10.75 1.55 -11.32
C PRO A 101 10.41 1.83 -9.86
N ARG A 102 10.61 0.77 -9.15
CA ARG A 102 10.36 0.75 -7.69
C ARG A 102 11.68 0.24 -7.11
N ALA A 103 11.65 -0.27 -5.91
CA ALA A 103 12.90 -0.79 -5.32
C ALA A 103 12.72 -2.29 -5.53
N GLU A 104 13.67 -3.06 -5.11
CA GLU A 104 13.54 -4.53 -5.29
C GLU A 104 13.23 -5.22 -3.97
N LYS A 105 14.05 -4.94 -2.99
CA LYS A 105 13.84 -5.56 -1.66
C LYS A 105 13.77 -4.40 -0.68
N VAL A 106 13.06 -4.58 0.40
CA VAL A 106 12.95 -3.49 1.43
C VAL A 106 12.75 -4.00 2.85
N LYS A 107 13.34 -3.36 3.81
CA LYS A 107 13.16 -3.82 5.22
C LYS A 107 12.47 -2.65 5.94
N ILE A 108 11.29 -2.85 6.44
CA ILE A 108 10.54 -1.78 7.15
C ILE A 108 10.24 -2.14 8.59
N ARG A 109 9.72 -1.13 9.23
CA ARG A 109 9.32 -1.25 10.66
C ARG A 109 7.93 -0.61 10.67
N ALA A 110 6.97 -1.43 10.99
CA ALA A 110 5.53 -1.02 11.05
C ALA A 110 4.88 -1.32 12.39
N LEU A 111 3.57 -1.20 12.37
CA LEU A 111 2.67 -1.43 13.55
C LEU A 111 1.58 -2.27 12.89
N ASP A 112 0.84 -3.05 13.63
CA ASP A 112 -0.22 -3.88 12.99
C ASP A 112 -1.64 -3.48 13.40
N ARG A 113 -2.57 -4.23 12.87
CA ARG A 113 -4.02 -4.04 13.14
C ARG A 113 -4.35 -3.45 14.51
N ASP A 114 -3.68 -4.00 15.49
CA ASP A 114 -3.86 -3.58 16.91
C ASP A 114 -2.94 -2.41 17.28
N GLY A 115 -1.72 -2.56 16.82
CA GLY A 115 -0.64 -1.59 17.05
C GLY A 115 0.55 -2.38 17.60
N LYS A 116 0.81 -3.45 16.90
CA LYS A 116 1.94 -4.35 17.27
C LYS A 116 3.04 -4.02 16.27
N PRO A 117 4.19 -3.66 16.78
CA PRO A 117 5.35 -3.31 15.93
C PRO A 117 6.17 -4.48 15.40
N PHE A 118 6.38 -4.44 14.12
CA PHE A 118 7.17 -5.51 13.46
C PHE A 118 8.15 -4.96 12.45
N GLU A 119 9.22 -5.66 12.25
CA GLU A 119 10.21 -5.19 11.27
C GLU A 119 10.16 -6.28 10.22
N LEU A 120 9.46 -5.90 9.19
CA LEU A 120 9.22 -6.77 8.01
C LEU A 120 10.10 -6.54 6.81
N GLU A 121 10.68 -7.58 6.27
CA GLU A 121 11.52 -7.33 5.08
C GLU A 121 10.83 -8.11 3.96
N ALA A 122 11.00 -7.57 2.78
CA ALA A 122 10.38 -8.20 1.59
C ALA A 122 11.35 -8.17 0.43
N ASP A 123 11.01 -8.93 -0.57
CA ASP A 123 11.86 -8.99 -1.77
C ASP A 123 11.01 -8.64 -2.98
N GLY A 124 11.71 -8.53 -4.07
CA GLY A 124 11.12 -8.19 -5.40
C GLY A 124 9.63 -7.79 -5.50
N LEU A 125 8.73 -8.75 -5.51
CA LEU A 125 7.30 -8.37 -5.64
C LEU A 125 6.49 -7.82 -4.46
N LEU A 126 6.40 -8.45 -3.32
CA LEU A 126 5.59 -7.79 -2.26
C LEU A 126 6.29 -6.46 -2.06
N ALA A 127 7.58 -6.56 -2.04
CA ALA A 127 8.45 -5.36 -1.86
C ALA A 127 7.80 -4.32 -2.74
N ILE A 128 7.53 -4.66 -3.97
CA ILE A 128 6.91 -3.59 -4.78
C ILE A 128 5.55 -3.09 -4.27
N CYS A 129 4.68 -4.05 -4.11
CA CYS A 129 3.29 -3.81 -3.64
C CYS A 129 3.25 -2.65 -2.67
N ILE A 130 4.06 -2.81 -1.67
CA ILE A 130 4.14 -1.77 -0.62
C ILE A 130 4.80 -0.48 -1.09
N GLN A 131 6.01 -0.59 -1.56
CA GLN A 131 6.79 0.58 -2.07
C GLN A 131 5.84 1.58 -2.74
N HIS A 132 5.18 0.96 -3.67
CA HIS A 132 4.17 1.63 -4.52
C HIS A 132 3.08 2.33 -3.67
N GLU A 133 2.40 1.53 -2.89
CA GLU A 133 1.32 2.10 -2.02
C GLU A 133 1.83 3.31 -1.24
N MET A 134 3.04 3.22 -0.79
CA MET A 134 3.64 4.34 -0.02
C MET A 134 3.73 5.60 -0.90
N ASP A 135 4.15 5.42 -2.13
CA ASP A 135 4.26 6.61 -3.01
C ASP A 135 2.89 7.27 -2.93
N HIS A 136 1.85 6.48 -2.89
CA HIS A 136 0.51 7.16 -2.81
C HIS A 136 0.31 7.88 -1.47
N LEU A 137 0.62 7.21 -0.40
CA LEU A 137 0.44 7.83 0.95
C LEU A 137 1.09 9.21 1.02
N VAL A 138 2.11 9.42 0.23
CA VAL A 138 2.78 10.75 0.26
C VAL A 138 2.35 11.69 -0.86
N GLY A 139 1.54 11.28 -1.81
CA GLY A 139 1.16 12.27 -2.84
C GLY A 139 1.45 11.97 -4.31
N LYS A 140 1.98 10.83 -4.60
CA LYS A 140 2.24 10.54 -6.04
C LYS A 140 1.49 9.27 -6.41
N LEU A 141 0.95 9.28 -7.59
CA LEU A 141 0.21 8.07 -8.02
C LEU A 141 1.41 7.41 -8.66
N PHE A 142 1.39 6.19 -9.12
CA PHE A 142 2.71 5.81 -9.70
C PHE A 142 2.81 6.39 -11.10
N MET A 143 2.11 7.46 -11.37
CA MET A 143 2.20 8.04 -12.73
C MET A 143 3.15 9.23 -12.79
N ASP A 144 4.24 9.04 -12.11
CA ASP A 144 5.30 10.08 -12.07
C ASP A 144 6.15 9.59 -13.23
N TYR A 145 6.30 8.29 -13.16
CA TYR A 145 7.05 7.47 -14.14
C TYR A 145 6.17 7.07 -15.31
N LEU A 146 4.94 7.51 -15.27
CA LEU A 146 4.00 7.15 -16.37
C LEU A 146 3.47 8.43 -17.04
N SER A 147 3.11 9.39 -16.24
CA SER A 147 2.60 10.68 -16.80
C SER A 147 3.57 11.80 -16.49
N VAL A 2 -17.78 -3.44 1.02
CA VAL A 2 -16.39 -2.93 0.82
C VAL A 2 -16.42 -1.42 0.95
N LEU A 3 -15.31 -0.82 0.62
CA LEU A 3 -15.22 0.67 0.73
C LEU A 3 -15.42 1.41 -0.59
N GLN A 4 -15.38 2.70 -0.41
CA GLN A 4 -15.54 3.63 -1.56
C GLN A 4 -14.17 4.00 -2.12
N VAL A 5 -13.72 3.24 -3.09
CA VAL A 5 -12.38 3.56 -3.64
C VAL A 5 -12.58 4.53 -4.81
N LEU A 6 -11.56 5.31 -4.99
CA LEU A 6 -11.59 6.33 -6.08
C LEU A 6 -10.65 5.93 -7.21
N HIS A 7 -10.73 6.69 -8.27
CA HIS A 7 -9.88 6.42 -9.46
C HIS A 7 -9.07 7.68 -9.76
N ILE A 8 -8.20 7.60 -10.72
CA ILE A 8 -7.40 8.81 -11.04
C ILE A 8 -7.98 9.64 -12.19
N PRO A 9 -7.67 10.91 -12.20
CA PRO A 9 -6.82 11.60 -11.19
C PRO A 9 -7.67 11.87 -9.94
N ASP A 10 -7.09 11.77 -8.79
CA ASP A 10 -7.86 12.03 -7.54
C ASP A 10 -7.07 13.02 -6.69
N GLU A 11 -7.65 13.39 -5.59
CA GLU A 11 -6.98 14.35 -4.67
C GLU A 11 -6.36 13.54 -3.52
N ARG A 12 -7.16 12.70 -2.92
CA ARG A 12 -6.73 11.84 -1.78
C ARG A 12 -5.40 11.16 -2.12
N LEU A 13 -5.49 10.40 -3.18
CA LEU A 13 -4.31 9.64 -3.70
C LEU A 13 -3.08 10.51 -3.94
N ARG A 14 -3.35 11.73 -4.36
CA ARG A 14 -2.24 12.68 -4.65
C ARG A 14 -1.99 13.65 -3.49
N LYS A 15 -2.82 13.51 -2.48
CA LYS A 15 -2.70 14.36 -1.27
C LYS A 15 -1.81 13.55 -0.34
N VAL A 16 -1.45 14.14 0.76
CA VAL A 16 -0.59 13.41 1.73
C VAL A 16 -1.43 12.90 2.91
N ALA A 17 -0.85 12.01 3.66
CA ALA A 17 -1.53 11.42 4.84
C ALA A 17 -0.76 11.88 6.07
N LYS A 18 -1.20 11.43 7.20
CA LYS A 18 -0.52 11.80 8.48
C LYS A 18 -0.10 10.47 9.12
N PRO A 19 1.12 10.37 9.55
CA PRO A 19 1.62 9.13 10.19
C PRO A 19 1.13 9.16 11.64
N VAL A 20 1.05 8.02 12.27
CA VAL A 20 0.59 7.99 13.68
C VAL A 20 1.70 7.33 14.50
N GLU A 21 1.53 7.36 15.80
CA GLU A 21 2.54 6.74 16.71
C GLU A 21 1.94 5.49 17.34
N GLU A 22 0.72 5.63 17.80
CA GLU A 22 0.04 4.47 18.44
C GLU A 22 -1.13 4.02 17.57
N VAL A 23 -1.45 2.76 17.70
CA VAL A 23 -2.57 2.17 16.92
C VAL A 23 -3.53 1.60 17.96
N ASN A 24 -4.56 1.13 17.35
CA ASN A 24 -5.68 0.50 18.08
C ASN A 24 -6.39 -0.63 17.35
N ALA A 25 -7.67 -0.75 17.63
CA ALA A 25 -8.50 -1.80 16.99
C ALA A 25 -9.47 -1.09 16.03
N GLU A 26 -9.03 0.07 15.64
CA GLU A 26 -9.78 0.96 14.70
C GLU A 26 -8.99 1.01 13.40
N ILE A 27 -7.72 0.78 13.57
CA ILE A 27 -6.77 0.79 12.44
C ILE A 27 -6.95 -0.64 11.96
N GLN A 28 -7.06 -1.52 12.91
CA GLN A 28 -7.25 -2.96 12.54
C GLN A 28 -8.51 -2.93 11.67
N ARG A 29 -9.47 -2.20 12.18
CA ARG A 29 -10.78 -2.02 11.50
C ARG A 29 -10.57 -1.46 10.10
N ILE A 30 -9.67 -0.52 9.97
CA ILE A 30 -9.47 0.01 8.60
C ILE A 30 -8.89 -1.11 7.76
N VAL A 31 -7.80 -1.63 8.25
CA VAL A 31 -7.03 -2.73 7.62
C VAL A 31 -7.92 -3.83 7.04
N ASP A 32 -8.85 -4.17 7.86
CA ASP A 32 -9.76 -5.26 7.39
C ASP A 32 -10.63 -4.72 6.27
N ASP A 33 -11.16 -3.55 6.52
CA ASP A 33 -12.01 -2.95 5.46
C ASP A 33 -11.19 -2.83 4.17
N MET A 34 -9.91 -2.61 4.37
CA MET A 34 -8.98 -2.47 3.21
C MET A 34 -8.80 -3.82 2.56
N PHE A 35 -8.80 -4.84 3.36
CA PHE A 35 -8.63 -6.18 2.76
C PHE A 35 -9.87 -6.46 1.91
N GLU A 36 -10.96 -6.41 2.61
CA GLU A 36 -12.32 -6.64 2.06
C GLU A 36 -12.49 -6.00 0.68
N THR A 37 -11.99 -4.81 0.62
CA THR A 37 -12.05 -4.02 -0.65
C THR A 37 -10.90 -4.39 -1.59
N MET A 38 -9.68 -4.20 -1.13
CA MET A 38 -8.47 -4.52 -1.94
C MET A 38 -8.69 -5.80 -2.75
N TYR A 39 -9.37 -6.71 -2.11
CA TYR A 39 -9.70 -8.02 -2.71
C TYR A 39 -10.81 -7.83 -3.75
N ALA A 40 -11.89 -7.28 -3.24
CA ALA A 40 -13.13 -6.97 -4.01
C ALA A 40 -12.85 -6.53 -5.44
N GLU A 41 -11.79 -5.79 -5.50
CA GLU A 41 -11.32 -5.24 -6.78
C GLU A 41 -10.43 -6.29 -7.43
N GLU A 42 -9.20 -5.92 -7.63
CA GLU A 42 -8.23 -6.85 -8.26
C GLU A 42 -6.81 -6.39 -7.94
N GLY A 43 -6.57 -6.10 -6.70
CA GLY A 43 -5.21 -5.63 -6.31
C GLY A 43 -4.55 -6.55 -5.28
N ILE A 44 -3.25 -6.45 -5.24
CA ILE A 44 -2.47 -7.26 -4.29
C ILE A 44 -2.27 -6.38 -3.07
N GLY A 45 -1.97 -5.13 -3.31
CA GLY A 45 -1.74 -4.17 -2.19
C GLY A 45 -2.55 -2.89 -2.39
N LEU A 46 -3.24 -2.50 -1.35
CA LEU A 46 -4.08 -1.26 -1.38
C LEU A 46 -3.55 -0.29 -0.33
N ALA A 47 -3.72 0.98 -0.60
CA ALA A 47 -3.25 2.03 0.36
C ALA A 47 -4.56 2.62 0.89
N ALA A 48 -4.55 3.27 2.03
CA ALA A 48 -5.84 3.82 2.49
C ALA A 48 -6.01 5.29 2.15
N THR A 49 -5.48 5.59 1.00
CA THR A 49 -5.54 6.96 0.44
C THR A 49 -6.39 6.79 -0.81
N GLN A 50 -6.80 5.56 -1.02
CA GLN A 50 -7.63 5.24 -2.20
C GLN A 50 -9.08 5.13 -1.74
N VAL A 51 -9.32 4.94 -0.48
CA VAL A 51 -10.76 4.86 -0.10
C VAL A 51 -10.86 6.38 0.11
N ASP A 52 -10.77 6.85 1.31
CA ASP A 52 -10.80 8.31 1.56
C ASP A 52 -10.27 8.37 2.99
N ILE A 53 -9.00 8.65 3.13
CA ILE A 53 -8.35 8.74 4.47
C ILE A 53 -6.97 9.38 4.34
N HIS A 54 -6.50 9.99 5.40
CA HIS A 54 -5.14 10.62 5.34
C HIS A 54 -4.36 10.14 6.54
N GLN A 55 -4.30 8.84 6.61
CA GLN A 55 -3.57 8.17 7.70
C GLN A 55 -2.82 7.11 6.90
N ARG A 56 -1.95 6.41 7.55
CA ARG A 56 -1.17 5.35 6.83
C ARG A 56 -1.68 3.94 7.14
N ILE A 57 -2.40 3.36 6.23
CA ILE A 57 -2.89 1.99 6.48
C ILE A 57 -2.86 1.33 5.10
N ILE A 58 -2.21 0.21 4.96
CA ILE A 58 -2.19 -0.42 3.61
C ILE A 58 -2.23 -1.93 3.88
N VAL A 59 -2.78 -2.69 2.97
CA VAL A 59 -2.83 -4.16 3.18
C VAL A 59 -2.23 -4.86 1.97
N ILE A 60 -1.89 -6.12 2.13
CA ILE A 60 -1.31 -6.89 1.02
C ILE A 60 -1.81 -8.35 0.99
N ASP A 61 -1.78 -8.90 -0.19
CA ASP A 61 -2.22 -10.30 -0.40
C ASP A 61 -1.54 -10.86 -1.64
N VAL A 62 -0.29 -11.13 -1.43
CA VAL A 62 0.48 -11.69 -2.58
C VAL A 62 0.38 -13.22 -2.57
N SER A 63 -0.42 -13.74 -1.68
CA SER A 63 -0.59 -15.22 -1.61
C SER A 63 -1.75 -15.60 -2.50
N GLU A 64 -2.17 -16.82 -2.31
CA GLU A 64 -3.30 -17.37 -3.10
C GLU A 64 -4.70 -17.00 -2.61
N ASN A 65 -5.04 -17.43 -1.42
CA ASN A 65 -6.41 -17.14 -0.87
C ASN A 65 -6.52 -16.46 0.48
N ARG A 66 -6.29 -15.17 0.46
CA ARG A 66 -6.34 -14.31 1.66
C ARG A 66 -5.73 -15.19 2.76
N ASP A 67 -4.61 -15.63 2.30
CA ASP A 67 -3.69 -16.54 3.04
C ASP A 67 -2.59 -15.74 3.72
N GLU A 68 -2.15 -14.76 2.98
CA GLU A 68 -1.07 -13.86 3.45
C GLU A 68 -1.64 -12.44 3.44
N ARG A 69 -2.50 -12.16 4.39
CA ARG A 69 -3.10 -10.81 4.44
C ARG A 69 -2.18 -9.95 5.31
N LEU A 70 -1.35 -9.22 4.60
CA LEU A 70 -0.37 -8.32 5.25
C LEU A 70 -0.95 -6.96 5.59
N VAL A 71 -0.28 -6.37 6.55
CA VAL A 71 -0.72 -5.04 7.02
C VAL A 71 0.47 -4.15 7.33
N LEU A 72 0.33 -2.90 6.98
CA LEU A 72 1.39 -1.90 7.24
C LEU A 72 0.67 -0.63 7.71
N ILE A 73 0.84 -0.22 8.94
CA ILE A 73 0.10 1.02 9.31
C ILE A 73 1.04 2.21 9.16
N ASN A 74 1.99 2.37 10.02
CA ASN A 74 2.91 3.53 9.86
C ASN A 74 4.31 3.00 9.54
N PRO A 75 4.44 2.49 8.34
CA PRO A 75 5.72 1.92 7.86
C PRO A 75 6.74 2.96 7.38
N GLU A 76 7.75 3.21 8.17
CA GLU A 76 8.72 4.22 7.68
C GLU A 76 9.64 3.28 6.90
N LEU A 77 10.41 3.85 6.01
CA LEU A 77 11.31 2.98 5.22
C LEU A 77 12.67 2.96 5.92
N LEU A 78 13.31 1.82 5.89
CA LEU A 78 14.64 1.68 6.54
C LEU A 78 15.67 1.30 5.48
N GLU A 79 15.42 0.17 4.89
CA GLU A 79 16.33 -0.36 3.83
C GLU A 79 15.57 -0.68 2.54
N LYS A 80 16.37 -0.78 1.54
CA LYS A 80 15.94 -1.09 0.15
C LYS A 80 17.07 -1.79 -0.62
N SER A 81 17.15 -3.10 -0.57
CA SER A 81 18.27 -3.73 -1.32
C SER A 81 17.87 -4.16 -2.72
N GLY A 82 18.73 -3.77 -3.63
CA GLY A 82 18.52 -4.07 -5.08
C GLY A 82 17.29 -3.30 -5.58
N GLU A 83 17.13 -3.23 -6.86
CA GLU A 83 15.94 -2.50 -7.42
C GLU A 83 15.42 -3.21 -8.67
N THR A 84 14.14 -3.37 -8.70
CA THR A 84 13.47 -4.05 -9.84
C THR A 84 12.29 -3.19 -10.32
N GLY A 85 11.45 -3.79 -11.11
CA GLY A 85 10.25 -3.09 -11.63
C GLY A 85 9.17 -4.16 -11.75
N ILE A 86 8.00 -3.74 -12.13
CA ILE A 86 6.89 -4.72 -12.27
C ILE A 86 5.98 -4.43 -13.45
N GLU A 87 5.47 -5.43 -14.13
CA GLU A 87 4.57 -5.12 -15.27
C GLU A 87 3.23 -5.16 -14.53
N GLU A 88 3.04 -4.22 -13.63
CA GLU A 88 1.76 -4.23 -12.86
C GLU A 88 0.99 -2.91 -12.77
N GLY A 89 -0.25 -3.09 -12.41
CA GLY A 89 -1.18 -1.95 -12.24
C GLY A 89 -1.72 -2.04 -10.83
N CYS A 90 -2.08 -0.90 -10.31
CA CYS A 90 -2.62 -0.82 -8.93
C CYS A 90 -4.15 -0.89 -8.97
N LEU A 91 -4.83 0.06 -8.36
CA LEU A 91 -6.32 0.04 -8.38
C LEU A 91 -6.89 1.29 -9.07
N SER A 92 -6.85 2.37 -8.34
CA SER A 92 -7.37 3.69 -8.83
C SER A 92 -7.12 3.85 -10.32
N ILE A 93 -5.89 3.55 -10.59
CA ILE A 93 -5.23 3.58 -11.93
C ILE A 93 -6.17 3.30 -13.11
N PRO A 94 -5.86 3.81 -14.28
CA PRO A 94 -6.71 3.60 -15.48
C PRO A 94 -6.28 2.39 -16.31
N GLU A 95 -7.00 2.25 -17.40
CA GLU A 95 -6.81 1.15 -18.39
C GLU A 95 -5.39 0.60 -18.52
N GLN A 96 -4.41 1.46 -18.58
CA GLN A 96 -3.02 0.94 -18.72
C GLN A 96 -2.37 0.44 -17.43
N ARG A 97 -1.27 -0.23 -17.67
CA ARG A 97 -0.44 -0.83 -16.60
C ARG A 97 0.96 -0.22 -16.75
N ALA A 98 1.85 -0.52 -15.85
CA ALA A 98 3.21 0.08 -16.00
C ALA A 98 4.32 -0.88 -15.60
N LEU A 99 5.48 -0.43 -16.00
CA LEU A 99 6.78 -1.13 -15.74
C LEU A 99 7.46 0.02 -15.02
N VAL A 100 7.05 0.14 -13.78
CA VAL A 100 7.62 1.22 -12.93
C VAL A 100 8.75 0.70 -12.05
N PRO A 101 9.79 1.49 -11.97
CA PRO A 101 10.96 1.13 -11.15
C PRO A 101 10.60 1.31 -9.69
N ARG A 102 10.55 0.13 -9.13
CA ARG A 102 10.20 -0.03 -7.70
C ARG A 102 11.25 -0.95 -7.08
N ALA A 103 11.91 -0.52 -6.03
CA ALA A 103 12.96 -1.35 -5.36
C ALA A 103 12.73 -2.87 -5.39
N GLU A 104 13.78 -3.62 -5.21
CA GLU A 104 13.61 -5.09 -5.24
C GLU A 104 13.28 -5.60 -3.84
N LYS A 105 14.11 -5.28 -2.90
CA LYS A 105 13.85 -5.74 -1.51
C LYS A 105 13.87 -4.49 -0.63
N VAL A 106 13.14 -4.53 0.45
CA VAL A 106 13.09 -3.36 1.39
C VAL A 106 12.82 -3.76 2.83
N LYS A 107 13.41 -3.06 3.77
CA LYS A 107 13.13 -3.42 5.19
C LYS A 107 12.49 -2.18 5.79
N ILE A 108 11.40 -2.36 6.49
CA ILE A 108 10.69 -1.21 7.13
C ILE A 108 10.37 -1.46 8.59
N ARG A 109 9.86 -0.42 9.19
CA ARG A 109 9.49 -0.56 10.63
C ARG A 109 8.05 -0.02 10.61
N ALA A 110 7.12 -0.83 11.04
CA ALA A 110 5.69 -0.44 11.05
C ALA A 110 5.01 -0.82 12.37
N LEU A 111 3.72 -0.66 12.37
CA LEU A 111 2.85 -0.99 13.54
C LEU A 111 1.78 -1.80 12.80
N ASP A 112 1.09 -2.68 13.47
CA ASP A 112 0.06 -3.50 12.76
C ASP A 112 -1.36 -3.27 13.29
N ARG A 113 -2.22 -4.09 12.75
CA ARG A 113 -3.67 -4.09 13.09
C ARG A 113 -3.98 -3.60 14.50
N ASP A 114 -3.28 -4.20 15.43
CA ASP A 114 -3.43 -3.88 16.88
C ASP A 114 -2.65 -2.62 17.25
N GLY A 115 -1.42 -2.66 16.84
CA GLY A 115 -0.46 -1.55 17.07
C GLY A 115 0.75 -2.24 17.69
N LYS A 116 1.16 -3.25 16.97
CA LYS A 116 2.35 -4.05 17.40
C LYS A 116 3.38 -3.60 16.38
N PRO A 117 4.54 -3.26 16.86
CA PRO A 117 5.65 -2.79 16.00
C PRO A 117 6.47 -3.93 15.44
N PHE A 118 6.60 -3.88 14.14
CA PHE A 118 7.38 -4.93 13.44
C PHE A 118 8.36 -4.33 12.46
N GLU A 119 9.46 -5.01 12.30
CA GLU A 119 10.48 -4.51 11.34
C GLU A 119 10.48 -5.62 10.29
N LEU A 120 9.72 -5.27 9.29
CA LEU A 120 9.50 -6.16 8.12
C LEU A 120 10.36 -6.01 6.87
N GLU A 121 10.99 -7.08 6.48
CA GLU A 121 11.81 -6.97 5.26
C GLU A 121 11.05 -7.79 4.23
N ALA A 122 11.13 -7.28 3.04
CA ALA A 122 10.45 -7.93 1.89
C ALA A 122 11.38 -7.98 0.68
N ASP A 123 11.00 -8.82 -0.24
CA ASP A 123 11.80 -8.96 -1.48
C ASP A 123 10.83 -8.80 -2.64
N GLY A 124 11.40 -8.74 -3.81
CA GLY A 124 10.64 -8.60 -5.08
C GLY A 124 9.20 -8.06 -5.00
N LEU A 125 8.36 -8.59 -5.86
CA LEU A 125 6.93 -8.19 -5.94
C LEU A 125 6.18 -7.72 -4.68
N LEU A 126 6.34 -8.33 -3.53
CA LEU A 126 5.55 -7.77 -2.39
C LEU A 126 6.24 -6.46 -2.07
N ALA A 127 7.53 -6.52 -1.91
CA ALA A 127 8.31 -5.29 -1.60
C ALA A 127 7.70 -4.20 -2.46
N ILE A 128 7.55 -4.53 -3.71
CA ILE A 128 6.96 -3.59 -4.70
C ILE A 128 5.56 -3.12 -4.32
N CYS A 129 4.74 -4.08 -4.04
CA CYS A 129 3.32 -3.85 -3.66
C CYS A 129 3.23 -2.71 -2.65
N ILE A 130 3.98 -2.87 -1.60
CA ILE A 130 3.97 -1.82 -0.55
C ILE A 130 4.61 -0.52 -1.03
N GLN A 131 5.80 -0.63 -1.53
CA GLN A 131 6.55 0.56 -2.05
C GLN A 131 5.56 1.49 -2.75
N HIS A 132 4.98 0.83 -3.72
CA HIS A 132 3.95 1.45 -4.60
C HIS A 132 2.91 2.23 -3.80
N GLU A 133 2.24 1.45 -3.00
CA GLU A 133 1.17 2.02 -2.12
C GLU A 133 1.71 3.21 -1.31
N MET A 134 2.98 3.18 -1.00
CA MET A 134 3.55 4.31 -0.20
C MET A 134 3.66 5.56 -1.08
N ASP A 135 3.98 5.38 -2.33
CA ASP A 135 4.10 6.59 -3.21
C ASP A 135 2.71 7.22 -3.07
N HIS A 136 1.72 6.37 -3.04
CA HIS A 136 0.35 6.94 -2.90
C HIS A 136 0.13 7.63 -1.56
N LEU A 137 0.55 7.00 -0.50
CA LEU A 137 0.37 7.63 0.84
C LEU A 137 1.02 9.01 0.93
N VAL A 138 2.03 9.25 0.15
CA VAL A 138 2.67 10.61 0.24
C VAL A 138 2.17 11.58 -0.83
N GLY A 139 1.31 11.17 -1.73
CA GLY A 139 0.84 12.16 -2.73
C GLY A 139 1.24 11.96 -4.18
N LYS A 140 1.86 10.86 -4.51
CA LYS A 140 2.23 10.68 -5.94
C LYS A 140 1.53 9.40 -6.38
N LEU A 141 1.17 9.37 -7.63
CA LEU A 141 0.49 8.13 -8.10
C LEU A 141 1.68 7.46 -8.75
N PHE A 142 1.60 6.27 -9.28
CA PHE A 142 2.89 5.81 -9.86
C PHE A 142 2.94 6.34 -11.29
N MET A 143 2.21 7.39 -11.53
CA MET A 143 2.19 7.98 -12.89
C MET A 143 3.06 9.23 -12.94
N ASP A 144 4.12 9.12 -12.20
CA ASP A 144 5.13 10.22 -12.12
C ASP A 144 6.05 9.73 -13.23
N TYR A 145 6.22 8.44 -13.16
CA TYR A 145 7.05 7.64 -14.08
C TYR A 145 6.24 7.21 -15.30
N LEU A 146 4.97 7.54 -15.29
CA LEU A 146 4.10 7.16 -16.44
C LEU A 146 3.52 8.42 -17.07
N SER A 147 2.94 9.26 -16.26
CA SER A 147 2.34 10.52 -16.78
C SER A 147 3.20 11.68 -16.29
N VAL A 2 -17.74 -3.39 0.59
CA VAL A 2 -16.35 -2.86 0.59
C VAL A 2 -16.41 -1.34 0.77
N LEU A 3 -15.28 -0.73 0.55
CA LEU A 3 -15.22 0.76 0.71
C LEU A 3 -15.41 1.53 -0.59
N GLN A 4 -15.39 2.81 -0.38
CA GLN A 4 -15.57 3.77 -1.50
C GLN A 4 -14.19 4.12 -2.06
N VAL A 5 -13.76 3.38 -3.04
CA VAL A 5 -12.42 3.69 -3.60
C VAL A 5 -12.62 4.68 -4.74
N LEU A 6 -11.60 5.47 -4.92
CA LEU A 6 -11.64 6.51 -5.97
C LEU A 6 -10.73 6.13 -7.14
N HIS A 7 -10.86 6.89 -8.19
CA HIS A 7 -10.05 6.66 -9.42
C HIS A 7 -9.21 7.92 -9.62
N ILE A 8 -8.36 7.88 -10.62
CA ILE A 8 -7.50 9.07 -10.87
C ILE A 8 -8.04 9.97 -12.00
N PRO A 9 -7.67 11.22 -11.96
CA PRO A 9 -6.81 11.85 -10.92
C PRO A 9 -7.67 12.09 -9.67
N ASP A 10 -7.07 11.96 -8.52
CA ASP A 10 -7.85 12.18 -7.27
C ASP A 10 -7.07 13.19 -6.41
N GLU A 11 -7.63 13.51 -5.28
CA GLU A 11 -6.96 14.46 -4.35
C GLU A 11 -6.28 13.67 -3.24
N ARG A 12 -7.01 12.79 -2.61
CA ARG A 12 -6.46 11.96 -1.51
C ARG A 12 -5.19 11.26 -1.98
N LEU A 13 -5.34 10.49 -3.02
CA LEU A 13 -4.20 9.74 -3.61
C LEU A 13 -2.97 10.61 -3.86
N ARG A 14 -3.24 11.84 -4.24
CA ARG A 14 -2.13 12.79 -4.52
C ARG A 14 -1.85 13.75 -3.37
N LYS A 15 -2.65 13.63 -2.34
CA LYS A 15 -2.47 14.50 -1.14
C LYS A 15 -1.56 13.65 -0.25
N VAL A 16 -1.14 14.19 0.84
CA VAL A 16 -0.24 13.43 1.76
C VAL A 16 -1.06 12.89 2.92
N ALA A 17 -0.50 11.95 3.63
CA ALA A 17 -1.19 11.35 4.81
C ALA A 17 -0.44 11.82 6.05
N LYS A 18 -0.92 11.35 7.17
CA LYS A 18 -0.27 11.73 8.46
C LYS A 18 0.14 10.42 9.13
N PRO A 19 1.36 10.32 9.57
CA PRO A 19 1.84 9.09 10.23
C PRO A 19 1.29 9.18 11.67
N VAL A 20 1.00 8.06 12.27
CA VAL A 20 0.46 8.12 13.65
C VAL A 20 1.50 7.47 14.56
N GLU A 21 1.26 7.54 15.84
CA GLU A 21 2.22 6.94 16.82
C GLU A 21 1.55 5.73 17.47
N GLU A 22 0.31 5.90 17.85
CA GLU A 22 -0.43 4.78 18.49
C GLU A 22 -1.51 4.25 17.56
N VAL A 23 -1.82 3.01 17.79
CA VAL A 23 -2.86 2.29 16.99
C VAL A 23 -3.83 1.68 17.98
N ASN A 24 -4.84 1.19 17.33
CA ASN A 24 -5.96 0.52 18.04
C ASN A 24 -6.70 -0.57 17.24
N ALA A 25 -7.97 -0.66 17.51
CA ALA A 25 -8.84 -1.66 16.83
C ALA A 25 -9.76 -0.90 15.86
N GLU A 26 -9.27 0.26 15.53
CA GLU A 26 -9.97 1.20 14.59
C GLU A 26 -9.15 1.20 13.30
N ILE A 27 -7.91 0.86 13.51
CA ILE A 27 -6.90 0.79 12.43
C ILE A 27 -7.03 -0.66 11.96
N GLN A 28 -7.16 -1.52 12.94
CA GLN A 28 -7.31 -2.96 12.60
C GLN A 28 -8.50 -2.97 11.64
N ARG A 29 -9.41 -2.12 12.01
CA ARG A 29 -10.68 -1.88 11.30
C ARG A 29 -10.43 -1.25 9.93
N ILE A 30 -9.51 -0.32 9.82
CA ILE A 30 -9.32 0.22 8.45
C ILE A 30 -8.77 -0.92 7.63
N VAL A 31 -7.66 -1.38 8.12
CA VAL A 31 -6.88 -2.50 7.53
C VAL A 31 -7.77 -3.61 6.97
N ASP A 32 -8.67 -3.97 7.84
CA ASP A 32 -9.59 -5.06 7.45
C ASP A 32 -10.50 -4.57 6.34
N ASP A 33 -11.05 -3.40 6.55
CA ASP A 33 -11.95 -2.85 5.51
C ASP A 33 -11.15 -2.77 4.21
N MET A 34 -9.88 -2.57 4.34
CA MET A 34 -9.05 -2.48 3.10
C MET A 34 -8.85 -3.87 2.51
N PHE A 35 -8.76 -4.89 3.32
CA PHE A 35 -8.58 -6.21 2.67
C PHE A 35 -9.90 -6.46 1.95
N GLU A 36 -10.93 -6.36 2.75
CA GLU A 36 -12.34 -6.54 2.33
C GLU A 36 -12.52 -5.98 0.91
N THR A 37 -11.94 -4.83 0.76
CA THR A 37 -11.99 -4.09 -0.54
C THR A 37 -10.90 -4.55 -1.51
N MET A 38 -9.67 -4.25 -1.18
CA MET A 38 -8.47 -4.62 -2.01
C MET A 38 -8.74 -5.93 -2.75
N TYR A 39 -9.18 -6.84 -1.90
CA TYR A 39 -9.54 -8.22 -2.32
C TYR A 39 -10.51 -8.21 -3.51
N ALA A 40 -11.63 -7.66 -3.15
CA ALA A 40 -12.84 -7.47 -4.01
C ALA A 40 -12.51 -7.00 -5.42
N GLU A 41 -11.45 -6.25 -5.47
CA GLU A 41 -11.03 -5.71 -6.77
C GLU A 41 -10.04 -6.71 -7.35
N GLU A 42 -8.97 -6.14 -7.82
CA GLU A 42 -7.88 -6.92 -8.45
C GLU A 42 -6.52 -6.31 -8.08
N GLY A 43 -6.34 -6.06 -6.82
CA GLY A 43 -5.03 -5.47 -6.38
C GLY A 43 -4.36 -6.36 -5.35
N ILE A 44 -3.06 -6.26 -5.32
CA ILE A 44 -2.28 -7.06 -4.35
C ILE A 44 -2.07 -6.14 -3.16
N GLY A 45 -1.79 -4.89 -3.46
CA GLY A 45 -1.58 -3.89 -2.37
C GLY A 45 -2.48 -2.67 -2.53
N LEU A 46 -3.21 -2.39 -1.47
CA LEU A 46 -4.13 -1.21 -1.46
C LEU A 46 -3.56 -0.26 -0.40
N ALA A 47 -3.79 1.01 -0.62
CA ALA A 47 -3.31 2.05 0.32
C ALA A 47 -4.61 2.65 0.86
N ALA A 48 -4.58 3.38 1.94
CA ALA A 48 -5.88 3.94 2.42
C ALA A 48 -6.05 5.40 2.03
N THR A 49 -5.47 5.67 0.90
CA THR A 49 -5.53 7.04 0.33
C THR A 49 -6.43 6.84 -0.89
N GLN A 50 -6.76 5.59 -1.09
CA GLN A 50 -7.62 5.23 -2.25
C GLN A 50 -9.05 5.13 -1.75
N VAL A 51 -9.27 4.90 -0.48
CA VAL A 51 -10.70 4.84 -0.07
C VAL A 51 -10.79 6.35 0.18
N ASP A 52 -10.64 6.78 1.40
CA ASP A 52 -10.66 8.24 1.68
C ASP A 52 -10.09 8.25 3.11
N ILE A 53 -8.82 8.50 3.25
CA ILE A 53 -8.17 8.54 4.59
C ILE A 53 -6.78 9.16 4.45
N HIS A 54 -6.27 9.73 5.51
CA HIS A 54 -4.91 10.32 5.43
C HIS A 54 -4.04 9.77 6.53
N GLN A 55 -3.91 8.47 6.47
CA GLN A 55 -3.07 7.75 7.47
C GLN A 55 -2.28 6.83 6.56
N ARG A 56 -1.33 6.13 7.12
CA ARG A 56 -0.52 5.22 6.26
C ARG A 56 -1.00 3.79 6.45
N ILE A 57 -2.20 3.52 5.99
CA ILE A 57 -2.72 2.14 6.16
C ILE A 57 -2.67 1.46 4.80
N ILE A 58 -2.05 0.31 4.73
CA ILE A 58 -2.02 -0.36 3.41
C ILE A 58 -2.10 -1.85 3.72
N VAL A 59 -2.74 -2.59 2.86
CA VAL A 59 -2.83 -4.06 3.11
C VAL A 59 -2.22 -4.75 1.92
N ILE A 60 -1.84 -5.99 2.09
CA ILE A 60 -1.23 -6.75 0.98
C ILE A 60 -1.67 -8.22 0.92
N ASP A 61 -1.91 -8.74 -0.25
CA ASP A 61 -2.33 -10.18 -0.37
C ASP A 61 -1.47 -10.81 -1.46
N VAL A 62 -0.30 -11.28 -1.12
CA VAL A 62 0.49 -11.90 -2.23
C VAL A 62 0.51 -13.42 -2.21
N SER A 63 -0.24 -14.06 -1.34
CA SER A 63 -0.21 -15.54 -1.35
C SER A 63 -1.30 -16.09 -2.27
N GLU A 64 -1.40 -17.38 -2.25
CA GLU A 64 -2.41 -18.09 -3.08
C GLU A 64 -3.88 -17.79 -2.78
N ASN A 65 -4.30 -18.17 -1.62
CA ASN A 65 -5.72 -17.96 -1.20
C ASN A 65 -5.94 -17.10 0.05
N ARG A 66 -5.68 -15.82 -0.09
CA ARG A 66 -5.84 -14.86 1.05
C ARG A 66 -5.37 -15.60 2.30
N ASP A 67 -4.19 -16.09 2.07
CA ASP A 67 -3.42 -16.88 3.05
C ASP A 67 -2.39 -15.99 3.75
N GLU A 68 -2.03 -14.96 3.02
CA GLU A 68 -1.02 -14.00 3.53
C GLU A 68 -1.53 -12.56 3.51
N ARG A 69 -2.37 -12.22 4.46
CA ARG A 69 -2.88 -10.83 4.49
C ARG A 69 -1.81 -10.04 5.24
N LEU A 70 -1.33 -9.00 4.62
CA LEU A 70 -0.28 -8.17 5.23
C LEU A 70 -0.87 -6.82 5.62
N VAL A 71 -0.24 -6.23 6.59
CA VAL A 71 -0.75 -4.93 7.07
C VAL A 71 0.37 -3.95 7.41
N LEU A 72 0.16 -2.71 7.09
CA LEU A 72 1.17 -1.65 7.38
C LEU A 72 0.47 -0.36 7.82
N ILE A 73 0.64 0.10 9.03
CA ILE A 73 -0.06 1.37 9.44
C ILE A 73 0.93 2.53 9.56
N ASN A 74 2.09 2.24 10.06
CA ASN A 74 3.13 3.30 10.21
C ASN A 74 4.47 2.78 9.70
N PRO A 75 4.45 2.29 8.49
CA PRO A 75 5.64 1.72 7.82
C PRO A 75 6.69 2.72 7.34
N GLU A 76 7.62 3.09 8.16
CA GLU A 76 8.60 4.06 7.61
C GLU A 76 9.53 3.14 6.83
N LEU A 77 10.27 3.72 5.94
CA LEU A 77 11.19 2.87 5.14
C LEU A 77 12.56 2.92 5.82
N LEU A 78 13.24 1.81 5.81
CA LEU A 78 14.59 1.76 6.44
C LEU A 78 15.57 1.37 5.34
N GLU A 79 15.28 0.23 4.77
CA GLU A 79 16.11 -0.33 3.68
C GLU A 79 15.28 -0.61 2.44
N LYS A 80 16.01 -0.58 1.35
CA LYS A 80 15.43 -0.83 0.01
C LYS A 80 16.53 -1.38 -0.90
N SER A 81 16.76 -2.65 -0.83
CA SER A 81 17.83 -3.25 -1.68
C SER A 81 17.31 -3.54 -3.08
N GLY A 82 18.24 -3.70 -3.99
CA GLY A 82 17.89 -3.99 -5.41
C GLY A 82 16.99 -2.91 -6.01
N GLU A 83 16.81 -2.97 -7.30
CA GLU A 83 15.96 -1.95 -7.98
C GLU A 83 15.13 -2.63 -9.06
N THR A 84 14.08 -3.32 -8.67
CA THR A 84 13.25 -4.00 -9.71
C THR A 84 11.90 -3.31 -9.85
N GLY A 85 11.20 -3.75 -10.85
CA GLY A 85 9.84 -3.20 -11.15
C GLY A 85 8.92 -4.37 -11.49
N ILE A 86 7.68 -4.04 -11.73
CA ILE A 86 6.67 -5.08 -12.08
C ILE A 86 5.85 -4.60 -13.26
N GLU A 87 5.40 -5.51 -14.10
CA GLU A 87 4.58 -5.08 -15.27
C GLU A 87 3.12 -5.12 -14.83
N GLU A 88 2.82 -4.31 -13.84
CA GLU A 88 1.42 -4.28 -13.33
C GLU A 88 0.87 -2.89 -13.01
N GLY A 89 -0.39 -2.90 -12.70
CA GLY A 89 -1.12 -1.65 -12.35
C GLY A 89 -1.66 -1.80 -10.93
N CYS A 90 -2.01 -0.68 -10.35
CA CYS A 90 -2.54 -0.66 -8.96
C CYS A 90 -4.07 -0.74 -8.94
N LEU A 91 -4.71 0.23 -8.33
CA LEU A 91 -6.21 0.22 -8.28
C LEU A 91 -6.82 1.46 -8.92
N SER A 92 -6.81 2.53 -8.16
CA SER A 92 -7.36 3.84 -8.62
C SER A 92 -7.14 4.02 -10.12
N ILE A 93 -5.90 3.75 -10.41
CA ILE A 93 -5.26 3.80 -11.76
C ILE A 93 -6.23 3.48 -12.92
N PRO A 94 -5.98 4.00 -14.09
CA PRO A 94 -6.84 3.76 -15.28
C PRO A 94 -6.34 2.60 -16.13
N GLU A 95 -7.06 2.43 -17.22
CA GLU A 95 -6.82 1.37 -18.24
C GLU A 95 -5.37 0.93 -18.42
N GLN A 96 -4.45 1.84 -18.27
CA GLN A 96 -3.01 1.47 -18.45
C GLN A 96 -2.39 0.75 -17.25
N ARG A 97 -1.33 0.07 -17.58
CA ARG A 97 -0.53 -0.73 -16.61
C ARG A 97 0.89 -0.20 -16.73
N ALA A 98 1.78 -0.65 -15.88
CA ALA A 98 3.16 -0.11 -16.03
C ALA A 98 4.24 -1.06 -15.55
N LEU A 99 5.42 -0.69 -16.00
CA LEU A 99 6.67 -1.43 -15.68
C LEU A 99 7.44 -0.31 -15.00
N VAL A 100 6.97 -0.08 -13.81
CA VAL A 100 7.56 1.00 -12.97
C VAL A 100 8.71 0.60 -12.06
N PRO A 101 9.71 1.44 -12.03
CA PRO A 101 10.90 1.20 -11.19
C PRO A 101 10.51 1.46 -9.75
N ARG A 102 10.61 0.36 -9.07
CA ARG A 102 10.30 0.27 -7.63
C ARG A 102 11.61 -0.30 -7.09
N ALA A 103 11.57 -0.86 -5.92
CA ALA A 103 12.80 -1.44 -5.33
C ALA A 103 12.62 -2.95 -5.46
N GLU A 104 13.61 -3.68 -5.03
CA GLU A 104 13.48 -5.16 -5.14
C GLU A 104 13.13 -5.70 -3.76
N LYS A 105 14.00 -5.42 -2.82
CA LYS A 105 13.76 -5.90 -1.44
C LYS A 105 13.77 -4.64 -0.57
N VAL A 106 13.08 -4.68 0.53
CA VAL A 106 13.00 -3.52 1.46
C VAL A 106 12.89 -3.97 2.91
N LYS A 107 13.24 -3.09 3.81
CA LYS A 107 13.13 -3.42 5.26
C LYS A 107 12.42 -2.21 5.90
N ILE A 108 11.27 -2.41 6.51
CA ILE A 108 10.54 -1.28 7.15
C ILE A 108 10.19 -1.52 8.61
N ARG A 109 9.64 -0.49 9.18
CA ARG A 109 9.23 -0.60 10.61
C ARG A 109 7.80 -0.05 10.60
N ALA A 110 6.86 -0.86 11.02
CA ALA A 110 5.42 -0.47 11.03
C ALA A 110 4.73 -0.82 12.36
N LEU A 111 3.44 -0.65 12.35
CA LEU A 111 2.56 -0.94 13.52
C LEU A 111 1.50 -1.78 12.79
N ASP A 112 0.88 -2.72 13.46
CA ASP A 112 -0.15 -3.56 12.79
C ASP A 112 -1.58 -3.37 13.28
N ARG A 113 -2.42 -4.22 12.75
CA ARG A 113 -3.87 -4.22 13.09
C ARG A 113 -4.09 -3.84 14.55
N ASP A 114 -3.50 -4.64 15.40
CA ASP A 114 -3.61 -4.40 16.87
C ASP A 114 -2.94 -3.06 17.16
N GLY A 115 -1.73 -3.01 16.68
CA GLY A 115 -0.87 -1.82 16.83
C GLY A 115 0.38 -2.28 17.56
N LYS A 116 0.96 -3.33 17.03
CA LYS A 116 2.18 -3.88 17.65
C LYS A 116 3.17 -3.42 16.58
N PRO A 117 4.36 -3.10 17.00
CA PRO A 117 5.42 -2.63 16.08
C PRO A 117 6.25 -3.78 15.54
N PHE A 118 6.39 -3.78 14.24
CA PHE A 118 7.18 -4.84 13.58
C PHE A 118 8.16 -4.26 12.58
N GLU A 119 9.24 -4.95 12.39
CA GLU A 119 10.25 -4.45 11.42
C GLU A 119 10.25 -5.60 10.42
N LEU A 120 9.49 -5.28 9.40
CA LEU A 120 9.26 -6.21 8.27
C LEU A 120 10.10 -6.04 7.02
N GLU A 121 10.70 -7.12 6.58
CA GLU A 121 11.51 -6.98 5.36
C GLU A 121 10.87 -7.91 4.34
N ALA A 122 10.81 -7.35 3.18
CA ALA A 122 10.21 -8.04 2.01
C ALA A 122 11.15 -8.10 0.83
N ASP A 123 10.77 -8.94 -0.10
CA ASP A 123 11.57 -9.09 -1.34
C ASP A 123 10.60 -8.83 -2.49
N GLY A 124 11.18 -8.78 -3.65
CA GLY A 124 10.43 -8.53 -4.92
C GLY A 124 8.98 -8.03 -4.83
N LEU A 125 8.15 -8.55 -5.69
CA LEU A 125 6.71 -8.19 -5.74
C LEU A 125 5.95 -7.77 -4.46
N LEU A 126 6.22 -8.34 -3.31
CA LEU A 126 5.44 -7.88 -2.12
C LEU A 126 6.05 -6.53 -1.79
N ALA A 127 7.35 -6.50 -1.75
CA ALA A 127 8.04 -5.22 -1.44
C ALA A 127 7.35 -4.21 -2.36
N ILE A 128 7.44 -4.52 -3.63
CA ILE A 128 6.83 -3.67 -4.69
C ILE A 128 5.43 -3.19 -4.32
N CYS A 129 4.68 -4.15 -3.84
CA CYS A 129 3.27 -3.92 -3.43
C CYS A 129 3.24 -2.71 -2.50
N ILE A 130 3.98 -2.82 -1.44
CA ILE A 130 3.98 -1.66 -0.50
C ILE A 130 4.61 -0.40 -1.07
N GLN A 131 5.84 -0.53 -1.50
CA GLN A 131 6.60 0.60 -2.11
C GLN A 131 5.65 1.52 -2.84
N HIS A 132 5.00 0.85 -3.74
CA HIS A 132 4.00 1.50 -4.62
C HIS A 132 2.95 2.24 -3.78
N GLU A 133 2.27 1.45 -2.99
CA GLU A 133 1.22 2.03 -2.11
C GLU A 133 1.77 3.18 -1.26
N MET A 134 3.06 3.20 -1.06
CA MET A 134 3.63 4.31 -0.24
C MET A 134 3.82 5.56 -1.08
N ASP A 135 4.14 5.41 -2.35
CA ASP A 135 4.31 6.63 -3.18
C ASP A 135 2.93 7.29 -3.04
N HIS A 136 1.93 6.45 -3.04
CA HIS A 136 0.55 6.99 -2.90
C HIS A 136 0.34 7.73 -1.58
N LEU A 137 0.69 7.07 -0.52
CA LEU A 137 0.52 7.69 0.82
C LEU A 137 1.24 9.04 0.95
N VAL A 138 2.27 9.25 0.18
CA VAL A 138 2.96 10.55 0.30
C VAL A 138 2.59 11.56 -0.78
N GLY A 139 1.70 11.24 -1.68
CA GLY A 139 1.36 12.28 -2.70
C GLY A 139 1.59 11.94 -4.17
N LYS A 140 2.39 10.97 -4.50
CA LYS A 140 2.55 10.71 -5.95
C LYS A 140 1.81 9.43 -6.31
N LEU A 141 1.35 9.36 -7.52
CA LEU A 141 0.62 8.13 -7.94
C LEU A 141 1.76 7.42 -8.64
N PHE A 142 1.66 6.23 -9.15
CA PHE A 142 2.93 5.78 -9.78
C PHE A 142 2.92 6.35 -11.19
N MET A 143 1.95 7.18 -11.49
CA MET A 143 1.91 7.73 -12.87
C MET A 143 2.84 8.91 -13.10
N ASP A 144 3.93 8.87 -12.39
CA ASP A 144 4.95 9.93 -12.52
C ASP A 144 5.82 9.31 -13.60
N TYR A 145 5.98 8.03 -13.40
CA TYR A 145 6.77 7.18 -14.31
C TYR A 145 5.91 6.59 -15.43
N LEU A 146 4.68 7.00 -15.46
CA LEU A 146 3.78 6.48 -16.54
C LEU A 146 3.40 7.70 -17.38
N SER A 147 3.06 8.75 -16.68
CA SER A 147 2.66 10.02 -17.35
C SER A 147 3.67 11.10 -16.98
N VAL A 2 -17.66 -3.41 0.62
CA VAL A 2 -16.27 -2.88 0.54
C VAL A 2 -16.32 -1.37 0.70
N LEU A 3 -15.19 -0.76 0.41
CA LEU A 3 -15.09 0.72 0.53
C LEU A 3 -15.29 1.48 -0.78
N GLN A 4 -15.29 2.77 -0.58
CA GLN A 4 -15.47 3.72 -1.69
C GLN A 4 -14.07 4.14 -2.16
N VAL A 5 -13.55 3.40 -3.11
CA VAL A 5 -12.19 3.76 -3.58
C VAL A 5 -12.42 4.74 -4.73
N LEU A 6 -11.41 5.56 -4.91
CA LEU A 6 -11.50 6.58 -5.98
C LEU A 6 -10.60 6.19 -7.15
N HIS A 7 -10.82 6.85 -8.25
CA HIS A 7 -10.02 6.57 -9.48
C HIS A 7 -9.23 7.84 -9.76
N ILE A 8 -8.38 7.78 -10.75
CA ILE A 8 -7.58 8.99 -11.06
C ILE A 8 -8.19 9.81 -12.20
N PRO A 9 -7.92 11.09 -12.20
CA PRO A 9 -7.10 11.79 -11.19
C PRO A 9 -7.95 12.07 -9.94
N ASP A 10 -7.33 12.03 -8.80
CA ASP A 10 -8.08 12.30 -7.53
C ASP A 10 -7.27 13.33 -6.74
N GLU A 11 -7.76 13.67 -5.58
CA GLU A 11 -7.05 14.66 -4.72
C GLU A 11 -6.38 13.95 -3.54
N ARG A 12 -7.13 13.18 -2.79
CA ARG A 12 -6.56 12.47 -1.62
C ARG A 12 -5.42 11.55 -2.03
N LEU A 13 -5.57 10.83 -3.10
CA LEU A 13 -4.47 9.93 -3.52
C LEU A 13 -3.15 10.69 -3.63
N ARG A 14 -3.20 11.96 -3.94
CA ARG A 14 -1.92 12.71 -4.04
C ARG A 14 -1.79 13.75 -2.93
N LYS A 15 -2.66 13.57 -1.98
CA LYS A 15 -2.69 14.46 -0.81
C LYS A 15 -1.75 13.65 0.07
N VAL A 16 -1.32 14.20 1.17
CA VAL A 16 -0.40 13.42 2.02
C VAL A 16 -1.27 12.90 3.18
N ALA A 17 -0.71 12.04 3.99
CA ALA A 17 -1.48 11.50 5.14
C ALA A 17 -0.71 11.92 6.39
N LYS A 18 -1.22 11.50 7.50
CA LYS A 18 -0.56 11.84 8.79
C LYS A 18 -0.10 10.52 9.39
N PRO A 19 1.15 10.44 9.77
CA PRO A 19 1.69 9.19 10.37
C PRO A 19 1.17 9.19 11.80
N VAL A 20 1.14 8.05 12.42
CA VAL A 20 0.64 7.99 13.82
C VAL A 20 1.77 7.41 14.67
N GLU A 21 1.57 7.37 15.96
CA GLU A 21 2.61 6.81 16.86
C GLU A 21 2.14 5.43 17.31
N GLU A 22 0.90 5.38 17.75
CA GLU A 22 0.34 4.08 18.20
C GLU A 22 -0.88 3.77 17.33
N VAL A 23 -1.33 2.54 17.44
CA VAL A 23 -2.52 2.09 16.66
C VAL A 23 -3.55 1.64 17.66
N ASN A 24 -4.62 1.24 17.04
CA ASN A 24 -5.79 0.74 17.80
C ASN A 24 -6.59 -0.37 17.12
N ALA A 25 -7.86 -0.40 17.42
CA ALA A 25 -8.78 -1.42 16.84
C ALA A 25 -9.68 -0.73 15.82
N GLU A 26 -9.27 0.47 15.50
CA GLU A 26 -9.98 1.34 14.52
C GLU A 26 -9.19 1.20 13.22
N ILE A 27 -7.96 0.87 13.47
CA ILE A 27 -6.97 0.67 12.39
C ILE A 27 -7.30 -0.71 11.89
N GLN A 28 -7.15 -1.64 12.79
CA GLN A 28 -7.45 -3.07 12.47
C GLN A 28 -8.69 -3.05 11.56
N ARG A 29 -9.62 -2.27 12.02
CA ARG A 29 -10.93 -2.04 11.37
C ARG A 29 -10.69 -1.48 9.97
N ILE A 30 -9.92 -0.43 9.85
CA ILE A 30 -9.72 0.09 8.48
C ILE A 30 -9.05 -1.03 7.68
N VAL A 31 -7.90 -1.43 8.15
CA VAL A 31 -7.05 -2.51 7.57
C VAL A 31 -7.86 -3.64 6.99
N ASP A 32 -8.83 -4.01 7.78
CA ASP A 32 -9.68 -5.14 7.31
C ASP A 32 -10.51 -4.62 6.15
N ASP A 33 -11.14 -3.51 6.37
CA ASP A 33 -11.98 -2.91 5.29
C ASP A 33 -11.11 -2.78 4.03
N MET A 34 -9.84 -2.56 4.24
CA MET A 34 -8.91 -2.41 3.08
C MET A 34 -8.79 -3.77 2.42
N PHE A 35 -8.65 -4.81 3.19
CA PHE A 35 -8.54 -6.13 2.52
C PHE A 35 -9.84 -6.37 1.78
N GLU A 36 -10.89 -6.31 2.55
CA GLU A 36 -12.29 -6.50 2.07
C GLU A 36 -12.45 -5.94 0.66
N THR A 37 -11.88 -4.78 0.53
CA THR A 37 -11.92 -4.03 -0.76
C THR A 37 -10.79 -4.46 -1.70
N MET A 38 -9.56 -4.16 -1.34
CA MET A 38 -8.33 -4.49 -2.11
C MET A 38 -8.58 -5.81 -2.86
N TYR A 39 -9.07 -6.72 -2.07
CA TYR A 39 -9.42 -8.10 -2.50
C TYR A 39 -10.39 -8.09 -3.68
N ALA A 40 -11.53 -7.59 -3.31
CA ALA A 40 -12.75 -7.41 -4.15
C ALA A 40 -12.45 -7.00 -5.58
N GLU A 41 -11.41 -6.23 -5.66
CA GLU A 41 -11.01 -5.73 -6.98
C GLU A 41 -9.95 -6.64 -7.56
N GLU A 42 -8.89 -6.01 -7.99
CA GLU A 42 -7.75 -6.73 -8.61
C GLU A 42 -6.41 -6.13 -8.18
N GLY A 43 -6.23 -5.95 -6.90
CA GLY A 43 -4.95 -5.38 -6.42
C GLY A 43 -4.29 -6.29 -5.40
N ILE A 44 -2.99 -6.17 -5.33
CA ILE A 44 -2.21 -7.00 -4.37
C ILE A 44 -1.99 -6.10 -3.15
N GLY A 45 -1.70 -4.86 -3.42
CA GLY A 45 -1.47 -3.88 -2.32
C GLY A 45 -2.31 -2.62 -2.49
N LEU A 46 -3.02 -2.29 -1.45
CA LEU A 46 -3.89 -1.07 -1.45
C LEU A 46 -3.36 -0.12 -0.38
N ALA A 47 -3.53 1.16 -0.59
CA ALA A 47 -3.04 2.16 0.41
C ALA A 47 -4.35 2.74 0.95
N ALA A 48 -4.32 3.39 2.07
CA ALA A 48 -5.61 3.95 2.56
C ALA A 48 -5.76 5.44 2.27
N THR A 49 -5.24 5.77 1.12
CA THR A 49 -5.27 7.15 0.60
C THR A 49 -6.14 7.02 -0.65
N GLN A 50 -6.59 5.80 -0.87
CA GLN A 50 -7.42 5.52 -2.05
C GLN A 50 -8.88 5.34 -1.64
N VAL A 51 -9.15 5.10 -0.38
CA VAL A 51 -10.59 4.97 -0.05
C VAL A 51 -10.78 6.47 0.18
N ASP A 52 -10.72 6.91 1.41
CA ASP A 52 -10.84 8.36 1.70
C ASP A 52 -10.39 8.43 3.16
N ILE A 53 -9.15 8.73 3.40
CA ILE A 53 -8.62 8.82 4.79
C ILE A 53 -7.31 9.60 4.70
N HIS A 54 -6.85 10.15 5.79
CA HIS A 54 -5.56 10.90 5.75
C HIS A 54 -4.63 10.23 6.76
N GLN A 55 -4.61 8.93 6.72
CA GLN A 55 -3.73 8.20 7.67
C GLN A 55 -2.90 7.20 6.87
N ARG A 56 -2.02 6.54 7.55
CA ARG A 56 -1.15 5.54 6.88
C ARG A 56 -1.56 4.13 7.27
N ILE A 57 -2.19 3.48 6.33
CA ILE A 57 -2.67 2.09 6.54
C ILE A 57 -2.64 1.47 5.13
N ILE A 58 -2.01 0.34 4.98
CA ILE A 58 -1.98 -0.29 3.63
C ILE A 58 -2.07 -1.80 3.87
N VAL A 59 -2.64 -2.52 2.94
CA VAL A 59 -2.73 -4.00 3.14
C VAL A 59 -2.10 -4.69 1.94
N ILE A 60 -1.75 -5.94 2.11
CA ILE A 60 -1.13 -6.72 1.01
C ILE A 60 -1.61 -8.18 0.98
N ASP A 61 -1.77 -8.72 -0.19
CA ASP A 61 -2.20 -10.13 -0.35
C ASP A 61 -1.42 -10.78 -1.48
N VAL A 62 -0.22 -11.23 -1.19
CA VAL A 62 0.52 -11.85 -2.33
C VAL A 62 0.49 -13.38 -2.29
N SER A 63 -0.37 -13.94 -1.48
CA SER A 63 -0.41 -15.43 -1.43
C SER A 63 -1.43 -15.94 -2.45
N GLU A 64 -1.68 -17.22 -2.32
CA GLU A 64 -2.63 -17.92 -3.22
C GLU A 64 -4.11 -17.86 -2.85
N ASN A 65 -4.43 -18.28 -1.66
CA ASN A 65 -5.86 -18.28 -1.22
C ASN A 65 -6.26 -17.43 -0.01
N ARG A 66 -6.25 -16.14 -0.20
CA ARG A 66 -6.61 -15.17 0.88
C ARG A 66 -6.01 -15.78 2.14
N ASP A 67 -4.76 -16.06 1.93
CA ASP A 67 -3.87 -16.69 2.94
C ASP A 67 -2.94 -15.75 3.71
N GLU A 68 -2.39 -14.85 2.95
CA GLU A 68 -1.44 -13.84 3.46
C GLU A 68 -2.11 -12.47 3.42
N ARG A 69 -2.46 -11.96 4.57
CA ARG A 69 -3.12 -10.63 4.62
C ARG A 69 -2.16 -9.72 5.39
N LEU A 70 -1.27 -9.13 4.65
CA LEU A 70 -0.30 -8.23 5.32
C LEU A 70 -0.89 -6.87 5.65
N VAL A 71 -0.32 -6.38 6.71
CA VAL A 71 -0.75 -5.07 7.23
C VAL A 71 0.43 -4.20 7.62
N LEU A 72 0.34 -2.98 7.19
CA LEU A 72 1.38 -1.95 7.47
C LEU A 72 0.65 -0.65 7.85
N ILE A 73 0.80 -0.19 9.07
CA ILE A 73 0.06 1.07 9.38
C ILE A 73 1.00 2.24 9.12
N ASN A 74 1.94 2.49 9.99
CA ASN A 74 2.87 3.63 9.77
C ASN A 74 4.24 3.07 9.43
N PRO A 75 4.37 2.50 8.26
CA PRO A 75 5.66 1.91 7.82
C PRO A 75 6.62 2.98 7.34
N GLU A 76 7.54 3.36 8.19
CA GLU A 76 8.47 4.40 7.70
C GLU A 76 9.47 3.42 7.10
N LEU A 77 10.29 3.90 6.21
CA LEU A 77 11.23 2.90 5.63
C LEU A 77 12.60 2.86 6.29
N LEU A 78 13.29 1.80 5.95
CA LEU A 78 14.65 1.59 6.51
C LEU A 78 15.65 1.25 5.40
N GLU A 79 15.37 0.14 4.76
CA GLU A 79 16.23 -0.37 3.66
C GLU A 79 15.43 -0.64 2.38
N LYS A 80 16.16 -0.70 1.32
CA LYS A 80 15.61 -0.98 -0.03
C LYS A 80 16.71 -1.66 -0.85
N SER A 81 16.87 -2.95 -0.72
CA SER A 81 17.96 -3.60 -1.51
C SER A 81 17.52 -4.19 -2.84
N GLY A 82 18.27 -3.79 -3.84
CA GLY A 82 18.01 -4.25 -5.23
C GLY A 82 17.12 -3.17 -5.85
N GLU A 83 17.01 -3.14 -7.15
CA GLU A 83 16.15 -2.11 -7.78
C GLU A 83 15.35 -2.72 -8.95
N THR A 84 14.26 -3.36 -8.64
CA THR A 84 13.46 -3.97 -9.75
C THR A 84 12.11 -3.28 -9.94
N GLY A 85 11.45 -3.67 -10.99
CA GLY A 85 10.12 -3.11 -11.34
C GLY A 85 9.19 -4.29 -11.63
N ILE A 86 7.95 -3.96 -11.83
CA ILE A 86 6.94 -5.02 -12.13
C ILE A 86 6.00 -4.58 -13.25
N GLU A 87 5.53 -5.50 -14.03
CA GLU A 87 4.59 -5.14 -15.14
C GLU A 87 3.20 -5.24 -14.54
N GLU A 88 2.93 -4.38 -13.59
CA GLU A 88 1.59 -4.42 -12.94
C GLU A 88 0.92 -3.06 -12.75
N GLY A 89 -0.33 -3.15 -12.37
CA GLY A 89 -1.16 -1.95 -12.12
C GLY A 89 -1.73 -2.06 -10.70
N CYS A 90 -2.06 -0.92 -10.17
CA CYS A 90 -2.62 -0.85 -8.79
C CYS A 90 -4.16 -0.88 -8.81
N LEU A 91 -4.79 0.07 -8.18
CA LEU A 91 -6.28 0.10 -8.17
C LEU A 91 -6.86 1.35 -8.81
N SER A 92 -6.80 2.45 -8.09
CA SER A 92 -7.32 3.76 -8.57
C SER A 92 -7.12 3.91 -10.08
N ILE A 93 -5.90 3.59 -10.37
CA ILE A 93 -5.27 3.58 -11.73
C ILE A 93 -6.26 3.26 -12.87
N PRO A 94 -6.00 3.74 -14.06
CA PRO A 94 -6.87 3.48 -15.22
C PRO A 94 -6.44 2.26 -16.03
N GLU A 95 -7.21 2.05 -17.06
CA GLU A 95 -7.02 0.92 -18.04
C GLU A 95 -5.60 0.41 -18.24
N GLN A 96 -4.64 1.31 -18.22
CA GLN A 96 -3.23 0.85 -18.43
C GLN A 96 -2.56 0.26 -17.19
N ARG A 97 -1.47 -0.40 -17.50
CA ARG A 97 -0.62 -1.08 -16.49
C ARG A 97 0.76 -0.47 -16.66
N ALA A 98 1.69 -0.81 -15.79
CA ALA A 98 3.03 -0.21 -15.98
C ALA A 98 4.17 -1.13 -15.53
N LEU A 99 5.31 -0.78 -16.07
CA LEU A 99 6.57 -1.51 -15.79
C LEU A 99 7.36 -0.38 -15.12
N VAL A 100 6.88 -0.11 -13.94
CA VAL A 100 7.48 0.96 -13.09
C VAL A 100 8.66 0.54 -12.21
N PRO A 101 9.65 1.38 -12.17
CA PRO A 101 10.85 1.11 -11.35
C PRO A 101 10.48 1.41 -9.92
N ARG A 102 10.56 0.31 -9.23
CA ARG A 102 10.26 0.24 -7.79
C ARG A 102 11.59 -0.30 -7.27
N ALA A 103 11.60 -0.83 -6.08
CA ALA A 103 12.87 -1.37 -5.52
C ALA A 103 12.66 -2.88 -5.65
N GLU A 104 13.63 -3.62 -5.19
CA GLU A 104 13.48 -5.10 -5.27
C GLU A 104 13.12 -5.60 -3.88
N LYS A 105 13.92 -5.23 -2.92
CA LYS A 105 13.65 -5.68 -1.52
C LYS A 105 13.63 -4.42 -0.67
N VAL A 106 12.92 -4.46 0.43
CA VAL A 106 12.84 -3.28 1.35
C VAL A 106 12.62 -3.68 2.80
N LYS A 107 13.23 -2.96 3.72
CA LYS A 107 13.03 -3.31 5.14
C LYS A 107 12.37 -2.08 5.79
N ILE A 108 11.25 -2.26 6.42
CA ILE A 108 10.50 -1.14 7.08
C ILE A 108 10.24 -1.48 8.54
N ARG A 109 9.74 -0.46 9.19
CA ARG A 109 9.38 -0.58 10.63
C ARG A 109 7.97 0.02 10.66
N ALA A 110 7.04 -0.82 11.03
CA ALA A 110 5.59 -0.44 11.09
C ALA A 110 4.94 -0.82 12.42
N LEU A 111 3.63 -0.72 12.41
CA LEU A 111 2.74 -1.05 13.56
C LEU A 111 1.69 -1.91 12.87
N ASP A 112 0.99 -2.76 13.57
CA ASP A 112 -0.03 -3.63 12.91
C ASP A 112 -1.46 -3.29 13.30
N ARG A 113 -2.34 -4.07 12.73
CA ARG A 113 -3.81 -3.99 12.95
C ARG A 113 -4.19 -3.42 14.32
N ASP A 114 -3.55 -4.01 15.30
CA ASP A 114 -3.75 -3.64 16.73
C ASP A 114 -2.89 -2.46 17.18
N GLY A 115 -1.66 -2.55 16.78
CA GLY A 115 -0.62 -1.53 17.08
C GLY A 115 0.57 -2.29 17.66
N LYS A 116 0.95 -3.28 16.90
CA LYS A 116 2.09 -4.16 17.27
C LYS A 116 3.19 -3.71 16.30
N PRO A 117 4.28 -3.26 16.85
CA PRO A 117 5.42 -2.78 16.04
C PRO A 117 6.34 -3.88 15.52
N PHE A 118 6.58 -3.80 14.25
CA PHE A 118 7.45 -4.80 13.59
C PHE A 118 8.42 -4.14 12.63
N GLU A 119 9.41 -4.90 12.26
CA GLU A 119 10.43 -4.39 11.32
C GLU A 119 10.43 -5.50 10.28
N LEU A 120 9.62 -5.22 9.31
CA LEU A 120 9.41 -6.14 8.17
C LEU A 120 10.24 -5.95 6.91
N GLU A 121 10.84 -7.01 6.48
CA GLU A 121 11.63 -6.90 5.23
C GLU A 121 10.88 -7.75 4.23
N ALA A 122 10.93 -7.24 3.04
CA ALA A 122 10.25 -7.91 1.90
C ALA A 122 11.18 -7.97 0.70
N ASP A 123 10.85 -8.85 -0.19
CA ASP A 123 11.67 -8.98 -1.42
C ASP A 123 10.71 -8.85 -2.58
N GLY A 124 11.28 -8.74 -3.75
CA GLY A 124 10.51 -8.60 -5.02
C GLY A 124 9.05 -8.13 -4.91
N LEU A 125 8.23 -8.67 -5.77
CA LEU A 125 6.77 -8.33 -5.81
C LEU A 125 6.04 -7.89 -4.53
N LEU A 126 6.31 -8.43 -3.37
CA LEU A 126 5.54 -7.94 -2.19
C LEU A 126 6.19 -6.61 -1.86
N ALA A 127 7.49 -6.61 -1.84
CA ALA A 127 8.22 -5.35 -1.54
C ALA A 127 7.53 -4.33 -2.44
N ILE A 128 7.57 -4.63 -3.71
CA ILE A 128 6.95 -3.76 -4.74
C ILE A 128 5.57 -3.25 -4.32
N CYS A 129 4.81 -4.21 -3.85
CA CYS A 129 3.42 -3.95 -3.40
C CYS A 129 3.41 -2.75 -2.45
N ILE A 130 4.18 -2.88 -1.41
CA ILE A 130 4.22 -1.76 -0.42
C ILE A 130 4.83 -0.49 -1.00
N GLN A 131 6.03 -0.63 -1.51
CA GLN A 131 6.77 0.52 -2.11
C GLN A 131 5.78 1.45 -2.80
N HIS A 132 5.15 0.79 -3.71
CA HIS A 132 4.11 1.41 -4.57
C HIS A 132 3.09 2.18 -3.73
N GLU A 133 2.44 1.42 -2.89
CA GLU A 133 1.40 2.03 -2.00
C GLU A 133 1.97 3.23 -1.23
N MET A 134 3.24 3.18 -0.92
CA MET A 134 3.84 4.31 -0.16
C MET A 134 3.93 5.55 -1.05
N ASP A 135 4.22 5.36 -2.31
CA ASP A 135 4.32 6.54 -3.20
C ASP A 135 2.93 7.16 -3.06
N HIS A 136 1.94 6.32 -2.95
CA HIS A 136 0.57 6.91 -2.81
C HIS A 136 0.33 7.62 -1.46
N LEU A 137 0.78 7.05 -0.39
CA LEU A 137 0.57 7.71 0.94
C LEU A 137 1.13 9.13 0.97
N VAL A 138 2.28 9.33 0.36
CA VAL A 138 2.84 10.71 0.37
C VAL A 138 1.98 11.45 -0.65
N GLY A 139 1.62 10.77 -1.71
CA GLY A 139 0.78 11.42 -2.73
C GLY A 139 1.26 11.59 -4.17
N LYS A 140 1.84 10.56 -4.70
CA LYS A 140 2.33 10.60 -6.10
C LYS A 140 1.62 9.35 -6.58
N LEU A 141 1.24 9.28 -7.82
CA LEU A 141 0.57 8.01 -8.19
C LEU A 141 1.75 7.29 -8.83
N PHE A 142 1.64 6.08 -9.29
CA PHE A 142 2.92 5.60 -9.87
C PHE A 142 2.93 6.12 -11.31
N MET A 143 2.14 7.12 -11.57
CA MET A 143 2.10 7.66 -12.95
C MET A 143 2.96 8.93 -13.04
N ASP A 144 4.04 8.83 -12.34
CA ASP A 144 5.05 9.93 -12.28
C ASP A 144 5.96 9.43 -13.40
N TYR A 145 6.13 8.14 -13.34
CA TYR A 145 6.93 7.32 -14.27
C TYR A 145 6.09 6.86 -15.45
N LEU A 146 4.84 7.22 -15.42
CA LEU A 146 3.92 6.81 -16.53
C LEU A 146 3.34 8.06 -17.19
N SER A 147 2.81 8.93 -16.36
CA SER A 147 2.22 10.20 -16.89
C SER A 147 3.09 11.36 -16.41
N VAL A 2 -17.63 -3.37 0.83
CA VAL A 2 -16.25 -2.82 0.70
C VAL A 2 -16.32 -1.30 0.83
N LEU A 3 -15.22 -0.68 0.54
CA LEU A 3 -15.17 0.80 0.64
C LEU A 3 -15.38 1.55 -0.67
N GLN A 4 -15.37 2.84 -0.48
CA GLN A 4 -15.55 3.78 -1.62
C GLN A 4 -14.17 4.16 -2.14
N VAL A 5 -13.71 3.41 -3.11
CA VAL A 5 -12.36 3.74 -3.63
C VAL A 5 -12.56 4.70 -4.78
N LEU A 6 -11.55 5.51 -4.94
CA LEU A 6 -11.58 6.55 -6.01
C LEU A 6 -10.61 6.17 -7.13
N HIS A 7 -10.71 6.92 -8.19
CA HIS A 7 -9.83 6.68 -9.37
C HIS A 7 -9.10 7.98 -9.69
N ILE A 8 -8.23 7.93 -10.65
CA ILE A 8 -7.48 9.17 -10.99
C ILE A 8 -8.18 10.02 -12.07
N PRO A 9 -7.92 11.29 -12.04
CA PRO A 9 -7.03 11.99 -11.06
C PRO A 9 -7.85 12.21 -9.79
N ASP A 10 -7.23 12.08 -8.65
CA ASP A 10 -7.97 12.31 -7.37
C ASP A 10 -7.16 13.26 -6.51
N GLU A 11 -7.72 13.60 -5.38
CA GLU A 11 -7.05 14.52 -4.44
C GLU A 11 -6.42 13.69 -3.31
N ARG A 12 -7.19 12.86 -2.68
CA ARG A 12 -6.69 12.01 -1.57
C ARG A 12 -5.44 11.25 -2.02
N LEU A 13 -5.62 10.49 -3.06
CA LEU A 13 -4.50 9.69 -3.62
C LEU A 13 -3.23 10.50 -3.89
N ARG A 14 -3.45 11.74 -4.24
CA ARG A 14 -2.29 12.63 -4.53
C ARG A 14 -2.00 13.61 -3.40
N LYS A 15 -2.81 13.53 -2.37
CA LYS A 15 -2.64 14.42 -1.19
C LYS A 15 -1.74 13.59 -0.26
N VAL A 16 -1.34 14.17 0.83
CA VAL A 16 -0.47 13.42 1.78
C VAL A 16 -1.31 12.91 2.95
N ALA A 17 -0.77 11.97 3.67
CA ALA A 17 -1.50 11.39 4.83
C ALA A 17 -0.76 11.87 6.09
N LYS A 18 -1.27 11.47 7.22
CA LYS A 18 -0.62 11.88 8.48
C LYS A 18 -0.21 10.57 9.16
N PRO A 19 1.01 10.48 9.61
CA PRO A 19 1.51 9.26 10.27
C PRO A 19 0.91 9.24 11.68
N VAL A 20 0.83 8.06 12.24
CA VAL A 20 0.26 7.95 13.61
C VAL A 20 1.38 7.43 14.50
N GLU A 21 1.16 7.50 15.78
CA GLU A 21 2.17 7.02 16.76
C GLU A 21 1.59 5.80 17.46
N GLU A 22 0.37 5.94 17.90
CA GLU A 22 -0.31 4.81 18.59
C GLU A 22 -1.42 4.27 17.68
N VAL A 23 -1.65 2.99 17.78
CA VAL A 23 -2.71 2.35 16.95
C VAL A 23 -3.73 1.76 17.88
N ASN A 24 -4.73 1.32 17.19
CA ASN A 24 -5.90 0.70 17.86
C ASN A 24 -6.66 -0.36 17.06
N ALA A 25 -7.95 -0.39 17.31
CA ALA A 25 -8.87 -1.34 16.63
C ALA A 25 -9.71 -0.56 15.62
N GLU A 26 -9.23 0.63 15.37
CA GLU A 26 -9.87 1.59 14.41
C GLU A 26 -9.04 1.42 13.14
N ILE A 27 -7.86 1.01 13.42
CA ILE A 27 -6.79 0.75 12.42
C ILE A 27 -7.02 -0.67 11.91
N GLN A 28 -7.02 -1.56 12.86
CA GLN A 28 -7.24 -3.00 12.52
C GLN A 28 -8.43 -2.98 11.56
N ARG A 29 -9.33 -2.12 11.96
CA ARG A 29 -10.62 -1.85 11.27
C ARG A 29 -10.38 -1.30 9.87
N ILE A 30 -9.56 -0.29 9.75
CA ILE A 30 -9.32 0.23 8.38
C ILE A 30 -8.75 -0.93 7.58
N VAL A 31 -7.66 -1.41 8.08
CA VAL A 31 -6.88 -2.54 7.52
C VAL A 31 -7.75 -3.65 6.97
N ASP A 32 -8.72 -3.95 7.78
CA ASP A 32 -9.63 -5.06 7.37
C ASP A 32 -10.50 -4.54 6.22
N ASP A 33 -11.00 -3.35 6.40
CA ASP A 33 -11.86 -2.76 5.34
C ASP A 33 -11.02 -2.68 4.07
N MET A 34 -9.73 -2.56 4.27
CA MET A 34 -8.81 -2.46 3.11
C MET A 34 -8.67 -3.83 2.47
N PHE A 35 -8.67 -4.87 3.26
CA PHE A 35 -8.54 -6.19 2.59
C PHE A 35 -9.85 -6.38 1.85
N GLU A 36 -10.90 -6.27 2.63
CA GLU A 36 -12.30 -6.41 2.17
C GLU A 36 -12.44 -5.83 0.76
N THR A 37 -11.84 -4.68 0.64
CA THR A 37 -11.85 -3.93 -0.66
C THR A 37 -10.74 -4.42 -1.60
N MET A 38 -9.50 -4.21 -1.23
CA MET A 38 -8.32 -4.63 -2.05
C MET A 38 -8.69 -5.91 -2.82
N TYR A 39 -9.13 -6.81 -1.99
CA TYR A 39 -9.59 -8.16 -2.40
C TYR A 39 -10.60 -8.08 -3.56
N ALA A 40 -11.69 -7.50 -3.13
CA ALA A 40 -12.91 -7.24 -3.95
C ALA A 40 -12.62 -6.80 -5.38
N GLU A 41 -11.53 -6.09 -5.45
CA GLU A 41 -11.10 -5.55 -6.75
C GLU A 41 -10.17 -6.58 -7.35
N GLU A 42 -9.05 -6.06 -7.77
CA GLU A 42 -8.00 -6.89 -8.41
C GLU A 42 -6.63 -6.33 -8.03
N GLY A 43 -6.45 -6.09 -6.75
CA GLY A 43 -5.14 -5.54 -6.30
C GLY A 43 -4.43 -6.47 -5.33
N ILE A 44 -3.15 -6.26 -5.25
CA ILE A 44 -2.30 -7.07 -4.34
C ILE A 44 -2.08 -6.15 -3.15
N GLY A 45 -1.77 -4.91 -3.44
CA GLY A 45 -1.55 -3.93 -2.34
C GLY A 45 -2.42 -2.69 -2.53
N LEU A 46 -3.06 -2.32 -1.45
CA LEU A 46 -3.96 -1.14 -1.46
C LEU A 46 -3.44 -0.16 -0.39
N ALA A 47 -3.63 1.10 -0.63
CA ALA A 47 -3.17 2.13 0.35
C ALA A 47 -4.48 2.71 0.88
N ALA A 48 -4.48 3.35 2.02
CA ALA A 48 -5.78 3.89 2.49
C ALA A 48 -5.97 5.36 2.16
N THR A 49 -5.42 5.69 1.02
CA THR A 49 -5.49 7.07 0.49
C THR A 49 -6.37 6.91 -0.75
N GLN A 50 -6.73 5.68 -0.99
CA GLN A 50 -7.57 5.36 -2.17
C GLN A 50 -9.02 5.24 -1.75
N VAL A 51 -9.28 5.01 -0.49
CA VAL A 51 -10.73 4.92 -0.13
C VAL A 51 -10.85 6.44 0.06
N ASP A 52 -10.74 6.92 1.26
CA ASP A 52 -10.80 8.39 1.49
C ASP A 52 -10.24 8.42 2.91
N ILE A 53 -8.97 8.67 3.05
CA ILE A 53 -8.35 8.72 4.40
C ILE A 53 -6.95 9.33 4.32
N HIS A 54 -6.50 9.94 5.38
CA HIS A 54 -5.14 10.52 5.37
C HIS A 54 -4.43 10.01 6.60
N GLN A 55 -4.40 8.70 6.63
CA GLN A 55 -3.73 7.98 7.74
C GLN A 55 -2.85 7.03 6.94
N ARG A 56 -2.00 6.32 7.62
CA ARG A 56 -1.10 5.36 6.91
C ARG A 56 -1.60 3.96 7.22
N ILE A 57 -2.37 3.42 6.31
CA ILE A 57 -2.89 2.05 6.51
C ILE A 57 -2.79 1.39 5.13
N ILE A 58 -2.16 0.25 5.00
CA ILE A 58 -2.10 -0.37 3.65
C ILE A 58 -2.15 -1.88 3.87
N VAL A 59 -2.68 -2.61 2.92
CA VAL A 59 -2.75 -4.09 3.10
C VAL A 59 -2.13 -4.78 1.88
N ILE A 60 -1.80 -6.03 2.04
CA ILE A 60 -1.18 -6.80 0.92
C ILE A 60 -1.66 -8.27 0.84
N ASP A 61 -1.88 -8.77 -0.34
CA ASP A 61 -2.32 -10.18 -0.50
C ASP A 61 -1.50 -10.81 -1.62
N VAL A 62 -0.32 -11.28 -1.30
CA VAL A 62 0.45 -11.89 -2.43
C VAL A 62 0.46 -13.41 -2.42
N SER A 63 -0.31 -14.03 -1.57
CA SER A 63 -0.31 -15.51 -1.58
C SER A 63 -1.36 -16.04 -2.54
N GLU A 64 -1.55 -17.33 -2.46
CA GLU A 64 -2.54 -18.02 -3.34
C GLU A 64 -4.01 -17.95 -2.91
N ASN A 65 -4.29 -18.40 -1.71
CA ASN A 65 -5.70 -18.39 -1.21
C ASN A 65 -5.96 -17.59 0.06
N ARG A 66 -5.90 -16.29 -0.03
CA ARG A 66 -6.15 -15.42 1.16
C ARG A 66 -5.49 -16.11 2.35
N ASP A 67 -4.26 -16.40 2.01
CA ASP A 67 -3.31 -17.10 2.90
C ASP A 67 -2.31 -16.15 3.57
N GLU A 68 -2.07 -15.08 2.86
CA GLU A 68 -1.10 -14.07 3.35
C GLU A 68 -1.63 -12.63 3.36
N ARG A 69 -2.43 -12.29 4.35
CA ARG A 69 -2.95 -10.90 4.38
C ARG A 69 -1.88 -10.14 5.17
N LEU A 70 -1.37 -9.11 4.55
CA LEU A 70 -0.32 -8.29 5.18
C LEU A 70 -0.89 -6.94 5.56
N VAL A 71 -0.25 -6.38 6.55
CA VAL A 71 -0.71 -5.07 7.04
C VAL A 71 0.48 -4.18 7.38
N LEU A 72 0.36 -2.93 7.00
CA LEU A 72 1.44 -1.95 7.28
C LEU A 72 0.74 -0.64 7.69
N ILE A 73 1.04 -0.11 8.84
CA ILE A 73 0.34 1.15 9.20
C ILE A 73 1.29 2.32 9.00
N ASN A 74 2.28 2.43 9.83
CA ASN A 74 3.25 3.55 9.68
C ASN A 74 4.59 2.94 9.30
N PRO A 75 4.64 2.41 8.11
CA PRO A 75 5.88 1.77 7.60
C PRO A 75 6.94 2.77 7.15
N GLU A 76 7.81 3.14 8.05
CA GLU A 76 8.83 4.11 7.57
C GLU A 76 9.71 3.17 6.77
N LEU A 77 10.44 3.73 5.85
CA LEU A 77 11.31 2.86 5.02
C LEU A 77 12.72 2.96 5.59
N LEU A 78 13.39 1.84 5.65
CA LEU A 78 14.79 1.85 6.18
C LEU A 78 15.73 1.37 5.09
N GLU A 79 15.46 0.17 4.66
CA GLU A 79 16.27 -0.46 3.60
C GLU A 79 15.44 -0.79 2.37
N LYS A 80 16.18 -0.90 1.31
CA LYS A 80 15.64 -1.22 -0.03
C LYS A 80 16.72 -1.93 -0.85
N SER A 81 16.89 -3.22 -0.71
CA SER A 81 17.96 -3.86 -1.54
C SER A 81 17.49 -4.41 -2.86
N GLY A 82 18.17 -3.93 -3.86
CA GLY A 82 17.87 -4.33 -5.27
C GLY A 82 16.96 -3.25 -5.86
N GLU A 83 16.90 -3.18 -7.16
CA GLU A 83 16.03 -2.16 -7.82
C GLU A 83 15.20 -2.80 -8.93
N THR A 84 14.13 -3.44 -8.56
CA THR A 84 13.29 -4.08 -9.63
C THR A 84 11.95 -3.37 -9.79
N GLY A 85 11.25 -3.79 -10.80
CA GLY A 85 9.92 -3.23 -11.13
C GLY A 85 9.01 -4.41 -11.43
N ILE A 86 7.76 -4.09 -11.67
CA ILE A 86 6.76 -5.15 -11.98
C ILE A 86 5.94 -4.73 -13.19
N GLU A 87 5.51 -5.66 -14.00
CA GLU A 87 4.70 -5.26 -15.19
C GLU A 87 3.23 -5.30 -14.77
N GLU A 88 2.94 -4.50 -13.78
CA GLU A 88 1.53 -4.46 -13.26
C GLU A 88 1.02 -3.05 -13.00
N GLY A 89 -0.26 -3.01 -12.73
CA GLY A 89 -0.96 -1.73 -12.44
C GLY A 89 -1.60 -1.84 -11.06
N CYS A 90 -1.93 -0.70 -10.50
CA CYS A 90 -2.56 -0.68 -9.15
C CYS A 90 -4.09 -0.68 -9.22
N LEU A 91 -4.73 0.24 -8.55
CA LEU A 91 -6.23 0.28 -8.59
C LEU A 91 -6.77 1.56 -9.23
N SER A 92 -6.80 2.60 -8.44
CA SER A 92 -7.29 3.94 -8.87
C SER A 92 -7.04 4.22 -10.34
N ILE A 93 -5.79 3.93 -10.61
CA ILE A 93 -5.10 4.04 -11.92
C ILE A 93 -6.01 3.88 -13.15
N PRO A 94 -5.68 4.48 -14.27
CA PRO A 94 -6.48 4.37 -15.52
C PRO A 94 -6.57 2.92 -15.99
N GLU A 95 -6.92 2.74 -17.23
CA GLU A 95 -7.03 1.36 -17.77
C GLU A 95 -5.66 1.00 -18.36
N GLN A 96 -4.66 1.33 -17.60
CA GLN A 96 -3.24 1.06 -18.00
C GLN A 96 -2.51 0.23 -16.95
N ARG A 97 -1.36 -0.24 -17.36
CA ARG A 97 -0.50 -1.07 -16.48
C ARG A 97 0.88 -0.43 -16.54
N ALA A 98 1.80 -0.88 -15.72
CA ALA A 98 3.14 -0.25 -15.78
C ALA A 98 4.28 -1.19 -15.41
N LEU A 99 5.43 -0.79 -15.87
CA LEU A 99 6.70 -1.53 -15.62
C LEU A 99 7.50 -0.41 -14.96
N VAL A 100 6.96 -0.06 -13.83
CA VAL A 100 7.54 1.01 -12.99
C VAL A 100 8.68 0.60 -12.07
N PRO A 101 9.69 1.44 -12.02
CA PRO A 101 10.87 1.18 -11.18
C PRO A 101 10.49 1.44 -9.74
N ARG A 102 10.62 0.35 -9.04
CA ARG A 102 10.32 0.29 -7.59
C ARG A 102 11.64 -0.27 -7.05
N ALA A 103 11.59 -0.84 -5.87
CA ALA A 103 12.83 -1.42 -5.29
C ALA A 103 12.60 -2.92 -5.42
N GLU A 104 13.56 -3.70 -5.00
CA GLU A 104 13.36 -5.17 -5.12
C GLU A 104 13.02 -5.72 -3.74
N LYS A 105 13.89 -5.44 -2.81
CA LYS A 105 13.67 -5.93 -1.42
C LYS A 105 13.68 -4.66 -0.58
N VAL A 106 13.02 -4.70 0.54
CA VAL A 106 12.98 -3.52 1.45
C VAL A 106 12.82 -3.93 2.91
N LYS A 107 13.29 -3.12 3.81
CA LYS A 107 13.12 -3.48 5.25
C LYS A 107 12.46 -2.25 5.88
N ILE A 108 11.32 -2.41 6.48
CA ILE A 108 10.61 -1.26 7.11
C ILE A 108 10.30 -1.50 8.58
N ARG A 109 9.76 -0.44 9.14
CA ARG A 109 9.38 -0.55 10.58
C ARG A 109 7.96 0.00 10.52
N ALA A 110 7.01 -0.81 10.92
CA ALA A 110 5.58 -0.44 10.89
C ALA A 110 4.88 -0.77 12.21
N LEU A 111 3.58 -0.62 12.20
CA LEU A 111 2.72 -0.91 13.38
C LEU A 111 1.68 -1.78 12.69
N ASP A 112 1.04 -2.65 13.40
CA ASP A 112 0.01 -3.55 12.79
C ASP A 112 -1.42 -3.38 13.31
N ARG A 113 -2.26 -4.22 12.80
CA ARG A 113 -3.71 -4.25 13.16
C ARG A 113 -3.94 -3.86 14.62
N ASP A 114 -3.28 -4.56 15.50
CA ASP A 114 -3.43 -4.27 16.95
C ASP A 114 -2.76 -2.93 17.22
N GLY A 115 -1.57 -2.87 16.71
CA GLY A 115 -0.70 -1.68 16.85
C GLY A 115 0.56 -2.11 17.56
N LYS A 116 1.15 -3.15 17.02
CA LYS A 116 2.40 -3.67 17.64
C LYS A 116 3.37 -3.24 16.55
N PRO A 117 4.55 -2.87 16.96
CA PRO A 117 5.61 -2.43 16.03
C PRO A 117 6.47 -3.57 15.52
N PHE A 118 6.58 -3.61 14.22
CA PHE A 118 7.39 -4.67 13.59
C PHE A 118 8.36 -4.15 12.54
N GLU A 119 9.48 -4.81 12.46
CA GLU A 119 10.50 -4.38 11.47
C GLU A 119 10.51 -5.59 10.55
N LEU A 120 9.74 -5.33 9.52
CA LEU A 120 9.49 -6.28 8.42
C LEU A 120 10.23 -6.08 7.11
N GLU A 121 10.83 -7.14 6.64
CA GLU A 121 11.55 -7.02 5.35
C GLU A 121 10.82 -7.90 4.36
N ALA A 122 10.82 -7.39 3.17
CA ALA A 122 10.16 -8.04 2.01
C ALA A 122 11.13 -8.12 0.84
N ASP A 123 10.78 -8.98 -0.08
CA ASP A 123 11.62 -9.14 -1.30
C ASP A 123 10.68 -8.90 -2.47
N GLY A 124 11.28 -8.85 -3.63
CA GLY A 124 10.55 -8.63 -4.92
C GLY A 124 9.12 -8.11 -4.85
N LEU A 125 8.29 -8.63 -5.71
CA LEU A 125 6.85 -8.24 -5.78
C LEU A 125 6.07 -7.83 -4.52
N LEU A 126 6.30 -8.43 -3.38
CA LEU A 126 5.50 -7.98 -2.20
C LEU A 126 6.12 -6.63 -1.83
N ALA A 127 7.41 -6.62 -1.77
CA ALA A 127 8.11 -5.35 -1.44
C ALA A 127 7.43 -4.31 -2.33
N ILE A 128 7.50 -4.58 -3.60
CA ILE A 128 6.89 -3.70 -4.62
C ILE A 128 5.50 -3.21 -4.23
N CYS A 129 4.74 -4.18 -3.80
CA CYS A 129 3.33 -3.94 -3.38
C CYS A 129 3.27 -2.76 -2.41
N ILE A 130 4.04 -2.87 -1.37
CA ILE A 130 4.02 -1.75 -0.38
C ILE A 130 4.66 -0.48 -0.92
N GLN A 131 5.86 -0.62 -1.41
CA GLN A 131 6.61 0.54 -1.98
C GLN A 131 5.63 1.46 -2.70
N HIS A 132 5.01 0.78 -3.61
CA HIS A 132 3.99 1.41 -4.50
C HIS A 132 2.94 2.16 -3.67
N GLU A 133 2.28 1.39 -2.84
CA GLU A 133 1.23 1.97 -1.98
C GLU A 133 1.77 3.16 -1.16
N MET A 134 3.05 3.16 -0.91
CA MET A 134 3.61 4.30 -0.12
C MET A 134 3.72 5.54 -1.00
N ASP A 135 4.03 5.36 -2.26
CA ASP A 135 4.13 6.56 -3.13
C ASP A 135 2.73 7.17 -2.99
N HIS A 136 1.75 6.31 -2.96
CA HIS A 136 0.37 6.84 -2.81
C HIS A 136 0.15 7.59 -1.49
N LEU A 137 0.60 6.98 -0.41
CA LEU A 137 0.43 7.64 0.91
C LEU A 137 1.07 9.01 0.99
N VAL A 138 2.10 9.25 0.20
CA VAL A 138 2.74 10.59 0.26
C VAL A 138 2.21 11.56 -0.79
N GLY A 139 1.34 11.14 -1.67
CA GLY A 139 0.84 12.12 -2.67
C GLY A 139 1.22 11.92 -4.12
N LYS A 140 1.86 10.83 -4.44
CA LYS A 140 2.21 10.62 -5.87
C LYS A 140 1.53 9.32 -6.25
N LEU A 141 1.10 9.24 -7.49
CA LEU A 141 0.44 7.97 -7.88
C LEU A 141 1.64 7.32 -8.54
N PHE A 142 1.59 6.11 -9.04
CA PHE A 142 2.90 5.72 -9.64
C PHE A 142 2.90 6.34 -11.03
N MET A 143 1.95 7.22 -11.27
CA MET A 143 1.91 7.87 -12.60
C MET A 143 2.84 9.07 -12.69
N ASP A 144 3.93 8.95 -11.99
CA ASP A 144 4.95 10.02 -11.97
C ASP A 144 5.83 9.52 -13.11
N TYR A 145 6.02 8.24 -13.02
CA TYR A 145 6.82 7.46 -13.99
C TYR A 145 5.97 7.01 -15.17
N LEU A 146 4.69 7.24 -15.10
CA LEU A 146 3.83 6.82 -16.24
C LEU A 146 3.30 8.08 -16.92
N SER A 147 2.88 9.04 -16.15
CA SER A 147 2.35 10.29 -16.75
C SER A 147 3.32 11.45 -16.45
N VAL A 2 -17.84 -3.38 0.64
CA VAL A 2 -16.44 -2.90 0.60
C VAL A 2 -16.44 -1.38 0.76
N LEU A 3 -15.30 -0.79 0.52
CA LEU A 3 -15.16 0.68 0.66
C LEU A 3 -15.35 1.46 -0.64
N GLN A 4 -15.29 2.75 -0.42
CA GLN A 4 -15.45 3.72 -1.53
C GLN A 4 -14.07 4.10 -2.06
N VAL A 5 -13.59 3.34 -3.01
CA VAL A 5 -12.25 3.69 -3.55
C VAL A 5 -12.48 4.63 -4.72
N LEU A 6 -11.47 5.44 -4.92
CA LEU A 6 -11.54 6.45 -6.00
C LEU A 6 -10.62 6.04 -7.17
N HIS A 7 -10.76 6.77 -8.25
CA HIS A 7 -9.94 6.50 -9.46
C HIS A 7 -9.08 7.73 -9.69
N ILE A 8 -8.21 7.63 -10.66
CA ILE A 8 -7.33 8.80 -10.94
C ILE A 8 -7.81 9.68 -12.11
N PRO A 9 -7.42 10.92 -12.10
CA PRO A 9 -6.56 11.55 -11.06
C PRO A 9 -7.45 11.87 -9.87
N ASP A 10 -6.89 11.79 -8.68
CA ASP A 10 -7.71 12.08 -7.47
C ASP A 10 -6.92 13.07 -6.62
N GLU A 11 -7.52 13.45 -5.52
CA GLU A 11 -6.86 14.41 -4.59
C GLU A 11 -6.22 13.61 -3.46
N ARG A 12 -7.00 12.81 -2.78
CA ARG A 12 -6.50 11.98 -1.65
C ARG A 12 -5.24 11.23 -2.06
N LEU A 13 -5.41 10.46 -3.10
CA LEU A 13 -4.28 9.64 -3.64
C LEU A 13 -3.02 10.47 -3.91
N ARG A 14 -3.22 11.70 -4.30
CA ARG A 14 -2.07 12.58 -4.59
C ARG A 14 -1.82 13.60 -3.49
N LYS A 15 -2.63 13.54 -2.47
CA LYS A 15 -2.48 14.48 -1.32
C LYS A 15 -1.58 13.69 -0.37
N VAL A 16 -1.18 14.31 0.71
CA VAL A 16 -0.29 13.59 1.67
C VAL A 16 -1.14 13.10 2.84
N ALA A 17 -0.60 12.17 3.58
CA ALA A 17 -1.33 11.62 4.76
C ALA A 17 -0.59 12.09 6.01
N LYS A 18 -1.10 11.69 7.14
CA LYS A 18 -0.46 12.08 8.42
C LYS A 18 0.01 10.78 9.06
N PRO A 19 1.24 10.71 9.46
CA PRO A 19 1.79 9.48 10.09
C PRO A 19 1.28 9.43 11.53
N VAL A 20 1.05 8.24 12.00
CA VAL A 20 0.55 8.06 13.39
C VAL A 20 1.65 7.33 14.15
N GLU A 21 1.49 7.25 15.44
CA GLU A 21 2.49 6.56 16.30
C GLU A 21 1.84 5.39 17.03
N GLU A 22 0.64 5.58 17.46
CA GLU A 22 -0.08 4.50 18.19
C GLU A 22 -1.29 4.02 17.38
N VAL A 23 -1.65 2.79 17.58
CA VAL A 23 -2.80 2.19 16.86
C VAL A 23 -3.74 1.68 17.94
N ASN A 24 -4.78 1.22 17.32
CA ASN A 24 -5.93 0.62 18.03
C ASN A 24 -6.65 -0.51 17.29
N ALA A 25 -7.90 -0.68 17.60
CA ALA A 25 -8.72 -1.73 16.96
C ALA A 25 -9.69 -1.05 16.00
N GLU A 26 -9.29 0.11 15.57
CA GLU A 26 -10.10 0.93 14.62
C GLU A 26 -9.30 1.02 13.33
N ILE A 27 -8.02 1.17 13.55
CA ILE A 27 -7.09 1.27 12.41
C ILE A 27 -7.16 -0.16 11.88
N GLN A 28 -7.18 -1.05 12.83
CA GLN A 28 -7.26 -2.49 12.48
C GLN A 28 -8.49 -2.63 11.58
N ARG A 29 -9.58 -2.16 12.12
CA ARG A 29 -10.90 -2.17 11.44
C ARG A 29 -10.71 -1.59 10.05
N ILE A 30 -9.86 -0.60 9.92
CA ILE A 30 -9.72 -0.08 8.54
C ILE A 30 -9.04 -1.18 7.71
N VAL A 31 -7.89 -1.66 8.12
CA VAL A 31 -7.22 -2.73 7.33
C VAL A 31 -8.12 -3.84 6.86
N ASP A 32 -8.89 -4.29 7.80
CA ASP A 32 -9.79 -5.40 7.41
C ASP A 32 -10.62 -4.91 6.24
N ASP A 33 -11.17 -3.74 6.45
CA ASP A 33 -12.02 -3.14 5.37
C ASP A 33 -11.17 -2.98 4.10
N MET A 34 -9.90 -2.76 4.30
CA MET A 34 -8.98 -2.58 3.15
C MET A 34 -8.78 -3.92 2.45
N PHE A 35 -8.78 -4.99 3.19
CA PHE A 35 -8.59 -6.29 2.50
C PHE A 35 -9.90 -6.54 1.77
N GLU A 36 -10.93 -6.47 2.55
CA GLU A 36 -12.34 -6.66 2.08
C GLU A 36 -12.52 -6.04 0.69
N THR A 37 -11.94 -4.88 0.58
CA THR A 37 -11.99 -4.10 -0.69
C THR A 37 -10.84 -4.46 -1.63
N MET A 38 -9.62 -4.18 -1.22
CA MET A 38 -8.40 -4.48 -2.01
C MET A 38 -8.64 -5.77 -2.81
N TYR A 39 -9.14 -6.71 -2.04
CA TYR A 39 -9.49 -8.06 -2.52
C TYR A 39 -10.49 -7.99 -3.69
N ALA A 40 -11.63 -7.53 -3.27
CA ALA A 40 -12.86 -7.31 -4.09
C ALA A 40 -12.58 -6.88 -5.52
N GLU A 41 -11.56 -6.06 -5.56
CA GLU A 41 -11.14 -5.52 -6.87
C GLU A 41 -10.10 -6.46 -7.47
N GLU A 42 -8.92 -5.95 -7.65
CA GLU A 42 -7.85 -6.81 -8.24
C GLU A 42 -6.46 -6.26 -7.94
N GLY A 43 -6.24 -5.91 -6.71
CA GLY A 43 -4.91 -5.36 -6.35
C GLY A 43 -4.25 -6.23 -5.27
N ILE A 44 -2.95 -6.21 -5.29
CA ILE A 44 -2.20 -7.01 -4.29
C ILE A 44 -2.02 -6.08 -3.09
N GLY A 45 -1.73 -4.85 -3.37
CA GLY A 45 -1.53 -3.86 -2.27
C GLY A 45 -2.42 -2.63 -2.43
N LEU A 46 -3.12 -2.32 -1.37
CA LEU A 46 -4.03 -1.15 -1.35
C LEU A 46 -3.49 -0.19 -0.27
N ALA A 47 -3.67 1.08 -0.49
CA ALA A 47 -3.19 2.08 0.49
C ALA A 47 -4.49 2.68 1.04
N ALA A 48 -4.46 3.34 2.17
CA ALA A 48 -5.75 3.88 2.66
C ALA A 48 -5.90 5.36 2.32
N THR A 49 -5.38 5.67 1.17
CA THR A 49 -5.42 7.05 0.64
C THR A 49 -6.25 6.90 -0.64
N GLN A 50 -6.69 5.69 -0.85
CA GLN A 50 -7.50 5.37 -2.05
C GLN A 50 -8.96 5.25 -1.64
N VAL A 51 -9.26 5.05 -0.39
CA VAL A 51 -10.70 4.96 -0.07
C VAL A 51 -10.81 6.48 0.10
N ASP A 52 -10.75 6.99 1.29
CA ASP A 52 -10.79 8.46 1.48
C ASP A 52 -10.27 8.49 2.93
N ILE A 53 -9.00 8.72 3.11
CA ILE A 53 -8.39 8.77 4.47
C ILE A 53 -6.99 9.37 4.34
N HIS A 54 -6.49 9.99 5.38
CA HIS A 54 -5.12 10.55 5.29
C HIS A 54 -4.30 10.06 6.45
N GLN A 55 -4.26 8.77 6.54
CA GLN A 55 -3.49 8.11 7.63
C GLN A 55 -2.64 7.12 6.84
N ARG A 56 -1.85 6.39 7.55
CA ARG A 56 -0.96 5.39 6.89
C ARG A 56 -1.48 4.00 7.28
N ILE A 57 -2.27 3.45 6.41
CA ILE A 57 -2.82 2.08 6.67
C ILE A 57 -2.78 1.43 5.29
N ILE A 58 -2.20 0.28 5.14
CA ILE A 58 -2.18 -0.35 3.78
C ILE A 58 -2.24 -1.86 4.00
N VAL A 59 -2.72 -2.59 3.03
CA VAL A 59 -2.79 -4.07 3.18
C VAL A 59 -2.13 -4.73 1.97
N ILE A 60 -1.77 -5.97 2.11
CA ILE A 60 -1.13 -6.71 0.99
C ILE A 60 -1.59 -8.16 0.86
N ASP A 61 -1.71 -8.66 -0.33
CA ASP A 61 -2.13 -10.08 -0.55
C ASP A 61 -1.28 -10.70 -1.65
N VAL A 62 -0.12 -11.17 -1.27
CA VAL A 62 0.72 -11.79 -2.33
C VAL A 62 0.74 -13.30 -2.07
N SER A 63 -0.33 -13.75 -1.47
CA SER A 63 -0.46 -15.19 -1.14
C SER A 63 -1.14 -15.86 -2.33
N GLU A 64 -1.46 -17.11 -2.11
CA GLU A 64 -2.13 -17.89 -3.20
C GLU A 64 -3.65 -17.66 -3.28
N ASN A 65 -4.34 -18.17 -2.30
CA ASN A 65 -5.83 -18.04 -2.25
C ASN A 65 -6.37 -17.36 -1.00
N ARG A 66 -6.30 -16.05 -0.98
CA ARG A 66 -6.77 -15.23 0.18
C ARG A 66 -6.34 -16.06 1.38
N ASP A 67 -5.08 -16.35 1.23
CA ASP A 67 -4.29 -17.17 2.18
C ASP A 67 -3.62 -16.31 3.24
N GLU A 68 -2.71 -15.50 2.77
CA GLU A 68 -1.95 -14.58 3.65
C GLU A 68 -2.29 -13.13 3.33
N ARG A 69 -2.62 -12.44 4.40
CA ARG A 69 -2.99 -11.00 4.35
C ARG A 69 -1.90 -10.26 5.10
N LEU A 70 -1.40 -9.20 4.53
CA LEU A 70 -0.33 -8.42 5.21
C LEU A 70 -0.87 -7.06 5.63
N VAL A 71 -0.25 -6.56 6.65
CA VAL A 71 -0.69 -5.25 7.17
C VAL A 71 0.45 -4.30 7.47
N LEU A 72 0.20 -3.03 7.22
CA LEU A 72 1.24 -1.99 7.49
C LEU A 72 0.60 -0.66 7.88
N ILE A 73 0.97 -0.08 9.00
CA ILE A 73 0.33 1.23 9.32
C ILE A 73 1.34 2.34 9.07
N ASN A 74 2.36 2.41 9.85
CA ASN A 74 3.37 3.48 9.64
C ASN A 74 4.68 2.80 9.24
N PRO A 75 4.67 2.20 8.08
CA PRO A 75 5.84 1.48 7.54
C PRO A 75 6.85 2.47 6.98
N GLU A 76 7.67 3.03 7.83
CA GLU A 76 8.62 3.99 7.20
C GLU A 76 9.61 3.02 6.59
N LEU A 77 10.31 3.56 5.64
CA LEU A 77 11.30 2.72 4.93
C LEU A 77 12.62 2.83 5.70
N LEU A 78 13.31 1.73 5.79
CA LEU A 78 14.60 1.72 6.52
C LEU A 78 15.68 1.27 5.53
N GLU A 79 15.43 0.15 4.92
CA GLU A 79 16.39 -0.41 3.93
C GLU A 79 15.65 -0.71 2.63
N LYS A 80 16.42 -0.74 1.58
CA LYS A 80 15.90 -1.02 0.24
C LYS A 80 16.96 -1.67 -0.67
N SER A 81 17.07 -2.98 -0.67
CA SER A 81 18.10 -3.62 -1.54
C SER A 81 17.62 -4.16 -2.88
N GLY A 82 18.35 -3.79 -3.90
CA GLY A 82 18.01 -4.24 -5.28
C GLY A 82 17.15 -3.18 -5.97
N GLU A 83 17.12 -3.24 -7.27
CA GLU A 83 16.32 -2.26 -8.06
C GLU A 83 15.52 -2.98 -9.15
N THR A 84 14.31 -3.33 -8.85
CA THR A 84 13.45 -4.05 -9.85
C THR A 84 12.26 -3.16 -10.24
N GLY A 85 11.35 -3.72 -10.99
CA GLY A 85 10.14 -2.97 -11.43
C GLY A 85 9.03 -3.99 -11.66
N ILE A 86 7.86 -3.48 -11.92
CA ILE A 86 6.72 -4.40 -12.16
C ILE A 86 5.79 -4.02 -13.32
N GLU A 87 5.39 -4.98 -14.11
CA GLU A 87 4.46 -4.66 -15.24
C GLU A 87 3.15 -4.90 -14.50
N GLU A 88 2.86 -4.04 -13.56
CA GLU A 88 1.61 -4.23 -12.77
C GLU A 88 0.70 -3.01 -12.63
N GLY A 89 -0.49 -3.30 -12.19
CA GLY A 89 -1.51 -2.25 -11.97
C GLY A 89 -1.95 -2.29 -10.52
N CYS A 90 -2.24 -1.13 -10.02
CA CYS A 90 -2.69 -0.98 -8.61
C CYS A 90 -4.22 -1.02 -8.58
N LEU A 91 -4.84 0.01 -8.09
CA LEU A 91 -6.33 0.01 -8.04
C LEU A 91 -6.93 1.25 -8.72
N SER A 92 -6.85 2.35 -8.02
CA SER A 92 -7.36 3.66 -8.53
C SER A 92 -7.18 3.79 -10.04
N ILE A 93 -5.94 3.51 -10.34
CA ILE A 93 -5.31 3.49 -11.68
C ILE A 93 -6.27 3.27 -12.87
N PRO A 94 -5.94 3.76 -14.04
CA PRO A 94 -6.78 3.61 -15.25
C PRO A 94 -6.46 2.38 -16.09
N GLU A 95 -7.24 2.26 -17.14
CA GLU A 95 -7.16 1.16 -18.13
C GLU A 95 -5.78 0.54 -18.36
N GLN A 96 -4.79 1.38 -18.51
CA GLN A 96 -3.41 0.85 -18.74
C GLN A 96 -2.72 0.40 -17.46
N ARG A 97 -1.64 -0.30 -17.64
CA ARG A 97 -0.86 -0.81 -16.49
C ARG A 97 0.49 -0.09 -16.56
N ALA A 98 1.36 -0.32 -15.61
CA ALA A 98 2.66 0.38 -15.69
C ALA A 98 3.86 -0.53 -15.42
N LEU A 99 4.96 -0.11 -15.95
CA LEU A 99 6.25 -0.84 -15.80
C LEU A 99 7.08 0.19 -15.05
N VAL A 100 6.74 0.30 -13.80
CA VAL A 100 7.43 1.26 -12.91
C VAL A 100 8.53 0.61 -12.07
N PRO A 101 9.62 1.32 -11.94
CA PRO A 101 10.77 0.81 -11.16
C PRO A 101 10.47 1.09 -9.70
N ARG A 102 10.38 -0.03 -9.06
CA ARG A 102 10.08 -0.08 -7.61
C ARG A 102 11.15 -0.97 -6.98
N ALA A 103 11.80 -0.52 -5.94
CA ALA A 103 12.87 -1.35 -5.26
C ALA A 103 12.61 -2.85 -5.25
N GLU A 104 13.65 -3.62 -5.10
CA GLU A 104 13.42 -5.09 -5.10
C GLU A 104 13.15 -5.60 -3.67
N LYS A 105 14.03 -5.26 -2.78
CA LYS A 105 13.86 -5.71 -1.38
C LYS A 105 13.91 -4.48 -0.49
N VAL A 106 13.25 -4.55 0.62
CA VAL A 106 13.20 -3.41 1.59
C VAL A 106 13.04 -3.90 3.03
N LYS A 107 13.47 -3.09 3.96
CA LYS A 107 13.31 -3.50 5.39
C LYS A 107 12.58 -2.31 6.02
N ILE A 108 11.41 -2.50 6.58
CA ILE A 108 10.68 -1.35 7.20
C ILE A 108 10.34 -1.60 8.65
N ARG A 109 9.83 -0.54 9.20
CA ARG A 109 9.39 -0.58 10.63
C ARG A 109 7.98 0.02 10.56
N ALA A 110 7.03 -0.80 10.92
CA ALA A 110 5.58 -0.45 10.90
C ALA A 110 4.89 -0.75 12.23
N LEU A 111 3.59 -0.61 12.22
CA LEU A 111 2.75 -0.88 13.42
C LEU A 111 1.69 -1.76 12.77
N ASP A 112 1.09 -2.64 13.52
CA ASP A 112 0.06 -3.56 12.96
C ASP A 112 -1.33 -3.28 13.51
N ARG A 113 -2.22 -4.12 13.03
CA ARG A 113 -3.65 -4.07 13.42
C ARG A 113 -3.83 -3.76 14.90
N ASP A 114 -3.14 -4.50 15.72
CA ASP A 114 -3.24 -4.27 17.19
C ASP A 114 -2.60 -2.90 17.45
N GLY A 115 -1.42 -2.78 16.93
CA GLY A 115 -0.61 -1.54 17.06
C GLY A 115 0.66 -1.90 17.80
N LYS A 116 1.32 -2.89 17.26
CA LYS A 116 2.59 -3.36 17.85
C LYS A 116 3.54 -2.96 16.73
N PRO A 117 4.73 -2.59 17.08
CA PRO A 117 5.75 -2.18 16.10
C PRO A 117 6.57 -3.35 15.60
N PHE A 118 6.62 -3.48 14.31
CA PHE A 118 7.41 -4.59 13.73
C PHE A 118 8.37 -4.10 12.68
N GLU A 119 9.47 -4.81 12.58
CA GLU A 119 10.49 -4.42 11.57
C GLU A 119 10.50 -5.65 10.68
N LEU A 120 9.75 -5.42 9.64
CA LEU A 120 9.49 -6.38 8.55
C LEU A 120 10.23 -6.12 7.24
N GLU A 121 10.87 -7.12 6.72
CA GLU A 121 11.58 -6.90 5.44
C GLU A 121 10.92 -7.80 4.40
N ALA A 122 10.88 -7.22 3.23
CA ALA A 122 10.28 -7.88 2.04
C ALA A 122 11.24 -7.93 0.87
N ASP A 123 10.90 -8.79 -0.06
CA ASP A 123 11.74 -8.94 -1.27
C ASP A 123 10.77 -8.78 -2.44
N GLY A 124 11.35 -8.70 -3.60
CA GLY A 124 10.58 -8.54 -4.88
C GLY A 124 9.14 -8.05 -4.78
N LEU A 125 8.31 -8.61 -5.62
CA LEU A 125 6.85 -8.27 -5.69
C LEU A 125 6.12 -7.79 -4.43
N LEU A 126 6.33 -8.36 -3.27
CA LEU A 126 5.57 -7.84 -2.09
C LEU A 126 6.22 -6.50 -1.79
N ALA A 127 7.52 -6.52 -1.69
CA ALA A 127 8.25 -5.26 -1.41
C ALA A 127 7.63 -4.20 -2.31
N ILE A 128 7.44 -4.56 -3.55
CA ILE A 128 6.83 -3.61 -4.52
C ILE A 128 5.44 -3.16 -4.08
N CYS A 129 4.65 -4.14 -3.71
CA CYS A 129 3.25 -3.92 -3.26
C CYS A 129 3.22 -2.74 -2.30
N ILE A 130 4.01 -2.88 -1.28
CA ILE A 130 4.05 -1.78 -0.26
C ILE A 130 4.65 -0.50 -0.82
N GLN A 131 5.87 -0.58 -1.28
CA GLN A 131 6.59 0.59 -1.87
C GLN A 131 5.59 1.49 -2.58
N HIS A 132 4.97 0.80 -3.46
CA HIS A 132 3.93 1.39 -4.34
C HIS A 132 2.89 2.19 -3.53
N GLU A 133 2.22 1.44 -2.71
CA GLU A 133 1.17 2.06 -1.85
C GLU A 133 1.74 3.28 -1.11
N MET A 134 2.97 3.18 -0.70
CA MET A 134 3.60 4.31 0.03
C MET A 134 3.69 5.54 -0.87
N ASP A 135 3.98 5.34 -2.12
CA ASP A 135 4.07 6.52 -3.03
C ASP A 135 2.69 7.16 -2.92
N HIS A 136 1.69 6.33 -2.86
CA HIS A 136 0.34 6.95 -2.75
C HIS A 136 0.15 7.67 -1.42
N LEU A 137 0.60 7.07 -0.36
CA LEU A 137 0.45 7.72 0.98
C LEU A 137 1.13 9.09 1.04
N VAL A 138 2.13 9.29 0.23
CA VAL A 138 2.81 10.62 0.28
C VAL A 138 2.33 11.57 -0.81
N GLY A 139 1.48 11.15 -1.70
CA GLY A 139 1.01 12.11 -2.73
C GLY A 139 1.33 11.86 -4.20
N LYS A 140 1.89 10.73 -4.54
CA LYS A 140 2.18 10.50 -5.97
C LYS A 140 1.41 9.26 -6.41
N LEU A 141 1.00 9.27 -7.64
CA LEU A 141 0.25 8.11 -8.18
C LEU A 141 1.31 7.45 -9.03
N PHE A 142 1.19 6.23 -9.49
CA PHE A 142 2.35 5.83 -10.30
C PHE A 142 2.07 6.11 -11.75
N MET A 143 1.75 7.36 -11.96
CA MET A 143 1.47 7.85 -13.32
C MET A 143 2.54 8.92 -13.52
N ASP A 144 3.51 8.90 -12.64
CA ASP A 144 4.63 9.88 -12.69
C ASP A 144 5.75 9.26 -13.53
N TYR A 145 6.12 8.05 -13.19
CA TYR A 145 7.18 7.36 -13.95
C TYR A 145 6.66 6.77 -15.26
N LEU A 146 5.49 7.22 -15.62
CA LEU A 146 4.84 6.76 -16.87
C LEU A 146 4.62 8.02 -17.69
N SER A 147 4.02 8.98 -17.05
CA SER A 147 3.74 10.29 -17.71
C SER A 147 4.46 11.40 -16.96
N VAL A 2 -17.83 -3.27 0.89
CA VAL A 2 -16.43 -2.79 0.72
C VAL A 2 -16.44 -1.26 0.85
N LEU A 3 -15.32 -0.68 0.53
CA LEU A 3 -15.21 0.80 0.63
C LEU A 3 -15.40 1.59 -0.66
N GLN A 4 -15.35 2.87 -0.45
CA GLN A 4 -15.52 3.86 -1.55
C GLN A 4 -14.13 4.14 -2.10
N VAL A 5 -13.70 3.36 -3.06
CA VAL A 5 -12.34 3.64 -3.61
C VAL A 5 -12.50 4.62 -4.76
N LEU A 6 -11.46 5.38 -4.93
CA LEU A 6 -11.46 6.40 -6.00
C LEU A 6 -10.58 6.00 -7.18
N HIS A 7 -10.70 6.74 -8.24
CA HIS A 7 -9.91 6.51 -9.47
C HIS A 7 -9.05 7.74 -9.70
N ILE A 8 -8.22 7.69 -10.70
CA ILE A 8 -7.34 8.86 -10.96
C ILE A 8 -7.87 9.75 -12.10
N PRO A 9 -7.50 11.00 -12.07
CA PRO A 9 -6.65 11.63 -11.04
C PRO A 9 -7.52 11.89 -9.80
N ASP A 10 -6.92 11.82 -8.64
CA ASP A 10 -7.71 12.06 -7.39
C ASP A 10 -6.95 13.08 -6.55
N GLU A 11 -7.51 13.38 -5.41
CA GLU A 11 -6.89 14.35 -4.48
C GLU A 11 -6.21 13.55 -3.36
N ARG A 12 -6.96 12.69 -2.72
CA ARG A 12 -6.47 11.83 -1.61
C ARG A 12 -5.16 11.17 -2.01
N LEU A 13 -5.27 10.41 -3.07
CA LEU A 13 -4.11 9.68 -3.65
C LEU A 13 -2.90 10.56 -3.92
N ARG A 14 -3.18 11.80 -4.26
CA ARG A 14 -2.07 12.74 -4.55
C ARG A 14 -1.84 13.74 -3.42
N LYS A 15 -2.63 13.58 -2.38
CA LYS A 15 -2.51 14.48 -1.21
C LYS A 15 -1.57 13.70 -0.28
N VAL A 16 -1.15 14.32 0.78
CA VAL A 16 -0.22 13.63 1.71
C VAL A 16 -1.02 13.15 2.92
N ALA A 17 -0.42 12.26 3.67
CA ALA A 17 -1.08 11.70 4.88
C ALA A 17 -0.35 12.21 6.12
N LYS A 18 -0.77 11.67 7.23
CA LYS A 18 -0.17 12.04 8.54
C LYS A 18 0.23 10.70 9.17
N PRO A 19 1.42 10.60 9.69
CA PRO A 19 1.88 9.34 10.31
C PRO A 19 1.44 9.38 11.78
N VAL A 20 1.06 8.25 12.32
CA VAL A 20 0.62 8.25 13.73
C VAL A 20 1.72 7.54 14.52
N GLU A 21 1.59 7.55 15.82
CA GLU A 21 2.60 6.89 16.70
C GLU A 21 1.98 5.62 17.28
N GLU A 22 0.74 5.72 17.67
CA GLU A 22 0.05 4.53 18.24
C GLU A 22 -1.14 4.14 17.36
N VAL A 23 -1.56 2.91 17.49
CA VAL A 23 -2.70 2.38 16.70
C VAL A 23 -3.70 1.89 17.72
N ASN A 24 -4.75 1.42 17.11
CA ASN A 24 -5.90 0.88 17.87
C ASN A 24 -6.67 -0.26 17.18
N ALA A 25 -7.93 -0.32 17.49
CA ALA A 25 -8.82 -1.36 16.90
C ALA A 25 -9.75 -0.67 15.91
N GLU A 26 -9.35 0.53 15.56
CA GLU A 26 -10.09 1.40 14.59
C GLU A 26 -9.29 1.32 13.29
N ILE A 27 -8.07 0.97 13.50
CA ILE A 27 -7.08 0.82 12.41
C ILE A 27 -7.32 -0.58 11.91
N GLN A 28 -7.22 -1.47 12.86
CA GLN A 28 -7.45 -2.92 12.57
C GLN A 28 -8.67 -2.92 11.65
N ARG A 29 -9.61 -2.12 12.08
CA ARG A 29 -10.91 -1.90 11.39
C ARG A 29 -10.68 -1.35 10.00
N ILE A 30 -9.89 -0.32 9.88
CA ILE A 30 -9.66 0.21 8.51
C ILE A 30 -9.06 -0.94 7.73
N VAL A 31 -7.92 -1.37 8.17
CA VAL A 31 -7.13 -2.48 7.58
C VAL A 31 -7.99 -3.61 7.04
N ASP A 32 -8.93 -3.94 7.86
CA ASP A 32 -9.84 -5.05 7.47
C ASP A 32 -10.73 -4.56 6.33
N ASP A 33 -11.29 -3.40 6.53
CA ASP A 33 -12.16 -2.85 5.46
C ASP A 33 -11.33 -2.74 4.18
N MET A 34 -10.07 -2.47 4.35
CA MET A 34 -9.17 -2.35 3.18
C MET A 34 -8.94 -3.72 2.58
N PHE A 35 -8.91 -4.72 3.41
CA PHE A 35 -8.69 -6.06 2.81
C PHE A 35 -9.95 -6.38 2.02
N GLU A 36 -11.04 -6.32 2.75
CA GLU A 36 -12.41 -6.57 2.24
C GLU A 36 -12.56 -6.06 0.81
N THR A 37 -12.05 -4.86 0.67
CA THR A 37 -12.07 -4.12 -0.63
C THR A 37 -10.91 -4.59 -1.53
N MET A 38 -9.78 -4.80 -0.91
CA MET A 38 -8.58 -5.25 -1.66
C MET A 38 -8.76 -6.72 -2.07
N TYR A 39 -9.85 -7.27 -1.60
CA TYR A 39 -10.23 -8.68 -1.87
C TYR A 39 -11.48 -8.66 -2.75
N ALA A 40 -12.01 -7.48 -2.87
CA ALA A 40 -13.24 -7.23 -3.68
C ALA A 40 -12.92 -6.85 -5.12
N GLU A 41 -11.88 -6.08 -5.22
CA GLU A 41 -11.45 -5.60 -6.55
C GLU A 41 -10.56 -6.68 -7.17
N GLU A 42 -9.35 -6.29 -7.45
CA GLU A 42 -8.37 -7.21 -8.07
C GLU A 42 -6.97 -6.64 -7.80
N GLY A 43 -6.76 -6.26 -6.57
CA GLY A 43 -5.44 -5.69 -6.19
C GLY A 43 -4.72 -6.55 -5.17
N ILE A 44 -3.42 -6.47 -5.23
CA ILE A 44 -2.59 -7.26 -4.28
C ILE A 44 -2.31 -6.31 -3.12
N GLY A 45 -2.03 -5.08 -3.43
CA GLY A 45 -1.75 -4.08 -2.36
C GLY A 45 -2.60 -2.81 -2.48
N LEU A 46 -3.32 -2.52 -1.43
CA LEU A 46 -4.21 -1.32 -1.38
C LEU A 46 -3.62 -0.37 -0.33
N ALA A 47 -3.85 0.90 -0.54
CA ALA A 47 -3.35 1.94 0.39
C ALA A 47 -4.62 2.55 0.97
N ALA A 48 -4.54 3.26 2.06
CA ALA A 48 -5.81 3.84 2.57
C ALA A 48 -5.96 5.31 2.19
N THR A 49 -5.43 5.58 1.03
CA THR A 49 -5.47 6.94 0.44
C THR A 49 -6.34 6.75 -0.79
N GLN A 50 -6.76 5.52 -0.95
CA GLN A 50 -7.61 5.19 -2.13
C GLN A 50 -9.04 5.12 -1.63
N VAL A 51 -9.26 4.97 -0.36
CA VAL A 51 -10.70 4.94 0.05
C VAL A 51 -10.73 6.45 0.30
N ASP A 52 -10.62 6.87 1.53
CA ASP A 52 -10.59 8.32 1.83
C ASP A 52 -10.11 8.38 3.27
N ILE A 53 -8.83 8.58 3.45
CA ILE A 53 -8.21 8.66 4.81
C ILE A 53 -6.82 9.27 4.60
N HIS A 54 -6.23 9.81 5.64
CA HIS A 54 -4.87 10.39 5.45
C HIS A 54 -3.89 9.88 6.48
N GLN A 55 -3.72 8.59 6.48
CA GLN A 55 -2.77 7.97 7.43
C GLN A 55 -2.06 6.90 6.61
N ARG A 56 -1.07 6.27 7.17
CA ARG A 56 -0.37 5.21 6.39
C ARG A 56 -0.89 3.81 6.64
N ILE A 57 -2.11 3.53 6.26
CA ILE A 57 -2.59 2.13 6.52
C ILE A 57 -2.69 1.49 5.15
N ILE A 58 -2.07 0.35 5.00
CA ILE A 58 -2.13 -0.31 3.67
C ILE A 58 -2.20 -1.82 3.92
N VAL A 59 -2.75 -2.56 2.99
CA VAL A 59 -2.81 -4.03 3.19
C VAL A 59 -2.27 -4.75 1.95
N ILE A 60 -1.97 -6.01 2.08
CA ILE A 60 -1.44 -6.79 0.92
C ILE A 60 -1.95 -8.24 0.86
N ASP A 61 -2.03 -8.85 -0.29
CA ASP A 61 -2.51 -10.26 -0.34
C ASP A 61 -1.61 -11.02 -1.32
N VAL A 62 -0.49 -11.55 -0.92
CA VAL A 62 0.29 -12.25 -1.99
C VAL A 62 0.46 -13.76 -1.88
N SER A 63 -0.14 -14.44 -0.93
CA SER A 63 0.13 -15.91 -0.95
C SER A 63 -0.91 -16.65 -1.80
N GLU A 64 -0.46 -17.77 -2.29
CA GLU A 64 -1.25 -18.69 -3.15
C GLU A 64 -2.77 -18.65 -3.05
N ASN A 65 -3.26 -18.93 -1.87
CA ASN A 65 -4.72 -18.93 -1.65
C ASN A 65 -5.31 -17.93 -0.67
N ARG A 66 -5.15 -16.66 -0.96
CA ARG A 66 -5.68 -15.58 -0.07
C ARG A 66 -5.49 -16.03 1.37
N ASP A 67 -4.25 -16.39 1.59
CA ASP A 67 -3.77 -16.89 2.90
C ASP A 67 -2.86 -15.93 3.66
N GLU A 68 -2.27 -15.05 2.91
CA GLU A 68 -1.34 -14.04 3.48
C GLU A 68 -1.78 -12.60 3.29
N ARG A 69 -2.51 -12.12 4.27
CA ARG A 69 -3.02 -10.73 4.21
C ARG A 69 -1.93 -9.95 4.97
N LEU A 70 -1.43 -8.87 4.42
CA LEU A 70 -0.39 -8.07 5.10
C LEU A 70 -0.94 -6.74 5.57
N VAL A 71 -0.25 -6.16 6.52
CA VAL A 71 -0.73 -4.87 7.05
C VAL A 71 0.37 -3.90 7.48
N LEU A 72 0.22 -2.64 7.16
CA LEU A 72 1.24 -1.62 7.57
C LEU A 72 0.52 -0.35 8.03
N ILE A 73 0.73 0.11 9.24
CA ILE A 73 0.03 1.36 9.68
C ILE A 73 0.99 2.55 9.74
N ASN A 74 2.17 2.31 10.26
CA ASN A 74 3.17 3.40 10.35
C ASN A 74 4.54 2.85 9.98
N PRO A 75 4.59 2.38 8.76
CA PRO A 75 5.80 1.77 8.16
C PRO A 75 6.84 2.77 7.67
N GLU A 76 7.81 3.08 8.48
CA GLU A 76 8.80 4.06 7.96
C GLU A 76 9.71 3.07 7.25
N LEU A 77 10.44 3.60 6.31
CA LEU A 77 11.35 2.72 5.53
C LEU A 77 12.70 2.66 6.23
N LEU A 78 13.36 1.54 6.11
CA LEU A 78 14.69 1.39 6.75
C LEU A 78 15.70 1.02 5.65
N GLU A 79 15.42 -0.06 4.97
CA GLU A 79 16.30 -0.54 3.88
C GLU A 79 15.49 -0.78 2.61
N LYS A 80 16.23 -0.83 1.53
CA LYS A 80 15.67 -1.06 0.17
C LYS A 80 16.73 -1.74 -0.70
N SER A 81 16.86 -3.04 -0.66
CA SER A 81 17.90 -3.68 -1.51
C SER A 81 17.45 -4.24 -2.86
N GLY A 82 18.16 -3.80 -3.86
CA GLY A 82 17.87 -4.22 -5.25
C GLY A 82 17.05 -3.13 -5.94
N GLU A 83 17.19 -3.07 -7.24
CA GLU A 83 16.45 -2.05 -8.05
C GLU A 83 15.68 -2.74 -9.17
N THR A 84 14.49 -3.19 -8.87
CA THR A 84 13.66 -3.89 -9.90
C THR A 84 12.46 -2.99 -10.26
N GLY A 85 11.58 -3.54 -11.04
CA GLY A 85 10.35 -2.80 -11.46
C GLY A 85 9.29 -3.86 -11.76
N ILE A 86 8.10 -3.39 -12.00
CA ILE A 86 7.00 -4.35 -12.32
C ILE A 86 6.13 -3.92 -13.48
N GLU A 87 5.70 -4.86 -14.28
CA GLU A 87 4.82 -4.49 -15.43
C GLU A 87 3.45 -4.65 -14.78
N GLU A 88 3.17 -3.82 -13.81
CA GLU A 88 1.86 -3.93 -13.11
C GLU A 88 1.04 -2.65 -12.94
N GLY A 89 -0.18 -2.89 -12.54
CA GLY A 89 -1.15 -1.79 -12.30
C GLY A 89 -1.70 -1.96 -10.88
N CYS A 90 -2.06 -0.84 -10.33
CA CYS A 90 -2.61 -0.79 -8.94
C CYS A 90 -4.15 -0.86 -8.98
N LEU A 91 -4.80 0.07 -8.33
CA LEU A 91 -6.30 0.06 -8.33
C LEU A 91 -6.88 1.31 -9.01
N SER A 92 -6.81 2.39 -8.28
CA SER A 92 -7.32 3.71 -8.76
C SER A 92 -7.12 3.86 -10.27
N ILE A 93 -5.88 3.55 -10.57
CA ILE A 93 -5.26 3.56 -11.92
C ILE A 93 -6.24 3.30 -13.08
N PRO A 94 -5.95 3.82 -14.24
CA PRO A 94 -6.80 3.62 -15.44
C PRO A 94 -6.37 2.44 -16.30
N GLU A 95 -7.10 2.30 -17.37
CA GLU A 95 -6.89 1.23 -18.39
C GLU A 95 -5.46 0.72 -18.56
N GLN A 96 -4.52 1.63 -18.59
CA GLN A 96 -3.11 1.17 -18.76
C GLN A 96 -2.43 0.63 -17.50
N ARG A 97 -1.31 0.01 -17.77
CA ARG A 97 -0.46 -0.61 -16.72
C ARG A 97 0.91 0.05 -16.87
N ALA A 98 1.81 -0.24 -15.99
CA ALA A 98 3.15 0.41 -16.16
C ALA A 98 4.30 -0.50 -15.75
N LEU A 99 5.43 -0.13 -16.27
CA LEU A 99 6.70 -0.87 -15.99
C LEU A 99 7.46 0.18 -15.19
N VAL A 100 6.99 0.32 -13.98
CA VAL A 100 7.59 1.31 -13.05
C VAL A 100 8.68 0.72 -12.17
N PRO A 101 9.74 1.46 -12.03
CA PRO A 101 10.90 1.03 -11.21
C PRO A 101 10.53 1.23 -9.75
N ARG A 102 10.47 0.07 -9.18
CA ARG A 102 10.13 -0.06 -7.74
C ARG A 102 11.17 -0.97 -7.09
N ALA A 103 11.84 -0.53 -6.06
CA ALA A 103 12.87 -1.36 -5.36
C ALA A 103 12.59 -2.87 -5.34
N GLU A 104 13.61 -3.65 -5.19
CA GLU A 104 13.35 -5.12 -5.18
C GLU A 104 13.03 -5.60 -3.77
N LYS A 105 13.87 -5.24 -2.83
CA LYS A 105 13.62 -5.69 -1.44
C LYS A 105 13.64 -4.44 -0.55
N VAL A 106 12.95 -4.53 0.56
CA VAL A 106 12.89 -3.38 1.52
C VAL A 106 12.70 -3.84 2.96
N LYS A 107 13.32 -3.17 3.88
CA LYS A 107 13.13 -3.58 5.31
C LYS A 107 12.48 -2.38 6.01
N ILE A 108 11.33 -2.56 6.59
CA ILE A 108 10.62 -1.46 7.30
C ILE A 108 10.30 -1.82 8.73
N ARG A 109 9.83 -0.79 9.38
CA ARG A 109 9.42 -0.94 10.80
C ARG A 109 8.06 -0.25 10.86
N ALA A 110 7.07 -1.03 11.22
CA ALA A 110 5.66 -0.54 11.30
C ALA A 110 4.95 -0.87 12.62
N LEU A 111 3.66 -0.70 12.56
CA LEU A 111 2.71 -0.96 13.70
C LEU A 111 1.65 -1.78 12.96
N ASP A 112 0.92 -2.62 13.64
CA ASP A 112 -0.11 -3.44 12.93
C ASP A 112 -1.54 -3.06 13.30
N ARG A 113 -2.42 -3.83 12.74
CA ARG A 113 -3.90 -3.70 12.93
C ARG A 113 -4.25 -3.10 14.29
N ASP A 114 -3.65 -3.68 15.29
CA ASP A 114 -3.86 -3.27 16.72
C ASP A 114 -2.98 -2.11 17.16
N GLY A 115 -1.74 -2.22 16.77
CA GLY A 115 -0.69 -1.23 17.09
C GLY A 115 0.47 -2.02 17.69
N LYS A 116 0.77 -3.07 16.98
CA LYS A 116 1.87 -3.98 17.39
C LYS A 116 3.01 -3.61 16.45
N PRO A 117 4.10 -3.20 17.02
CA PRO A 117 5.30 -2.79 16.23
C PRO A 117 6.16 -3.94 15.74
N PHE A 118 6.41 -3.87 14.45
CA PHE A 118 7.25 -4.91 13.82
C PHE A 118 8.27 -4.30 12.87
N GLU A 119 9.18 -5.16 12.47
CA GLU A 119 10.25 -4.76 11.54
C GLU A 119 10.18 -5.89 10.52
N LEU A 120 9.47 -5.54 9.49
CA LEU A 120 9.21 -6.46 8.36
C LEU A 120 10.05 -6.23 7.12
N GLU A 121 10.53 -7.27 6.51
CA GLU A 121 11.33 -7.02 5.29
C GLU A 121 10.57 -7.77 4.21
N ALA A 122 10.78 -7.31 3.01
CA ALA A 122 10.08 -7.94 1.86
C ALA A 122 11.03 -7.98 0.68
N ASP A 123 10.74 -8.86 -0.24
CA ASP A 123 11.59 -8.96 -1.45
C ASP A 123 10.64 -8.84 -2.64
N GLY A 124 11.25 -8.74 -3.79
CA GLY A 124 10.51 -8.60 -5.07
C GLY A 124 9.05 -8.09 -5.01
N LEU A 125 8.25 -8.62 -5.89
CA LEU A 125 6.80 -8.26 -5.99
C LEU A 125 6.04 -7.76 -4.75
N LEU A 126 6.19 -8.34 -3.59
CA LEU A 126 5.40 -7.77 -2.47
C LEU A 126 6.10 -6.47 -2.11
N ALA A 127 7.39 -6.57 -1.93
CA ALA A 127 8.22 -5.37 -1.60
C ALA A 127 7.72 -4.24 -2.50
N ILE A 128 7.39 -4.60 -3.70
CA ILE A 128 6.90 -3.61 -4.70
C ILE A 128 5.52 -3.09 -4.32
N CYS A 129 4.64 -4.05 -4.19
CA CYS A 129 3.22 -3.85 -3.84
C CYS A 129 3.07 -2.66 -2.91
N ILE A 130 3.82 -2.84 -1.86
CA ILE A 130 3.85 -1.83 -0.77
C ILE A 130 4.52 -0.53 -1.22
N GLN A 131 5.72 -0.61 -1.74
CA GLN A 131 6.42 0.62 -2.21
C GLN A 131 5.44 1.54 -2.91
N HIS A 132 4.88 0.92 -3.91
CA HIS A 132 3.87 1.54 -4.78
C HIS A 132 2.83 2.32 -3.95
N GLU A 133 2.17 1.52 -3.16
CA GLU A 133 1.13 2.08 -2.26
C GLU A 133 1.64 3.26 -1.44
N MET A 134 2.89 3.23 -1.11
CA MET A 134 3.47 4.35 -0.31
C MET A 134 3.60 5.61 -1.15
N ASP A 135 3.92 5.45 -2.42
CA ASP A 135 4.06 6.64 -3.28
C ASP A 135 2.69 7.29 -3.14
N HIS A 136 1.68 6.47 -3.15
CA HIS A 136 0.32 7.08 -3.01
C HIS A 136 0.15 7.78 -1.66
N LEU A 137 0.56 7.14 -0.61
CA LEU A 137 0.42 7.77 0.73
C LEU A 137 1.13 9.12 0.85
N VAL A 138 2.12 9.35 0.03
CA VAL A 138 2.82 10.67 0.13
C VAL A 138 2.33 11.65 -0.92
N GLY A 139 1.48 11.27 -1.82
CA GLY A 139 1.03 12.28 -2.81
C GLY A 139 1.35 12.08 -4.29
N LYS A 140 1.91 10.96 -4.64
CA LYS A 140 2.21 10.74 -6.08
C LYS A 140 1.47 9.48 -6.50
N LEU A 141 1.00 9.50 -7.72
CA LEU A 141 0.27 8.29 -8.19
C LEU A 141 1.42 7.62 -8.91
N PHE A 142 1.39 6.38 -9.34
CA PHE A 142 2.66 5.98 -10.01
C PHE A 142 2.61 6.45 -11.45
N MET A 143 1.98 7.57 -11.70
CA MET A 143 1.92 8.05 -13.11
C MET A 143 2.88 9.23 -13.26
N ASP A 144 3.93 9.14 -12.49
CA ASP A 144 4.96 10.20 -12.53
C ASP A 144 5.91 9.64 -13.58
N TYR A 145 6.09 8.36 -13.42
CA TYR A 145 6.94 7.55 -14.31
C TYR A 145 6.13 7.00 -15.48
N LEU A 146 4.92 7.47 -15.58
CA LEU A 146 4.03 6.99 -16.71
C LEU A 146 3.67 8.22 -17.55
N SER A 147 3.20 9.24 -16.87
CA SER A 147 2.82 10.49 -17.55
C SER A 147 3.79 11.60 -17.14
N VAL A 2 -17.87 -3.33 0.53
CA VAL A 2 -16.47 -2.81 0.44
C VAL A 2 -16.50 -1.29 0.57
N LEU A 3 -15.37 -0.70 0.30
CA LEU A 3 -15.28 0.79 0.40
C LEU A 3 -15.44 1.57 -0.88
N GLN A 4 -15.46 2.85 -0.64
CA GLN A 4 -15.61 3.85 -1.74
C GLN A 4 -14.20 4.21 -2.19
N VAL A 5 -13.70 3.46 -3.14
CA VAL A 5 -12.33 3.78 -3.61
C VAL A 5 -12.50 4.77 -4.75
N LEU A 6 -11.48 5.56 -4.87
CA LEU A 6 -11.48 6.61 -5.93
C LEU A 6 -10.53 6.21 -7.04
N HIS A 7 -10.61 6.97 -8.11
CA HIS A 7 -9.72 6.69 -9.27
C HIS A 7 -8.91 7.94 -9.52
N ILE A 8 -8.04 7.86 -10.49
CA ILE A 8 -7.20 9.05 -10.78
C ILE A 8 -7.76 9.95 -11.91
N PRO A 9 -7.45 11.21 -11.85
CA PRO A 9 -6.61 11.84 -10.79
C PRO A 9 -7.51 12.11 -9.58
N ASP A 10 -6.93 12.06 -8.41
CA ASP A 10 -7.73 12.30 -7.18
C ASP A 10 -6.92 13.31 -6.35
N GLU A 11 -7.45 13.65 -5.21
CA GLU A 11 -6.77 14.62 -4.33
C GLU A 11 -6.20 13.90 -3.12
N ARG A 12 -6.79 12.80 -2.77
CA ARG A 12 -6.33 12.00 -1.60
C ARG A 12 -5.18 11.11 -2.07
N LEU A 13 -5.37 10.38 -3.14
CA LEU A 13 -4.26 9.52 -3.62
C LEU A 13 -2.97 10.30 -3.85
N ARG A 14 -3.10 11.58 -4.12
CA ARG A 14 -1.88 12.40 -4.35
C ARG A 14 -1.57 13.35 -3.20
N LYS A 15 -2.23 13.11 -2.10
CA LYS A 15 -2.06 13.91 -0.86
C LYS A 15 -1.02 13.26 0.03
N VAL A 16 -0.56 14.08 0.93
CA VAL A 16 0.47 13.65 1.93
C VAL A 16 -0.30 13.42 3.23
N ALA A 17 -0.57 12.19 3.52
CA ALA A 17 -1.33 11.83 4.77
C ALA A 17 -0.53 12.27 6.00
N LYS A 18 -1.06 11.91 7.13
CA LYS A 18 -0.38 12.26 8.41
C LYS A 18 0.05 10.91 9.01
N PRO A 19 1.27 10.82 9.45
CA PRO A 19 1.81 9.57 10.06
C PRO A 19 1.43 9.57 11.53
N VAL A 20 1.26 8.40 12.08
CA VAL A 20 0.89 8.29 13.51
C VAL A 20 1.96 7.42 14.19
N GLU A 21 1.92 7.38 15.49
CA GLU A 21 2.90 6.58 16.26
C GLU A 21 2.18 5.43 16.96
N GLU A 22 0.96 5.68 17.32
CA GLU A 22 0.14 4.64 18.02
C GLU A 22 -1.07 4.24 17.17
N VAL A 23 -1.49 3.03 17.36
CA VAL A 23 -2.67 2.48 16.63
C VAL A 23 -3.61 2.01 17.73
N ASN A 24 -4.68 1.54 17.17
CA ASN A 24 -5.81 0.99 17.96
C ASN A 24 -6.50 -0.21 17.29
N ALA A 25 -7.78 -0.31 17.54
CA ALA A 25 -8.59 -1.42 16.95
C ALA A 25 -9.55 -0.81 15.93
N GLU A 26 -9.24 0.41 15.57
CA GLU A 26 -10.06 1.17 14.58
C GLU A 26 -9.25 1.20 13.29
N ILE A 27 -7.98 1.05 13.52
CA ILE A 27 -7.04 1.04 12.38
C ILE A 27 -7.37 -0.32 11.82
N GLN A 28 -7.24 -1.26 12.72
CA GLN A 28 -7.54 -2.69 12.41
C GLN A 28 -8.79 -2.71 11.54
N ARG A 29 -9.71 -1.86 11.93
CA ARG A 29 -11.02 -1.70 11.25
C ARG A 29 -10.81 -1.30 9.81
N ILE A 30 -10.10 -0.22 9.66
CA ILE A 30 -9.83 0.25 8.28
C ILE A 30 -9.16 -0.89 7.52
N VAL A 31 -8.06 -1.32 8.08
CA VAL A 31 -7.23 -2.41 7.53
C VAL A 31 -8.09 -3.55 7.00
N ASP A 32 -9.05 -3.90 7.80
CA ASP A 32 -9.89 -5.02 7.31
C ASP A 32 -10.76 -4.58 6.15
N ASP A 33 -11.33 -3.42 6.34
CA ASP A 33 -12.19 -2.88 5.25
C ASP A 33 -11.30 -2.77 4.01
N MET A 34 -10.03 -2.65 4.27
CA MET A 34 -9.05 -2.55 3.16
C MET A 34 -8.87 -3.94 2.56
N PHE A 35 -8.87 -4.99 3.34
CA PHE A 35 -8.70 -6.33 2.69
C PHE A 35 -9.95 -6.50 1.85
N GLU A 36 -11.04 -6.43 2.58
CA GLU A 36 -12.44 -6.55 2.08
C GLU A 36 -12.56 -6.01 0.65
N THR A 37 -12.01 -4.84 0.54
CA THR A 37 -12.01 -4.10 -0.76
C THR A 37 -10.84 -4.52 -1.67
N MET A 38 -9.69 -4.64 -1.07
CA MET A 38 -8.45 -5.03 -1.80
C MET A 38 -8.60 -6.46 -2.35
N TYR A 39 -9.66 -7.09 -1.93
CA TYR A 39 -9.96 -8.49 -2.37
C TYR A 39 -11.10 -8.45 -3.39
N ALA A 40 -12.10 -7.73 -2.99
CA ALA A 40 -13.34 -7.51 -3.79
C ALA A 40 -13.07 -7.32 -5.26
N GLU A 41 -11.99 -6.63 -5.47
CA GLU A 41 -11.57 -6.30 -6.85
C GLU A 41 -10.49 -7.29 -7.26
N GLU A 42 -9.42 -6.73 -7.73
CA GLU A 42 -8.26 -7.52 -8.20
C GLU A 42 -6.94 -6.85 -7.84
N GLY A 43 -6.74 -6.58 -6.57
CA GLY A 43 -5.46 -5.92 -6.18
C GLY A 43 -4.71 -6.72 -5.12
N ILE A 44 -3.42 -6.51 -5.11
CA ILE A 44 -2.54 -7.20 -4.12
C ILE A 44 -2.22 -6.22 -3.00
N GLY A 45 -1.94 -5.00 -3.37
CA GLY A 45 -1.61 -3.97 -2.34
C GLY A 45 -2.47 -2.71 -2.45
N LEU A 46 -3.19 -2.44 -1.39
CA LEU A 46 -4.07 -1.24 -1.35
C LEU A 46 -3.55 -0.27 -0.28
N ALA A 47 -3.74 1.00 -0.51
CA ALA A 47 -3.28 2.02 0.46
C ALA A 47 -4.59 2.62 0.99
N ALA A 48 -4.55 3.31 2.09
CA ALA A 48 -5.84 3.87 2.59
C ALA A 48 -5.98 5.35 2.26
N THR A 49 -5.42 5.66 1.13
CA THR A 49 -5.43 7.04 0.58
C THR A 49 -6.29 6.89 -0.67
N GLN A 50 -6.72 5.67 -0.87
CA GLN A 50 -7.55 5.35 -2.05
C GLN A 50 -9.01 5.24 -1.62
N VAL A 51 -9.28 5.01 -0.36
CA VAL A 51 -10.73 4.95 -0.03
C VAL A 51 -10.85 6.46 0.19
N ASP A 52 -10.78 6.92 1.41
CA ASP A 52 -10.84 8.38 1.66
C ASP A 52 -10.34 8.40 3.11
N ILE A 53 -9.09 8.74 3.31
CA ILE A 53 -8.51 8.79 4.69
C ILE A 53 -7.19 9.57 4.63
N HIS A 54 -6.81 10.19 5.72
CA HIS A 54 -5.53 10.96 5.71
C HIS A 54 -4.53 10.34 6.68
N GLN A 55 -4.49 9.05 6.69
CA GLN A 55 -3.54 8.35 7.59
C GLN A 55 -2.77 7.35 6.74
N ARG A 56 -1.99 6.56 7.43
CA ARG A 56 -1.17 5.52 6.79
C ARG A 56 -1.63 4.13 7.21
N ILE A 57 -2.35 3.51 6.32
CA ILE A 57 -2.86 2.14 6.58
C ILE A 57 -2.81 1.52 5.20
N ILE A 58 -2.19 0.38 5.05
CA ILE A 58 -2.13 -0.24 3.70
C ILE A 58 -2.18 -1.73 3.95
N VAL A 59 -2.63 -2.50 2.99
CA VAL A 59 -2.67 -3.97 3.22
C VAL A 59 -2.10 -4.64 1.98
N ILE A 60 -1.74 -5.88 2.12
CA ILE A 60 -1.18 -6.66 0.99
C ILE A 60 -1.80 -8.06 0.94
N ASP A 61 -1.69 -8.71 -0.19
CA ASP A 61 -2.23 -10.09 -0.41
C ASP A 61 -1.30 -10.75 -1.44
N VAL A 62 -0.23 -11.40 -1.09
CA VAL A 62 0.54 -11.97 -2.25
C VAL A 62 0.57 -13.50 -2.40
N SER A 63 -0.09 -14.24 -1.55
CA SER A 63 -0.03 -15.72 -1.76
C SER A 63 -1.19 -16.18 -2.64
N GLU A 64 -1.27 -17.48 -2.73
CA GLU A 64 -2.33 -18.13 -3.56
C GLU A 64 -3.74 -18.23 -2.96
N ASN A 65 -3.84 -18.78 -1.77
CA ASN A 65 -5.18 -18.90 -1.13
C ASN A 65 -5.46 -17.99 0.05
N ARG A 66 -5.39 -16.72 -0.23
CA ARG A 66 -5.62 -15.64 0.77
C ARG A 66 -5.00 -16.17 2.05
N ASP A 67 -3.73 -16.44 1.89
CA ASP A 67 -2.89 -16.99 2.97
C ASP A 67 -1.89 -15.98 3.53
N GLU A 68 -1.45 -15.14 2.64
CA GLU A 68 -0.46 -14.08 2.97
C GLU A 68 -1.15 -12.72 2.86
N ARG A 69 -2.01 -12.55 3.83
CA ARG A 69 -2.82 -11.32 3.97
C ARG A 69 -2.05 -10.35 4.87
N LEU A 70 -1.40 -9.40 4.26
CA LEU A 70 -0.60 -8.42 5.05
C LEU A 70 -1.21 -7.07 5.45
N VAL A 71 -0.59 -6.55 6.48
CA VAL A 71 -1.00 -5.25 7.05
C VAL A 71 0.19 -4.34 7.38
N LEU A 72 0.01 -3.06 7.18
CA LEU A 72 1.09 -2.08 7.47
C LEU A 72 0.42 -0.75 7.88
N ILE A 73 0.72 -0.21 9.03
CA ILE A 73 0.03 1.08 9.35
C ILE A 73 1.00 2.23 9.04
N ASN A 74 1.97 2.42 9.89
CA ASN A 74 2.93 3.53 9.64
C ASN A 74 4.29 2.88 9.30
N PRO A 75 4.35 2.29 8.14
CA PRO A 75 5.58 1.60 7.68
C PRO A 75 6.59 2.61 7.15
N GLU A 76 7.51 3.04 7.96
CA GLU A 76 8.46 4.02 7.38
C GLU A 76 9.40 3.03 6.70
N LEU A 77 10.05 3.56 5.69
CA LEU A 77 10.99 2.71 4.93
C LEU A 77 12.35 2.84 5.60
N LEU A 78 13.00 1.72 5.77
CA LEU A 78 14.33 1.74 6.44
C LEU A 78 15.39 1.30 5.42
N GLU A 79 15.10 0.18 4.80
CA GLU A 79 16.03 -0.38 3.78
C GLU A 79 15.30 -0.72 2.50
N LYS A 80 16.10 -0.81 1.48
CA LYS A 80 15.61 -1.17 0.13
C LYS A 80 16.81 -1.86 -0.52
N SER A 81 16.58 -2.74 -1.46
CA SER A 81 17.73 -3.43 -2.12
C SER A 81 17.37 -3.33 -3.60
N GLY A 82 18.37 -3.33 -4.44
CA GLY A 82 18.14 -3.22 -5.92
C GLY A 82 17.06 -2.24 -6.39
N GLU A 83 16.86 -2.23 -7.67
CA GLU A 83 15.84 -1.34 -8.27
C GLU A 83 15.05 -2.13 -9.31
N THR A 84 14.12 -2.94 -8.86
CA THR A 84 13.34 -3.73 -9.85
C THR A 84 11.94 -3.14 -9.99
N GLY A 85 11.24 -3.65 -10.96
CA GLY A 85 9.85 -3.18 -11.23
C GLY A 85 8.97 -4.38 -11.54
N ILE A 86 7.71 -4.08 -11.72
CA ILE A 86 6.71 -5.15 -12.03
C ILE A 86 5.83 -4.67 -13.18
N GLU A 87 5.39 -5.55 -14.05
CA GLU A 87 4.52 -5.07 -15.17
C GLU A 87 3.09 -5.16 -14.68
N GLU A 88 2.80 -4.41 -13.65
CA GLU A 88 1.43 -4.44 -13.08
C GLU A 88 0.89 -3.05 -12.73
N GLY A 89 -0.37 -3.05 -12.40
CA GLY A 89 -1.06 -1.78 -12.03
C GLY A 89 -1.68 -1.93 -10.64
N CYS A 90 -2.02 -0.80 -10.09
CA CYS A 90 -2.65 -0.75 -8.72
C CYS A 90 -4.17 -0.78 -8.90
N LEU A 91 -4.89 0.07 -8.23
CA LEU A 91 -6.39 0.06 -8.39
C LEU A 91 -6.91 1.35 -9.03
N SER A 92 -6.88 2.40 -8.26
CA SER A 92 -7.34 3.75 -8.71
C SER A 92 -7.10 3.98 -10.19
N ILE A 93 -5.87 3.61 -10.48
CA ILE A 93 -5.21 3.66 -11.81
C ILE A 93 -6.16 3.46 -13.00
N PRO A 94 -5.83 4.01 -14.14
CA PRO A 94 -6.67 3.89 -15.36
C PRO A 94 -6.25 2.70 -16.23
N GLU A 95 -6.93 2.62 -17.34
CA GLU A 95 -6.72 1.57 -18.39
C GLU A 95 -5.32 0.97 -18.49
N GLN A 96 -4.31 1.80 -18.38
CA GLN A 96 -2.93 1.26 -18.49
C GLN A 96 -2.40 0.60 -17.22
N ARG A 97 -1.35 -0.15 -17.44
CA ARG A 97 -0.67 -0.90 -16.35
C ARG A 97 0.77 -0.39 -16.44
N ALA A 98 1.63 -0.74 -15.52
CA ALA A 98 3.00 -0.19 -15.69
C ALA A 98 4.13 -1.10 -15.25
N LEU A 99 5.28 -0.72 -15.75
CA LEU A 99 6.57 -1.41 -15.47
C LEU A 99 7.32 -0.26 -14.84
N VAL A 100 6.95 -0.05 -13.60
CA VAL A 100 7.55 1.05 -12.80
C VAL A 100 8.74 0.68 -11.92
N PRO A 101 9.71 1.55 -11.91
CA PRO A 101 10.93 1.33 -11.09
C PRO A 101 10.54 1.60 -9.65
N ARG A 102 10.61 0.48 -9.00
CA ARG A 102 10.29 0.36 -7.56
C ARG A 102 11.62 -0.21 -7.03
N ALA A 103 11.59 -0.84 -5.88
CA ALA A 103 12.85 -1.41 -5.34
C ALA A 103 12.71 -2.92 -5.48
N GLU A 104 13.76 -3.63 -5.17
CA GLU A 104 13.68 -5.11 -5.28
C GLU A 104 13.22 -5.64 -3.92
N LYS A 105 14.01 -5.38 -2.90
CA LYS A 105 13.62 -5.88 -1.55
C LYS A 105 13.62 -4.67 -0.62
N VAL A 106 13.02 -4.76 0.53
CA VAL A 106 12.99 -3.60 1.47
C VAL A 106 12.90 -4.05 2.92
N LYS A 107 13.26 -3.19 3.84
CA LYS A 107 13.14 -3.58 5.28
C LYS A 107 12.44 -2.39 5.93
N ILE A 108 11.24 -2.56 6.44
CA ILE A 108 10.50 -1.44 7.09
C ILE A 108 10.17 -1.72 8.55
N ARG A 109 9.67 -0.66 9.14
CA ARG A 109 9.25 -0.75 10.56
C ARG A 109 7.86 -0.11 10.54
N ALA A 110 6.90 -0.90 10.97
CA ALA A 110 5.47 -0.48 11.01
C ALA A 110 4.82 -0.77 12.36
N LEU A 111 3.52 -0.65 12.34
CA LEU A 111 2.65 -0.90 13.52
C LEU A 111 1.58 -1.77 12.87
N ASP A 112 0.85 -2.57 13.59
CA ASP A 112 -0.17 -3.43 12.94
C ASP A 112 -1.59 -3.12 13.39
N ARG A 113 -2.47 -3.95 12.89
CA ARG A 113 -3.93 -3.90 13.18
C ARG A 113 -4.25 -3.37 14.59
N ASP A 114 -3.49 -3.84 15.53
CA ASP A 114 -3.66 -3.44 16.96
C ASP A 114 -2.86 -2.19 17.32
N GLY A 115 -1.63 -2.25 16.90
CA GLY A 115 -0.63 -1.18 17.11
C GLY A 115 0.57 -1.86 17.76
N LYS A 116 0.96 -2.90 17.09
CA LYS A 116 2.13 -3.72 17.53
C LYS A 116 3.16 -3.32 16.49
N PRO A 117 4.31 -2.94 16.95
CA PRO A 117 5.42 -2.51 16.08
C PRO A 117 6.27 -3.67 15.56
N PHE A 118 6.39 -3.69 14.27
CA PHE A 118 7.19 -4.77 13.64
C PHE A 118 8.14 -4.30 12.55
N GLU A 119 9.24 -4.99 12.44
CA GLU A 119 10.22 -4.61 11.40
C GLU A 119 10.14 -5.80 10.44
N LEU A 120 9.43 -5.49 9.40
CA LEU A 120 9.16 -6.46 8.31
C LEU A 120 10.00 -6.20 7.07
N GLU A 121 10.49 -7.24 6.45
CA GLU A 121 11.27 -6.93 5.23
C GLU A 121 10.56 -7.77 4.17
N ALA A 122 10.69 -7.29 2.97
CA ALA A 122 10.04 -7.99 1.84
C ALA A 122 11.00 -8.09 0.66
N ASP A 123 10.67 -8.97 -0.24
CA ASP A 123 11.55 -9.12 -1.43
C ASP A 123 10.62 -8.91 -2.61
N GLY A 124 11.22 -8.84 -3.77
CA GLY A 124 10.48 -8.63 -5.06
C GLY A 124 9.06 -8.08 -4.95
N LEU A 125 8.19 -8.61 -5.77
CA LEU A 125 6.77 -8.17 -5.80
C LEU A 125 6.03 -7.77 -4.50
N LEU A 126 6.24 -8.40 -3.37
CA LEU A 126 5.47 -7.92 -2.18
C LEU A 126 6.12 -6.60 -1.81
N ALA A 127 7.43 -6.61 -1.80
CA ALA A 127 8.15 -5.36 -1.46
C ALA A 127 7.49 -4.32 -2.36
N ILE A 128 7.57 -4.58 -3.63
CA ILE A 128 6.99 -3.69 -4.66
C ILE A 128 5.60 -3.18 -4.27
N CYS A 129 4.84 -4.12 -3.79
CA CYS A 129 3.44 -3.86 -3.36
C CYS A 129 3.41 -2.67 -2.40
N ILE A 130 4.15 -2.81 -1.34
CA ILE A 130 4.16 -1.70 -0.34
C ILE A 130 4.77 -0.42 -0.90
N GLN A 131 5.96 -0.55 -1.41
CA GLN A 131 6.70 0.61 -2.00
C GLN A 131 5.72 1.53 -2.71
N HIS A 132 5.09 0.86 -3.62
CA HIS A 132 4.06 1.48 -4.49
C HIS A 132 3.03 2.25 -3.66
N GLU A 133 2.36 1.48 -2.84
CA GLU A 133 1.32 2.07 -1.96
C GLU A 133 1.87 3.24 -1.15
N MET A 134 3.16 3.23 -0.91
CA MET A 134 3.73 4.35 -0.13
C MET A 134 3.90 5.59 -1.01
N ASP A 135 4.21 5.42 -2.27
CA ASP A 135 4.36 6.63 -3.12
C ASP A 135 2.99 7.29 -2.98
N HIS A 136 1.98 6.45 -2.94
CA HIS A 136 0.61 7.04 -2.80
C HIS A 136 0.42 7.81 -1.49
N LEU A 137 0.77 7.16 -0.41
CA LEU A 137 0.62 7.81 0.93
C LEU A 137 1.36 9.14 1.03
N VAL A 138 2.40 9.31 0.24
CA VAL A 138 3.14 10.59 0.32
C VAL A 138 2.78 11.58 -0.78
N GLY A 139 1.87 11.27 -1.66
CA GLY A 139 1.56 12.30 -2.68
C GLY A 139 1.74 11.99 -4.16
N LYS A 140 2.41 10.94 -4.52
CA LYS A 140 2.56 10.67 -5.97
C LYS A 140 1.82 9.37 -6.28
N LEU A 141 1.28 9.29 -7.47
CA LEU A 141 0.56 8.06 -7.83
C LEU A 141 1.73 7.39 -8.51
N PHE A 142 1.65 6.18 -9.00
CA PHE A 142 2.92 5.73 -9.63
C PHE A 142 2.87 6.23 -11.07
N MET A 143 2.12 7.26 -11.30
CA MET A 143 2.00 7.82 -12.68
C MET A 143 2.95 9.00 -12.91
N ASP A 144 4.06 8.92 -12.24
CA ASP A 144 5.09 9.99 -12.39
C ASP A 144 5.94 9.41 -13.52
N TYR A 145 6.14 8.13 -13.35
CA TYR A 145 6.90 7.27 -14.29
C TYR A 145 6.03 6.77 -15.43
N LEU A 146 4.80 7.18 -15.40
CA LEU A 146 3.84 6.75 -16.46
C LEU A 146 3.40 7.99 -17.22
N SER A 147 3.10 9.02 -16.49
CA SER A 147 2.66 10.30 -17.13
C SER A 147 3.66 11.39 -16.76
N VAL A 2 -17.71 -3.21 0.20
CA VAL A 2 -16.32 -2.69 0.26
C VAL A 2 -16.37 -1.19 0.50
N LEU A 3 -15.24 -0.57 0.35
CA LEU A 3 -15.17 0.90 0.56
C LEU A 3 -15.36 1.74 -0.69
N GLN A 4 -15.35 3.01 -0.42
CA GLN A 4 -15.52 4.03 -1.48
C GLN A 4 -14.12 4.37 -1.99
N VAL A 5 -13.65 3.61 -2.94
CA VAL A 5 -12.29 3.92 -3.45
C VAL A 5 -12.43 4.91 -4.59
N LEU A 6 -11.38 5.70 -4.70
CA LEU A 6 -11.35 6.74 -5.74
C LEU A 6 -10.38 6.30 -6.84
N HIS A 7 -10.50 6.95 -7.96
CA HIS A 7 -9.61 6.63 -9.11
C HIS A 7 -8.87 7.90 -9.46
N ILE A 8 -8.07 7.81 -10.48
CA ILE A 8 -7.32 9.03 -10.85
C ILE A 8 -8.02 9.81 -11.99
N PRO A 9 -7.84 11.10 -12.01
CA PRO A 9 -7.02 11.89 -11.05
C PRO A 9 -7.92 12.28 -9.86
N ASP A 10 -7.39 12.19 -8.67
CA ASP A 10 -8.18 12.56 -7.46
C ASP A 10 -7.27 13.33 -6.50
N GLU A 11 -7.82 13.73 -5.38
CA GLU A 11 -7.01 14.49 -4.38
C GLU A 11 -6.42 13.55 -3.34
N ARG A 12 -7.25 12.83 -2.63
CA ARG A 12 -6.80 11.88 -1.58
C ARG A 12 -5.60 11.08 -2.06
N LEU A 13 -5.81 10.50 -3.22
CA LEU A 13 -4.79 9.68 -3.90
C LEU A 13 -3.44 10.37 -3.96
N ARG A 14 -3.48 11.62 -4.35
CA ARG A 14 -2.21 12.39 -4.44
C ARG A 14 -2.01 13.39 -3.31
N LYS A 15 -2.80 13.22 -2.28
CA LYS A 15 -2.68 14.14 -1.13
C LYS A 15 -1.71 13.39 -0.23
N VAL A 16 -1.31 14.01 0.84
CA VAL A 16 -0.36 13.34 1.76
C VAL A 16 -1.08 12.81 3.00
N ALA A 17 -0.44 11.89 3.68
CA ALA A 17 -1.03 11.29 4.90
C ALA A 17 -0.21 11.77 6.09
N LYS A 18 -0.61 11.30 7.24
CA LYS A 18 0.09 11.67 8.49
C LYS A 18 0.48 10.36 9.19
N PRO A 19 1.69 10.25 9.64
CA PRO A 19 2.15 9.03 10.33
C PRO A 19 1.68 9.09 11.77
N VAL A 20 1.47 7.95 12.37
CA VAL A 20 1.01 7.94 13.79
C VAL A 20 2.03 7.16 14.61
N GLU A 21 1.83 7.16 15.91
CA GLU A 21 2.75 6.43 16.82
C GLU A 21 2.07 5.15 17.32
N GLU A 22 0.82 5.28 17.68
CA GLU A 22 0.08 4.08 18.18
C GLU A 22 -1.13 3.81 17.28
N VAL A 23 -1.64 2.62 17.40
CA VAL A 23 -2.81 2.17 16.59
C VAL A 23 -3.87 1.71 17.59
N ASN A 24 -4.92 1.30 16.95
CA ASN A 24 -6.10 0.80 17.68
C ASN A 24 -6.89 -0.33 16.99
N ALA A 25 -8.17 -0.33 17.26
CA ALA A 25 -9.08 -1.36 16.67
C ALA A 25 -9.96 -0.66 15.63
N GLU A 26 -9.48 0.48 15.23
CA GLU A 26 -10.15 1.35 14.23
C GLU A 26 -9.32 1.22 12.95
N ILE A 27 -8.11 0.79 13.20
CA ILE A 27 -7.11 0.57 12.14
C ILE A 27 -7.26 -0.87 11.70
N GLN A 28 -7.31 -1.70 12.70
CA GLN A 28 -7.48 -3.15 12.44
C GLN A 28 -8.64 -3.16 11.44
N ARG A 29 -9.52 -2.25 11.71
CA ARG A 29 -10.76 -1.97 10.95
C ARG A 29 -10.41 -1.36 9.60
N ILE A 30 -9.51 -0.41 9.54
CA ILE A 30 -9.20 0.13 8.19
C ILE A 30 -8.67 -1.03 7.36
N VAL A 31 -7.60 -1.57 7.89
CA VAL A 31 -6.87 -2.72 7.30
C VAL A 31 -7.77 -3.80 6.73
N ASP A 32 -8.69 -4.14 7.57
CA ASP A 32 -9.62 -5.21 7.15
C ASP A 32 -10.53 -4.67 6.05
N ASP A 33 -11.01 -3.47 6.26
CA ASP A 33 -11.90 -2.91 5.22
C ASP A 33 -11.11 -2.77 3.93
N MET A 34 -9.82 -2.60 4.09
CA MET A 34 -8.96 -2.46 2.89
C MET A 34 -8.76 -3.82 2.26
N PHE A 35 -8.69 -4.86 3.06
CA PHE A 35 -8.50 -6.18 2.39
C PHE A 35 -9.79 -6.42 1.63
N GLU A 36 -10.84 -6.29 2.38
CA GLU A 36 -12.25 -6.47 1.91
C GLU A 36 -12.42 -5.87 0.51
N THR A 37 -11.87 -4.68 0.42
CA THR A 37 -11.92 -3.91 -0.87
C THR A 37 -10.80 -4.32 -1.83
N MET A 38 -9.58 -4.04 -1.42
CA MET A 38 -8.35 -4.38 -2.22
C MET A 38 -8.59 -5.67 -3.00
N TYR A 39 -9.12 -6.60 -2.25
CA TYR A 39 -9.46 -7.96 -2.76
C TYR A 39 -10.46 -7.87 -3.92
N ALA A 40 -11.62 -7.43 -3.50
CA ALA A 40 -12.84 -7.22 -4.33
C ALA A 40 -12.56 -6.76 -5.75
N GLU A 41 -11.54 -5.95 -5.78
CA GLU A 41 -11.14 -5.38 -7.10
C GLU A 41 -10.05 -6.23 -7.75
N GLU A 42 -8.87 -5.69 -7.86
CA GLU A 42 -7.77 -6.47 -8.49
C GLU A 42 -6.38 -5.94 -8.13
N GLY A 43 -6.15 -5.75 -6.87
CA GLY A 43 -4.81 -5.24 -6.46
C GLY A 43 -4.17 -6.18 -5.44
N ILE A 44 -2.87 -6.15 -5.38
CA ILE A 44 -2.16 -7.03 -4.41
C ILE A 44 -2.05 -6.19 -3.14
N GLY A 45 -1.75 -4.93 -3.33
CA GLY A 45 -1.63 -4.03 -2.15
C GLY A 45 -2.42 -2.74 -2.35
N LEU A 46 -3.11 -2.34 -1.31
CA LEU A 46 -3.94 -1.09 -1.33
C LEU A 46 -3.42 -0.16 -0.25
N ALA A 47 -3.62 1.12 -0.41
CA ALA A 47 -3.15 2.10 0.61
C ALA A 47 -4.45 2.71 1.11
N ALA A 48 -4.46 3.38 2.23
CA ALA A 48 -5.76 3.95 2.68
C ALA A 48 -5.87 5.44 2.37
N THR A 49 -5.34 5.75 1.23
CA THR A 49 -5.34 7.13 0.70
C THR A 49 -6.17 6.96 -0.56
N GLN A 50 -6.68 5.76 -0.72
CA GLN A 50 -7.51 5.53 -1.93
C GLN A 50 -8.95 5.34 -1.49
N VAL A 51 -9.21 5.12 -0.22
CA VAL A 51 -10.65 4.97 0.14
C VAL A 51 -10.71 6.47 0.43
N ASP A 52 -10.61 6.85 1.68
CA ASP A 52 -10.60 8.30 2.03
C ASP A 52 -10.09 8.27 3.47
N ILE A 53 -8.81 8.51 3.63
CA ILE A 53 -8.15 8.53 4.96
C ILE A 53 -6.77 9.14 4.78
N HIS A 54 -6.18 9.66 5.83
CA HIS A 54 -4.82 10.23 5.66
C HIS A 54 -3.86 9.69 6.70
N GLN A 55 -3.78 8.40 6.72
CA GLN A 55 -2.87 7.73 7.67
C GLN A 55 -2.13 6.82 6.71
N ARG A 56 -1.26 6.02 7.25
CA ARG A 56 -0.48 5.09 6.37
C ARG A 56 -0.93 3.64 6.52
N ILE A 57 -2.17 3.39 6.18
CA ILE A 57 -2.63 1.98 6.34
C ILE A 57 -2.55 1.34 4.96
N ILE A 58 -1.91 0.21 4.85
CA ILE A 58 -1.83 -0.41 3.52
C ILE A 58 -1.93 -1.92 3.78
N VAL A 59 -2.56 -2.64 2.88
CA VAL A 59 -2.67 -4.11 3.09
C VAL A 59 -2.03 -4.79 1.88
N ILE A 60 -1.71 -6.04 2.04
CA ILE A 60 -1.09 -6.81 0.94
C ILE A 60 -1.63 -8.25 0.87
N ASP A 61 -1.74 -8.77 -0.32
CA ASP A 61 -2.24 -10.16 -0.52
C ASP A 61 -1.41 -10.76 -1.64
N VAL A 62 -0.20 -11.15 -1.33
CA VAL A 62 0.59 -11.73 -2.46
C VAL A 62 0.56 -13.26 -2.44
N SER A 63 -0.30 -13.82 -1.63
CA SER A 63 -0.39 -15.30 -1.57
C SER A 63 -1.46 -15.75 -2.57
N GLU A 64 -1.79 -17.00 -2.43
CA GLU A 64 -2.81 -17.62 -3.31
C GLU A 64 -4.27 -17.55 -2.86
N ASN A 65 -4.55 -17.91 -1.64
CA ASN A 65 -5.95 -17.88 -1.15
C ASN A 65 -6.29 -17.04 0.09
N ARG A 66 -6.29 -15.74 -0.07
CA ARG A 66 -6.60 -14.79 1.04
C ARG A 66 -5.94 -15.41 2.27
N ASP A 67 -4.69 -15.71 2.03
CA ASP A 67 -3.80 -16.35 3.02
C ASP A 67 -2.83 -15.43 3.77
N GLU A 68 -2.04 -14.81 2.95
CA GLU A 68 -0.99 -13.87 3.41
C GLU A 68 -1.54 -12.45 3.31
N ARG A 69 -2.35 -12.13 4.29
CA ARG A 69 -2.97 -10.78 4.35
C ARG A 69 -2.07 -9.88 5.17
N LEU A 70 -1.17 -9.24 4.47
CA LEU A 70 -0.23 -8.33 5.16
C LEU A 70 -0.84 -7.00 5.54
N VAL A 71 -0.22 -6.43 6.53
CA VAL A 71 -0.70 -5.13 7.04
C VAL A 71 0.44 -4.19 7.41
N LEU A 72 0.26 -2.93 7.12
CA LEU A 72 1.29 -1.90 7.45
C LEU A 72 0.53 -0.64 7.89
N ILE A 73 0.69 -0.18 9.11
CA ILE A 73 -0.07 1.05 9.54
C ILE A 73 0.84 2.27 9.53
N ASN A 74 2.05 2.09 9.96
CA ASN A 74 3.00 3.25 9.98
C ASN A 74 4.38 2.73 9.61
N PRO A 75 4.44 2.17 8.43
CA PRO A 75 5.68 1.59 7.85
C PRO A 75 6.67 2.65 7.41
N GLU A 76 7.54 3.05 8.29
CA GLU A 76 8.51 4.08 7.82
C GLU A 76 9.45 3.18 7.03
N LEU A 77 10.23 3.78 6.16
CA LEU A 77 11.14 2.91 5.38
C LEU A 77 12.50 2.94 6.10
N LEU A 78 13.21 1.85 6.01
CA LEU A 78 14.55 1.79 6.66
C LEU A 78 15.58 1.47 5.58
N GLU A 79 15.35 0.33 4.98
CA GLU A 79 16.23 -0.18 3.90
C GLU A 79 15.47 -0.54 2.63
N LYS A 80 16.26 -0.69 1.61
CA LYS A 80 15.77 -1.07 0.28
C LYS A 80 16.95 -1.80 -0.37
N SER A 81 16.68 -2.62 -1.34
CA SER A 81 17.79 -3.35 -2.03
C SER A 81 17.41 -3.19 -3.49
N GLY A 82 18.38 -3.22 -4.37
CA GLY A 82 18.16 -3.06 -5.84
C GLY A 82 17.02 -2.16 -6.32
N GLU A 83 16.87 -2.15 -7.62
CA GLU A 83 15.80 -1.33 -8.25
C GLU A 83 15.05 -2.13 -9.31
N THR A 84 14.12 -2.94 -8.87
CA THR A 84 13.37 -3.76 -9.87
C THR A 84 11.97 -3.16 -10.02
N GLY A 85 11.25 -3.68 -10.97
CA GLY A 85 9.87 -3.20 -11.23
C GLY A 85 8.94 -4.38 -11.48
N ILE A 86 7.69 -4.06 -11.64
CA ILE A 86 6.66 -5.11 -11.91
C ILE A 86 5.78 -4.67 -13.08
N GLU A 87 5.38 -5.60 -13.90
CA GLU A 87 4.52 -5.22 -15.06
C GLU A 87 3.09 -5.35 -14.55
N GLU A 88 2.75 -4.55 -13.59
CA GLU A 88 1.38 -4.61 -13.03
C GLU A 88 0.74 -3.28 -12.67
N GLY A 89 -0.50 -3.38 -12.26
CA GLY A 89 -1.27 -2.17 -11.87
C GLY A 89 -1.82 -2.33 -10.44
N CYS A 90 -2.16 -1.20 -9.89
CA CYS A 90 -2.71 -1.12 -8.51
C CYS A 90 -4.24 -1.16 -8.54
N LEU A 91 -4.87 -0.12 -8.04
CA LEU A 91 -6.36 -0.07 -8.04
C LEU A 91 -6.86 1.21 -8.71
N SER A 92 -6.76 2.28 -7.98
CA SER A 92 -7.19 3.64 -8.44
C SER A 92 -7.00 3.82 -9.95
N ILE A 93 -5.81 3.35 -10.27
CA ILE A 93 -5.22 3.33 -11.62
C ILE A 93 -6.26 3.06 -12.74
N PRO A 94 -6.02 3.56 -13.92
CA PRO A 94 -6.94 3.37 -15.07
C PRO A 94 -6.56 2.18 -15.95
N GLU A 95 -7.29 2.09 -17.02
CA GLU A 95 -7.15 1.03 -18.06
C GLU A 95 -5.74 0.44 -18.24
N GLN A 96 -4.75 1.28 -18.29
CA GLN A 96 -3.37 0.75 -18.47
C GLN A 96 -2.73 0.20 -17.20
N ARG A 97 -1.64 -0.49 -17.44
CA ARG A 97 -0.85 -1.12 -16.35
C ARG A 97 0.57 -0.58 -16.50
N ALA A 98 1.46 -0.89 -15.60
CA ALA A 98 2.82 -0.32 -15.82
C ALA A 98 3.97 -1.22 -15.36
N LEU A 99 5.10 -0.90 -15.91
CA LEU A 99 6.37 -1.61 -15.62
C LEU A 99 7.13 -0.45 -14.98
N VAL A 100 6.79 -0.28 -13.73
CA VAL A 100 7.41 0.81 -12.93
C VAL A 100 8.61 0.47 -12.05
N PRO A 101 9.57 1.34 -12.08
CA PRO A 101 10.80 1.15 -11.27
C PRO A 101 10.47 1.51 -9.84
N ARG A 102 10.60 0.44 -9.11
CA ARG A 102 10.34 0.43 -7.65
C ARG A 102 11.68 -0.10 -7.12
N ALA A 103 11.67 -0.62 -5.93
CA ALA A 103 12.94 -1.16 -5.36
C ALA A 103 12.79 -2.67 -5.50
N GLU A 104 13.81 -3.38 -5.09
CA GLU A 104 13.75 -4.86 -5.19
C GLU A 104 13.26 -5.42 -3.85
N LYS A 105 14.01 -5.14 -2.81
CA LYS A 105 13.60 -5.64 -1.47
C LYS A 105 13.59 -4.42 -0.55
N VAL A 106 12.94 -4.48 0.57
CA VAL A 106 12.93 -3.30 1.50
C VAL A 106 12.77 -3.69 2.97
N LYS A 107 13.33 -2.96 3.89
CA LYS A 107 13.14 -3.34 5.31
C LYS A 107 12.43 -2.13 5.95
N ILE A 108 11.31 -2.34 6.58
CA ILE A 108 10.55 -1.23 7.23
C ILE A 108 10.22 -1.51 8.70
N ARG A 109 9.65 -0.49 9.29
CA ARG A 109 9.24 -0.60 10.71
C ARG A 109 7.80 -0.10 10.70
N ALA A 110 6.87 -0.92 11.10
CA ALA A 110 5.43 -0.55 11.09
C ALA A 110 4.75 -0.85 12.42
N LEU A 111 3.45 -0.72 12.40
CA LEU A 111 2.57 -0.99 13.58
C LEU A 111 1.53 -1.86 12.89
N ASP A 112 0.83 -2.71 13.60
CA ASP A 112 -0.17 -3.57 12.91
C ASP A 112 -1.61 -3.25 13.29
N ARG A 113 -2.49 -4.02 12.70
CA ARG A 113 -3.95 -3.88 12.94
C ARG A 113 -4.31 -3.35 14.34
N ASP A 114 -3.69 -3.97 15.30
CA ASP A 114 -3.89 -3.61 16.73
C ASP A 114 -3.11 -2.37 17.15
N GLY A 115 -1.86 -2.42 16.78
CA GLY A 115 -0.87 -1.36 17.06
C GLY A 115 0.33 -2.04 17.70
N LYS A 116 0.75 -3.07 17.02
CA LYS A 116 1.92 -3.88 17.48
C LYS A 116 3.00 -3.47 16.50
N PRO A 117 4.10 -3.02 17.01
CA PRO A 117 5.25 -2.59 16.19
C PRO A 117 6.17 -3.70 15.72
N PHE A 118 6.38 -3.68 14.43
CA PHE A 118 7.26 -4.71 13.80
C PHE A 118 8.26 -4.08 12.86
N GLU A 119 9.23 -4.86 12.51
CA GLU A 119 10.29 -4.39 11.58
C GLU A 119 10.28 -5.55 10.60
N LEU A 120 9.56 -5.27 9.56
CA LEU A 120 9.35 -6.23 8.45
C LEU A 120 10.19 -6.02 7.20
N GLU A 121 10.66 -7.09 6.61
CA GLU A 121 11.44 -6.87 5.37
C GLU A 121 10.75 -7.75 4.34
N ALA A 122 10.74 -7.19 3.16
CA ALA A 122 10.12 -7.85 2.00
C ALA A 122 11.04 -7.91 0.80
N ASP A 123 10.72 -8.79 -0.11
CA ASP A 123 11.55 -8.91 -1.33
C ASP A 123 10.61 -8.82 -2.54
N GLY A 124 11.23 -8.71 -3.67
CA GLY A 124 10.51 -8.60 -4.98
C GLY A 124 9.07 -8.06 -4.92
N LEU A 125 8.23 -8.55 -5.78
CA LEU A 125 6.81 -8.11 -5.83
C LEU A 125 6.12 -7.67 -4.52
N LEU A 126 6.32 -8.32 -3.41
CA LEU A 126 5.62 -7.81 -2.19
C LEU A 126 6.31 -6.50 -1.83
N ALA A 127 7.61 -6.57 -1.76
CA ALA A 127 8.39 -5.35 -1.43
C ALA A 127 7.73 -4.25 -2.26
N ILE A 128 7.70 -4.52 -3.54
CA ILE A 128 7.10 -3.60 -4.54
C ILE A 128 5.72 -3.10 -4.14
N CYS A 129 4.92 -4.07 -3.76
CA CYS A 129 3.51 -3.84 -3.35
C CYS A 129 3.44 -2.68 -2.37
N ILE A 130 4.21 -2.78 -1.32
CA ILE A 130 4.18 -1.68 -0.34
C ILE A 130 4.79 -0.40 -0.89
N GLN A 131 6.00 -0.52 -1.37
CA GLN A 131 6.73 0.65 -1.96
C GLN A 131 5.73 1.55 -2.66
N HIS A 132 5.11 0.88 -3.57
CA HIS A 132 4.06 1.47 -4.44
C HIS A 132 2.99 2.19 -3.62
N GLU A 133 2.34 1.40 -2.81
CA GLU A 133 1.27 1.95 -1.93
C GLU A 133 1.78 3.13 -1.10
N MET A 134 3.06 3.20 -0.89
CA MET A 134 3.60 4.33 -0.09
C MET A 134 3.77 5.56 -0.99
N ASP A 135 4.07 5.38 -2.25
CA ASP A 135 4.23 6.58 -3.11
C ASP A 135 2.84 7.22 -2.99
N HIS A 136 1.85 6.37 -2.96
CA HIS A 136 0.45 6.91 -2.84
C HIS A 136 0.28 7.66 -1.52
N LEU A 137 0.68 7.02 -0.46
CA LEU A 137 0.54 7.66 0.88
C LEU A 137 1.24 9.03 0.96
N VAL A 138 2.21 9.25 0.11
CA VAL A 138 2.89 10.58 0.19
C VAL A 138 2.46 11.54 -0.92
N GLY A 139 1.60 11.15 -1.81
CA GLY A 139 1.17 12.10 -2.86
C GLY A 139 1.40 11.71 -4.32
N LYS A 140 2.31 10.83 -4.63
CA LYS A 140 2.45 10.52 -6.08
C LYS A 140 1.72 9.20 -6.35
N LEU A 141 1.23 9.09 -7.55
CA LEU A 141 0.51 7.85 -7.90
C LEU A 141 1.64 7.13 -8.62
N PHE A 142 1.50 5.92 -9.08
CA PHE A 142 2.72 5.42 -9.76
C PHE A 142 2.49 5.86 -11.19
N MET A 143 1.99 7.05 -11.38
CA MET A 143 1.73 7.54 -12.75
C MET A 143 2.68 8.69 -13.09
N ASP A 144 3.82 8.67 -12.47
CA ASP A 144 4.82 9.73 -12.72
C ASP A 144 5.64 9.10 -13.85
N TYR A 145 5.93 7.86 -13.56
CA TYR A 145 6.71 6.98 -14.46
C TYR A 145 5.83 6.42 -15.57
N LEU A 146 4.61 6.85 -15.59
CA LEU A 146 3.65 6.38 -16.63
C LEU A 146 3.27 7.61 -17.45
N SER A 147 2.90 8.63 -16.73
CA SER A 147 2.50 9.91 -17.37
C SER A 147 3.50 11.00 -16.95
N VAL A 2 -17.61 -3.37 0.76
CA VAL A 2 -16.23 -2.82 0.67
C VAL A 2 -16.28 -1.30 0.82
N LEU A 3 -15.17 -0.70 0.53
CA LEU A 3 -15.08 0.78 0.64
C LEU A 3 -15.24 1.49 -0.71
N GLN A 4 -15.19 2.78 -0.57
CA GLN A 4 -15.33 3.69 -1.74
C GLN A 4 -13.94 4.08 -2.25
N VAL A 5 -13.46 3.37 -3.23
CA VAL A 5 -12.11 3.73 -3.75
C VAL A 5 -12.29 4.73 -4.89
N LEU A 6 -11.29 5.55 -5.03
CA LEU A 6 -11.33 6.60 -6.09
C LEU A 6 -10.36 6.26 -7.21
N HIS A 7 -10.54 6.93 -8.31
CA HIS A 7 -9.66 6.71 -9.49
C HIS A 7 -9.14 8.06 -9.95
N ILE A 8 -8.27 8.05 -10.93
CA ILE A 8 -7.74 9.36 -11.37
C ILE A 8 -8.70 10.07 -12.36
N PRO A 9 -8.69 11.37 -12.33
CA PRO A 9 -7.85 12.19 -11.41
C PRO A 9 -8.47 12.03 -10.03
N ASP A 10 -7.64 11.97 -9.02
CA ASP A 10 -8.16 11.81 -7.63
C ASP A 10 -7.75 13.02 -6.79
N GLU A 11 -7.88 12.86 -5.49
CA GLU A 11 -7.51 13.96 -4.55
C GLU A 11 -6.65 13.37 -3.44
N ARG A 12 -7.30 12.58 -2.64
CA ARG A 12 -6.71 11.87 -1.47
C ARG A 12 -5.35 11.27 -1.82
N LEU A 13 -5.43 10.49 -2.87
CA LEU A 13 -4.28 9.76 -3.44
C LEU A 13 -3.02 10.58 -3.65
N ARG A 14 -3.19 11.81 -4.07
CA ARG A 14 -1.95 12.62 -4.28
C ARG A 14 -1.78 13.67 -3.21
N LYS A 15 -2.69 13.60 -2.27
CA LYS A 15 -2.63 14.56 -1.15
C LYS A 15 -1.76 13.73 -0.21
N VAL A 16 -1.37 14.30 0.89
CA VAL A 16 -0.50 13.52 1.83
C VAL A 16 -1.34 13.02 3.00
N ALA A 17 -0.75 12.16 3.78
CA ALA A 17 -1.43 11.57 4.96
C ALA A 17 -0.62 12.00 6.19
N LYS A 18 -1.10 11.58 7.32
CA LYS A 18 -0.46 11.87 8.63
C LYS A 18 0.00 10.54 9.24
N PRO A 19 1.24 10.46 9.64
CA PRO A 19 1.75 9.21 10.24
C PRO A 19 1.23 9.23 11.68
N VAL A 20 1.02 8.08 12.25
CA VAL A 20 0.50 8.07 13.63
C VAL A 20 1.58 7.38 14.47
N GLU A 21 1.44 7.44 15.76
CA GLU A 21 2.45 6.80 16.65
C GLU A 21 1.80 5.62 17.35
N GLU A 22 0.60 5.82 17.80
CA GLU A 22 -0.13 4.73 18.51
C GLU A 22 -1.29 4.24 17.62
N VAL A 23 -1.62 2.99 17.82
CA VAL A 23 -2.74 2.38 17.04
C VAL A 23 -3.69 1.79 18.07
N ASN A 24 -4.70 1.30 17.42
CA ASN A 24 -5.84 0.65 18.13
C ASN A 24 -6.56 -0.45 17.33
N ALA A 25 -7.82 -0.59 17.63
CA ALA A 25 -8.68 -1.61 16.96
C ALA A 25 -9.59 -0.85 15.99
N GLU A 26 -9.12 0.30 15.61
CA GLU A 26 -9.84 1.21 14.67
C GLU A 26 -9.01 1.24 13.38
N ILE A 27 -7.75 1.01 13.61
CA ILE A 27 -6.79 1.00 12.47
C ILE A 27 -6.99 -0.43 11.98
N GLN A 28 -7.10 -1.32 12.93
CA GLN A 28 -7.30 -2.74 12.57
C GLN A 28 -8.55 -2.74 11.69
N ARG A 29 -9.50 -1.98 12.16
CA ARG A 29 -10.81 -1.81 11.49
C ARG A 29 -10.56 -1.27 10.10
N ILE A 30 -9.70 -0.30 9.95
CA ILE A 30 -9.52 0.17 8.55
C ILE A 30 -8.92 -0.97 7.75
N VAL A 31 -7.81 -1.42 8.24
CA VAL A 31 -7.02 -2.54 7.64
C VAL A 31 -7.91 -3.62 7.08
N ASP A 32 -8.84 -4.00 7.89
CA ASP A 32 -9.72 -5.08 7.39
C ASP A 32 -10.58 -4.53 6.27
N ASP A 33 -11.14 -3.38 6.54
CA ASP A 33 -12.00 -2.74 5.50
C ASP A 33 -11.18 -2.74 4.20
N MET A 34 -9.88 -2.65 4.37
CA MET A 34 -8.99 -2.63 3.19
C MET A 34 -8.94 -4.05 2.61
N PHE A 35 -8.60 -5.07 3.36
CA PHE A 35 -8.58 -6.43 2.75
C PHE A 35 -9.86 -6.63 1.93
N GLU A 36 -10.92 -6.41 2.66
CA GLU A 36 -12.31 -6.53 2.14
C GLU A 36 -12.41 -5.91 0.74
N THR A 37 -11.88 -4.72 0.67
CA THR A 37 -11.89 -3.97 -0.62
C THR A 37 -10.77 -4.46 -1.55
N MET A 38 -9.55 -4.23 -1.14
CA MET A 38 -8.33 -4.64 -1.89
C MET A 38 -8.62 -5.92 -2.69
N TYR A 39 -9.20 -6.81 -1.95
CA TYR A 39 -9.58 -8.14 -2.50
C TYR A 39 -10.59 -8.03 -3.65
N ALA A 40 -11.73 -7.55 -3.23
CA ALA A 40 -12.93 -7.31 -4.05
C ALA A 40 -12.65 -6.83 -5.47
N GLU A 41 -11.59 -6.08 -5.51
CA GLU A 41 -11.17 -5.50 -6.80
C GLU A 41 -10.13 -6.43 -7.43
N GLU A 42 -9.04 -5.81 -7.76
CA GLU A 42 -7.90 -6.52 -8.40
C GLU A 42 -6.60 -5.92 -7.87
N GLY A 43 -6.52 -5.83 -6.57
CA GLY A 43 -5.29 -5.24 -5.97
C GLY A 43 -4.56 -6.25 -5.09
N ILE A 44 -3.27 -6.14 -5.09
CA ILE A 44 -2.43 -7.05 -4.26
C ILE A 44 -2.18 -6.17 -3.04
N GLY A 45 -1.86 -4.94 -3.32
CA GLY A 45 -1.57 -3.96 -2.24
C GLY A 45 -2.47 -2.73 -2.37
N LEU A 46 -3.21 -2.47 -1.33
CA LEU A 46 -4.13 -1.30 -1.33
C LEU A 46 -3.58 -0.31 -0.31
N ALA A 47 -3.79 0.96 -0.57
CA ALA A 47 -3.30 2.00 0.36
C ALA A 47 -4.60 2.60 0.89
N ALA A 48 -4.55 3.28 2.01
CA ALA A 48 -5.83 3.86 2.51
C ALA A 48 -5.97 5.34 2.17
N THR A 49 -5.37 5.62 1.05
CA THR A 49 -5.37 6.99 0.48
C THR A 49 -6.23 6.81 -0.77
N GLN A 50 -6.59 5.57 -1.02
CA GLN A 50 -7.40 5.23 -2.20
C GLN A 50 -8.86 5.18 -1.79
N VAL A 51 -9.15 4.89 -0.55
CA VAL A 51 -10.60 4.88 -0.21
C VAL A 51 -10.72 6.39 -0.04
N ASP A 52 -10.66 6.90 1.15
CA ASP A 52 -10.72 8.36 1.35
C ASP A 52 -10.22 8.42 2.79
N ILE A 53 -8.95 8.70 2.98
CA ILE A 53 -8.37 8.78 4.34
C ILE A 53 -6.98 9.42 4.24
N HIS A 54 -6.51 9.97 5.33
CA HIS A 54 -5.17 10.59 5.32
C HIS A 54 -4.38 10.00 6.47
N GLN A 55 -4.39 8.71 6.51
CA GLN A 55 -3.65 8.02 7.60
C GLN A 55 -2.82 7.02 6.82
N ARG A 56 -1.98 6.32 7.52
CA ARG A 56 -1.13 5.32 6.84
C ARG A 56 -1.66 3.94 7.20
N ILE A 57 -2.34 3.38 6.24
CA ILE A 57 -2.90 2.03 6.48
C ILE A 57 -2.77 1.40 5.08
N ILE A 58 -2.13 0.28 4.94
CA ILE A 58 -2.05 -0.28 3.57
C ILE A 58 -2.08 -1.78 3.83
N VAL A 59 -2.62 -2.55 2.92
CA VAL A 59 -2.63 -4.01 3.18
C VAL A 59 -2.09 -4.70 1.95
N ILE A 60 -1.74 -5.95 2.13
CA ILE A 60 -1.20 -6.73 1.00
C ILE A 60 -1.78 -8.14 0.95
N ASP A 61 -1.78 -8.70 -0.22
CA ASP A 61 -2.29 -10.09 -0.50
C ASP A 61 -1.47 -10.67 -1.64
N VAL A 62 -0.30 -11.17 -1.37
CA VAL A 62 0.44 -11.72 -2.54
C VAL A 62 0.40 -13.24 -2.65
N SER A 63 -0.24 -13.92 -1.72
CA SER A 63 -0.27 -15.41 -1.85
C SER A 63 -1.50 -15.85 -2.63
N GLU A 64 -1.67 -17.13 -2.65
CA GLU A 64 -2.82 -17.76 -3.37
C GLU A 64 -4.17 -17.84 -2.65
N ASN A 65 -4.16 -18.38 -1.46
CA ASN A 65 -5.43 -18.52 -0.70
C ASN A 65 -5.58 -17.66 0.55
N ARG A 66 -5.58 -16.36 0.39
CA ARG A 66 -5.72 -15.42 1.55
C ARG A 66 -4.93 -16.06 2.69
N ASP A 67 -3.70 -16.26 2.32
CA ASP A 67 -2.68 -16.88 3.22
C ASP A 67 -1.70 -15.84 3.76
N GLU A 68 -1.34 -14.99 2.84
CA GLU A 68 -0.38 -13.89 3.10
C GLU A 68 -1.18 -12.59 3.07
N ARG A 69 -1.94 -12.43 4.11
CA ARG A 69 -2.79 -11.21 4.26
C ARG A 69 -1.99 -10.24 5.12
N LEU A 70 -1.31 -9.36 4.43
CA LEU A 70 -0.48 -8.35 5.13
C LEU A 70 -1.07 -7.01 5.53
N VAL A 71 -0.43 -6.48 6.53
CA VAL A 71 -0.83 -5.18 7.11
C VAL A 71 0.37 -4.30 7.46
N LEU A 72 0.26 -3.04 7.09
CA LEU A 72 1.31 -2.03 7.37
C LEU A 72 0.57 -0.77 7.80
N ILE A 73 0.78 -0.27 8.99
CA ILE A 73 0.03 0.97 9.37
C ILE A 73 0.98 2.15 9.18
N ASN A 74 1.96 2.27 10.02
CA ASN A 74 2.91 3.41 9.87
C ASN A 74 4.29 2.82 9.53
N PRO A 75 4.38 2.29 8.34
CA PRO A 75 5.62 1.66 7.84
C PRO A 75 6.64 2.69 7.36
N GLU A 76 7.52 3.12 8.22
CA GLU A 76 8.47 4.11 7.66
C GLU A 76 9.41 3.15 6.95
N LEU A 77 10.00 3.67 5.92
CA LEU A 77 10.92 2.83 5.12
C LEU A 77 12.33 2.99 5.70
N LEU A 78 13.00 1.87 5.72
CA LEU A 78 14.38 1.85 6.27
C LEU A 78 15.37 1.36 5.22
N GLU A 79 15.09 0.20 4.71
CA GLU A 79 15.98 -0.40 3.67
C GLU A 79 15.24 -0.75 2.39
N LYS A 80 16.05 -0.86 1.38
CA LYS A 80 15.57 -1.22 0.02
C LYS A 80 16.62 -1.93 -0.84
N SER A 81 16.82 -3.22 -0.73
CA SER A 81 17.87 -3.84 -1.60
C SER A 81 17.40 -4.41 -2.93
N GLY A 82 18.10 -3.98 -3.95
CA GLY A 82 17.79 -4.42 -5.33
C GLY A 82 16.89 -3.35 -5.96
N GLU A 83 16.85 -3.32 -7.26
CA GLU A 83 16.00 -2.32 -7.97
C GLU A 83 15.15 -2.97 -9.07
N THR A 84 14.10 -3.64 -8.68
CA THR A 84 13.26 -4.29 -9.73
C THR A 84 11.97 -3.49 -9.91
N GLY A 85 11.23 -3.86 -10.91
CA GLY A 85 9.94 -3.18 -11.20
C GLY A 85 8.90 -4.22 -11.62
N ILE A 86 7.71 -3.74 -11.81
CA ILE A 86 6.61 -4.65 -12.23
C ILE A 86 5.79 -4.12 -13.40
N GLU A 87 5.31 -5.01 -14.22
CA GLU A 87 4.49 -4.57 -15.39
C GLU A 87 3.10 -4.64 -14.79
N GLU A 88 2.85 -3.82 -13.81
CA GLU A 88 1.51 -3.84 -13.15
C GLU A 88 0.75 -2.53 -12.99
N GLY A 89 -0.48 -2.71 -12.58
CA GLY A 89 -1.42 -1.58 -12.34
C GLY A 89 -1.91 -1.73 -10.90
N CYS A 90 -2.25 -0.60 -10.32
CA CYS A 90 -2.75 -0.57 -8.91
C CYS A 90 -4.26 -0.63 -8.76
N LEU A 91 -4.79 0.28 -7.97
CA LEU A 91 -6.27 0.32 -7.73
C LEU A 91 -6.99 1.51 -8.34
N SER A 92 -6.40 2.63 -7.99
CA SER A 92 -6.85 3.98 -8.40
C SER A 92 -6.14 4.36 -9.67
N ILE A 93 -5.98 3.35 -10.49
CA ILE A 93 -5.29 3.56 -11.79
C ILE A 93 -6.25 3.18 -12.92
N PRO A 94 -6.00 3.65 -14.12
CA PRO A 94 -6.85 3.36 -15.30
C PRO A 94 -6.32 2.26 -16.22
N GLU A 95 -7.07 2.10 -17.27
CA GLU A 95 -6.82 1.11 -18.36
C GLU A 95 -5.35 0.75 -18.61
N GLN A 96 -4.49 1.72 -18.52
CA GLN A 96 -3.05 1.44 -18.76
C GLN A 96 -2.36 0.80 -17.55
N ARG A 97 -1.26 0.18 -17.85
CA ARG A 97 -0.44 -0.50 -16.82
C ARG A 97 0.96 0.07 -16.96
N ALA A 98 1.85 -0.24 -16.05
CA ALA A 98 3.21 0.32 -16.21
C ALA A 98 4.29 -0.63 -15.73
N LEU A 99 5.46 -0.40 -16.29
CA LEU A 99 6.65 -1.21 -15.95
C LEU A 99 7.45 -0.15 -15.21
N VAL A 100 7.03 0.01 -13.99
CA VAL A 100 7.65 1.01 -13.10
C VAL A 100 8.79 0.54 -12.20
N PRO A 101 9.81 1.35 -12.13
CA PRO A 101 10.99 1.03 -11.30
C PRO A 101 10.59 1.32 -9.86
N ARG A 102 10.63 0.22 -9.18
CA ARG A 102 10.28 0.15 -7.74
C ARG A 102 11.59 -0.40 -7.20
N ALA A 103 11.55 -0.99 -6.05
CA ALA A 103 12.80 -1.58 -5.47
C ALA A 103 12.54 -3.07 -5.54
N GLU A 104 13.48 -3.84 -5.09
CA GLU A 104 13.26 -5.31 -5.14
C GLU A 104 12.96 -5.79 -3.72
N LYS A 105 13.83 -5.48 -2.81
CA LYS A 105 13.63 -5.91 -1.41
C LYS A 105 13.64 -4.64 -0.56
N VAL A 106 12.99 -4.71 0.57
CA VAL A 106 12.93 -3.53 1.49
C VAL A 106 12.80 -3.97 2.95
N LYS A 107 13.16 -3.10 3.85
CA LYS A 107 13.03 -3.45 5.30
C LYS A 107 12.31 -2.28 5.99
N ILE A 108 11.14 -2.47 6.53
CA ILE A 108 10.43 -1.34 7.19
C ILE A 108 10.14 -1.66 8.65
N ARG A 109 9.69 -0.61 9.29
CA ARG A 109 9.32 -0.72 10.71
C ARG A 109 7.93 -0.07 10.68
N ALA A 110 6.98 -0.88 11.05
CA ALA A 110 5.55 -0.48 11.06
C ALA A 110 4.87 -0.79 12.39
N LEU A 111 3.57 -0.62 12.38
CA LEU A 111 2.71 -0.89 13.56
C LEU A 111 1.65 -1.74 12.87
N ASP A 112 0.96 -2.61 13.57
CA ASP A 112 -0.07 -3.46 12.91
C ASP A 112 -1.50 -3.24 13.42
N ARG A 113 -2.34 -4.10 12.92
CA ARG A 113 -3.79 -4.11 13.26
C ARG A 113 -4.00 -3.69 14.72
N ASP A 114 -3.38 -4.43 15.58
CA ASP A 114 -3.48 -4.16 17.04
C ASP A 114 -2.77 -2.83 17.31
N GLY A 115 -1.56 -2.80 16.80
CA GLY A 115 -0.69 -1.60 16.95
C GLY A 115 0.56 -2.06 17.66
N LYS A 116 1.14 -3.10 17.13
CA LYS A 116 2.38 -3.62 17.76
C LYS A 116 3.35 -3.24 16.66
N PRO A 117 4.55 -2.91 17.06
CA PRO A 117 5.61 -2.49 16.13
C PRO A 117 6.42 -3.66 15.57
N PHE A 118 6.48 -3.69 14.27
CA PHE A 118 7.25 -4.79 13.62
C PHE A 118 8.20 -4.31 12.55
N GLU A 119 9.32 -4.96 12.50
CA GLU A 119 10.33 -4.58 11.48
C GLU A 119 10.30 -5.79 10.56
N LEU A 120 9.54 -5.51 9.54
CA LEU A 120 9.24 -6.45 8.44
C LEU A 120 9.97 -6.14 7.15
N GLU A 121 10.57 -7.15 6.57
CA GLU A 121 11.28 -6.86 5.30
C GLU A 121 10.59 -7.75 4.28
N ALA A 122 10.58 -7.22 3.10
CA ALA A 122 9.94 -7.93 1.96
C ALA A 122 10.93 -8.06 0.80
N ASP A 123 10.62 -8.95 -0.09
CA ASP A 123 11.49 -9.15 -1.26
C ASP A 123 10.58 -8.91 -2.45
N GLY A 124 11.20 -8.86 -3.61
CA GLY A 124 10.49 -8.63 -4.90
C GLY A 124 9.03 -8.15 -4.82
N LEU A 125 8.21 -8.75 -5.63
CA LEU A 125 6.75 -8.43 -5.71
C LEU A 125 5.99 -7.95 -4.46
N LEU A 126 6.27 -8.44 -3.29
CA LEU A 126 5.49 -7.93 -2.12
C LEU A 126 6.11 -6.59 -1.77
N ALA A 127 7.41 -6.57 -1.76
CA ALA A 127 8.09 -5.29 -1.45
C ALA A 127 7.39 -4.30 -2.38
N ILE A 128 7.47 -4.61 -3.64
CA ILE A 128 6.86 -3.77 -4.70
C ILE A 128 5.48 -3.24 -4.29
N CYS A 129 4.72 -4.18 -3.81
CA CYS A 129 3.33 -3.93 -3.36
C CYS A 129 3.32 -2.71 -2.43
N ILE A 130 4.08 -2.83 -1.38
CA ILE A 130 4.12 -1.69 -0.43
C ILE A 130 4.74 -0.44 -1.05
N GLN A 131 5.96 -0.56 -1.48
CA GLN A 131 6.72 0.57 -2.12
C GLN A 131 5.75 1.50 -2.82
N HIS A 132 5.09 0.81 -3.69
CA HIS A 132 4.06 1.44 -4.56
C HIS A 132 3.01 2.23 -3.75
N GLU A 133 2.32 1.48 -2.94
CA GLU A 133 1.28 2.10 -2.08
C GLU A 133 1.83 3.33 -1.35
N MET A 134 3.06 3.21 -0.91
CA MET A 134 3.71 4.33 -0.17
C MET A 134 3.82 5.57 -1.06
N ASP A 135 4.14 5.36 -2.31
CA ASP A 135 4.25 6.54 -3.21
C ASP A 135 2.88 7.19 -3.08
N HIS A 136 1.85 6.39 -3.03
CA HIS A 136 0.52 7.04 -2.90
C HIS A 136 0.30 7.74 -1.55
N LEU A 137 0.72 7.13 -0.47
CA LEU A 137 0.51 7.76 0.87
C LEU A 137 1.08 9.18 0.91
N VAL A 138 2.19 9.39 0.24
CA VAL A 138 2.77 10.76 0.25
C VAL A 138 2.01 11.51 -0.83
N GLY A 139 1.62 10.82 -1.86
CA GLY A 139 0.85 11.50 -2.93
C GLY A 139 1.35 11.50 -4.38
N LYS A 140 2.20 10.58 -4.72
CA LYS A 140 2.67 10.56 -6.13
C LYS A 140 1.96 9.29 -6.56
N LEU A 141 1.45 9.30 -7.75
CA LEU A 141 0.77 8.05 -8.18
C LEU A 141 1.94 7.34 -8.82
N PHE A 142 1.79 6.14 -9.30
CA PHE A 142 3.04 5.63 -9.89
C PHE A 142 2.92 6.12 -11.32
N MET A 143 2.42 7.31 -11.51
CA MET A 143 2.26 7.86 -12.88
C MET A 143 3.23 9.02 -13.06
N ASP A 144 4.33 8.92 -12.35
CA ASP A 144 5.36 9.97 -12.44
C ASP A 144 6.25 9.41 -13.54
N TYR A 145 6.49 8.14 -13.34
CA TYR A 145 7.31 7.31 -14.25
C TYR A 145 6.50 6.83 -15.44
N LEU A 146 5.29 7.31 -15.51
CA LEU A 146 4.39 6.92 -16.64
C LEU A 146 4.12 8.23 -17.38
N SER A 147 3.75 9.21 -16.61
CA SER A 147 3.45 10.55 -17.19
C SER A 147 4.47 11.56 -16.64
N VAL A 2 -17.90 -3.12 0.82
CA VAL A 2 -16.50 -2.64 0.66
C VAL A 2 -16.49 -1.12 0.79
N LEU A 3 -15.37 -0.54 0.49
CA LEU A 3 -15.26 0.94 0.58
C LEU A 3 -15.48 1.73 -0.70
N GLN A 4 -15.42 3.02 -0.48
CA GLN A 4 -15.61 4.00 -1.58
C GLN A 4 -14.23 4.35 -2.12
N VAL A 5 -13.80 3.63 -3.12
CA VAL A 5 -12.45 3.95 -3.67
C VAL A 5 -12.68 4.97 -4.76
N LEU A 6 -11.64 5.75 -4.97
CA LEU A 6 -11.71 6.81 -6.00
C LEU A 6 -10.89 6.45 -7.23
N HIS A 7 -10.94 7.31 -8.20
CA HIS A 7 -10.18 7.10 -9.47
C HIS A 7 -9.19 8.24 -9.59
N ILE A 8 -8.33 8.15 -10.57
CA ILE A 8 -7.32 9.23 -10.76
C ILE A 8 -7.61 10.15 -11.95
N PRO A 9 -7.10 11.36 -11.90
CA PRO A 9 -6.28 11.90 -10.79
C PRO A 9 -7.22 12.22 -9.62
N ASP A 10 -6.72 12.09 -8.43
CA ASP A 10 -7.57 12.36 -7.24
C ASP A 10 -6.82 13.35 -6.36
N GLU A 11 -7.42 13.68 -5.25
CA GLU A 11 -6.80 14.63 -4.30
C GLU A 11 -6.09 13.82 -3.22
N ARG A 12 -6.80 12.91 -2.61
CA ARG A 12 -6.24 12.06 -1.53
C ARG A 12 -5.00 11.31 -2.05
N LEU A 13 -5.21 10.53 -3.07
CA LEU A 13 -4.11 9.73 -3.68
C LEU A 13 -2.87 10.57 -4.00
N ARG A 14 -3.11 11.81 -4.34
CA ARG A 14 -1.98 12.71 -4.68
C ARG A 14 -1.61 13.65 -3.54
N LYS A 15 -2.41 13.61 -2.52
CA LYS A 15 -2.16 14.47 -1.33
C LYS A 15 -1.32 13.61 -0.39
N VAL A 16 -0.90 14.20 0.69
CA VAL A 16 -0.06 13.45 1.67
C VAL A 16 -0.91 13.02 2.86
N ALA A 17 -0.44 12.04 3.57
CA ALA A 17 -1.17 11.51 4.76
C ALA A 17 -0.28 11.78 5.97
N LYS A 18 -0.85 11.61 7.13
CA LYS A 18 -0.09 11.83 8.38
C LYS A 18 0.13 10.46 9.03
N PRO A 19 1.34 10.22 9.47
CA PRO A 19 1.68 8.93 10.12
C PRO A 19 1.20 9.06 11.56
N VAL A 20 1.07 7.96 12.25
CA VAL A 20 0.61 8.04 13.65
C VAL A 20 1.71 7.40 14.50
N GLU A 21 1.56 7.48 15.80
CA GLU A 21 2.59 6.91 16.71
C GLU A 21 2.01 5.63 17.32
N GLU A 22 0.77 5.72 17.75
CA GLU A 22 0.11 4.54 18.36
C GLU A 22 -1.09 4.13 17.50
N VAL A 23 -1.49 2.89 17.65
CA VAL A 23 -2.66 2.37 16.89
C VAL A 23 -3.63 1.89 17.95
N ASN A 24 -4.68 1.44 17.33
CA ASN A 24 -5.83 0.90 18.06
C ASN A 24 -6.51 -0.30 17.38
N ALA A 25 -7.79 -0.36 17.57
CA ALA A 25 -8.61 -1.46 16.96
C ALA A 25 -9.53 -0.82 15.91
N GLU A 26 -9.17 0.38 15.53
CA GLU A 26 -9.97 1.14 14.52
C GLU A 26 -9.13 1.14 13.24
N ILE A 27 -7.86 1.12 13.49
CA ILE A 27 -6.89 1.12 12.37
C ILE A 27 -7.10 -0.31 11.89
N GLN A 28 -7.32 -1.16 12.85
CA GLN A 28 -7.56 -2.59 12.50
C GLN A 28 -8.82 -2.54 11.62
N ARG A 29 -9.81 -1.84 12.10
CA ARG A 29 -11.09 -1.70 11.36
C ARG A 29 -10.82 -1.17 9.94
N ILE A 30 -9.86 -0.30 9.83
CA ILE A 30 -9.59 0.22 8.46
C ILE A 30 -8.99 -0.93 7.66
N VAL A 31 -7.95 -1.47 8.23
CA VAL A 31 -7.17 -2.60 7.65
C VAL A 31 -8.06 -3.68 7.06
N ASP A 32 -9.04 -4.00 7.86
CA ASP A 32 -9.95 -5.06 7.39
C ASP A 32 -10.77 -4.53 6.24
N ASP A 33 -11.31 -3.35 6.44
CA ASP A 33 -12.13 -2.77 5.35
C ASP A 33 -11.26 -2.66 4.09
N MET A 34 -9.98 -2.50 4.34
CA MET A 34 -9.02 -2.36 3.21
C MET A 34 -8.89 -3.71 2.54
N PHE A 35 -8.89 -4.76 3.32
CA PHE A 35 -8.76 -6.09 2.67
C PHE A 35 -10.06 -6.31 1.91
N GLU A 36 -11.11 -6.23 2.66
CA GLU A 36 -12.52 -6.41 2.19
C GLU A 36 -12.65 -5.91 0.74
N THR A 37 -12.09 -4.74 0.60
CA THR A 37 -12.08 -4.03 -0.71
C THR A 37 -10.93 -4.49 -1.61
N MET A 38 -9.77 -4.62 -1.04
CA MET A 38 -8.56 -5.07 -1.80
C MET A 38 -8.74 -6.52 -2.28
N TYR A 39 -9.79 -7.11 -1.78
CA TYR A 39 -10.16 -8.51 -2.13
C TYR A 39 -11.34 -8.41 -3.09
N ALA A 40 -12.23 -7.53 -2.71
CA ALA A 40 -13.47 -7.26 -3.49
C ALA A 40 -13.18 -7.10 -4.98
N GLU A 41 -12.05 -6.50 -5.22
CA GLU A 41 -11.61 -6.25 -6.60
C GLU A 41 -10.60 -7.32 -6.97
N GLU A 42 -9.49 -6.86 -7.46
CA GLU A 42 -8.39 -7.77 -7.89
C GLU A 42 -7.03 -7.12 -7.66
N GLY A 43 -6.77 -6.72 -6.45
CA GLY A 43 -5.44 -6.08 -6.17
C GLY A 43 -4.67 -6.82 -5.09
N ILE A 44 -3.37 -6.75 -5.18
CA ILE A 44 -2.53 -7.43 -4.16
C ILE A 44 -2.26 -6.43 -3.06
N GLY A 45 -1.95 -5.21 -3.39
CA GLY A 45 -1.68 -4.18 -2.34
C GLY A 45 -2.48 -2.89 -2.54
N LEU A 46 -3.22 -2.54 -1.52
CA LEU A 46 -4.05 -1.30 -1.53
C LEU A 46 -3.52 -0.31 -0.49
N ALA A 47 -3.71 0.96 -0.74
CA ALA A 47 -3.24 2.00 0.21
C ALA A 47 -4.51 2.62 0.77
N ALA A 48 -4.47 3.25 1.92
CA ALA A 48 -5.76 3.82 2.41
C ALA A 48 -5.90 5.30 2.06
N THR A 49 -5.38 5.59 0.91
CA THR A 49 -5.42 6.97 0.37
C THR A 49 -6.32 6.84 -0.87
N GLN A 50 -6.73 5.62 -1.10
CA GLN A 50 -7.59 5.32 -2.27
C GLN A 50 -9.03 5.28 -1.81
N VAL A 51 -9.27 5.06 -0.55
CA VAL A 51 -10.71 5.03 -0.15
C VAL A 51 -10.77 6.55 0.06
N ASP A 52 -10.62 7.02 1.26
CA ASP A 52 -10.64 8.49 1.49
C ASP A 52 -10.05 8.54 2.90
N ILE A 53 -8.78 8.79 3.03
CA ILE A 53 -8.14 8.87 4.38
C ILE A 53 -6.74 9.48 4.27
N HIS A 54 -6.30 10.12 5.32
CA HIS A 54 -4.94 10.71 5.29
C HIS A 54 -4.18 10.22 6.50
N GLN A 55 -4.21 8.93 6.63
CA GLN A 55 -3.51 8.29 7.76
C GLN A 55 -2.78 7.22 6.97
N ARG A 56 -1.98 6.45 7.64
CA ARG A 56 -1.23 5.40 6.92
C ARG A 56 -1.74 4.00 7.26
N ILE A 57 -2.39 3.38 6.31
CA ILE A 57 -2.91 2.01 6.55
C ILE A 57 -2.87 1.37 5.16
N ILE A 58 -2.24 0.24 4.99
CA ILE A 58 -2.26 -0.33 3.62
C ILE A 58 -2.29 -1.85 3.85
N VAL A 59 -2.85 -2.59 2.93
CA VAL A 59 -2.89 -4.07 3.12
C VAL A 59 -2.29 -4.78 1.91
N ILE A 60 -1.97 -6.04 2.08
CA ILE A 60 -1.38 -6.84 0.98
C ILE A 60 -1.92 -8.28 0.95
N ASP A 61 -1.93 -8.92 -0.20
CA ASP A 61 -2.42 -10.33 -0.29
C ASP A 61 -1.47 -11.03 -1.25
N VAL A 62 -0.34 -11.51 -0.82
CA VAL A 62 0.52 -12.18 -1.85
C VAL A 62 0.82 -13.67 -1.68
N SER A 63 0.19 -14.36 -0.77
CA SER A 63 0.56 -15.81 -0.69
C SER A 63 -0.35 -16.63 -1.60
N GLU A 64 0.09 -17.84 -1.81
CA GLU A 64 -0.61 -18.84 -2.65
C GLU A 64 -2.13 -18.67 -2.80
N ASN A 65 -2.78 -18.85 -1.68
CA ASN A 65 -4.26 -18.74 -1.63
C ASN A 65 -4.82 -17.68 -0.70
N ARG A 66 -4.51 -16.44 -0.96
CA ARG A 66 -5.00 -15.32 -0.10
C ARG A 66 -5.00 -15.80 1.35
N ASP A 67 -3.82 -16.24 1.67
CA ASP A 67 -3.51 -16.79 3.01
C ASP A 67 -2.66 -15.82 3.83
N GLU A 68 -2.03 -14.95 3.10
CA GLU A 68 -1.15 -13.93 3.70
C GLU A 68 -1.66 -12.51 3.46
N ARG A 69 -2.56 -12.12 4.33
CA ARG A 69 -3.18 -10.76 4.25
C ARG A 69 -2.30 -9.83 5.09
N LEU A 70 -1.42 -9.10 4.45
CA LEU A 70 -0.52 -8.18 5.17
C LEU A 70 -1.12 -6.83 5.59
N VAL A 71 -0.48 -6.29 6.59
CA VAL A 71 -0.93 -4.99 7.12
C VAL A 71 0.23 -4.08 7.53
N LEU A 72 0.14 -2.84 7.12
CA LEU A 72 1.20 -1.85 7.47
C LEU A 72 0.46 -0.60 7.91
N ILE A 73 0.67 -0.12 9.12
CA ILE A 73 -0.08 1.10 9.49
C ILE A 73 0.85 2.30 9.33
N ASN A 74 1.77 2.49 10.22
CA ASN A 74 2.68 3.67 10.06
C ASN A 74 4.09 3.13 9.80
N PRO A 75 4.28 2.58 8.63
CA PRO A 75 5.58 2.00 8.21
C PRO A 75 6.60 3.03 7.74
N GLU A 76 7.70 3.11 8.45
CA GLU A 76 8.72 4.08 8.02
C GLU A 76 9.64 3.10 7.29
N LEU A 77 10.33 3.66 6.34
CA LEU A 77 11.26 2.84 5.51
C LEU A 77 12.64 2.81 6.16
N LEU A 78 13.22 1.64 6.17
CA LEU A 78 14.58 1.50 6.77
C LEU A 78 15.55 1.11 5.65
N GLU A 79 15.24 0.03 4.99
CA GLU A 79 16.09 -0.47 3.87
C GLU A 79 15.25 -0.71 2.62
N LYS A 80 15.99 -0.68 1.56
CA LYS A 80 15.46 -0.88 0.19
C LYS A 80 16.56 -1.47 -0.69
N SER A 81 16.81 -2.74 -0.59
CA SER A 81 17.90 -3.35 -1.42
C SER A 81 17.49 -3.85 -2.80
N GLY A 82 18.25 -3.40 -3.76
CA GLY A 82 18.00 -3.80 -5.18
C GLY A 82 17.00 -2.80 -5.78
N GLU A 83 16.90 -2.80 -7.08
CA GLU A 83 15.97 -1.86 -7.77
C GLU A 83 15.14 -2.53 -8.88
N THR A 84 14.03 -3.14 -8.55
CA THR A 84 13.24 -3.79 -9.64
C THR A 84 11.87 -3.13 -9.79
N GLY A 85 11.17 -3.55 -10.82
CA GLY A 85 9.81 -3.03 -11.12
C GLY A 85 8.85 -4.17 -11.42
N ILE A 86 7.62 -3.79 -11.65
CA ILE A 86 6.58 -4.81 -11.98
C ILE A 86 5.79 -4.47 -13.23
N GLU A 87 5.37 -5.44 -13.99
CA GLU A 87 4.58 -5.10 -15.20
C GLU A 87 3.16 -5.18 -14.64
N GLU A 88 2.89 -4.33 -13.68
CA GLU A 88 1.53 -4.35 -13.06
C GLU A 88 0.82 -3.01 -12.93
N GLY A 89 -0.44 -3.14 -12.60
CA GLY A 89 -1.31 -1.95 -12.41
C GLY A 89 -1.88 -1.98 -11.00
N CYS A 90 -2.19 -0.81 -10.52
CA CYS A 90 -2.76 -0.63 -9.15
C CYS A 90 -4.30 -0.62 -9.16
N LEU A 91 -4.94 0.15 -8.30
CA LEU A 91 -6.44 0.17 -8.30
C LEU A 91 -7.08 1.45 -8.83
N SER A 92 -7.20 2.46 -7.98
CA SER A 92 -7.82 3.76 -8.37
C SER A 92 -7.49 4.09 -9.82
N ILE A 93 -6.23 3.83 -10.01
CA ILE A 93 -5.44 3.98 -11.26
C ILE A 93 -6.29 3.54 -12.47
N PRO A 94 -5.95 3.94 -13.67
CA PRO A 94 -6.73 3.57 -14.87
C PRO A 94 -6.27 2.33 -15.64
N GLU A 95 -7.13 2.03 -16.58
CA GLU A 95 -7.00 0.89 -17.54
C GLU A 95 -5.58 0.46 -17.92
N GLN A 96 -4.67 1.40 -17.93
CA GLN A 96 -3.28 1.02 -18.31
C GLN A 96 -2.52 0.35 -17.16
N ARG A 97 -1.45 -0.28 -17.56
CA ARG A 97 -0.57 -1.00 -16.60
C ARG A 97 0.81 -0.38 -16.75
N ALA A 98 1.72 -0.76 -15.90
CA ALA A 98 3.07 -0.15 -16.05
C ALA A 98 4.19 -1.07 -15.60
N LEU A 99 5.36 -0.72 -16.10
CA LEU A 99 6.62 -1.44 -15.80
C LEU A 99 7.40 -0.31 -15.17
N VAL A 100 6.96 -0.04 -13.98
CA VAL A 100 7.55 1.05 -13.15
C VAL A 100 8.72 0.68 -12.26
N PRO A 101 9.71 1.54 -12.25
CA PRO A 101 10.93 1.30 -11.43
C PRO A 101 10.57 1.62 -10.00
N ARG A 102 10.80 0.58 -9.25
CA ARG A 102 10.52 0.61 -7.78
C ARG A 102 11.83 0.11 -7.17
N ALA A 103 11.74 -0.38 -5.96
CA ALA A 103 12.97 -0.90 -5.29
C ALA A 103 12.77 -2.40 -5.49
N GLU A 104 13.69 -3.18 -5.03
CA GLU A 104 13.53 -4.65 -5.20
C GLU A 104 13.20 -5.33 -3.88
N LYS A 105 13.96 -5.01 -2.87
CA LYS A 105 13.73 -5.62 -1.53
C LYS A 105 13.66 -4.42 -0.60
N VAL A 106 12.90 -4.54 0.45
CA VAL A 106 12.78 -3.40 1.42
C VAL A 106 12.57 -3.90 2.85
N LYS A 107 13.15 -3.22 3.80
CA LYS A 107 12.96 -3.65 5.21
C LYS A 107 12.35 -2.44 5.94
N ILE A 108 11.23 -2.61 6.58
CA ILE A 108 10.57 -1.49 7.32
C ILE A 108 10.25 -1.84 8.76
N ARG A 109 9.84 -0.80 9.43
CA ARG A 109 9.44 -0.94 10.86
C ARG A 109 8.08 -0.22 10.90
N ALA A 110 7.09 -0.99 11.25
CA ALA A 110 5.68 -0.50 11.32
C ALA A 110 4.97 -0.88 12.62
N LEU A 111 3.67 -0.69 12.58
CA LEU A 111 2.75 -0.99 13.70
C LEU A 111 1.65 -1.77 12.95
N ASP A 112 0.94 -2.64 13.61
CA ASP A 112 -0.12 -3.43 12.93
C ASP A 112 -1.54 -3.16 13.42
N ARG A 113 -2.42 -3.96 12.86
CA ARG A 113 -3.88 -3.94 13.16
C ARG A 113 -4.21 -3.49 14.58
N ASP A 114 -3.50 -4.09 15.50
CA ASP A 114 -3.69 -3.79 16.94
C ASP A 114 -2.91 -2.53 17.34
N GLY A 115 -1.69 -2.56 16.90
CA GLY A 115 -0.71 -1.47 17.15
C GLY A 115 0.48 -2.14 17.83
N LYS A 116 0.94 -3.16 17.15
CA LYS A 116 2.10 -3.94 17.65
C LYS A 116 3.14 -3.56 16.61
N PRO A 117 4.34 -3.32 17.05
CA PRO A 117 5.46 -2.94 16.17
C PRO A 117 6.23 -4.10 15.58
N PHE A 118 6.39 -4.04 14.29
CA PHE A 118 7.14 -5.13 13.59
C PHE A 118 8.12 -4.60 12.57
N GLU A 119 9.18 -5.34 12.39
CA GLU A 119 10.19 -4.91 11.41
C GLU A 119 10.10 -6.02 10.37
N LEU A 120 9.35 -5.64 9.38
CA LEU A 120 9.04 -6.51 8.21
C LEU A 120 9.86 -6.25 6.96
N GLU A 121 10.26 -7.31 6.32
CA GLU A 121 11.03 -7.10 5.08
C GLU A 121 10.33 -7.90 3.99
N ALA A 122 10.41 -7.34 2.83
CA ALA A 122 9.79 -7.97 1.62
C ALA A 122 10.82 -8.03 0.51
N ASP A 123 10.54 -8.85 -0.46
CA ASP A 123 11.48 -8.98 -1.59
C ASP A 123 10.74 -8.68 -2.89
N GLY A 124 11.53 -8.63 -3.92
CA GLY A 124 11.05 -8.35 -5.31
C GLY A 124 9.60 -7.90 -5.52
N LEU A 125 8.67 -8.82 -5.56
CA LEU A 125 7.26 -8.42 -5.80
C LEU A 125 6.46 -7.82 -4.63
N LEU A 126 6.32 -8.48 -3.50
CA LEU A 126 5.53 -7.82 -2.43
C LEU A 126 6.21 -6.49 -2.15
N ALA A 127 7.51 -6.59 -2.20
CA ALA A 127 8.36 -5.39 -1.97
C ALA A 127 7.74 -4.35 -2.87
N ILE A 128 7.52 -4.67 -4.11
CA ILE A 128 6.91 -3.60 -4.94
C ILE A 128 5.53 -3.15 -4.49
N CYS A 129 4.66 -4.12 -4.36
CA CYS A 129 3.25 -3.93 -3.95
C CYS A 129 3.08 -2.72 -3.06
N ILE A 130 3.85 -2.84 -2.03
CA ILE A 130 3.86 -1.78 -0.99
C ILE A 130 4.56 -0.50 -1.43
N GLN A 131 5.77 -0.63 -1.91
CA GLN A 131 6.55 0.55 -2.39
C GLN A 131 5.60 1.49 -3.12
N HIS A 132 4.99 0.86 -4.08
CA HIS A 132 3.98 1.52 -4.96
C HIS A 132 2.94 2.24 -4.10
N GLU A 133 2.27 1.45 -3.31
CA GLU A 133 1.22 2.03 -2.43
C GLU A 133 1.76 3.16 -1.55
N MET A 134 3.05 3.15 -1.30
CA MET A 134 3.61 4.22 -0.45
C MET A 134 3.82 5.49 -1.27
N ASP A 135 4.10 5.35 -2.55
CA ASP A 135 4.31 6.59 -3.34
C ASP A 135 2.93 7.25 -3.18
N HIS A 136 1.93 6.41 -3.22
CA HIS A 136 0.55 6.96 -3.06
C HIS A 136 0.34 7.64 -1.70
N LEU A 137 0.76 6.98 -0.65
CA LEU A 137 0.58 7.58 0.70
C LEU A 137 1.31 8.93 0.84
N VAL A 138 2.33 9.15 0.07
CA VAL A 138 3.04 10.45 0.20
C VAL A 138 2.65 11.46 -0.88
N GLY A 139 1.74 11.13 -1.75
CA GLY A 139 1.37 12.14 -2.78
C GLY A 139 1.71 11.86 -4.23
N LYS A 140 2.56 10.93 -4.54
CA LYS A 140 2.81 10.73 -6.00
C LYS A 140 2.10 9.44 -6.39
N LEU A 141 1.64 9.41 -7.59
CA LEU A 141 0.93 8.17 -8.01
C LEU A 141 2.10 7.45 -8.68
N PHE A 142 1.92 6.27 -9.20
CA PHE A 142 3.16 5.72 -9.83
C PHE A 142 3.04 6.23 -11.26
N MET A 143 2.20 7.22 -11.43
CA MET A 143 1.99 7.80 -12.78
C MET A 143 2.86 9.03 -12.97
N ASP A 144 4.01 8.97 -12.35
CA ASP A 144 4.97 10.09 -12.45
C ASP A 144 5.78 9.56 -13.64
N TYR A 145 6.00 8.28 -13.51
CA TYR A 145 6.73 7.46 -14.50
C TYR A 145 5.82 6.97 -15.62
N LEU A 146 4.57 7.34 -15.53
CA LEU A 146 3.58 6.92 -16.56
C LEU A 146 2.97 8.16 -17.21
N SER A 147 2.68 9.15 -16.40
CA SER A 147 2.07 10.40 -16.93
C SER A 147 3.09 11.53 -16.73
N VAL A 2 -17.69 -3.52 0.57
CA VAL A 2 -16.30 -2.98 0.48
C VAL A 2 -16.36 -1.46 0.66
N LEU A 3 -15.24 -0.85 0.39
CA LEU A 3 -15.16 0.64 0.53
C LEU A 3 -15.33 1.45 -0.75
N GLN A 4 -15.32 2.73 -0.50
CA GLN A 4 -15.47 3.74 -1.57
C GLN A 4 -14.09 4.13 -2.09
N VAL A 5 -13.61 3.40 -3.06
CA VAL A 5 -12.26 3.76 -3.58
C VAL A 5 -12.46 4.77 -4.70
N LEU A 6 -11.42 5.53 -4.89
CA LEU A 6 -11.47 6.59 -5.94
C LEU A 6 -10.61 6.18 -7.14
N HIS A 7 -10.75 6.93 -8.18
CA HIS A 7 -9.97 6.67 -9.43
C HIS A 7 -9.10 7.90 -9.67
N ILE A 8 -8.25 7.81 -10.65
CA ILE A 8 -7.37 8.97 -10.94
C ILE A 8 -7.90 9.85 -12.08
N PRO A 9 -7.51 11.10 -12.08
CA PRO A 9 -6.61 11.73 -11.07
C PRO A 9 -7.45 12.02 -9.83
N ASP A 10 -6.84 11.92 -8.68
CA ASP A 10 -7.61 12.20 -7.44
C ASP A 10 -6.81 13.24 -6.65
N GLU A 11 -7.28 13.53 -5.47
CA GLU A 11 -6.62 14.52 -4.60
C GLU A 11 -5.98 13.77 -3.43
N ARG A 12 -6.75 12.91 -2.82
CA ARG A 12 -6.25 12.12 -1.66
C ARG A 12 -5.02 11.29 -2.08
N LEU A 13 -5.22 10.48 -3.07
CA LEU A 13 -4.10 9.63 -3.59
C LEU A 13 -2.84 10.42 -3.87
N ARG A 14 -3.03 11.65 -4.25
CA ARG A 14 -1.86 12.53 -4.56
C ARG A 14 -1.55 13.53 -3.47
N LYS A 15 -2.37 13.53 -2.45
CA LYS A 15 -2.17 14.45 -1.31
C LYS A 15 -1.32 13.60 -0.35
N VAL A 16 -0.90 14.17 0.73
CA VAL A 16 -0.07 13.39 1.70
C VAL A 16 -0.98 12.98 2.85
N ALA A 17 -0.51 12.03 3.62
CA ALA A 17 -1.29 11.53 4.78
C ALA A 17 -0.58 12.01 6.04
N LYS A 18 -1.12 11.59 7.15
CA LYS A 18 -0.51 11.98 8.46
C LYS A 18 -0.05 10.68 9.12
N PRO A 19 1.18 10.63 9.55
CA PRO A 19 1.72 9.41 10.20
C PRO A 19 1.19 9.35 11.63
N VAL A 20 0.94 8.15 12.08
CA VAL A 20 0.42 7.98 13.45
C VAL A 20 1.46 7.21 14.27
N GLU A 21 1.31 7.25 15.56
CA GLU A 21 2.26 6.54 16.46
C GLU A 21 1.57 5.40 17.21
N GLU A 22 0.35 5.63 17.61
CA GLU A 22 -0.40 4.58 18.35
C GLU A 22 -1.55 4.03 17.49
N VAL A 23 -1.86 2.78 17.69
CA VAL A 23 -2.96 2.14 16.92
C VAL A 23 -3.88 1.51 17.94
N ASN A 24 -4.89 1.04 17.27
CA ASN A 24 -6.02 0.33 17.91
C ASN A 24 -6.68 -0.77 17.08
N ALA A 25 -7.92 -1.03 17.39
CA ALA A 25 -8.68 -2.08 16.64
C ALA A 25 -9.69 -1.37 15.74
N GLU A 26 -9.30 -0.19 15.34
CA GLU A 26 -10.12 0.68 14.44
C GLU A 26 -9.30 0.93 13.18
N ILE A 27 -8.03 1.05 13.43
CA ILE A 27 -7.08 1.29 12.33
C ILE A 27 -7.11 -0.11 11.71
N GLN A 28 -7.27 -1.04 12.60
CA GLN A 28 -7.34 -2.46 12.16
C GLN A 28 -8.65 -2.57 11.39
N ARG A 29 -9.67 -1.95 11.93
CA ARG A 29 -11.01 -1.97 11.29
C ARG A 29 -10.79 -1.44 9.88
N ILE A 30 -9.88 -0.52 9.76
CA ILE A 30 -9.64 0.02 8.39
C ILE A 30 -8.98 -1.10 7.59
N VAL A 31 -7.90 -1.64 8.06
CA VAL A 31 -7.23 -2.72 7.30
C VAL A 31 -8.10 -3.85 6.83
N ASP A 32 -8.93 -4.27 7.74
CA ASP A 32 -9.83 -5.38 7.37
C ASP A 32 -10.70 -4.89 6.23
N ASP A 33 -11.18 -3.69 6.39
CA ASP A 33 -12.05 -3.14 5.30
C ASP A 33 -11.20 -2.95 4.03
N MET A 34 -9.95 -2.69 4.24
CA MET A 34 -9.00 -2.47 3.12
C MET A 34 -8.74 -3.81 2.45
N PHE A 35 -8.79 -4.83 3.24
CA PHE A 35 -8.55 -6.18 2.70
C PHE A 35 -9.76 -6.51 1.83
N GLU A 36 -10.86 -6.48 2.53
CA GLU A 36 -12.21 -6.74 1.96
C GLU A 36 -12.34 -6.15 0.56
N THR A 37 -11.87 -4.95 0.48
CA THR A 37 -11.89 -4.17 -0.80
C THR A 37 -10.72 -4.59 -1.71
N MET A 38 -9.53 -4.44 -1.18
CA MET A 38 -8.29 -4.80 -1.92
C MET A 38 -8.45 -6.14 -2.63
N TYR A 39 -9.27 -6.97 -2.05
CA TYR A 39 -9.54 -8.33 -2.61
C TYR A 39 -10.64 -8.20 -3.66
N ALA A 40 -11.73 -7.64 -3.20
CA ALA A 40 -12.97 -7.38 -3.97
C ALA A 40 -12.70 -7.03 -5.43
N GLU A 41 -11.65 -6.27 -5.54
CA GLU A 41 -11.24 -5.80 -6.88
C GLU A 41 -10.18 -6.75 -7.44
N GLU A 42 -8.99 -6.24 -7.63
CA GLU A 42 -7.92 -7.11 -8.17
C GLU A 42 -6.54 -6.52 -7.87
N GLY A 43 -6.32 -6.21 -6.62
CA GLY A 43 -5.00 -5.63 -6.24
C GLY A 43 -4.30 -6.48 -5.19
N ILE A 44 -3.00 -6.44 -5.22
CA ILE A 44 -2.23 -7.24 -4.22
C ILE A 44 -2.08 -6.28 -3.05
N GLY A 45 -1.77 -5.04 -3.34
CA GLY A 45 -1.60 -4.04 -2.25
C GLY A 45 -2.49 -2.81 -2.43
N LEU A 46 -3.10 -2.42 -1.36
CA LEU A 46 -4.00 -1.23 -1.35
C LEU A 46 -3.48 -0.26 -0.29
N ALA A 47 -3.64 1.01 -0.54
CA ALA A 47 -3.18 2.02 0.46
C ALA A 47 -4.48 2.61 0.99
N ALA A 48 -4.48 3.25 2.12
CA ALA A 48 -5.78 3.79 2.58
C ALA A 48 -5.97 5.27 2.24
N THR A 49 -5.35 5.62 1.15
CA THR A 49 -5.41 7.01 0.64
C THR A 49 -6.26 6.85 -0.62
N GLN A 50 -6.67 5.63 -0.83
CA GLN A 50 -7.50 5.33 -2.02
C GLN A 50 -8.96 5.20 -1.61
N VAL A 51 -9.25 4.95 -0.36
CA VAL A 51 -10.70 4.86 -0.03
C VAL A 51 -10.77 6.38 0.18
N ASP A 52 -10.70 6.88 1.38
CA ASP A 52 -10.71 8.35 1.55
C ASP A 52 -10.23 8.53 2.99
N ILE A 53 -8.96 8.75 3.17
CA ILE A 53 -8.38 8.94 4.53
C ILE A 53 -6.99 9.53 4.34
N HIS A 54 -6.46 10.18 5.35
CA HIS A 54 -5.09 10.74 5.19
C HIS A 54 -4.29 10.22 6.36
N GLN A 55 -4.27 8.92 6.41
CA GLN A 55 -3.54 8.22 7.49
C GLN A 55 -2.73 7.16 6.75
N ARG A 56 -1.93 6.45 7.50
CA ARG A 56 -1.10 5.38 6.89
C ARG A 56 -1.61 3.99 7.27
N ILE A 57 -2.38 3.40 6.39
CA ILE A 57 -2.91 2.04 6.67
C ILE A 57 -2.84 1.38 5.30
N ILE A 58 -2.22 0.23 5.19
CA ILE A 58 -2.16 -0.43 3.85
C ILE A 58 -2.19 -1.94 4.07
N VAL A 59 -2.65 -2.68 3.08
CA VAL A 59 -2.67 -4.16 3.24
C VAL A 59 -2.05 -4.76 1.98
N ILE A 60 -1.64 -6.00 2.07
CA ILE A 60 -1.03 -6.67 0.90
C ILE A 60 -1.39 -8.16 0.84
N ASP A 61 -1.46 -8.70 -0.35
CA ASP A 61 -1.79 -10.14 -0.50
C ASP A 61 -1.02 -10.75 -1.65
N VAL A 62 0.10 -11.32 -1.29
CA VAL A 62 0.91 -11.95 -2.38
C VAL A 62 0.80 -13.47 -2.38
N SER A 63 -0.12 -14.02 -1.63
CA SER A 63 -0.23 -15.50 -1.63
C SER A 63 -1.25 -15.87 -2.71
N GLU A 64 -1.53 -17.14 -2.76
CA GLU A 64 -2.52 -17.64 -3.75
C GLU A 64 -3.95 -17.11 -3.62
N ASN A 65 -4.59 -17.47 -2.54
CA ASN A 65 -5.99 -17.02 -2.31
C ASN A 65 -6.23 -16.28 -0.99
N ARG A 66 -5.69 -15.09 -0.94
CA ARG A 66 -5.80 -14.21 0.24
C ARG A 66 -5.71 -15.16 1.42
N ASP A 67 -4.57 -15.77 1.31
CA ASP A 67 -4.05 -16.81 2.23
C ASP A 67 -3.00 -16.19 3.15
N GLU A 68 -2.46 -15.12 2.65
CA GLU A 68 -1.42 -14.35 3.37
C GLU A 68 -1.81 -12.87 3.44
N ARG A 69 -2.61 -12.48 4.40
CA ARG A 69 -3.00 -11.06 4.45
C ARG A 69 -1.86 -10.32 5.15
N LEU A 70 -1.40 -9.26 4.55
CA LEU A 70 -0.31 -8.48 5.17
C LEU A 70 -0.87 -7.15 5.62
N VAL A 71 -0.21 -6.64 6.61
CA VAL A 71 -0.63 -5.35 7.20
C VAL A 71 0.51 -4.38 7.52
N LEU A 72 0.33 -3.12 7.22
CA LEU A 72 1.36 -2.09 7.50
C LEU A 72 0.66 -0.78 7.89
N ILE A 73 1.01 -0.16 8.98
CA ILE A 73 0.29 1.12 9.30
C ILE A 73 1.23 2.29 9.04
N ASN A 74 2.24 2.40 9.85
CA ASN A 74 3.20 3.53 9.66
C ASN A 74 4.56 2.93 9.28
N PRO A 75 4.59 2.34 8.11
CA PRO A 75 5.83 1.71 7.59
C PRO A 75 6.76 2.77 7.04
N GLU A 76 7.55 3.35 7.90
CA GLU A 76 8.47 4.39 7.38
C GLU A 76 9.52 3.41 6.87
N LEU A 77 10.36 3.87 6.00
CA LEU A 77 11.35 2.89 5.50
C LEU A 77 12.73 2.94 6.14
N LEU A 78 13.44 1.88 5.87
CA LEU A 78 14.82 1.71 6.38
C LEU A 78 15.80 1.37 5.25
N GLU A 79 15.54 0.23 4.69
CA GLU A 79 16.37 -0.31 3.58
C GLU A 79 15.55 -0.61 2.33
N LYS A 80 16.27 -0.65 1.23
CA LYS A 80 15.66 -0.93 -0.09
C LYS A 80 16.69 -1.58 -1.02
N SER A 81 16.86 -2.88 -0.96
CA SER A 81 17.88 -3.47 -1.89
C SER A 81 17.30 -3.57 -3.29
N GLY A 82 18.20 -3.73 -4.23
CA GLY A 82 17.84 -3.86 -5.68
C GLY A 82 16.85 -2.81 -6.20
N GLU A 83 16.74 -2.80 -7.50
CA GLU A 83 15.83 -1.84 -8.17
C GLU A 83 15.03 -2.60 -9.23
N THR A 84 14.08 -3.38 -8.79
CA THR A 84 13.28 -4.14 -9.80
C THR A 84 11.98 -3.35 -10.05
N GLY A 85 11.24 -3.83 -11.02
CA GLY A 85 9.96 -3.15 -11.36
C GLY A 85 8.88 -4.20 -11.62
N ILE A 86 7.69 -3.70 -11.82
CA ILE A 86 6.55 -4.62 -12.08
C ILE A 86 5.65 -4.20 -13.24
N GLU A 87 5.22 -5.16 -14.01
CA GLU A 87 4.31 -4.83 -15.15
C GLU A 87 2.97 -5.02 -14.43
N GLU A 88 2.70 -4.14 -13.50
CA GLU A 88 1.43 -4.25 -12.74
C GLU A 88 0.56 -3.01 -12.64
N GLY A 89 -0.66 -3.27 -12.24
CA GLY A 89 -1.67 -2.18 -12.07
C GLY A 89 -2.15 -2.27 -10.62
N CYS A 90 -2.42 -1.12 -10.10
CA CYS A 90 -2.90 -1.01 -8.70
C CYS A 90 -4.44 -1.00 -8.69
N LEU A 91 -5.03 0.03 -8.16
CA LEU A 91 -6.52 0.08 -8.13
C LEU A 91 -7.06 1.36 -8.76
N SER A 92 -6.93 2.45 -8.04
CA SER A 92 -7.42 3.77 -8.52
C SER A 92 -7.16 3.94 -10.02
N ILE A 93 -5.91 3.69 -10.28
CA ILE A 93 -5.22 3.73 -11.59
C ILE A 93 -6.09 3.61 -12.86
N PRO A 94 -5.65 4.18 -13.96
CA PRO A 94 -6.39 4.14 -15.25
C PRO A 94 -6.57 2.73 -15.82
N GLU A 95 -7.08 2.74 -17.03
CA GLU A 95 -7.34 1.48 -17.78
C GLU A 95 -6.04 0.76 -18.14
N GLN A 96 -4.96 1.48 -18.11
CA GLN A 96 -3.66 0.84 -18.46
C GLN A 96 -2.90 0.33 -17.24
N ARG A 97 -1.80 -0.30 -17.53
CA ARG A 97 -0.91 -0.88 -16.48
C ARG A 97 0.43 -0.15 -16.58
N ALA A 98 1.33 -0.46 -15.68
CA ALA A 98 2.65 0.23 -15.74
C ALA A 98 3.80 -0.71 -15.44
N LEU A 99 4.94 -0.35 -15.97
CA LEU A 99 6.19 -1.13 -15.78
C LEU A 99 7.00 -0.08 -15.04
N VAL A 100 6.71 -0.04 -13.77
CA VAL A 100 7.39 0.93 -12.87
C VAL A 100 8.54 0.47 -11.99
N PRO A 101 9.57 1.28 -11.94
CA PRO A 101 10.77 0.98 -11.13
C PRO A 101 10.41 1.30 -9.69
N ARG A 102 10.51 0.22 -8.98
CA ARG A 102 10.22 0.20 -7.52
C ARG A 102 11.52 -0.40 -6.98
N ALA A 103 11.50 -0.91 -5.77
CA ALA A 103 12.76 -1.51 -5.24
C ALA A 103 12.58 -3.02 -5.36
N GLU A 104 13.61 -3.75 -5.03
CA GLU A 104 13.47 -5.23 -5.13
C GLU A 104 13.13 -5.69 -3.72
N LYS A 105 14.02 -5.45 -2.80
CA LYS A 105 13.78 -5.85 -1.39
C LYS A 105 13.78 -4.55 -0.58
N VAL A 106 13.12 -4.57 0.54
CA VAL A 106 13.04 -3.36 1.42
C VAL A 106 12.88 -3.74 2.89
N LYS A 107 13.38 -2.92 3.76
CA LYS A 107 13.21 -3.22 5.21
C LYS A 107 12.49 -1.97 5.78
N ILE A 108 11.46 -2.16 6.55
CA ILE A 108 10.68 -1.04 7.17
C ILE A 108 10.39 -1.32 8.64
N ARG A 109 9.84 -0.29 9.23
CA ARG A 109 9.44 -0.33 10.66
C ARG A 109 8.02 0.25 10.59
N ALA A 110 7.08 -0.58 10.98
CA ALA A 110 5.63 -0.23 10.98
C ALA A 110 4.95 -0.55 12.31
N LEU A 111 3.65 -0.42 12.31
CA LEU A 111 2.80 -0.70 13.50
C LEU A 111 1.77 -1.61 12.83
N ASP A 112 1.19 -2.52 13.57
CA ASP A 112 0.19 -3.46 12.98
C ASP A 112 -1.20 -3.26 13.53
N ARG A 113 -2.05 -4.13 13.04
CA ARG A 113 -3.48 -4.12 13.44
C ARG A 113 -3.67 -3.65 14.88
N ASP A 114 -3.15 -4.40 15.80
CA ASP A 114 -3.27 -4.02 17.24
C ASP A 114 -2.67 -2.62 17.48
N GLY A 115 -1.45 -2.56 17.02
CA GLY A 115 -0.60 -1.36 17.10
C GLY A 115 0.68 -1.82 17.79
N LYS A 116 1.25 -2.81 17.19
CA LYS A 116 2.51 -3.41 17.71
C LYS A 116 3.50 -2.96 16.64
N PRO A 117 4.66 -2.55 17.06
CA PRO A 117 5.71 -2.08 16.13
C PRO A 117 6.57 -3.25 15.66
N PHE A 118 6.71 -3.31 14.36
CA PHE A 118 7.54 -4.40 13.78
C PHE A 118 8.47 -3.87 12.71
N GLU A 119 9.59 -4.51 12.61
CA GLU A 119 10.57 -4.07 11.59
C GLU A 119 10.60 -5.29 10.66
N LEU A 120 9.83 -5.08 9.65
CA LEU A 120 9.62 -6.08 8.58
C LEU A 120 10.40 -5.87 7.30
N GLU A 121 10.80 -6.94 6.69
CA GLU A 121 11.54 -6.77 5.42
C GLU A 121 10.84 -7.68 4.44
N ALA A 122 10.76 -7.14 3.26
CA ALA A 122 10.11 -7.83 2.12
C ALA A 122 11.00 -7.91 0.89
N ASP A 123 10.66 -8.83 0.04
CA ASP A 123 11.44 -8.99 -1.20
C ASP A 123 10.49 -8.84 -2.37
N GLY A 124 11.10 -8.70 -3.51
CA GLY A 124 10.37 -8.53 -4.80
C GLY A 124 8.91 -8.07 -4.66
N LEU A 125 8.06 -8.62 -5.48
CA LEU A 125 6.61 -8.28 -5.47
C LEU A 125 5.95 -7.82 -4.15
N LEU A 126 6.23 -8.42 -3.02
CA LEU A 126 5.59 -7.97 -1.75
C LEU A 126 6.16 -6.59 -1.46
N ALA A 127 7.46 -6.54 -1.54
CA ALA A 127 8.14 -5.24 -1.28
C ALA A 127 7.38 -4.25 -2.16
N ILE A 128 7.44 -4.55 -3.43
CA ILE A 128 6.77 -3.72 -4.46
C ILE A 128 5.35 -3.31 -4.05
N CYS A 129 4.68 -4.29 -3.54
CA CYS A 129 3.27 -4.10 -3.09
C CYS A 129 3.23 -2.90 -2.17
N ILE A 130 4.02 -2.93 -1.15
CA ILE A 130 4.01 -1.77 -0.22
C ILE A 130 4.60 -0.52 -0.87
N GLN A 131 5.84 -0.60 -1.26
CA GLN A 131 6.57 0.54 -1.91
C GLN A 131 5.61 1.39 -2.74
N HIS A 132 4.83 0.63 -3.44
CA HIS A 132 3.80 1.21 -4.34
C HIS A 132 2.72 1.94 -3.56
N GLU A 133 2.08 1.18 -2.70
CA GLU A 133 1.00 1.79 -1.86
C GLU A 133 1.57 2.99 -1.09
N MET A 134 2.87 3.02 -0.97
CA MET A 134 3.54 4.12 -0.24
C MET A 134 3.71 5.31 -1.19
N ASP A 135 3.92 5.07 -2.46
CA ASP A 135 4.07 6.24 -3.36
C ASP A 135 2.75 6.96 -3.12
N HIS A 136 1.71 6.18 -3.01
CA HIS A 136 0.38 6.79 -2.78
C HIS A 136 0.25 7.52 -1.43
N LEU A 137 0.69 6.88 -0.39
CA LEU A 137 0.60 7.54 0.94
C LEU A 137 1.33 8.88 1.01
N VAL A 138 2.32 9.06 0.18
CA VAL A 138 3.04 10.38 0.24
C VAL A 138 2.56 11.37 -0.82
N GLY A 139 1.69 10.99 -1.71
CA GLY A 139 1.24 12.00 -2.71
C GLY A 139 1.54 11.75 -4.18
N LYS A 140 2.11 10.63 -4.52
CA LYS A 140 2.38 10.39 -5.96
C LYS A 140 1.64 9.12 -6.34
N LEU A 141 1.12 9.14 -7.53
CA LEU A 141 0.36 7.96 -8.02
C LEU A 141 1.45 7.23 -8.80
N PHE A 142 1.31 6.02 -9.23
CA PHE A 142 2.52 5.58 -9.96
C PHE A 142 2.36 5.95 -11.42
N MET A 143 2.11 7.21 -11.61
CA MET A 143 1.98 7.74 -13.00
C MET A 143 3.05 8.84 -13.04
N ASP A 144 4.07 8.64 -12.24
CA ASP A 144 5.20 9.60 -12.14
C ASP A 144 6.24 9.13 -13.17
N TYR A 145 6.55 7.87 -12.98
CA TYR A 145 7.52 7.11 -13.82
C TYR A 145 6.90 6.66 -15.13
N LEU A 146 5.73 7.17 -15.36
CA LEU A 146 4.98 6.85 -16.59
C LEU A 146 4.77 8.17 -17.32
N SER A 147 4.24 9.12 -16.60
CA SER A 147 4.00 10.46 -17.18
C SER A 147 4.81 11.50 -16.41
N VAL A 2 -17.75 -3.36 0.36
CA VAL A 2 -16.38 -2.77 0.38
C VAL A 2 -16.44 -1.27 0.57
N LEU A 3 -15.32 -0.64 0.35
CA LEU A 3 -15.24 0.83 0.52
C LEU A 3 -15.42 1.64 -0.75
N GLN A 4 -15.40 2.93 -0.52
CA GLN A 4 -15.56 3.91 -1.61
C GLN A 4 -14.17 4.26 -2.13
N VAL A 5 -13.71 3.50 -3.09
CA VAL A 5 -12.36 3.81 -3.62
C VAL A 5 -12.54 4.80 -4.76
N LEU A 6 -11.49 5.56 -4.94
CA LEU A 6 -11.52 6.59 -6.00
C LEU A 6 -10.62 6.20 -7.17
N HIS A 7 -10.75 6.95 -8.23
CA HIS A 7 -9.96 6.70 -9.46
C HIS A 7 -9.10 7.95 -9.66
N ILE A 8 -8.24 7.88 -10.65
CA ILE A 8 -7.36 9.06 -10.91
C ILE A 8 -7.86 9.91 -12.08
N PRO A 9 -7.51 11.16 -12.09
CA PRO A 9 -6.67 11.83 -11.07
C PRO A 9 -7.52 12.06 -9.81
N ASP A 10 -6.90 11.90 -8.68
CA ASP A 10 -7.63 12.10 -7.39
C ASP A 10 -6.80 13.08 -6.57
N GLU A 11 -7.33 13.38 -5.42
CA GLU A 11 -6.64 14.32 -4.50
C GLU A 11 -6.07 13.50 -3.34
N ARG A 12 -6.86 12.66 -2.74
CA ARG A 12 -6.41 11.81 -1.60
C ARG A 12 -5.08 11.15 -1.94
N LEU A 13 -5.15 10.39 -3.01
CA LEU A 13 -3.98 9.65 -3.54
C LEU A 13 -2.75 10.54 -3.73
N ARG A 14 -3.01 11.76 -4.12
CA ARG A 14 -1.88 12.70 -4.35
C ARG A 14 -1.68 13.67 -3.18
N LYS A 15 -2.50 13.49 -2.19
CA LYS A 15 -2.41 14.36 -0.98
C LYS A 15 -1.49 13.53 -0.09
N VAL A 16 -1.08 14.10 1.01
CA VAL A 16 -0.16 13.36 1.93
C VAL A 16 -0.83 12.80 3.20
N ALA A 17 -0.76 11.50 3.36
CA ALA A 17 -1.37 10.88 4.57
C ALA A 17 -0.46 11.21 5.74
N LYS A 18 -1.02 11.33 6.91
CA LYS A 18 -0.15 11.64 8.07
C LYS A 18 0.07 10.37 8.90
N PRO A 19 1.30 10.13 9.26
CA PRO A 19 1.65 8.93 10.05
C PRO A 19 1.13 9.12 11.48
N VAL A 20 1.06 8.04 12.21
CA VAL A 20 0.59 8.11 13.60
C VAL A 20 1.74 7.52 14.43
N GLU A 21 1.60 7.57 15.72
CA GLU A 21 2.66 7.02 16.61
C GLU A 21 2.16 5.70 17.18
N GLU A 22 0.89 5.69 17.52
CA GLU A 22 0.27 4.47 18.10
C GLU A 22 -0.91 4.08 17.20
N VAL A 23 -1.41 2.88 17.39
CA VAL A 23 -2.56 2.42 16.57
C VAL A 23 -3.63 2.00 17.57
N ASN A 24 -4.69 1.60 16.91
CA ASN A 24 -5.89 1.14 17.63
C ASN A 24 -6.71 0.04 16.96
N ALA A 25 -7.98 0.05 17.25
CA ALA A 25 -8.92 -0.95 16.66
C ALA A 25 -9.78 -0.23 15.61
N GLU A 26 -9.31 0.94 15.27
CA GLU A 26 -9.97 1.82 14.25
C GLU A 26 -9.14 1.63 12.99
N ILE A 27 -7.94 1.23 13.28
CA ILE A 27 -6.93 0.98 12.22
C ILE A 27 -7.25 -0.44 11.78
N GLN A 28 -7.15 -1.31 12.74
CA GLN A 28 -7.45 -2.76 12.50
C GLN A 28 -8.67 -2.78 11.57
N ARG A 29 -9.56 -1.90 11.93
CA ARG A 29 -10.86 -1.65 11.23
C ARG A 29 -10.61 -1.21 9.80
N ILE A 30 -9.82 -0.19 9.63
CA ILE A 30 -9.57 0.25 8.23
C ILE A 30 -8.98 -0.93 7.48
N VAL A 31 -7.90 -1.41 8.03
CA VAL A 31 -7.13 -2.56 7.50
C VAL A 31 -8.00 -3.67 6.97
N ASP A 32 -8.97 -3.99 7.78
CA ASP A 32 -9.87 -5.08 7.37
C ASP A 32 -10.75 -4.59 6.22
N ASP A 33 -11.28 -3.42 6.43
CA ASP A 33 -12.17 -2.86 5.37
C ASP A 33 -11.35 -2.77 4.08
N MET A 34 -10.07 -2.61 4.24
CA MET A 34 -9.21 -2.52 3.04
C MET A 34 -8.99 -3.91 2.47
N PHE A 35 -8.90 -4.91 3.29
CA PHE A 35 -8.71 -6.24 2.66
C PHE A 35 -10.01 -6.50 1.90
N GLU A 36 -11.06 -6.38 2.65
CA GLU A 36 -12.45 -6.57 2.15
C GLU A 36 -12.58 -6.00 0.73
N THR A 37 -12.03 -4.81 0.62
CA THR A 37 -12.04 -4.07 -0.67
C THR A 37 -10.95 -4.58 -1.60
N MET A 38 -9.72 -4.30 -1.25
CA MET A 38 -8.50 -4.70 -2.01
C MET A 38 -8.77 -6.02 -2.75
N TYR A 39 -9.24 -6.91 -1.91
CA TYR A 39 -9.61 -8.30 -2.31
C TYR A 39 -10.55 -8.29 -3.52
N ALA A 40 -11.67 -7.70 -3.21
CA ALA A 40 -12.83 -7.51 -4.12
C ALA A 40 -12.44 -7.07 -5.53
N GLU A 41 -11.37 -6.34 -5.54
CA GLU A 41 -10.88 -5.82 -6.83
C GLU A 41 -9.85 -6.80 -7.36
N GLU A 42 -8.81 -6.21 -7.85
CA GLU A 42 -7.68 -6.97 -8.45
C GLU A 42 -6.35 -6.38 -8.01
N GLY A 43 -6.20 -6.17 -6.73
CA GLY A 43 -4.92 -5.61 -6.24
C GLY A 43 -4.29 -6.52 -5.19
N ILE A 44 -2.99 -6.51 -5.15
CA ILE A 44 -2.29 -7.35 -4.14
C ILE A 44 -2.17 -6.45 -2.92
N GLY A 45 -1.87 -5.20 -3.17
CA GLY A 45 -1.74 -4.24 -2.04
C GLY A 45 -2.56 -2.96 -2.28
N LEU A 46 -3.27 -2.58 -1.26
CA LEU A 46 -4.13 -1.36 -1.31
C LEU A 46 -3.57 -0.40 -0.26
N ALA A 47 -3.77 0.87 -0.48
CA ALA A 47 -3.28 1.90 0.48
C ALA A 47 -4.56 2.51 1.01
N ALA A 48 -4.53 3.20 2.11
CA ALA A 48 -5.82 3.77 2.59
C ALA A 48 -5.95 5.25 2.24
N THR A 49 -5.40 5.53 1.09
CA THR A 49 -5.41 6.91 0.53
C THR A 49 -6.25 6.76 -0.74
N GLN A 50 -6.69 5.55 -0.94
CA GLN A 50 -7.51 5.25 -2.14
C GLN A 50 -8.97 5.19 -1.72
N VAL A 51 -9.26 5.00 -0.46
CA VAL A 51 -10.70 4.97 -0.12
C VAL A 51 -10.77 6.49 0.07
N ASP A 52 -10.69 6.99 1.27
CA ASP A 52 -10.70 8.45 1.47
C ASP A 52 -10.17 8.48 2.92
N ILE A 53 -8.91 8.74 3.09
CA ILE A 53 -8.32 8.80 4.46
C ILE A 53 -6.94 9.46 4.39
N HIS A 54 -6.52 10.07 5.46
CA HIS A 54 -5.18 10.71 5.46
C HIS A 54 -4.38 10.19 6.65
N GLN A 55 -4.33 8.90 6.68
CA GLN A 55 -3.60 8.20 7.77
C GLN A 55 -2.84 7.13 7.00
N ARG A 56 -2.02 6.39 7.69
CA ARG A 56 -1.25 5.33 6.99
C ARG A 56 -1.72 3.92 7.29
N ILE A 57 -2.39 3.33 6.33
CA ILE A 57 -2.87 1.94 6.54
C ILE A 57 -2.82 1.31 5.15
N ILE A 58 -2.16 0.19 5.01
CA ILE A 58 -2.11 -0.44 3.65
C ILE A 58 -2.21 -1.94 3.92
N VAL A 59 -2.81 -2.67 3.02
CA VAL A 59 -2.92 -4.14 3.25
C VAL A 59 -2.27 -4.86 2.07
N ILE A 60 -1.95 -6.12 2.26
CA ILE A 60 -1.32 -6.90 1.17
C ILE A 60 -1.83 -8.35 1.15
N ASP A 61 -1.85 -8.93 -0.01
CA ASP A 61 -2.30 -10.35 -0.18
C ASP A 61 -1.39 -10.99 -1.22
N VAL A 62 -0.22 -11.41 -0.84
CA VAL A 62 0.61 -12.04 -1.92
C VAL A 62 0.74 -13.56 -1.82
N SER A 63 -0.06 -14.19 -1.01
CA SER A 63 0.05 -15.67 -0.92
C SER A 63 -0.89 -16.33 -1.92
N GLU A 64 -0.91 -17.63 -1.86
CA GLU A 64 -1.77 -18.44 -2.77
C GLU A 64 -3.28 -18.18 -2.64
N ASN A 65 -3.82 -18.48 -1.49
CA ASN A 65 -5.28 -18.30 -1.27
C ASN A 65 -5.69 -17.34 -0.14
N ARG A 66 -5.45 -16.06 -0.34
CA ARG A 66 -5.80 -15.03 0.68
C ARG A 66 -5.47 -15.67 2.02
N ASP A 67 -4.25 -16.15 1.99
CA ASP A 67 -3.61 -16.85 3.13
C ASP A 67 -2.67 -15.95 3.92
N GLU A 68 -2.19 -14.96 3.23
CA GLU A 68 -1.25 -13.99 3.84
C GLU A 68 -1.77 -12.56 3.75
N ARG A 69 -2.63 -12.21 4.67
CA ARG A 69 -3.21 -10.85 4.68
C ARG A 69 -2.26 -9.92 5.45
N LEU A 70 -1.42 -9.22 4.74
CA LEU A 70 -0.49 -8.30 5.42
C LEU A 70 -1.08 -6.96 5.78
N VAL A 71 -0.51 -6.43 6.81
CA VAL A 71 -0.95 -5.13 7.31
C VAL A 71 0.24 -4.28 7.71
N LEU A 72 0.23 -3.09 7.21
CA LEU A 72 1.31 -2.09 7.48
C LEU A 72 0.57 -0.79 7.84
N ILE A 73 0.79 -0.29 9.02
CA ILE A 73 0.07 0.97 9.37
C ILE A 73 1.02 2.15 9.17
N ASN A 74 2.01 2.26 10.00
CA ASN A 74 2.96 3.40 9.84
C ASN A 74 4.30 2.77 9.48
N PRO A 75 4.36 2.21 8.30
CA PRO A 75 5.58 1.55 7.79
C PRO A 75 6.60 2.57 7.28
N GLU A 76 7.53 2.91 8.11
CA GLU A 76 8.51 3.91 7.59
C GLU A 76 9.48 2.94 6.94
N LEU A 77 10.17 3.49 5.98
CA LEU A 77 11.14 2.66 5.24
C LEU A 77 12.46 2.78 6.01
N LEU A 78 13.20 1.71 6.04
CA LEU A 78 14.49 1.74 6.77
C LEU A 78 15.57 1.31 5.77
N GLU A 79 15.29 0.22 5.13
CA GLU A 79 16.24 -0.33 4.13
C GLU A 79 15.55 -0.72 2.83
N LYS A 80 16.37 -0.79 1.82
CA LYS A 80 15.89 -1.17 0.47
C LYS A 80 17.08 -1.79 -0.29
N SER A 81 16.78 -2.56 -1.30
CA SER A 81 17.86 -3.20 -2.10
C SER A 81 17.39 -2.96 -3.53
N GLY A 82 18.28 -3.15 -4.48
CA GLY A 82 18.01 -2.96 -5.94
C GLY A 82 16.87 -2.05 -6.42
N GLU A 83 16.63 -2.15 -7.69
CA GLU A 83 15.56 -1.32 -8.31
C GLU A 83 14.71 -2.14 -9.29
N THR A 84 13.73 -2.85 -8.81
CA THR A 84 12.91 -3.65 -9.76
C THR A 84 11.50 -3.05 -9.84
N GLY A 85 10.73 -3.56 -10.76
CA GLY A 85 9.33 -3.07 -10.95
C GLY A 85 8.38 -4.22 -11.26
N ILE A 86 7.14 -3.87 -11.46
CA ILE A 86 6.11 -4.90 -11.78
C ILE A 86 5.39 -4.52 -13.07
N GLU A 87 5.02 -5.47 -13.89
CA GLU A 87 4.31 -5.11 -15.15
C GLU A 87 2.85 -5.19 -14.70
N GLU A 88 2.50 -4.35 -13.77
CA GLU A 88 1.11 -4.37 -13.26
C GLU A 88 0.50 -3.00 -12.96
N GLY A 89 -0.73 -3.08 -12.55
CA GLY A 89 -1.51 -1.86 -12.19
C GLY A 89 -1.98 -2.00 -10.74
N CYS A 90 -2.26 -0.88 -10.16
CA CYS A 90 -2.73 -0.85 -8.74
C CYS A 90 -4.26 -0.89 -8.69
N LEU A 91 -4.87 0.16 -8.20
CA LEU A 91 -6.36 0.18 -8.12
C LEU A 91 -6.92 1.46 -8.75
N SER A 92 -6.81 2.54 -8.02
CA SER A 92 -7.31 3.86 -8.49
C SER A 92 -7.09 4.00 -9.99
N ILE A 93 -5.84 3.71 -10.28
CA ILE A 93 -5.21 3.71 -11.63
C ILE A 93 -6.17 3.43 -12.79
N PRO A 94 -5.88 3.93 -13.96
CA PRO A 94 -6.75 3.72 -15.16
C PRO A 94 -6.36 2.51 -16.01
N GLU A 95 -7.18 2.34 -17.01
CA GLU A 95 -7.07 1.25 -18.02
C GLU A 95 -5.65 0.73 -18.33
N GLN A 96 -4.69 1.61 -18.32
CA GLN A 96 -3.30 1.16 -18.63
C GLN A 96 -2.61 0.49 -17.44
N ARG A 97 -1.53 -0.16 -17.77
CA ARG A 97 -0.71 -0.88 -16.76
C ARG A 97 0.70 -0.30 -16.84
N ALA A 98 1.55 -0.62 -15.89
CA ALA A 98 2.92 -0.05 -15.99
C ALA A 98 3.98 -1.01 -15.48
N LEU A 99 5.17 -0.70 -15.94
CA LEU A 99 6.40 -1.46 -15.59
C LEU A 99 7.20 -0.33 -14.99
N VAL A 100 6.75 0.01 -13.81
CA VAL A 100 7.36 1.11 -13.03
C VAL A 100 8.54 0.74 -12.13
N PRO A 101 9.54 1.57 -12.14
CA PRO A 101 10.76 1.35 -11.33
C PRO A 101 10.42 1.69 -9.88
N ARG A 102 10.62 0.65 -9.14
CA ARG A 102 10.37 0.66 -7.68
C ARG A 102 11.66 0.14 -7.10
N ALA A 103 11.66 -0.28 -5.86
CA ALA A 103 12.94 -0.81 -5.29
C ALA A 103 12.83 -2.31 -5.53
N GLU A 104 13.82 -3.02 -5.10
CA GLU A 104 13.80 -4.50 -5.28
C GLU A 104 13.39 -5.15 -3.95
N LYS A 105 14.13 -4.92 -2.91
CA LYS A 105 13.76 -5.55 -1.62
C LYS A 105 13.67 -4.39 -0.62
N VAL A 106 13.02 -4.58 0.49
CA VAL A 106 12.93 -3.47 1.49
C VAL A 106 12.79 -3.93 2.94
N LYS A 107 13.39 -3.26 3.89
CA LYS A 107 13.21 -3.71 5.31
C LYS A 107 12.56 -2.51 6.02
N ILE A 108 11.33 -2.67 6.44
CA ILE A 108 10.58 -1.57 7.13
C ILE A 108 10.27 -1.91 8.57
N ARG A 109 9.76 -0.88 9.19
CA ARG A 109 9.33 -0.98 10.61
C ARG A 109 7.95 -0.32 10.63
N ALA A 110 6.98 -1.09 11.02
CA ALA A 110 5.57 -0.63 11.08
C ALA A 110 4.89 -0.96 12.42
N LEU A 111 3.59 -0.78 12.40
CA LEU A 111 2.70 -1.03 13.56
C LEU A 111 1.63 -1.86 12.85
N ASP A 112 0.89 -2.69 13.53
CA ASP A 112 -0.14 -3.52 12.83
C ASP A 112 -1.57 -3.18 13.26
N ARG A 113 -2.46 -3.98 12.74
CA ARG A 113 -3.92 -3.87 12.99
C ARG A 113 -4.23 -3.30 14.37
N ASP A 114 -3.66 -3.95 15.34
CA ASP A 114 -3.84 -3.56 16.77
C ASP A 114 -3.01 -2.32 17.14
N GLY A 115 -1.78 -2.43 16.76
CA GLY A 115 -0.77 -1.37 16.99
C GLY A 115 0.42 -2.06 17.65
N LYS A 116 0.82 -3.12 17.00
CA LYS A 116 1.97 -3.93 17.50
C LYS A 116 3.02 -3.59 16.46
N PRO A 117 4.19 -3.24 16.93
CA PRO A 117 5.33 -2.87 16.07
C PRO A 117 6.16 -4.04 15.57
N PHE A 118 6.37 -4.02 14.27
CA PHE A 118 7.17 -5.09 13.64
C PHE A 118 8.16 -4.48 12.66
N GLU A 119 9.12 -5.30 12.32
CA GLU A 119 10.17 -4.84 11.36
C GLU A 119 10.08 -5.98 10.35
N LEU A 120 9.44 -5.63 9.29
CA LEU A 120 9.20 -6.55 8.16
C LEU A 120 10.09 -6.32 6.97
N GLU A 121 10.61 -7.37 6.39
CA GLU A 121 11.45 -7.12 5.21
C GLU A 121 10.74 -7.90 4.12
N ALA A 122 10.96 -7.46 2.91
CA ALA A 122 10.30 -8.14 1.78
C ALA A 122 11.26 -8.17 0.60
N ASP A 123 10.89 -8.94 -0.37
CA ASP A 123 11.75 -9.04 -1.57
C ASP A 123 10.92 -8.68 -2.81
N GLY A 124 11.65 -8.61 -3.88
CA GLY A 124 11.11 -8.28 -5.23
C GLY A 124 9.63 -7.86 -5.37
N LEU A 125 8.72 -8.80 -5.35
CA LEU A 125 7.29 -8.40 -5.50
C LEU A 125 6.49 -7.86 -4.32
N LEU A 126 6.42 -8.47 -3.17
CA LEU A 126 5.60 -7.81 -2.11
C LEU A 126 6.31 -6.47 -1.94
N ALA A 127 7.61 -6.57 -1.93
CA ALA A 127 8.47 -5.36 -1.78
C ALA A 127 7.81 -4.35 -2.68
N ILE A 128 7.53 -4.71 -3.90
CA ILE A 128 6.89 -3.65 -4.72
C ILE A 128 5.52 -3.21 -4.23
N CYS A 129 4.66 -4.18 -4.04
CA CYS A 129 3.27 -3.95 -3.58
C CYS A 129 3.22 -2.76 -2.62
N ILE A 130 4.04 -2.90 -1.64
CA ILE A 130 4.11 -1.82 -0.60
C ILE A 130 4.73 -0.54 -1.12
N GLN A 131 5.96 -0.63 -1.57
CA GLN A 131 6.70 0.54 -2.12
C GLN A 131 5.73 1.47 -2.83
N HIS A 132 5.05 0.81 -3.71
CA HIS A 132 4.01 1.44 -4.56
C HIS A 132 2.98 2.17 -3.70
N GLU A 133 2.29 1.38 -2.92
CA GLU A 133 1.25 1.92 -2.02
C GLU A 133 1.79 3.09 -1.17
N MET A 134 3.07 3.07 -0.94
CA MET A 134 3.66 4.17 -0.12
C MET A 134 3.81 5.45 -0.94
N ASP A 135 4.16 5.32 -2.20
CA ASP A 135 4.32 6.55 -3.01
C ASP A 135 2.93 7.19 -2.89
N HIS A 136 1.93 6.36 -2.90
CA HIS A 136 0.55 6.92 -2.77
C HIS A 136 0.35 7.61 -1.43
N LEU A 137 0.71 6.94 -0.37
CA LEU A 137 0.55 7.52 0.99
C LEU A 137 1.29 8.86 1.12
N VAL A 138 2.27 9.10 0.28
CA VAL A 138 2.99 10.40 0.44
C VAL A 138 2.66 11.42 -0.65
N GLY A 139 1.77 11.14 -1.57
CA GLY A 139 1.48 12.17 -2.58
C GLY A 139 1.70 11.83 -4.05
N LYS A 140 2.44 10.82 -4.38
CA LYS A 140 2.59 10.56 -5.84
C LYS A 140 1.83 9.29 -6.20
N LEU A 141 1.44 9.24 -7.44
CA LEU A 141 0.69 8.06 -7.94
C LEU A 141 1.75 7.34 -8.74
N PHE A 142 1.50 6.19 -9.30
CA PHE A 142 2.65 5.64 -10.06
C PHE A 142 2.30 6.08 -11.48
N MET A 143 2.14 7.36 -11.55
CA MET A 143 1.83 8.02 -12.84
C MET A 143 2.89 9.12 -13.01
N ASP A 144 3.96 8.98 -12.27
CA ASP A 144 5.08 9.96 -12.33
C ASP A 144 6.05 9.39 -13.36
N TYR A 145 6.32 8.14 -13.20
CA TYR A 145 7.21 7.36 -14.09
C TYR A 145 6.47 6.96 -15.36
N LEU A 146 5.29 7.50 -15.45
CA LEU A 146 4.42 7.21 -16.62
C LEU A 146 4.13 8.52 -17.34
N SER A 147 3.50 9.41 -16.63
CA SER A 147 3.15 10.74 -17.20
C SER A 147 3.81 11.85 -16.39
#